data_6CDU
#
_entry.id   6CDU
#
_cell.length_a   108.202
_cell.length_b   263.529
_cell.length_c   109.160
_cell.angle_alpha   90.00
_cell.angle_beta   110.91
_cell.angle_gamma   90.00
#
_symmetry.space_group_name_H-M   'P 1 21 1'
#
loop_
_entity.id
_entity.type
_entity.pdbx_description
1 polymer 'chimeric alpha1GABAA receptor'
2 non-polymer (3a,5a)-3-Hydroxypregnane-11,20-dione
#
_entity_poly.entity_id   1
_entity_poly.type   'polypeptide(L)'
_entity_poly.pdbx_seq_one_letter_code
;APADNAADARPVDVSVSIFINKIYGVNTLEQTYKVDGYIVAQWTGKPRKTPGDKPLIVENTQIERWINNGLWVPALEFIN
VVGSPDTGNKRLMLFPDGRVIYNARFLGSFSNDMDFRLFPFDRQQFVLELEPFSYNNQQLRFSDIQVYTENIDNEEIDEW
WIRGKASTHISDIRYDHLSSVQPNQNEFSRITVRIDAVRKIGYFVIQTYLPCIMTVILSQVSFWLNRESVPARTVFGVTT
VLTMTTLSISARNSLPKVAYATAMDWFIAVCYAFVFSALIEFATVNYFTKRGVESVSKIDRLSRIAFPLLFGIFNLVYWA
TYLN
;
_entity_poly.pdbx_strand_id   A,B,C,D,E,F,G,H,I,J
#
loop_
_chem_comp.id
_chem_comp.type
_chem_comp.name
_chem_comp.formula
EY4 non-polymer (3a,5a)-3-Hydroxypregnane-11,20-dione 'C21 H32 O3'
#
# COMPACT_ATOMS: atom_id res chain seq x y z
N ARG A 10 -42.21 64.31 -13.35
CA ARG A 10 -41.11 64.03 -12.45
C ARG A 10 -40.54 62.58 -12.45
N PRO A 11 -41.32 61.55 -12.82
CA PRO A 11 -40.74 60.21 -12.87
C PRO A 11 -39.74 60.05 -14.00
N VAL A 12 -38.67 59.34 -13.71
CA VAL A 12 -37.57 59.15 -14.65
C VAL A 12 -37.99 58.15 -15.73
N ASP A 13 -38.03 58.60 -16.97
CA ASP A 13 -38.30 57.69 -18.09
C ASP A 13 -37.08 56.80 -18.29
N VAL A 14 -37.29 55.48 -18.26
CA VAL A 14 -36.21 54.51 -18.36
C VAL A 14 -36.42 53.68 -19.61
N SER A 15 -35.44 53.74 -20.53
CA SER A 15 -35.46 52.91 -21.72
C SER A 15 -34.77 51.59 -21.42
N VAL A 16 -35.40 50.48 -21.80
CA VAL A 16 -34.91 49.16 -21.47
C VAL A 16 -34.81 48.34 -22.75
N SER A 17 -33.65 47.71 -22.95
CA SER A 17 -33.44 46.78 -24.05
C SER A 17 -32.91 45.48 -23.49
N ILE A 18 -33.47 44.36 -23.94
CA ILE A 18 -33.09 43.03 -23.46
C ILE A 18 -32.75 42.17 -24.67
N PHE A 19 -31.55 41.58 -24.65
CA PHE A 19 -31.09 40.70 -25.70
C PHE A 19 -31.04 39.28 -25.14
N ILE A 20 -31.85 38.40 -25.70
CA ILE A 20 -31.97 37.02 -25.23
C ILE A 20 -30.96 36.16 -25.98
N ASN A 21 -30.00 35.60 -25.25
CA ASN A 21 -28.98 34.78 -25.89
C ASN A 21 -29.51 33.39 -26.23
N LYS A 22 -30.27 32.77 -25.33
CA LYS A 22 -30.76 31.42 -25.58
C LYS A 22 -31.81 31.09 -24.53
N ILE A 23 -32.79 30.29 -24.94
CA ILE A 23 -33.79 29.71 -24.04
C ILE A 23 -33.57 28.21 -24.02
N TYR A 24 -33.43 27.66 -22.82
CA TYR A 24 -33.05 26.26 -22.69
C TYR A 24 -33.59 25.71 -21.37
N GLY A 25 -33.46 24.40 -21.21
CA GLY A 25 -33.83 23.76 -19.96
C GLY A 25 -35.30 23.86 -19.64
N VAL A 26 -36.17 23.65 -20.64
CA VAL A 26 -37.60 23.70 -20.40
C VAL A 26 -38.01 22.48 -19.58
N ASN A 27 -38.55 22.74 -18.39
CA ASN A 27 -38.96 21.68 -17.47
C ASN A 27 -40.48 21.77 -17.32
N THR A 28 -41.18 20.85 -17.98
CA THR A 28 -42.64 20.89 -17.93
C THR A 28 -43.17 20.51 -16.55
N LEU A 29 -42.43 19.69 -15.81
CA LEU A 29 -42.90 19.27 -14.49
C LEU A 29 -42.95 20.44 -13.52
N GLU A 30 -41.81 21.07 -13.27
CA GLU A 30 -41.74 22.22 -12.39
C GLU A 30 -42.24 23.51 -13.03
N GLN A 31 -42.62 23.46 -14.32
CA GLN A 31 -43.13 24.63 -15.05
C GLN A 31 -42.12 25.75 -15.10
N THR A 32 -40.84 25.42 -15.14
CA THR A 32 -39.76 26.39 -15.24
C THR A 32 -39.12 26.32 -16.62
N TYR A 33 -38.33 27.34 -16.93
CA TYR A 33 -37.57 27.41 -18.18
C TYR A 33 -36.45 28.41 -17.97
N LYS A 34 -35.26 28.07 -18.46
CA LYS A 34 -34.07 28.88 -18.24
C LYS A 34 -33.84 29.81 -19.42
N VAL A 35 -33.54 31.07 -19.11
CA VAL A 35 -33.33 32.11 -20.11
C VAL A 35 -32.01 32.81 -19.83
N ASP A 36 -31.16 32.90 -20.85
CA ASP A 36 -29.89 33.60 -20.76
C ASP A 36 -29.92 34.79 -21.71
N GLY A 37 -29.36 35.90 -21.26
CA GLY A 37 -29.33 37.07 -22.12
C GLY A 37 -28.77 38.28 -21.39
N TYR A 38 -28.82 39.40 -22.08
CA TYR A 38 -28.29 40.68 -21.62
C TYR A 38 -29.44 41.63 -21.29
N ILE A 39 -29.14 42.62 -20.46
CA ILE A 39 -30.10 43.67 -20.10
C ILE A 39 -29.42 45.03 -20.27
N VAL A 40 -30.22 46.02 -20.67
CA VAL A 40 -29.74 47.38 -20.86
C VAL A 40 -30.76 48.33 -20.23
N ALA A 41 -30.31 49.16 -19.29
CA ALA A 41 -31.15 50.14 -18.63
C ALA A 41 -30.52 51.51 -18.75
N GLN A 42 -31.21 52.44 -19.41
CA GLN A 42 -30.70 53.77 -19.67
C GLN A 42 -31.63 54.81 -19.07
N TRP A 43 -31.05 55.78 -18.35
CA TRP A 43 -31.80 56.91 -17.81
C TRP A 43 -30.92 58.15 -17.85
N THR A 44 -31.57 59.31 -17.93
CA THR A 44 -30.87 60.59 -18.03
C THR A 44 -30.71 61.20 -16.65
N GLY A 45 -29.48 61.28 -16.18
CA GLY A 45 -29.16 61.82 -14.87
C GLY A 45 -28.57 63.20 -14.93
N LYS A 46 -27.93 63.60 -13.84
CA LYS A 46 -27.34 64.92 -13.73
C LYS A 46 -26.00 64.96 -14.46
N PRO A 47 -25.71 66.04 -15.19
CA PRO A 47 -24.47 66.11 -15.97
C PRO A 47 -23.23 66.03 -15.08
N ARG A 48 -22.15 65.55 -15.67
CA ARG A 48 -20.89 65.39 -14.96
C ARG A 48 -19.74 65.62 -15.94
N LYS A 49 -18.55 65.76 -15.39
CA LYS A 49 -17.33 65.99 -16.18
C LYS A 49 -16.51 64.70 -16.12
N THR A 50 -16.57 63.92 -17.18
CA THR A 50 -15.82 62.67 -17.25
C THR A 50 -14.34 62.92 -17.54
N PRO A 51 -13.47 61.98 -17.14
CA PRO A 51 -12.08 62.02 -17.62
C PRO A 51 -12.00 61.84 -19.12
N GLY A 52 -11.61 62.89 -19.84
CA GLY A 52 -11.69 62.89 -21.29
C GLY A 52 -13.11 63.01 -21.80
N ASP A 53 -13.26 63.31 -23.09
CA ASP A 53 -14.59 63.41 -23.67
C ASP A 53 -15.26 62.04 -23.86
N LYS A 54 -14.54 60.95 -23.69
CA LYS A 54 -15.16 59.64 -23.81
C LYS A 54 -16.11 59.40 -22.63
N PRO A 55 -17.17 58.61 -22.85
CA PRO A 55 -18.01 58.21 -21.72
C PRO A 55 -17.22 57.28 -20.81
N LEU A 56 -17.40 57.44 -19.51
CA LEU A 56 -16.63 56.64 -18.56
C LEU A 56 -17.29 55.28 -18.37
N ILE A 57 -16.49 54.22 -18.47
CA ILE A 57 -16.97 52.85 -18.39
C ILE A 57 -16.43 52.25 -17.11
N VAL A 58 -17.34 51.70 -16.30
CA VAL A 58 -17.02 51.12 -15.01
C VAL A 58 -17.53 49.69 -15.00
N GLU A 59 -16.68 48.76 -14.57
CA GLU A 59 -17.00 47.34 -14.62
C GLU A 59 -17.49 46.87 -13.25
N ASN A 60 -17.61 45.53 -13.10
CA ASN A 60 -18.38 44.90 -12.04
C ASN A 60 -18.17 45.43 -10.63
N THR A 61 -16.95 45.29 -10.10
CA THR A 61 -16.73 45.67 -8.71
C THR A 61 -16.70 47.17 -8.54
N GLN A 62 -16.05 47.88 -9.45
CA GLN A 62 -15.87 49.33 -9.32
C GLN A 62 -17.18 50.11 -9.33
N ILE A 63 -18.30 49.49 -9.71
CA ILE A 63 -19.57 50.20 -9.66
C ILE A 63 -19.97 50.50 -8.22
N GLU A 64 -19.63 49.62 -7.28
CA GLU A 64 -20.01 49.82 -5.89
C GLU A 64 -19.42 51.10 -5.33
N ARG A 65 -18.18 51.42 -5.72
CA ARG A 65 -17.56 52.65 -5.25
C ARG A 65 -18.31 53.88 -5.74
N TRP A 66 -18.99 53.78 -6.88
CA TRP A 66 -19.70 54.94 -7.42
C TRP A 66 -20.99 55.22 -6.67
N ILE A 67 -21.78 54.20 -6.36
CA ILE A 67 -22.98 54.42 -5.57
C ILE A 67 -22.62 54.87 -4.17
N ASN A 68 -21.43 54.54 -3.68
CA ASN A 68 -20.98 55.04 -2.38
C ASN A 68 -20.77 56.54 -2.42
N ASN A 69 -20.42 57.10 -3.59
CA ASN A 69 -20.28 58.54 -3.76
C ASN A 69 -21.58 59.20 -4.18
N GLY A 70 -22.72 58.52 -3.98
CA GLY A 70 -24.01 59.09 -4.25
C GLY A 70 -24.61 58.78 -5.60
N LEU A 71 -23.94 57.99 -6.44
CA LEU A 71 -24.50 57.64 -7.73
C LEU A 71 -25.78 56.84 -7.54
N TRP A 72 -26.76 57.10 -8.40
CA TRP A 72 -28.09 56.51 -8.29
C TRP A 72 -28.22 55.37 -9.31
N VAL A 73 -28.23 54.14 -8.81
CA VAL A 73 -28.43 52.96 -9.66
C VAL A 73 -29.61 52.17 -9.10
N PRO A 74 -30.77 52.21 -9.74
CA PRO A 74 -31.94 51.50 -9.22
C PRO A 74 -31.83 50.00 -9.47
N ALA A 75 -32.21 49.23 -8.45
CA ALA A 75 -32.21 47.78 -8.57
C ALA A 75 -33.42 47.30 -9.35
N LEU A 76 -33.18 46.48 -10.37
CA LEU A 76 -34.25 45.88 -11.16
C LEU A 76 -34.42 44.42 -10.76
N GLU A 77 -35.66 43.94 -10.87
CA GLU A 77 -36.04 42.67 -10.27
C GLU A 77 -36.86 41.86 -11.26
N PHE A 78 -36.50 40.58 -11.42
CA PHE A 78 -37.29 39.65 -12.20
C PHE A 78 -38.32 39.00 -11.28
N ILE A 79 -39.59 39.10 -11.64
CA ILE A 79 -40.65 38.58 -10.77
C ILE A 79 -40.79 37.08 -10.94
N ASN A 80 -41.04 36.62 -12.17
CA ASN A 80 -41.35 35.22 -12.44
C ASN A 80 -40.08 34.38 -12.49
N VAL A 81 -39.32 34.42 -11.40
CA VAL A 81 -38.09 33.66 -11.29
C VAL A 81 -38.24 32.64 -10.17
N VAL A 82 -37.54 31.52 -10.30
CA VAL A 82 -37.62 30.45 -9.31
C VAL A 82 -36.65 30.68 -8.16
N GLY A 83 -35.48 31.25 -8.44
CA GLY A 83 -34.50 31.56 -7.41
C GLY A 83 -33.71 32.77 -7.86
N SER A 84 -32.84 33.25 -6.98
CA SER A 84 -32.01 34.41 -7.29
C SER A 84 -31.24 34.16 -8.57
N PRO A 85 -31.49 34.94 -9.63
CA PRO A 85 -30.87 34.66 -10.92
C PRO A 85 -29.36 34.81 -10.88
N ASP A 86 -28.69 34.14 -11.80
CA ASP A 86 -27.24 34.14 -11.87
C ASP A 86 -26.80 35.41 -12.59
N THR A 87 -26.39 36.42 -11.82
CA THR A 87 -25.96 37.69 -12.38
C THR A 87 -24.51 37.58 -12.85
N GLY A 88 -24.28 37.96 -14.11
CA GLY A 88 -22.94 37.89 -14.68
C GLY A 88 -22.11 39.13 -14.41
N ASN A 89 -21.57 39.73 -15.47
CA ASN A 89 -20.77 40.94 -15.34
C ASN A 89 -21.64 42.18 -15.47
N LYS A 90 -21.37 43.17 -14.63
CA LYS A 90 -22.13 44.42 -14.61
C LYS A 90 -21.26 45.56 -15.10
N ARG A 91 -21.85 46.45 -15.89
CA ARG A 91 -21.13 47.62 -16.38
C ARG A 91 -22.01 48.85 -16.26
N LEU A 92 -21.38 50.01 -16.21
CA LEU A 92 -22.06 51.29 -16.13
C LEU A 92 -21.46 52.25 -17.15
N MET A 93 -22.32 52.83 -17.98
CA MET A 93 -21.91 53.87 -18.92
C MET A 93 -22.26 55.21 -18.29
N LEU A 94 -21.25 56.00 -17.94
CA LEU A 94 -21.44 57.32 -17.36
C LEU A 94 -21.17 58.36 -18.43
N PHE A 95 -22.21 59.03 -18.87
CA PHE A 95 -22.04 60.05 -19.90
C PHE A 95 -21.87 61.43 -19.27
N PRO A 96 -21.20 62.36 -19.96
CA PRO A 96 -21.02 63.70 -19.39
C PRO A 96 -22.30 64.50 -19.30
N ASP A 97 -23.20 64.33 -20.28
CA ASP A 97 -24.48 65.05 -20.24
C ASP A 97 -25.43 64.52 -19.17
N GLY A 98 -25.06 63.46 -18.43
CA GLY A 98 -25.81 62.98 -17.30
C GLY A 98 -26.41 61.60 -17.49
N ARG A 99 -26.69 61.21 -18.73
CA ARG A 99 -27.38 59.95 -18.97
C ARG A 99 -26.54 58.76 -18.50
N VAL A 100 -27.18 57.88 -17.72
CA VAL A 100 -26.54 56.68 -17.20
C VAL A 100 -27.14 55.47 -17.90
N ILE A 101 -26.32 54.44 -18.11
CA ILE A 101 -26.71 53.24 -18.84
C ILE A 101 -26.23 52.03 -18.05
N TYR A 102 -27.17 51.18 -17.65
CA TYR A 102 -26.90 49.98 -16.87
C TYR A 102 -27.03 48.75 -17.76
N ASN A 103 -25.93 48.03 -17.95
CA ASN A 103 -25.89 46.85 -18.80
C ASN A 103 -25.30 45.68 -18.02
N ALA A 104 -25.97 44.54 -18.08
CA ALA A 104 -25.53 43.36 -17.35
C ALA A 104 -26.10 42.11 -17.99
N ARG A 105 -25.47 40.98 -17.68
CA ARG A 105 -25.93 39.67 -18.16
C ARG A 105 -26.68 38.94 -17.06
N PHE A 106 -27.74 38.25 -17.45
CA PHE A 106 -28.58 37.52 -16.51
C PHE A 106 -28.84 36.10 -17.01
N LEU A 107 -28.74 35.14 -16.10
CA LEU A 107 -29.11 33.74 -16.38
C LEU A 107 -29.96 33.26 -15.23
N GLY A 108 -31.27 33.13 -15.46
CA GLY A 108 -32.19 32.82 -14.39
C GLY A 108 -33.16 31.70 -14.76
N SER A 109 -33.64 31.02 -13.73
CA SER A 109 -34.65 29.98 -13.88
C SER A 109 -36.01 30.63 -13.68
N PHE A 110 -36.76 30.80 -14.77
CA PHE A 110 -38.00 31.53 -14.76
C PHE A 110 -39.20 30.59 -14.70
N SER A 111 -40.35 31.15 -14.31
CA SER A 111 -41.57 30.39 -14.13
C SER A 111 -42.74 31.10 -14.80
N ASN A 112 -43.76 30.33 -15.13
CA ASN A 112 -44.99 30.87 -15.71
C ASN A 112 -46.10 29.85 -15.55
N ASP A 113 -47.32 30.35 -15.35
CA ASP A 113 -48.48 29.47 -15.30
C ASP A 113 -48.65 28.76 -16.63
N MET A 114 -48.85 27.45 -16.59
CA MET A 114 -48.94 26.65 -17.80
C MET A 114 -50.19 25.77 -17.74
N ASP A 115 -50.86 25.65 -18.89
CA ASP A 115 -52.08 24.87 -19.03
C ASP A 115 -51.77 23.64 -19.87
N PHE A 116 -52.04 22.45 -19.30
CA PHE A 116 -51.68 21.20 -19.95
C PHE A 116 -52.91 20.44 -20.44
N ARG A 117 -54.03 21.14 -20.66
CA ARG A 117 -55.24 20.45 -21.10
C ARG A 117 -55.08 19.86 -22.49
N LEU A 118 -54.21 20.43 -23.32
CA LEU A 118 -54.01 19.97 -24.69
C LEU A 118 -52.65 19.27 -24.86
N PHE A 119 -52.19 18.57 -23.82
CA PHE A 119 -50.96 17.79 -23.92
C PHE A 119 -51.11 16.75 -25.03
N PRO A 120 -50.14 16.62 -25.95
CA PRO A 120 -48.92 17.42 -26.11
C PRO A 120 -49.03 18.51 -27.16
N PHE A 121 -50.25 18.83 -27.58
CA PHE A 121 -50.49 19.86 -28.58
C PHE A 121 -50.65 21.25 -27.97
N ASP A 122 -50.18 21.43 -26.73
CA ASP A 122 -50.39 22.66 -26.01
C ASP A 122 -49.52 23.79 -26.58
N ARG A 123 -49.96 25.03 -26.31
CA ARG A 123 -49.18 26.21 -26.62
C ARG A 123 -48.89 26.94 -25.32
N GLN A 124 -47.63 27.35 -25.13
CA GLN A 124 -47.21 28.02 -23.92
C GLN A 124 -46.39 29.26 -24.24
N GLN A 125 -46.19 30.09 -23.23
CA GLN A 125 -45.51 31.37 -23.36
C GLN A 125 -44.33 31.44 -22.42
N PHE A 126 -43.15 31.71 -22.96
CA PHE A 126 -41.95 31.92 -22.17
C PHE A 126 -41.89 33.40 -21.81
N VAL A 127 -42.21 33.71 -20.56
CA VAL A 127 -42.49 35.08 -20.13
C VAL A 127 -41.41 35.62 -19.20
N LEU A 128 -41.03 36.88 -19.43
CA LEU A 128 -40.15 37.62 -18.52
C LEU A 128 -40.95 38.77 -17.94
N GLU A 129 -41.02 38.83 -16.62
CA GLU A 129 -41.76 39.88 -15.91
C GLU A 129 -40.73 40.72 -15.15
N LEU A 130 -40.40 41.88 -15.71
CA LEU A 130 -39.40 42.77 -15.15
C LEU A 130 -40.08 43.97 -14.50
N GLU A 131 -39.55 44.37 -13.34
CA GLU A 131 -40.13 45.42 -12.52
C GLU A 131 -39.11 45.85 -11.48
N PRO A 132 -38.98 47.14 -11.19
CA PRO A 132 -37.93 47.60 -10.28
C PRO A 132 -38.31 47.33 -8.84
N PHE A 133 -37.36 47.64 -7.95
CA PHE A 133 -37.57 47.50 -6.51
C PHE A 133 -37.32 48.86 -5.86
N SER A 134 -38.12 49.16 -4.83
CA SER A 134 -37.97 50.32 -3.97
C SER A 134 -38.43 51.63 -4.62
N TYR A 135 -38.76 51.60 -5.91
CA TYR A 135 -39.10 52.81 -6.65
C TYR A 135 -40.39 52.57 -7.43
N ASN A 136 -41.44 53.29 -7.07
CA ASN A 136 -42.76 53.11 -7.67
C ASN A 136 -42.81 53.78 -9.04
N ASN A 137 -44.00 53.80 -9.65
CA ASN A 137 -44.15 54.43 -10.96
C ASN A 137 -44.08 55.95 -10.88
N GLN A 138 -44.34 56.52 -9.70
CA GLN A 138 -44.17 57.95 -9.52
C GLN A 138 -42.71 58.35 -9.37
N GLN A 139 -41.83 57.38 -9.09
CA GLN A 139 -40.40 57.62 -8.95
C GLN A 139 -39.60 57.10 -10.13
N LEU A 140 -39.99 55.96 -10.69
CA LEU A 140 -39.29 55.34 -11.82
C LEU A 140 -40.32 54.78 -12.79
N ARG A 141 -40.17 55.12 -14.07
CA ARG A 141 -41.06 54.66 -15.12
C ARG A 141 -40.27 54.00 -16.24
N PHE A 142 -40.81 52.91 -16.77
CA PHE A 142 -40.23 52.26 -17.94
C PHE A 142 -40.77 52.94 -19.19
N SER A 143 -39.89 53.58 -19.96
CA SER A 143 -40.34 54.28 -21.16
C SER A 143 -40.75 53.29 -22.24
N ASP A 144 -39.82 52.44 -22.67
CA ASP A 144 -40.10 51.47 -23.72
C ASP A 144 -39.25 50.23 -23.50
N ILE A 145 -39.62 49.16 -24.20
CA ILE A 145 -38.93 47.88 -24.10
C ILE A 145 -38.73 47.34 -25.51
N GLN A 146 -37.52 46.88 -25.81
CA GLN A 146 -37.20 46.31 -27.11
C GLN A 146 -36.42 45.02 -26.90
N VAL A 147 -36.95 43.91 -27.42
CA VAL A 147 -36.37 42.59 -27.26
C VAL A 147 -35.80 42.15 -28.60
N TYR A 148 -34.47 42.17 -28.71
CA TYR A 148 -33.80 41.76 -29.94
C TYR A 148 -33.45 40.27 -29.88
N THR A 149 -34.51 39.47 -29.72
CA THR A 149 -34.36 38.05 -29.42
C THR A 149 -34.10 37.18 -30.65
N GLU A 150 -34.62 37.56 -31.81
CA GLU A 150 -34.70 36.61 -32.93
C GLU A 150 -33.32 36.22 -33.44
N ASN A 151 -32.45 37.20 -33.65
CA ASN A 151 -31.07 37.01 -34.12
C ASN A 151 -30.42 35.70 -33.66
N ILE A 152 -30.76 35.23 -32.46
CA ILE A 152 -30.23 33.98 -31.95
C ILE A 152 -31.38 33.00 -31.69
N ASP A 153 -32.28 33.39 -30.79
CA ASP A 153 -33.40 32.56 -30.36
C ASP A 153 -34.06 31.75 -31.47
N ASN A 154 -34.41 32.40 -32.59
CA ASN A 154 -35.16 31.82 -33.70
C ASN A 154 -34.79 30.39 -34.12
N GLU A 155 -33.70 29.85 -33.57
CA GLU A 155 -33.32 28.45 -33.77
C GLU A 155 -33.98 27.64 -32.65
N GLU A 156 -35.11 27.00 -32.94
CA GLU A 156 -35.90 26.35 -31.91
C GLU A 156 -35.92 24.84 -32.14
N ILE A 157 -34.85 24.18 -31.70
CA ILE A 157 -34.75 22.73 -31.66
C ILE A 157 -34.46 22.33 -30.22
N ASP A 158 -35.10 23.01 -29.27
CA ASP A 158 -34.80 22.90 -27.84
C ASP A 158 -35.91 22.20 -27.08
N GLU A 159 -36.63 21.29 -27.76
CA GLU A 159 -37.78 20.50 -27.32
C GLU A 159 -39.08 21.23 -27.58
N TRP A 160 -39.03 22.45 -28.14
CA TRP A 160 -40.25 23.22 -28.41
C TRP A 160 -40.11 23.89 -29.77
N TRP A 161 -41.22 24.49 -30.22
CA TRP A 161 -41.27 25.18 -31.50
C TRP A 161 -41.63 26.63 -31.23
N ILE A 162 -40.72 27.54 -31.52
CA ILE A 162 -40.99 28.98 -31.42
C ILE A 162 -41.75 29.42 -32.65
N ARG A 163 -42.94 29.99 -32.43
CA ARG A 163 -43.81 30.45 -33.52
C ARG A 163 -44.12 31.92 -33.30
N GLY A 164 -43.41 32.79 -34.02
CA GLY A 164 -43.63 34.22 -33.93
C GLY A 164 -42.58 34.92 -33.08
N LYS A 165 -42.56 36.24 -33.22
CA LYS A 165 -41.64 37.06 -32.46
C LYS A 165 -42.17 37.29 -31.04
N ALA A 166 -41.44 38.10 -30.29
CA ALA A 166 -41.83 38.42 -28.93
C ALA A 166 -42.89 39.51 -28.92
N SER A 167 -43.60 39.62 -27.81
CA SER A 167 -44.59 40.67 -27.59
C SER A 167 -44.23 41.42 -26.32
N THR A 168 -44.07 42.73 -26.43
CA THR A 168 -43.69 43.57 -25.30
C THR A 168 -44.89 44.39 -24.85
N HIS A 169 -45.04 44.54 -23.54
CA HIS A 169 -46.11 45.33 -22.96
C HIS A 169 -45.65 45.89 -21.62
N ILE A 170 -45.95 47.15 -21.36
CA ILE A 170 -45.63 47.82 -20.11
C ILE A 170 -46.93 48.06 -19.34
N SER A 171 -46.93 47.70 -18.06
CA SER A 171 -48.11 47.82 -17.22
C SER A 171 -47.72 48.37 -15.86
N ASP A 172 -48.74 48.76 -15.08
CA ASP A 172 -48.55 49.28 -13.74
C ASP A 172 -49.27 48.38 -12.75
N ILE A 173 -48.53 47.87 -11.77
CA ILE A 173 -49.02 46.87 -10.82
C ILE A 173 -49.14 47.52 -9.43
N ARG A 174 -50.24 47.25 -8.75
CA ARG A 174 -50.52 47.79 -7.42
C ARG A 174 -50.26 46.71 -6.37
N TYR A 175 -49.24 46.92 -5.54
CA TYR A 175 -48.95 46.06 -4.40
C TYR A 175 -49.58 46.65 -3.15
N ASP A 176 -50.46 45.89 -2.52
CA ASP A 176 -51.15 46.41 -1.34
C ASP A 176 -50.25 46.50 -0.11
N HIS A 177 -49.15 45.75 -0.07
CA HIS A 177 -48.30 45.75 1.11
C HIS A 177 -47.36 46.96 1.18
N LEU A 178 -47.40 47.85 0.19
CA LEU A 178 -46.69 49.12 0.25
C LEU A 178 -47.61 50.29 0.60
N SER A 179 -48.92 50.03 0.74
CA SER A 179 -49.85 51.08 1.13
C SER A 179 -49.51 51.67 2.48
N SER A 180 -48.92 50.87 3.36
CA SER A 180 -48.55 51.32 4.70
C SER A 180 -47.52 52.44 4.71
N VAL A 181 -46.85 52.70 3.59
CA VAL A 181 -45.78 53.69 3.62
C VAL A 181 -46.09 54.87 2.70
N GLN A 182 -46.84 54.62 1.63
CA GLN A 182 -47.25 55.67 0.70
C GLN A 182 -48.65 55.37 0.19
N PRO A 183 -49.68 55.93 0.82
CA PRO A 183 -51.05 55.66 0.38
C PRO A 183 -51.30 56.25 -1.00
N ASN A 184 -51.79 55.41 -1.91
CA ASN A 184 -52.11 55.69 -3.31
C ASN A 184 -50.88 55.86 -4.19
N GLN A 185 -49.66 55.78 -3.64
CA GLN A 185 -48.44 55.88 -4.42
C GLN A 185 -47.66 54.57 -4.42
N ASN A 186 -48.38 53.45 -4.48
CA ASN A 186 -47.80 52.11 -4.35
C ASN A 186 -47.99 51.29 -5.62
N GLU A 187 -47.77 51.91 -6.78
CA GLU A 187 -47.89 51.22 -8.08
C GLU A 187 -46.54 51.19 -8.75
N PHE A 188 -46.18 50.03 -9.30
CA PHE A 188 -44.88 49.79 -9.90
C PHE A 188 -45.03 49.52 -11.39
N SER A 189 -44.10 50.08 -12.17
CA SER A 189 -44.05 49.84 -13.61
C SER A 189 -43.45 48.46 -13.90
N ARG A 190 -44.11 47.69 -14.76
CA ARG A 190 -43.67 46.33 -15.05
C ARG A 190 -43.48 46.16 -16.55
N ILE A 191 -42.32 45.65 -16.94
CA ILE A 191 -42.07 45.25 -18.31
C ILE A 191 -42.35 43.75 -18.42
N THR A 192 -43.06 43.36 -19.47
CA THR A 192 -43.41 41.96 -19.69
C THR A 192 -43.03 41.56 -21.10
N VAL A 193 -42.31 40.46 -21.22
CA VAL A 193 -41.84 39.94 -22.50
C VAL A 193 -42.39 38.53 -22.64
N ARG A 194 -43.13 38.29 -23.72
CA ARG A 194 -43.76 37.00 -23.97
C ARG A 194 -43.28 36.45 -25.29
N ILE A 195 -43.00 35.15 -25.31
CA ILE A 195 -42.64 34.42 -26.52
C ILE A 195 -43.52 33.18 -26.61
N ASP A 196 -44.41 33.15 -27.59
CA ASP A 196 -45.25 31.97 -27.78
C ASP A 196 -44.42 30.81 -28.28
N ALA A 197 -44.81 29.60 -27.87
CA ALA A 197 -44.05 28.41 -28.25
C ALA A 197 -44.98 27.21 -28.31
N VAL A 198 -44.64 26.26 -29.18
CA VAL A 198 -45.41 25.04 -29.35
C VAL A 198 -44.48 23.85 -29.11
N ARG A 199 -45.08 22.73 -28.76
CA ARG A 199 -44.37 21.52 -28.40
C ARG A 199 -44.08 20.65 -29.62
N LYS A 200 -43.07 19.79 -29.51
CA LYS A 200 -42.71 18.85 -30.57
C LYS A 200 -43.27 17.49 -30.17
N ILE A 201 -44.30 17.04 -30.90
CA ILE A 201 -45.01 15.81 -30.54
C ILE A 201 -44.26 14.55 -30.93
N GLY A 202 -43.10 14.68 -31.59
CA GLY A 202 -42.39 13.50 -32.06
C GLY A 202 -42.05 12.54 -30.94
N TYR A 203 -41.49 13.07 -29.86
CA TYR A 203 -41.09 12.21 -28.73
C TYR A 203 -42.28 11.47 -28.16
N PHE A 204 -43.44 12.12 -28.09
CA PHE A 204 -44.60 11.48 -27.49
C PHE A 204 -45.27 10.52 -28.46
N VAL A 205 -45.14 10.75 -29.76
CA VAL A 205 -45.63 9.79 -30.74
C VAL A 205 -44.90 8.46 -30.59
N ILE A 206 -43.59 8.51 -30.41
CA ILE A 206 -42.78 7.30 -30.31
C ILE A 206 -42.87 6.66 -28.93
N GLN A 207 -43.05 7.47 -27.87
CA GLN A 207 -42.98 6.92 -26.53
C GLN A 207 -44.32 6.34 -26.07
N THR A 208 -45.43 7.00 -26.38
CA THR A 208 -46.73 6.54 -25.92
C THR A 208 -47.69 6.21 -27.05
N TYR A 209 -47.82 7.11 -28.04
CA TYR A 209 -48.87 6.97 -29.05
C TYR A 209 -48.68 5.68 -29.86
N LEU A 210 -47.53 5.54 -30.51
CA LEU A 210 -47.27 4.32 -31.27
C LEU A 210 -47.33 3.07 -30.40
N PRO A 211 -46.70 3.02 -29.21
CA PRO A 211 -46.88 1.83 -28.36
C PRO A 211 -48.32 1.57 -27.96
N CYS A 212 -49.12 2.61 -27.77
CA CYS A 212 -50.54 2.40 -27.51
C CYS A 212 -51.23 1.81 -28.73
N ILE A 213 -50.90 2.30 -29.92
CA ILE A 213 -51.57 1.85 -31.13
C ILE A 213 -51.27 0.37 -31.39
N MET A 214 -49.99 0.04 -31.49
CA MET A 214 -49.61 -1.35 -31.75
C MET A 214 -50.11 -2.28 -30.65
N THR A 215 -50.24 -1.78 -29.42
CA THR A 215 -50.85 -2.61 -28.38
C THR A 215 -52.31 -2.87 -28.68
N VAL A 216 -53.04 -1.85 -29.14
CA VAL A 216 -54.41 -2.05 -29.59
C VAL A 216 -54.43 -2.97 -30.80
N ILE A 217 -53.50 -2.76 -31.74
CA ILE A 217 -53.36 -3.67 -32.88
C ILE A 217 -53.07 -5.09 -32.39
N LEU A 218 -52.19 -5.22 -31.40
CA LEU A 218 -51.91 -6.54 -30.83
C LEU A 218 -53.14 -7.12 -30.15
N SER A 219 -53.96 -6.27 -29.54
CA SER A 219 -55.15 -6.76 -28.83
C SER A 219 -56.16 -7.38 -29.78
N GLN A 220 -56.24 -6.87 -31.02
CA GLN A 220 -57.26 -7.32 -31.96
C GLN A 220 -56.87 -8.56 -32.74
N VAL A 221 -55.62 -9.01 -32.65
CA VAL A 221 -55.22 -10.26 -33.28
C VAL A 221 -55.96 -11.44 -32.65
N SER A 222 -56.42 -11.29 -31.41
CA SER A 222 -57.17 -12.35 -30.74
C SER A 222 -58.45 -12.69 -31.52
N PHE A 223 -59.06 -11.70 -32.17
CA PHE A 223 -60.29 -11.96 -32.92
C PHE A 223 -60.06 -12.98 -34.03
N TRP A 224 -58.94 -12.86 -34.75
CA TRP A 224 -58.69 -13.66 -35.93
C TRP A 224 -58.15 -15.04 -35.62
N LEU A 225 -58.27 -15.55 -34.40
CA LEU A 225 -57.71 -16.89 -34.12
C LEU A 225 -58.74 -18.00 -34.30
N ASN A 226 -59.69 -18.08 -33.35
CA ASN A 226 -60.81 -19.00 -33.37
C ASN A 226 -61.56 -18.85 -32.04
N ARG A 227 -62.56 -19.70 -31.80
CA ARG A 227 -62.88 -20.08 -30.43
C ARG A 227 -61.82 -21.09 -29.95
N GLU A 228 -60.57 -20.63 -30.01
CA GLU A 228 -59.41 -21.50 -30.03
C GLU A 228 -58.94 -21.76 -28.61
N SER A 229 -57.70 -22.24 -28.47
CA SER A 229 -57.10 -22.44 -27.16
C SER A 229 -57.34 -21.23 -26.27
N VAL A 230 -58.11 -21.42 -25.21
CA VAL A 230 -58.40 -20.32 -24.28
C VAL A 230 -57.12 -19.69 -23.74
N PRO A 231 -56.06 -20.45 -23.39
CA PRO A 231 -54.80 -19.80 -22.99
C PRO A 231 -54.32 -18.74 -23.96
N ALA A 232 -54.36 -19.02 -25.27
CA ALA A 232 -53.85 -18.05 -26.25
C ALA A 232 -54.63 -16.74 -26.18
N ARG A 233 -55.95 -16.80 -26.40
CA ARG A 233 -56.74 -15.57 -26.43
C ARG A 233 -56.84 -14.89 -25.07
N THR A 234 -56.61 -15.60 -23.98
CA THR A 234 -56.54 -14.95 -22.68
C THR A 234 -55.18 -14.28 -22.48
N VAL A 235 -54.10 -14.95 -22.87
CA VAL A 235 -52.78 -14.33 -22.84
C VAL A 235 -52.79 -13.03 -23.64
N PHE A 236 -53.44 -13.04 -24.81
CA PHE A 236 -53.61 -11.80 -25.57
C PHE A 236 -54.31 -10.74 -24.73
N GLY A 237 -55.34 -11.12 -23.99
CA GLY A 237 -56.11 -10.19 -23.19
C GLY A 237 -55.33 -9.59 -22.05
N VAL A 238 -54.81 -10.44 -21.16
CA VAL A 238 -54.19 -9.94 -19.94
C VAL A 238 -52.92 -9.17 -20.24
N THR A 239 -52.10 -9.66 -21.19
CA THR A 239 -50.87 -8.95 -21.53
C THR A 239 -51.17 -7.58 -22.12
N THR A 240 -52.15 -7.49 -23.02
CA THR A 240 -52.47 -6.20 -23.62
C THR A 240 -53.10 -5.25 -22.62
N VAL A 241 -53.96 -5.75 -21.73
CA VAL A 241 -54.55 -4.89 -20.71
C VAL A 241 -53.48 -4.35 -19.78
N LEU A 242 -52.63 -5.24 -19.26
CA LEU A 242 -51.56 -4.81 -18.37
C LEU A 242 -50.58 -3.90 -19.11
N THR A 243 -50.22 -4.25 -20.35
CA THR A 243 -49.35 -3.38 -21.14
C THR A 243 -49.96 -1.99 -21.29
N MET A 244 -51.25 -1.93 -21.63
CA MET A 244 -51.92 -0.65 -21.73
C MET A 244 -52.01 0.03 -20.37
N THR A 245 -52.07 -0.76 -19.29
CA THR A 245 -52.11 -0.18 -17.95
C THR A 245 -50.80 0.50 -17.61
N THR A 246 -49.67 -0.17 -17.89
CA THR A 246 -48.37 0.44 -17.60
C THR A 246 -48.15 1.67 -18.45
N LEU A 247 -48.54 1.62 -19.73
CA LEU A 247 -48.39 2.79 -20.59
C LEU A 247 -49.22 3.96 -20.11
N SER A 248 -50.41 3.70 -19.55
CA SER A 248 -51.22 4.78 -18.99
C SER A 248 -50.52 5.44 -17.81
N ILE A 249 -49.73 4.69 -17.05
CA ILE A 249 -49.02 5.25 -15.92
C ILE A 249 -47.78 5.99 -16.39
N SER A 250 -46.93 5.29 -17.15
CA SER A 250 -45.66 5.86 -17.59
C SER A 250 -45.86 7.10 -18.45
N ALA A 251 -47.04 7.27 -19.04
CA ALA A 251 -47.31 8.43 -19.88
C ALA A 251 -47.46 9.72 -19.08
N ARG A 252 -47.75 9.62 -17.78
CA ARG A 252 -48.01 10.80 -16.98
C ARG A 252 -46.81 11.23 -16.13
N ASN A 253 -45.74 10.45 -16.09
CA ASN A 253 -44.55 10.85 -15.35
C ASN A 253 -43.88 12.08 -15.93
N SER A 254 -44.23 12.48 -17.16
CA SER A 254 -43.72 13.68 -17.79
C SER A 254 -44.59 14.91 -17.54
N LEU A 255 -45.45 14.87 -16.53
CA LEU A 255 -46.36 15.96 -16.22
C LEU A 255 -46.43 16.17 -14.72
N PRO A 256 -46.69 17.40 -14.27
CA PRO A 256 -46.94 17.62 -12.84
C PRO A 256 -48.26 16.97 -12.43
N LYS A 257 -48.44 16.85 -11.11
CA LYS A 257 -49.60 16.15 -10.55
C LYS A 257 -50.84 17.05 -10.61
N VAL A 258 -51.23 17.39 -11.83
CA VAL A 258 -52.40 18.23 -12.07
C VAL A 258 -53.66 17.39 -11.98
N ALA A 259 -54.81 18.06 -11.90
CA ALA A 259 -56.07 17.34 -11.75
C ALA A 259 -56.77 17.06 -13.07
N TYR A 260 -56.81 18.05 -13.97
CA TYR A 260 -57.53 17.87 -15.23
C TYR A 260 -56.86 16.81 -16.09
N ALA A 261 -57.65 16.23 -16.99
CA ALA A 261 -57.14 15.20 -17.89
C ALA A 261 -56.72 15.83 -19.21
N THR A 262 -55.63 15.32 -19.77
CA THR A 262 -55.05 15.86 -20.97
C THR A 262 -55.55 15.10 -22.20
N ALA A 263 -55.24 15.65 -23.38
CA ALA A 263 -55.59 14.96 -24.62
C ALA A 263 -54.88 13.61 -24.73
N MET A 264 -53.69 13.49 -24.17
CA MET A 264 -53.04 12.19 -24.12
C MET A 264 -53.78 11.24 -23.18
N ASP A 265 -54.34 11.77 -22.09
CA ASP A 265 -55.06 10.92 -21.14
C ASP A 265 -56.32 10.33 -21.77
N TRP A 266 -57.18 11.19 -22.32
CA TRP A 266 -58.40 10.73 -22.96
C TRP A 266 -58.08 9.78 -24.12
N PHE A 267 -57.00 10.05 -24.85
CA PHE A 267 -56.62 9.16 -25.94
C PHE A 267 -56.25 7.78 -25.42
N ILE A 268 -55.62 7.71 -24.26
CA ILE A 268 -55.24 6.42 -23.70
C ILE A 268 -56.47 5.68 -23.18
N ALA A 269 -57.38 6.41 -22.54
CA ALA A 269 -58.60 5.79 -22.05
C ALA A 269 -59.39 5.13 -23.17
N VAL A 270 -59.43 5.77 -24.34
CA VAL A 270 -60.08 5.15 -25.50
C VAL A 270 -59.31 3.90 -25.92
N CYS A 271 -58.00 4.03 -26.10
CA CYS A 271 -57.18 2.85 -26.36
C CYS A 271 -57.31 1.81 -25.26
N TYR A 272 -57.54 2.26 -24.02
CA TYR A 272 -57.80 1.34 -22.93
C TYR A 272 -59.15 0.64 -23.14
N ALA A 273 -60.14 1.35 -23.64
CA ALA A 273 -61.46 0.76 -23.84
C ALA A 273 -61.41 -0.35 -24.86
N PHE A 274 -60.83 -0.08 -26.04
CA PHE A 274 -60.77 -1.07 -27.10
C PHE A 274 -60.05 -2.33 -26.66
N VAL A 275 -58.99 -2.18 -25.87
CA VAL A 275 -58.26 -3.36 -25.39
C VAL A 275 -59.11 -4.15 -24.41
N PHE A 276 -59.72 -3.47 -23.44
CA PHE A 276 -60.53 -4.18 -22.45
C PHE A 276 -61.80 -4.75 -23.06
N SER A 277 -62.42 -4.02 -23.99
CA SER A 277 -63.61 -4.53 -24.66
C SER A 277 -63.27 -5.79 -25.47
N ALA A 278 -62.11 -5.80 -26.12
CA ALA A 278 -61.71 -6.97 -26.90
C ALA A 278 -61.59 -8.21 -26.01
N LEU A 279 -61.10 -8.05 -24.78
CA LEU A 279 -61.01 -9.18 -23.89
C LEU A 279 -62.39 -9.65 -23.45
N ILE A 280 -63.23 -8.72 -22.98
CA ILE A 280 -64.58 -9.08 -22.59
C ILE A 280 -65.36 -9.65 -23.77
N GLU A 281 -65.12 -9.11 -24.97
CA GLU A 281 -65.75 -9.66 -26.16
C GLU A 281 -65.42 -11.15 -26.30
N PHE A 282 -64.14 -11.50 -26.23
CA PHE A 282 -63.76 -12.91 -26.24
C PHE A 282 -64.29 -13.63 -25.01
N ALA A 283 -64.16 -13.00 -23.83
CA ALA A 283 -64.67 -13.62 -22.62
C ALA A 283 -66.17 -13.88 -22.72
N THR A 284 -66.87 -13.09 -23.53
CA THR A 284 -68.29 -13.35 -23.75
C THR A 284 -68.49 -14.61 -24.59
N VAL A 285 -67.81 -14.70 -25.74
CA VAL A 285 -67.96 -15.87 -26.59
C VAL A 285 -67.44 -17.12 -25.92
N ASN A 286 -66.60 -16.99 -24.89
CA ASN A 286 -66.17 -18.17 -24.15
C ASN A 286 -67.27 -18.69 -23.24
N TYR A 287 -68.19 -17.83 -22.81
CA TYR A 287 -69.35 -18.31 -22.06
C TYR A 287 -70.35 -19.02 -22.97
N PHE A 288 -70.24 -18.82 -24.28
CA PHE A 288 -71.13 -19.43 -25.26
C PHE A 288 -70.38 -20.43 -26.15
N THR A 289 -69.43 -21.17 -25.56
CA THR A 289 -68.64 -22.12 -26.34
C THR A 289 -69.43 -23.36 -26.74
N LYS A 290 -70.47 -23.73 -26.00
CA LYS A 290 -71.23 -24.93 -26.33
C LYS A 290 -72.61 -24.66 -26.93
N ARG A 291 -73.26 -23.56 -26.58
CA ARG A 291 -74.60 -23.28 -27.10
C ARG A 291 -74.44 -22.49 -28.40
N GLY A 292 -74.43 -23.21 -29.52
CA GLY A 292 -74.34 -22.58 -30.83
C GLY A 292 -72.92 -22.40 -31.33
N VAL A 293 -72.16 -23.49 -31.40
CA VAL A 293 -70.78 -23.45 -31.87
C VAL A 293 -70.66 -24.32 -33.12
N GLU A 294 -70.26 -23.70 -34.24
CA GLU A 294 -69.80 -24.49 -35.38
C GLU A 294 -68.35 -24.20 -35.72
N SER A 295 -68.03 -22.98 -36.13
CA SER A 295 -66.63 -22.55 -36.23
C SER A 295 -66.39 -21.16 -35.66
N VAL A 296 -67.31 -20.21 -35.88
CA VAL A 296 -67.12 -18.84 -35.46
C VAL A 296 -68.44 -18.26 -34.96
N SER A 297 -68.35 -17.45 -33.90
CA SER A 297 -69.44 -16.61 -33.44
C SER A 297 -69.49 -15.36 -34.29
N LYS A 298 -70.61 -15.14 -34.99
CA LYS A 298 -70.78 -13.95 -35.82
C LYS A 298 -70.38 -12.68 -35.09
N ILE A 299 -70.33 -12.74 -33.76
CA ILE A 299 -69.79 -11.63 -32.97
C ILE A 299 -68.34 -11.39 -33.34
N ASP A 300 -67.53 -12.46 -33.31
CA ASP A 300 -66.13 -12.35 -33.73
C ASP A 300 -66.02 -11.99 -35.21
N ARG A 301 -66.92 -12.54 -36.03
CA ARG A 301 -66.86 -12.26 -37.47
C ARG A 301 -67.08 -10.79 -37.76
N LEU A 302 -67.83 -10.09 -36.90
CA LEU A 302 -67.99 -8.65 -37.07
C LEU A 302 -66.98 -7.86 -36.25
N SER A 303 -66.53 -8.40 -35.12
CA SER A 303 -65.53 -7.71 -34.32
C SER A 303 -64.22 -7.58 -35.07
N ARG A 304 -63.91 -8.53 -35.96
CA ARG A 304 -62.73 -8.41 -36.81
C ARG A 304 -62.81 -7.21 -37.74
N ILE A 305 -64.00 -6.65 -37.95
CA ILE A 305 -64.18 -5.47 -38.78
C ILE A 305 -64.66 -4.29 -37.96
N ALA A 306 -65.51 -4.53 -36.96
CA ALA A 306 -66.05 -3.44 -36.15
C ALA A 306 -64.96 -2.71 -35.39
N PHE A 307 -64.05 -3.45 -34.75
CA PHE A 307 -63.02 -2.82 -33.93
C PHE A 307 -62.08 -1.94 -34.73
N PRO A 308 -61.45 -2.40 -35.83
CA PRO A 308 -60.52 -1.51 -36.54
C PRO A 308 -61.19 -0.27 -37.12
N LEU A 309 -62.37 -0.44 -37.72
CA LEU A 309 -63.06 0.71 -38.28
C LEU A 309 -63.48 1.69 -37.19
N LEU A 310 -64.02 1.18 -36.09
CA LEU A 310 -64.36 2.04 -34.96
C LEU A 310 -63.13 2.76 -34.43
N PHE A 311 -62.02 2.04 -34.31
CA PHE A 311 -60.77 2.67 -33.86
C PHE A 311 -60.16 3.53 -34.97
N GLY A 312 -60.24 3.07 -36.22
CA GLY A 312 -59.66 3.83 -37.32
C GLY A 312 -60.28 5.19 -37.48
N ILE A 313 -61.62 5.26 -37.48
CA ILE A 313 -62.27 6.56 -37.61
C ILE A 313 -61.98 7.41 -36.38
N PHE A 314 -61.71 6.77 -35.24
CA PHE A 314 -61.40 7.52 -34.02
C PHE A 314 -60.13 8.33 -34.19
N ASN A 315 -59.05 7.69 -34.69
CA ASN A 315 -57.81 8.43 -34.93
C ASN A 315 -58.04 9.60 -35.87
N LEU A 316 -58.95 9.46 -36.82
CA LEU A 316 -59.29 10.57 -37.70
C LEU A 316 -59.99 11.68 -36.92
N VAL A 317 -60.89 11.31 -36.01
CA VAL A 317 -61.55 12.30 -35.15
C VAL A 317 -60.52 12.96 -34.24
N TYR A 318 -59.55 12.18 -33.75
CA TYR A 318 -58.56 12.71 -32.83
C TYR A 318 -57.62 13.71 -33.52
N TRP A 319 -56.93 13.27 -34.56
CA TRP A 319 -55.89 14.11 -35.16
C TRP A 319 -56.47 15.26 -35.98
N ALA A 320 -57.70 15.14 -36.47
CA ALA A 320 -58.35 16.32 -37.05
C ALA A 320 -58.58 17.40 -36.00
N THR A 321 -59.03 16.99 -34.81
CA THR A 321 -59.01 17.87 -33.66
C THR A 321 -57.59 18.09 -33.17
N TYR A 322 -57.44 18.99 -32.21
CA TYR A 322 -56.16 19.23 -31.55
C TYR A 322 -55.09 19.75 -32.51
N LEU A 323 -55.47 20.00 -33.76
CA LEU A 323 -54.54 20.51 -34.76
C LEU A 323 -55.11 21.74 -35.45
N ARG B 10 -5.15 52.56 -32.02
CA ARG B 10 -5.76 52.79 -30.72
C ARG B 10 -6.53 51.61 -30.08
N PRO B 11 -7.08 50.66 -30.85
CA PRO B 11 -7.71 49.51 -30.20
C PRO B 11 -6.67 48.61 -29.55
N VAL B 12 -6.99 48.12 -28.36
CA VAL B 12 -6.06 47.34 -27.55
C VAL B 12 -5.92 45.94 -28.14
N ASP B 13 -4.73 45.62 -28.65
CA ASP B 13 -4.44 44.26 -29.10
C ASP B 13 -4.26 43.35 -27.88
N VAL B 14 -5.06 42.30 -27.80
CA VAL B 14 -5.03 41.39 -26.66
C VAL B 14 -4.68 40.00 -27.17
N SER B 15 -3.58 39.45 -26.67
CA SER B 15 -3.18 38.07 -26.96
C SER B 15 -3.79 37.15 -25.92
N VAL B 16 -4.39 36.05 -26.38
CA VAL B 16 -5.10 35.13 -25.51
C VAL B 16 -4.58 33.72 -25.72
N SER B 17 -4.25 33.04 -24.62
CA SER B 17 -3.87 31.64 -24.64
C SER B 17 -4.72 30.91 -23.62
N ILE B 18 -5.27 29.76 -24.01
CA ILE B 18 -6.15 28.97 -23.16
C ILE B 18 -5.64 27.53 -23.12
N PHE B 19 -5.44 27.01 -21.90
CA PHE B 19 -5.02 25.64 -21.66
C PHE B 19 -6.17 24.87 -21.05
N ILE B 20 -6.62 23.83 -21.75
CA ILE B 20 -7.75 23.02 -21.28
C ILE B 20 -7.19 21.91 -20.42
N ASN B 21 -7.51 21.97 -19.12
CA ASN B 21 -6.99 20.99 -18.17
C ASN B 21 -7.75 19.67 -18.24
N LYS B 22 -9.07 19.73 -18.41
CA LYS B 22 -9.89 18.52 -18.38
C LYS B 22 -11.27 18.83 -18.92
N ILE B 23 -11.86 17.86 -19.62
CA ILE B 23 -13.25 17.92 -20.05
C ILE B 23 -14.00 16.78 -19.39
N TYR B 24 -15.12 17.10 -18.75
CA TYR B 24 -15.86 16.10 -18.00
C TYR B 24 -17.33 16.51 -17.92
N GLY B 25 -18.15 15.62 -17.40
CA GLY B 25 -19.56 15.90 -17.20
C GLY B 25 -20.34 16.16 -18.47
N VAL B 26 -20.09 15.36 -19.50
CA VAL B 26 -20.81 15.52 -20.77
C VAL B 26 -22.25 15.05 -20.58
N ASN B 27 -23.19 15.96 -20.76
CA ASN B 27 -24.62 15.66 -20.59
C ASN B 27 -25.29 15.86 -21.95
N THR B 28 -25.62 14.74 -22.62
CA THR B 28 -26.27 14.83 -23.93
C THR B 28 -27.70 15.32 -23.81
N LEU B 29 -28.37 15.04 -22.68
CA LEU B 29 -29.76 15.46 -22.52
C LEU B 29 -29.85 16.98 -22.47
N GLU B 30 -29.16 17.60 -21.52
CA GLU B 30 -29.15 19.05 -21.42
C GLU B 30 -28.25 19.69 -22.47
N GLN B 31 -27.56 18.89 -23.28
CA GLN B 31 -26.66 19.37 -24.32
C GLN B 31 -25.55 20.25 -23.76
N THR B 32 -25.15 19.96 -22.52
CA THR B 32 -24.06 20.68 -21.86
C THR B 32 -22.84 19.79 -21.73
N TYR B 33 -21.72 20.44 -21.44
CA TYR B 33 -20.46 19.76 -21.18
C TYR B 33 -19.59 20.71 -20.38
N LYS B 34 -18.90 20.18 -19.37
CA LYS B 34 -18.11 21.00 -18.46
C LYS B 34 -16.67 21.03 -18.93
N VAL B 35 -16.07 22.22 -18.90
CA VAL B 35 -14.71 22.44 -19.37
C VAL B 35 -13.92 23.12 -18.26
N ASP B 36 -12.79 22.52 -17.91
CA ASP B 36 -11.88 23.06 -16.89
C ASP B 36 -10.55 23.36 -17.55
N GLY B 37 -9.95 24.48 -17.16
CA GLY B 37 -8.67 24.86 -17.72
C GLY B 37 -8.27 26.24 -17.26
N TYR B 38 -7.16 26.71 -17.82
CA TYR B 38 -6.60 28.01 -17.48
C TYR B 38 -6.81 28.96 -18.65
N ILE B 39 -6.80 30.26 -18.34
CA ILE B 39 -6.92 31.30 -19.36
C ILE B 39 -5.82 32.32 -19.15
N VAL B 40 -5.31 32.87 -20.25
CA VAL B 40 -4.24 33.85 -20.24
C VAL B 40 -4.60 34.97 -21.20
N ALA B 41 -4.60 36.20 -20.71
CA ALA B 41 -4.88 37.38 -21.52
C ALA B 41 -3.71 38.34 -21.39
N GLN B 42 -3.03 38.59 -22.50
CA GLN B 42 -1.82 39.41 -22.53
C GLN B 42 -2.02 40.58 -23.49
N TRP B 43 -1.70 41.77 -23.03
CA TRP B 43 -1.69 42.96 -23.87
C TRP B 43 -0.57 43.86 -23.42
N THR B 44 -0.05 44.66 -24.35
CA THR B 44 1.07 45.55 -24.07
C THR B 44 0.51 46.92 -23.71
N GLY B 45 0.64 47.30 -22.45
CA GLY B 45 0.16 48.57 -21.96
C GLY B 45 1.28 49.57 -21.76
N LYS B 46 0.98 50.61 -21.00
CA LYS B 46 1.99 51.63 -20.76
C LYS B 46 2.98 51.18 -19.68
N PRO B 47 4.27 51.43 -19.88
CA PRO B 47 5.28 50.95 -18.93
C PRO B 47 5.09 51.53 -17.53
N ARG B 48 5.59 50.77 -16.56
CA ARG B 48 5.51 51.15 -15.15
C ARG B 48 6.78 50.66 -14.47
N LYS B 49 6.99 51.13 -13.25
CA LYS B 49 8.19 50.81 -12.47
C LYS B 49 7.78 49.86 -11.36
N THR B 50 8.09 48.58 -11.54
CA THR B 50 7.77 47.58 -10.54
C THR B 50 8.75 47.66 -9.38
N PRO B 51 8.36 47.17 -8.20
CA PRO B 51 9.33 47.00 -7.11
C PRO B 51 10.42 46.01 -7.50
N GLY B 52 11.65 46.51 -7.68
CA GLY B 52 12.71 45.72 -8.26
C GLY B 52 12.49 45.50 -9.75
N ASP B 53 13.52 45.06 -10.46
CA ASP B 53 13.34 44.78 -11.89
C ASP B 53 12.53 43.51 -12.13
N LYS B 54 12.24 42.74 -11.09
CA LYS B 54 11.42 41.55 -11.25
C LYS B 54 9.99 41.95 -11.62
N PRO B 55 9.29 41.10 -12.37
CA PRO B 55 7.87 41.37 -12.63
C PRO B 55 7.04 41.21 -11.37
N LEU B 56 6.06 42.11 -11.20
CA LEU B 56 5.22 42.07 -10.02
C LEU B 56 4.06 41.10 -10.24
N ILE B 57 3.86 40.21 -9.26
CA ILE B 57 2.83 39.19 -9.31
C ILE B 57 1.81 39.51 -8.22
N VAL B 58 0.54 39.60 -8.62
CA VAL B 58 -0.54 39.97 -7.72
C VAL B 58 -1.59 38.86 -7.78
N GLU B 59 -2.04 38.40 -6.61
CA GLU B 59 -2.95 37.28 -6.51
C GLU B 59 -4.38 37.76 -6.28
N ASN B 60 -5.27 36.82 -5.94
CA ASN B 60 -6.71 37.00 -6.03
C ASN B 60 -7.21 38.32 -5.44
N THR B 61 -7.04 38.49 -4.13
CA THR B 61 -7.62 39.66 -3.48
C THR B 61 -6.90 40.95 -3.86
N GLN B 62 -5.57 40.94 -3.86
CA GLN B 62 -4.79 42.15 -4.10
C GLN B 62 -5.00 42.74 -5.48
N ILE B 63 -5.63 42.02 -6.42
CA ILE B 63 -5.92 42.62 -7.72
C ILE B 63 -6.91 43.76 -7.58
N GLU B 64 -7.84 43.65 -6.64
CA GLU B 64 -8.86 44.69 -6.48
C GLU B 64 -8.25 46.03 -6.13
N ARG B 65 -7.21 46.04 -5.28
CA ARG B 65 -6.58 47.30 -4.93
C ARG B 65 -5.92 47.98 -6.12
N TRP B 66 -5.46 47.21 -7.10
CA TRP B 66 -4.77 47.81 -8.23
C TRP B 66 -5.75 48.46 -9.19
N ILE B 67 -6.87 47.80 -9.50
CA ILE B 67 -7.86 48.45 -10.36
C ILE B 67 -8.46 49.65 -9.66
N ASN B 68 -8.44 49.67 -8.32
CA ASN B 68 -8.88 50.86 -7.59
C ASN B 68 -7.92 52.02 -7.79
N ASN B 69 -6.64 51.74 -8.05
CA ASN B 69 -5.65 52.76 -8.35
C ASN B 69 -5.60 53.09 -9.84
N GLY B 70 -6.63 52.72 -10.59
CA GLY B 70 -6.72 53.05 -12.00
C GLY B 70 -6.23 51.98 -12.95
N LEU B 71 -5.80 50.82 -12.46
CA LEU B 71 -5.36 49.76 -13.35
C LEU B 71 -6.52 49.27 -14.21
N TRP B 72 -6.22 48.98 -15.46
CA TRP B 72 -7.23 48.62 -16.45
C TRP B 72 -7.24 47.11 -16.62
N VAL B 73 -8.28 46.46 -16.11
CA VAL B 73 -8.46 45.03 -16.25
C VAL B 73 -9.83 44.79 -16.88
N PRO B 74 -9.87 44.43 -18.16
CA PRO B 74 -11.16 44.20 -18.83
C PRO B 74 -11.75 42.86 -18.43
N ALA B 75 -13.06 42.86 -18.19
CA ALA B 75 -13.76 41.63 -17.87
C ALA B 75 -13.98 40.81 -19.14
N LEU B 76 -13.58 39.55 -19.10
CA LEU B 76 -13.78 38.64 -20.22
C LEU B 76 -14.93 37.68 -19.91
N GLU B 77 -15.64 37.29 -20.97
CA GLU B 77 -16.94 36.66 -20.83
C GLU B 77 -17.03 35.44 -21.74
N PHE B 78 -17.51 34.32 -21.20
CA PHE B 78 -17.82 33.15 -22.00
C PHE B 78 -19.26 33.23 -22.47
N ILE B 79 -19.46 33.11 -23.79
CA ILE B 79 -20.80 33.25 -24.35
C ILE B 79 -21.60 31.98 -24.17
N ASN B 80 -21.10 30.86 -24.70
CA ASN B 80 -21.87 29.61 -24.72
C ASN B 80 -21.77 28.87 -23.38
N VAL B 81 -22.17 29.57 -22.33
CA VAL B 81 -22.16 29.02 -20.98
C VAL B 81 -23.59 28.93 -20.46
N VAL B 82 -23.81 27.97 -19.56
CA VAL B 82 -25.14 27.78 -18.98
C VAL B 82 -25.36 28.67 -17.76
N GLY B 83 -24.32 28.93 -16.98
CA GLY B 83 -24.40 29.81 -15.84
C GLY B 83 -23.05 30.45 -15.61
N SER B 84 -23.00 31.36 -14.64
CA SER B 84 -21.75 32.02 -14.29
C SER B 84 -20.71 30.97 -13.92
N PRO B 85 -19.61 30.86 -14.68
CA PRO B 85 -18.65 29.79 -14.42
C PRO B 85 -17.99 29.92 -13.06
N ASP B 86 -17.49 28.80 -12.56
CA ASP B 86 -16.85 28.76 -11.25
C ASP B 86 -15.43 29.28 -11.41
N THR B 87 -15.22 30.56 -11.09
CA THR B 87 -13.90 31.17 -11.24
C THR B 87 -13.01 30.79 -10.08
N GLY B 88 -11.82 30.29 -10.41
CA GLY B 88 -10.88 29.86 -9.38
C GLY B 88 -10.02 30.99 -8.87
N ASN B 89 -8.70 30.81 -8.90
CA ASN B 89 -7.76 31.82 -8.43
C ASN B 89 -7.37 32.75 -9.56
N LYS B 90 -7.25 34.03 -9.26
CA LYS B 90 -6.90 35.06 -10.23
C LYS B 90 -5.52 35.61 -9.92
N ARG B 91 -4.72 35.84 -10.96
CA ARG B 91 -3.39 36.41 -10.78
C ARG B 91 -3.17 37.48 -11.83
N LEU B 92 -2.23 38.37 -11.53
CA LEU B 92 -1.87 39.47 -12.42
C LEU B 92 -0.36 39.54 -12.54
N MET B 93 0.14 39.50 -13.77
CA MET B 93 1.57 39.70 -14.05
C MET B 93 1.76 41.13 -14.51
N LEU B 94 2.46 41.93 -13.69
CA LEU B 94 2.75 43.31 -14.02
C LEU B 94 4.22 43.40 -14.44
N PHE B 95 4.45 43.62 -15.75
CA PHE B 95 5.82 43.69 -16.23
C PHE B 95 6.29 45.14 -16.27
N PRO B 96 7.61 45.37 -16.20
CA PRO B 96 8.10 46.76 -16.24
C PRO B 96 7.94 47.41 -17.60
N ASP B 97 8.08 46.65 -18.70
CA ASP B 97 7.91 47.25 -20.02
C ASP B 97 6.47 47.59 -20.35
N GLY B 98 5.50 47.28 -19.47
CA GLY B 98 4.13 47.68 -19.63
C GLY B 98 3.15 46.54 -19.87
N ARG B 99 3.63 45.44 -20.46
CA ARG B 99 2.72 44.35 -20.82
C ARG B 99 2.06 43.76 -19.58
N VAL B 100 0.73 43.61 -19.65
CA VAL B 100 -0.06 43.07 -18.56
C VAL B 100 -0.55 41.69 -18.95
N ILE B 101 -0.63 40.80 -17.96
CA ILE B 101 -0.98 39.40 -18.19
C ILE B 101 -2.00 39.00 -17.15
N TYR B 102 -3.19 38.59 -17.60
CA TYR B 102 -4.27 38.14 -16.73
C TYR B 102 -4.39 36.63 -16.85
N ASN B 103 -4.14 35.93 -15.74
CA ASN B 103 -4.19 34.48 -15.72
C ASN B 103 -5.10 34.02 -14.59
N ALA B 104 -6.02 33.12 -14.90
CA ALA B 104 -6.97 32.60 -13.93
C ALA B 104 -7.51 31.27 -14.41
N ARG B 105 -8.05 30.48 -13.48
CA ARG B 105 -8.64 29.19 -13.80
C ARG B 105 -10.16 29.32 -13.84
N PHE B 106 -10.77 28.64 -14.80
CA PHE B 106 -12.21 28.68 -15.00
C PHE B 106 -12.76 27.28 -15.14
N LEU B 107 -13.88 27.01 -14.48
CA LEU B 107 -14.61 25.76 -14.61
C LEU B 107 -16.07 26.11 -14.86
N GLY B 108 -16.54 25.92 -16.07
CA GLY B 108 -17.87 26.34 -16.45
C GLY B 108 -18.62 25.23 -17.16
N SER B 109 -19.95 25.30 -17.06
CA SER B 109 -20.84 24.38 -17.75
C SER B 109 -21.23 25.01 -19.07
N PHE B 110 -20.70 24.50 -20.17
CA PHE B 110 -20.87 25.09 -21.49
C PHE B 110 -21.97 24.38 -22.26
N SER B 111 -22.47 25.06 -23.29
CA SER B 111 -23.53 24.54 -24.12
C SER B 111 -23.19 24.78 -25.59
N ASN B 112 -23.79 23.96 -26.45
CA ASN B 112 -23.64 24.12 -27.89
C ASN B 112 -24.79 23.39 -28.56
N ASP B 113 -25.26 23.94 -29.68
CA ASP B 113 -26.30 23.27 -30.44
C ASP B 113 -25.78 21.94 -30.95
N MET B 114 -26.57 20.88 -30.76
CA MET B 114 -26.14 19.53 -31.13
C MET B 114 -27.21 18.86 -31.96
N ASP B 115 -26.75 18.14 -32.98
CA ASP B 115 -27.61 17.43 -33.93
C ASP B 115 -27.45 15.94 -33.71
N PHE B 116 -28.56 15.25 -33.44
CA PHE B 116 -28.54 13.84 -33.11
C PHE B 116 -29.14 12.97 -34.21
N ARG B 117 -29.14 13.46 -35.46
CA ARG B 117 -29.75 12.70 -36.54
C ARG B 117 -29.01 11.40 -36.80
N LEU B 118 -27.72 11.35 -36.48
CA LEU B 118 -26.90 10.16 -36.69
C LEU B 118 -26.58 9.46 -35.37
N PHE B 119 -27.48 9.55 -34.40
CA PHE B 119 -27.30 8.84 -33.14
C PHE B 119 -27.21 7.33 -33.38
N PRO B 120 -26.23 6.64 -32.78
CA PRO B 120 -25.19 7.20 -31.91
C PRO B 120 -23.87 7.48 -32.64
N PHE B 121 -23.91 7.50 -33.97
CA PHE B 121 -22.75 7.73 -34.80
C PHE B 121 -22.50 9.21 -35.04
N ASP B 122 -23.07 10.08 -34.21
CA ASP B 122 -23.00 11.52 -34.42
C ASP B 122 -21.62 12.07 -34.11
N ARG B 123 -21.34 13.23 -34.69
CA ARG B 123 -20.18 14.04 -34.36
C ARG B 123 -20.66 15.37 -33.80
N GLN B 124 -20.06 15.79 -32.69
CA GLN B 124 -20.44 17.03 -32.04
C GLN B 124 -19.19 17.82 -31.72
N GLN B 125 -19.37 19.09 -31.36
CA GLN B 125 -18.28 20.02 -31.18
C GLN B 125 -18.33 20.58 -29.76
N PHE B 126 -17.22 20.44 -29.04
CA PHE B 126 -17.07 21.06 -27.73
C PHE B 126 -16.49 22.45 -27.96
N VAL B 127 -17.33 23.47 -27.87
CA VAL B 127 -17.00 24.81 -28.32
C VAL B 127 -16.83 25.72 -27.11
N LEU B 128 -15.85 26.60 -27.19
CA LEU B 128 -15.67 27.68 -26.22
C LEU B 128 -15.78 29.00 -26.96
N GLU B 129 -16.70 29.85 -26.50
CA GLU B 129 -16.97 31.14 -27.12
C GLU B 129 -16.59 32.23 -26.12
N LEU B 130 -15.42 32.83 -26.33
CA LEU B 130 -14.89 33.86 -25.45
C LEU B 130 -15.01 35.21 -26.14
N GLU B 131 -15.38 36.23 -25.37
CA GLU B 131 -15.64 37.56 -25.89
C GLU B 131 -15.71 38.54 -24.73
N PRO B 132 -15.13 39.72 -24.86
CA PRO B 132 -15.05 40.65 -23.72
C PRO B 132 -16.39 41.33 -23.47
N PHE B 133 -16.43 42.11 -22.40
CA PHE B 133 -17.60 42.89 -22.03
C PHE B 133 -17.22 44.36 -21.94
N SER B 134 -18.14 45.23 -22.35
CA SER B 134 -18.01 46.67 -22.22
C SER B 134 -16.99 47.25 -23.21
N TYR B 135 -16.31 46.38 -23.96
CA TYR B 135 -15.25 46.82 -24.87
C TYR B 135 -15.47 46.17 -26.23
N ASN B 136 -15.80 47.00 -27.21
CA ASN B 136 -16.12 46.55 -28.56
C ASN B 136 -14.84 46.29 -29.35
N ASN B 137 -14.99 46.03 -30.66
CA ASN B 137 -13.83 45.81 -31.50
C ASN B 137 -13.07 47.11 -31.77
N GLN B 138 -13.73 48.26 -31.61
CA GLN B 138 -13.06 49.54 -31.72
C GLN B 138 -12.23 49.89 -30.50
N GLN B 139 -12.49 49.24 -29.36
CA GLN B 139 -11.77 49.48 -28.11
C GLN B 139 -10.84 48.35 -27.71
N LEU B 140 -11.24 47.09 -27.93
CA LEU B 140 -10.44 45.94 -27.56
C LEU B 140 -10.50 44.91 -28.68
N ARG B 141 -9.33 44.43 -29.10
CA ARG B 141 -9.22 43.46 -30.18
C ARG B 141 -8.37 42.28 -29.74
N PHE B 142 -8.80 41.08 -30.15
CA PHE B 142 -8.04 39.86 -29.90
C PHE B 142 -6.98 39.69 -30.98
N SER B 143 -5.71 39.70 -30.59
CA SER B 143 -4.63 39.56 -31.57
C SER B 143 -4.59 38.16 -32.14
N ASP B 144 -4.35 37.15 -31.29
CA ASP B 144 -4.29 35.78 -31.72
C ASP B 144 -4.72 34.87 -30.59
N ILE B 145 -5.04 33.62 -30.94
CA ILE B 145 -5.46 32.64 -29.96
C ILE B 145 -4.77 31.31 -30.28
N GLN B 146 -4.17 30.70 -29.26
CA GLN B 146 -3.52 29.40 -29.39
C GLN B 146 -3.96 28.55 -28.21
N VAL B 147 -4.52 27.38 -28.50
CA VAL B 147 -5.12 26.51 -27.49
C VAL B 147 -4.18 25.33 -27.27
N TYR B 148 -3.50 25.34 -26.13
CA TYR B 148 -2.57 24.27 -25.76
C TYR B 148 -3.31 23.16 -25.02
N THR B 149 -4.26 22.55 -25.73
CA THR B 149 -5.17 21.61 -25.09
C THR B 149 -4.53 20.25 -24.87
N GLU B 150 -3.59 19.85 -25.72
CA GLU B 150 -3.08 18.50 -25.71
C GLU B 150 -2.22 18.28 -24.47
N ASN B 151 -1.55 17.11 -24.43
CA ASN B 151 -0.69 16.64 -23.34
C ASN B 151 -1.56 16.18 -22.17
N ILE B 152 -2.83 16.56 -22.18
CA ILE B 152 -3.82 16.08 -21.24
C ILE B 152 -4.97 15.52 -22.07
N ASP B 153 -5.59 16.41 -22.85
CA ASP B 153 -6.74 16.09 -23.70
C ASP B 153 -6.62 14.74 -24.39
N ASN B 154 -5.48 14.49 -25.05
CA ASN B 154 -5.23 13.31 -25.87
C ASN B 154 -5.65 11.98 -25.24
N GLU B 155 -6.11 12.00 -23.99
CA GLU B 155 -6.73 10.83 -23.36
C GLU B 155 -8.22 10.87 -23.68
N GLU B 156 -8.65 10.04 -24.64
CA GLU B 156 -10.02 10.13 -25.14
C GLU B 156 -10.80 8.86 -24.82
N ILE B 157 -10.75 8.44 -23.56
CA ILE B 157 -11.54 7.33 -23.06
C ILE B 157 -12.47 7.87 -21.98
N ASP B 158 -13.05 9.05 -22.24
CA ASP B 158 -13.81 9.83 -21.28
C ASP B 158 -15.29 9.89 -21.63
N GLU B 159 -15.80 8.84 -22.28
CA GLU B 159 -17.16 8.60 -22.81
C GLU B 159 -17.28 9.10 -24.24
N TRP B 160 -16.24 9.71 -24.80
CA TRP B 160 -16.25 10.20 -26.17
C TRP B 160 -14.87 9.94 -26.77
N TRP B 161 -14.75 10.20 -28.07
CA TRP B 161 -13.49 10.05 -28.79
C TRP B 161 -13.14 11.40 -29.40
N ILE B 162 -12.02 11.98 -28.97
CA ILE B 162 -11.53 13.23 -29.53
C ILE B 162 -10.83 12.93 -30.86
N ARG B 163 -11.27 13.59 -31.92
CA ARG B 163 -10.73 13.40 -33.26
C ARG B 163 -10.24 14.74 -33.81
N GLY B 164 -8.93 14.93 -33.76
CA GLY B 164 -8.30 16.12 -34.28
C GLY B 164 -7.95 17.12 -33.18
N LYS B 165 -7.11 18.09 -33.55
CA LYS B 165 -6.71 19.13 -32.62
C LYS B 165 -7.80 20.20 -32.55
N ALA B 166 -7.53 21.27 -31.81
CA ALA B 166 -8.50 22.34 -31.68
C ALA B 166 -8.48 23.24 -32.91
N SER B 167 -9.56 23.99 -33.08
CA SER B 167 -9.67 24.95 -34.17
C SER B 167 -9.95 26.32 -33.57
N THR B 168 -9.09 27.29 -33.90
CA THR B 168 -9.20 28.64 -33.38
C THR B 168 -9.64 29.59 -34.48
N HIS B 169 -10.52 30.53 -34.15
CA HIS B 169 -10.96 31.53 -35.10
C HIS B 169 -11.38 32.79 -34.37
N ILE B 170 -11.01 33.94 -34.92
CA ILE B 170 -11.37 35.25 -34.38
C ILE B 170 -12.38 35.86 -35.33
N SER B 171 -13.50 36.33 -34.77
CA SER B 171 -14.60 36.88 -35.56
C SER B 171 -15.15 38.13 -34.88
N ASP B 172 -16.01 38.84 -35.61
CA ASP B 172 -16.67 40.04 -35.11
C ASP B 172 -18.18 39.82 -35.08
N ILE B 173 -18.78 40.02 -33.92
CA ILE B 173 -20.21 39.76 -33.70
C ILE B 173 -20.91 41.10 -33.53
N ARG B 174 -22.05 41.26 -34.20
CA ARG B 174 -22.83 42.49 -34.15
C ARG B 174 -24.02 42.28 -33.23
N TYR B 175 -24.04 42.99 -32.11
CA TYR B 175 -25.16 42.99 -31.18
C TYR B 175 -26.06 44.17 -31.48
N ASP B 176 -27.32 43.88 -31.84
CA ASP B 176 -28.25 44.94 -32.17
C ASP B 176 -28.71 45.72 -30.94
N HIS B 177 -28.58 45.15 -29.75
CA HIS B 177 -29.09 45.78 -28.54
C HIS B 177 -28.17 46.88 -28.02
N LEU B 178 -27.04 47.12 -28.66
CA LEU B 178 -26.20 48.27 -28.36
C LEU B 178 -26.35 49.38 -29.39
N SER B 179 -27.15 49.16 -30.44
CA SER B 179 -27.34 50.19 -31.45
C SER B 179 -27.99 51.44 -30.87
N SER B 180 -28.91 51.26 -29.92
CA SER B 180 -29.57 52.40 -29.28
C SER B 180 -28.60 53.22 -28.43
N VAL B 181 -27.45 52.65 -28.07
CA VAL B 181 -26.52 53.32 -27.17
C VAL B 181 -25.15 53.55 -27.79
N GLN B 182 -24.77 52.81 -28.83
CA GLN B 182 -23.47 52.96 -29.46
C GLN B 182 -23.66 52.93 -30.97
N PRO B 183 -23.85 54.10 -31.59
CA PRO B 183 -24.07 54.16 -33.04
C PRO B 183 -22.80 53.76 -33.79
N ASN B 184 -22.92 52.73 -34.62
CA ASN B 184 -21.85 52.16 -35.44
C ASN B 184 -20.78 51.48 -34.59
N GLN B 185 -20.93 51.48 -33.26
CA GLN B 185 -19.97 50.89 -32.33
C GLN B 185 -20.53 49.63 -31.67
N ASN B 186 -21.25 48.81 -32.43
CA ASN B 186 -21.97 47.67 -31.88
C ASN B 186 -21.43 46.33 -32.39
N GLU B 187 -20.11 46.25 -32.57
CA GLU B 187 -19.46 45.00 -32.98
C GLU B 187 -18.40 44.62 -31.95
N PHE B 188 -18.41 43.36 -31.53
CA PHE B 188 -17.48 42.84 -30.54
C PHE B 188 -16.63 41.72 -31.12
N SER B 189 -15.35 41.71 -30.75
CA SER B 189 -14.44 40.64 -31.16
C SER B 189 -14.69 39.39 -30.31
N ARG B 190 -14.83 38.25 -30.96
CA ARG B 190 -15.16 37.00 -30.27
C ARG B 190 -14.17 35.91 -30.67
N ILE B 191 -13.61 35.23 -29.66
CA ILE B 191 -12.78 34.05 -29.88
C ILE B 191 -13.65 32.81 -29.79
N THR B 192 -13.47 31.89 -30.74
CA THR B 192 -14.21 30.64 -30.78
C THR B 192 -13.24 29.49 -30.92
N VAL B 193 -13.36 28.51 -30.03
CA VAL B 193 -12.48 27.34 -30.01
C VAL B 193 -13.35 26.09 -30.14
N ARG B 194 -13.08 25.29 -31.15
CA ARG B 194 -13.85 24.08 -31.41
C ARG B 194 -12.95 22.85 -31.37
N ILE B 195 -13.45 21.79 -30.75
CA ILE B 195 -12.77 20.49 -30.71
C ILE B 195 -13.78 19.45 -31.18
N ASP B 196 -13.53 18.87 -32.35
CA ASP B 196 -14.40 17.83 -32.85
C ASP B 196 -14.25 16.55 -32.03
N ALA B 197 -15.36 15.82 -31.89
CA ALA B 197 -15.37 14.59 -31.14
C ALA B 197 -16.49 13.69 -31.67
N VAL B 198 -16.29 12.39 -31.55
CA VAL B 198 -17.26 11.39 -31.99
C VAL B 198 -17.59 10.50 -30.80
N ARG B 199 -18.76 9.87 -30.88
CA ARG B 199 -19.28 9.07 -29.78
C ARG B 199 -18.77 7.64 -29.86
N LYS B 200 -18.76 6.97 -28.70
CA LYS B 200 -18.31 5.59 -28.58
C LYS B 200 -19.54 4.70 -28.51
N ILE B 201 -19.77 3.91 -29.57
CA ILE B 201 -21.00 3.14 -29.69
C ILE B 201 -21.02 1.90 -28.82
N GLY B 202 -19.93 1.61 -28.10
CA GLY B 202 -19.86 0.37 -27.33
C GLY B 202 -20.98 0.24 -26.32
N TYR B 203 -21.22 1.30 -25.53
CA TYR B 203 -22.24 1.25 -24.49
C TYR B 203 -23.63 1.00 -25.06
N PHE B 204 -23.94 1.60 -26.22
CA PHE B 204 -25.29 1.49 -26.77
C PHE B 204 -25.52 0.15 -27.45
N VAL B 205 -24.47 -0.50 -27.95
CA VAL B 205 -24.62 -1.82 -28.54
C VAL B 205 -25.18 -2.81 -27.52
N ILE B 206 -24.69 -2.74 -26.28
CA ILE B 206 -25.14 -3.68 -25.26
C ILE B 206 -26.53 -3.31 -24.73
N GLN B 207 -26.86 -2.03 -24.73
CA GLN B 207 -28.11 -1.61 -24.11
C GLN B 207 -29.31 -1.73 -25.07
N THR B 208 -29.14 -1.37 -26.34
CA THR B 208 -30.25 -1.41 -27.28
C THR B 208 -29.98 -2.32 -28.46
N TYR B 209 -28.83 -2.19 -29.12
CA TYR B 209 -28.61 -2.86 -30.39
C TYR B 209 -28.65 -4.38 -30.23
N LEU B 210 -27.77 -4.94 -29.40
CA LEU B 210 -27.79 -6.38 -29.16
C LEU B 210 -29.11 -6.88 -28.59
N PRO B 211 -29.73 -6.24 -27.58
CA PRO B 211 -31.05 -6.70 -27.15
C PRO B 211 -32.10 -6.64 -28.26
N CYS B 212 -31.99 -5.68 -29.18
CA CYS B 212 -32.88 -5.69 -30.34
C CYS B 212 -32.61 -6.89 -31.23
N ILE B 213 -31.34 -7.22 -31.45
CA ILE B 213 -30.99 -8.34 -32.32
C ILE B 213 -31.46 -9.65 -31.72
N MET B 214 -31.04 -9.94 -30.49
CA MET B 214 -31.42 -11.19 -29.84
C MET B 214 -32.93 -11.33 -29.70
N THR B 215 -33.65 -10.22 -29.58
CA THR B 215 -35.10 -10.29 -29.58
C THR B 215 -35.63 -10.72 -30.95
N VAL B 216 -35.04 -10.18 -32.03
CA VAL B 216 -35.41 -10.60 -33.37
C VAL B 216 -35.10 -12.08 -33.57
N ILE B 217 -33.93 -12.54 -33.10
CA ILE B 217 -33.62 -13.96 -33.17
C ILE B 217 -34.65 -14.78 -32.40
N LEU B 218 -35.03 -14.31 -31.22
CA LEU B 218 -36.05 -15.00 -30.44
C LEU B 218 -37.41 -14.94 -31.12
N SER B 219 -37.72 -13.85 -31.81
CA SER B 219 -39.04 -13.70 -32.44
C SER B 219 -39.24 -14.71 -33.57
N GLN B 220 -38.16 -15.07 -34.26
CA GLN B 220 -38.22 -15.92 -35.43
C GLN B 220 -38.20 -17.40 -35.10
N VAL B 221 -37.92 -17.78 -33.85
CA VAL B 221 -37.97 -19.18 -33.45
C VAL B 221 -39.39 -19.72 -33.56
N SER B 222 -40.39 -18.85 -33.52
CA SER B 222 -41.78 -19.29 -33.65
C SER B 222 -42.01 -20.03 -34.97
N PHE B 223 -41.30 -19.63 -36.02
CA PHE B 223 -41.48 -20.28 -37.33
C PHE B 223 -41.12 -21.75 -37.26
N TRP B 224 -40.04 -22.08 -36.55
CA TRP B 224 -39.48 -23.42 -36.51
C TRP B 224 -40.19 -24.34 -35.55
N LEU B 225 -41.40 -24.05 -35.09
CA LEU B 225 -42.03 -24.94 -34.11
C LEU B 225 -42.93 -25.97 -34.80
N ASN B 226 -44.08 -25.53 -35.31
CA ASN B 226 -45.04 -26.33 -36.09
C ASN B 226 -46.26 -25.47 -36.31
N ARG B 227 -47.31 -26.03 -36.92
CA ARG B 227 -48.65 -25.55 -36.61
C ARG B 227 -49.04 -26.06 -35.22
N GLU B 228 -48.21 -25.71 -34.25
CA GLU B 228 -48.10 -26.40 -32.97
C GLU B 228 -49.06 -25.75 -31.97
N SER B 229 -48.85 -26.02 -30.67
CA SER B 229 -49.60 -25.38 -29.61
C SER B 229 -49.65 -23.88 -29.82
N VAL B 230 -50.86 -23.35 -30.05
CA VAL B 230 -51.02 -21.92 -30.25
C VAL B 230 -50.46 -21.12 -29.07
N PRO B 231 -50.63 -21.54 -27.80
CA PRO B 231 -49.96 -20.81 -26.71
C PRO B 231 -48.49 -20.53 -26.94
N ALA B 232 -47.73 -21.51 -27.42
CA ALA B 232 -46.30 -21.32 -27.62
C ALA B 232 -46.02 -20.19 -28.61
N ARG B 233 -46.50 -20.35 -29.85
CA ARG B 233 -46.20 -19.35 -30.88
C ARG B 233 -46.84 -18.00 -30.60
N THR B 234 -47.87 -17.93 -29.77
CA THR B 234 -48.39 -16.63 -29.36
C THR B 234 -47.53 -16.00 -28.27
N VAL B 235 -47.12 -16.80 -27.28
CA VAL B 235 -46.21 -16.30 -26.25
C VAL B 235 -44.93 -15.78 -26.88
N PHE B 236 -44.38 -16.50 -27.86
CA PHE B 236 -43.22 -15.99 -28.59
C PHE B 236 -43.53 -14.65 -29.22
N GLY B 237 -44.72 -14.49 -29.80
CA GLY B 237 -45.10 -13.26 -30.45
C GLY B 237 -45.22 -12.09 -29.49
N VAL B 238 -46.08 -12.24 -28.48
CA VAL B 238 -46.37 -11.11 -27.59
C VAL B 238 -45.16 -10.72 -26.76
N THR B 239 -44.41 -11.71 -26.26
CA THR B 239 -43.23 -11.38 -25.46
C THR B 239 -42.20 -10.61 -26.29
N THR B 240 -41.96 -11.05 -27.53
CA THR B 240 -40.99 -10.35 -28.37
C THR B 240 -41.51 -8.98 -28.78
N VAL B 241 -42.81 -8.86 -29.06
CA VAL B 241 -43.37 -7.56 -29.42
C VAL B 241 -43.28 -6.61 -28.24
N LEU B 242 -43.70 -7.05 -27.06
CA LEU B 242 -43.63 -6.20 -25.88
C LEU B 242 -42.19 -5.85 -25.53
N THR B 243 -41.30 -6.84 -25.58
CA THR B 243 -39.88 -6.58 -25.34
C THR B 243 -39.34 -5.55 -26.31
N MET B 244 -39.62 -5.73 -27.60
CA MET B 244 -39.20 -4.75 -28.60
C MET B 244 -39.88 -3.41 -28.39
N THR B 245 -41.08 -3.41 -27.82
CA THR B 245 -41.78 -2.15 -27.56
C THR B 245 -41.10 -1.36 -26.44
N THR B 246 -40.74 -2.04 -25.34
CA THR B 246 -40.07 -1.36 -24.24
C THR B 246 -38.71 -0.83 -24.64
N LEU B 247 -37.95 -1.61 -25.42
CA LEU B 247 -36.64 -1.15 -25.85
C LEU B 247 -36.75 0.10 -26.72
N SER B 248 -37.82 0.22 -27.51
CA SER B 248 -38.04 1.44 -28.27
C SER B 248 -38.21 2.64 -27.36
N ILE B 249 -38.76 2.43 -26.16
CA ILE B 249 -38.93 3.53 -25.22
C ILE B 249 -37.62 3.86 -24.51
N SER B 250 -37.02 2.85 -23.88
CA SER B 250 -35.80 3.07 -23.11
C SER B 250 -34.64 3.58 -23.97
N ALA B 251 -34.71 3.37 -25.29
CA ALA B 251 -33.61 3.80 -26.14
C ALA B 251 -33.55 5.31 -26.30
N ARG B 252 -34.66 6.02 -26.07
CA ARG B 252 -34.68 7.46 -26.25
C ARG B 252 -34.59 8.23 -24.95
N ASN B 253 -34.60 7.54 -23.81
CA ASN B 253 -34.46 8.21 -22.52
C ASN B 253 -33.09 8.87 -22.37
N SER B 254 -32.12 8.49 -23.19
CA SER B 254 -30.81 9.12 -23.21
C SER B 254 -30.70 10.20 -24.29
N LEU B 255 -31.82 10.70 -24.78
CA LEU B 255 -31.84 11.70 -25.84
C LEU B 255 -32.82 12.79 -25.50
N PRO B 256 -32.57 14.02 -25.95
CA PRO B 256 -33.56 15.09 -25.77
C PRO B 256 -34.82 14.82 -26.59
N LYS B 257 -35.86 15.57 -26.24
CA LYS B 257 -37.18 15.38 -26.85
C LYS B 257 -37.23 16.08 -28.22
N VAL B 258 -36.34 15.61 -29.10
CA VAL B 258 -36.23 16.14 -30.46
C VAL B 258 -37.29 15.50 -31.34
N ALA B 259 -37.49 16.07 -32.53
CA ALA B 259 -38.50 15.59 -33.46
C ALA B 259 -37.94 14.59 -34.47
N TYR B 260 -36.76 14.87 -35.00
CA TYR B 260 -36.19 14.02 -36.05
C TYR B 260 -35.91 12.62 -35.52
N ALA B 261 -35.84 11.67 -36.46
CA ALA B 261 -35.57 10.29 -36.14
C ALA B 261 -34.08 10.00 -36.29
N THR B 262 -33.55 9.21 -35.37
CA THR B 262 -32.13 8.90 -35.35
C THR B 262 -31.86 7.59 -36.09
N ALA B 263 -30.58 7.32 -36.32
CA ALA B 263 -30.19 6.03 -36.88
C ALA B 263 -30.58 4.90 -35.92
N MET B 264 -30.57 5.16 -34.62
CA MET B 264 -31.06 4.19 -33.66
C MET B 264 -32.57 4.02 -33.80
N ASP B 265 -33.28 5.10 -34.11
CA ASP B 265 -34.73 4.99 -34.31
C ASP B 265 -35.06 4.12 -35.50
N TRP B 266 -34.43 4.42 -36.66
CA TRP B 266 -34.66 3.61 -37.85
C TRP B 266 -34.33 2.15 -37.59
N PHE B 267 -33.26 1.89 -36.84
CA PHE B 267 -32.88 0.52 -36.53
C PHE B 267 -33.94 -0.17 -35.66
N ILE B 268 -34.56 0.59 -34.75
CA ILE B 268 -35.57 -0.02 -33.89
C ILE B 268 -36.84 -0.29 -34.68
N ALA B 269 -37.26 0.66 -35.52
CA ALA B 269 -38.48 0.49 -36.30
C ALA B 269 -38.40 -0.75 -37.20
N VAL B 270 -37.25 -0.95 -37.85
CA VAL B 270 -37.07 -2.15 -38.67
C VAL B 270 -37.10 -3.39 -37.79
N CYS B 271 -36.29 -3.40 -36.72
CA CYS B 271 -36.33 -4.50 -35.77
C CYS B 271 -37.72 -4.69 -35.20
N TYR B 272 -38.48 -3.61 -35.06
CA TYR B 272 -39.87 -3.72 -34.64
C TYR B 272 -40.71 -4.40 -35.71
N ALA B 273 -40.43 -4.09 -36.99
CA ALA B 273 -41.23 -4.66 -38.07
C ALA B 273 -41.08 -6.17 -38.13
N PHE B 274 -39.82 -6.65 -38.14
CA PHE B 274 -39.60 -8.09 -38.23
C PHE B 274 -40.24 -8.82 -37.06
N VAL B 275 -40.22 -8.22 -35.87
CA VAL B 275 -40.85 -8.84 -34.71
C VAL B 275 -42.37 -8.88 -34.88
N PHE B 276 -42.95 -7.76 -35.29
CA PHE B 276 -44.41 -7.73 -35.47
C PHE B 276 -44.85 -8.57 -36.66
N SER B 277 -44.05 -8.56 -37.74
CA SER B 277 -44.37 -9.38 -38.91
C SER B 277 -44.33 -10.86 -38.55
N ALA B 278 -43.35 -11.27 -37.74
CA ALA B 278 -43.24 -12.67 -37.36
C ALA B 278 -44.49 -13.15 -36.63
N LEU B 279 -45.09 -12.29 -35.80
CA LEU B 279 -46.32 -12.67 -35.11
C LEU B 279 -47.49 -12.78 -36.08
N ILE B 280 -47.67 -11.75 -36.92
CA ILE B 280 -48.75 -11.76 -37.89
C ILE B 280 -48.61 -12.95 -38.84
N GLU B 281 -47.37 -13.30 -39.18
CA GLU B 281 -47.14 -14.48 -40.02
C GLU B 281 -47.80 -15.71 -39.42
N PHE B 282 -47.54 -15.96 -38.13
CA PHE B 282 -48.21 -17.07 -37.45
C PHE B 282 -49.72 -16.86 -37.40
N ALA B 283 -50.14 -15.64 -37.04
CA ALA B 283 -51.57 -15.34 -36.99
C ALA B 283 -52.21 -15.51 -38.36
N THR B 284 -51.44 -15.38 -39.43
CA THR B 284 -51.97 -15.62 -40.77
C THR B 284 -52.24 -17.09 -41.00
N VAL B 285 -51.26 -17.96 -40.73
CA VAL B 285 -51.44 -19.38 -40.96
C VAL B 285 -52.49 -19.97 -40.04
N ASN B 286 -52.85 -19.30 -38.95
CA ASN B 286 -53.93 -19.82 -38.12
C ASN B 286 -55.29 -19.59 -38.76
N TYR B 287 -55.47 -18.50 -39.50
CA TYR B 287 -56.70 -18.34 -40.26
C TYR B 287 -56.68 -19.17 -41.53
N PHE B 288 -55.50 -19.62 -41.97
CA PHE B 288 -55.38 -20.48 -43.13
C PHE B 288 -54.96 -21.88 -42.72
N THR B 289 -55.41 -22.30 -41.53
CA THR B 289 -55.25 -23.66 -41.07
C THR B 289 -56.19 -24.60 -41.81
N LYS B 290 -57.22 -24.04 -42.44
CA LYS B 290 -58.23 -24.81 -43.15
C LYS B 290 -57.98 -24.83 -44.65
N ARG B 291 -57.38 -23.76 -45.19
CA ARG B 291 -57.06 -23.66 -46.61
C ARG B 291 -55.67 -24.24 -46.86
N GLY B 292 -55.59 -25.54 -47.15
CA GLY B 292 -54.30 -26.07 -47.52
C GLY B 292 -53.42 -26.52 -46.38
N VAL B 293 -53.90 -27.47 -45.56
CA VAL B 293 -53.14 -27.95 -44.42
C VAL B 293 -52.75 -29.39 -44.72
N GLU B 294 -51.44 -29.67 -44.72
CA GLU B 294 -50.98 -31.05 -44.79
C GLU B 294 -50.23 -31.45 -43.52
N SER B 295 -49.06 -30.88 -43.26
CA SER B 295 -48.40 -30.97 -41.97
C SER B 295 -47.89 -29.58 -41.62
N VAL B 296 -47.41 -28.89 -42.66
CA VAL B 296 -46.81 -27.56 -42.57
C VAL B 296 -47.28 -26.78 -43.78
N SER B 297 -47.54 -25.50 -43.60
CA SER B 297 -47.86 -24.63 -44.72
C SER B 297 -46.58 -24.24 -45.46
N LYS B 298 -46.76 -23.52 -46.57
CA LYS B 298 -45.64 -23.03 -47.36
C LYS B 298 -45.07 -21.74 -46.80
N ILE B 299 -45.83 -21.04 -45.95
CA ILE B 299 -45.32 -19.83 -45.31
C ILE B 299 -44.14 -20.14 -44.40
N ASP B 300 -44.33 -21.06 -43.45
CA ASP B 300 -43.26 -21.40 -42.53
C ASP B 300 -42.05 -21.98 -43.25
N ARG B 301 -42.28 -22.76 -44.30
CA ARG B 301 -41.15 -23.37 -45.00
C ARG B 301 -40.23 -22.31 -45.59
N LEU B 302 -40.77 -21.14 -45.97
CA LEU B 302 -39.96 -20.04 -46.45
C LEU B 302 -39.67 -18.99 -45.40
N SER B 303 -40.59 -18.76 -44.45
CA SER B 303 -40.35 -17.76 -43.40
C SER B 303 -39.17 -18.12 -42.53
N ARG B 304 -38.90 -19.42 -42.34
CA ARG B 304 -37.71 -19.83 -41.60
C ARG B 304 -36.43 -19.37 -42.27
N ILE B 305 -36.47 -19.02 -43.55
CA ILE B 305 -35.32 -18.51 -44.28
C ILE B 305 -35.53 -17.07 -44.73
N ALA B 306 -36.75 -16.71 -45.12
CA ALA B 306 -37.01 -15.35 -45.59
C ALA B 306 -36.75 -14.32 -44.51
N PHE B 307 -37.27 -14.54 -43.31
CA PHE B 307 -37.10 -13.55 -42.24
C PHE B 307 -35.65 -13.36 -41.83
N PRO B 308 -34.87 -14.41 -41.52
CA PRO B 308 -33.47 -14.17 -41.12
C PRO B 308 -32.64 -13.53 -42.20
N LEU B 309 -32.77 -13.99 -43.45
CA LEU B 309 -32.00 -13.42 -44.54
C LEU B 309 -32.40 -11.97 -44.79
N LEU B 310 -33.70 -11.68 -44.77
CA LEU B 310 -34.15 -10.29 -44.90
C LEU B 310 -33.59 -9.43 -43.77
N PHE B 311 -33.60 -9.97 -42.55
CA PHE B 311 -33.05 -9.24 -41.41
C PHE B 311 -31.52 -9.19 -41.46
N GLY B 312 -30.89 -10.29 -41.88
CA GLY B 312 -29.44 -10.33 -41.91
C GLY B 312 -28.84 -9.29 -42.83
N ILE B 313 -29.35 -9.20 -44.06
CA ILE B 313 -28.82 -8.23 -45.01
C ILE B 313 -29.12 -6.80 -44.56
N PHE B 314 -30.19 -6.59 -43.79
CA PHE B 314 -30.50 -5.24 -43.32
C PHE B 314 -29.41 -4.76 -42.37
N ASN B 315 -29.03 -5.59 -41.39
CA ASN B 315 -27.96 -5.22 -40.49
C ASN B 315 -26.67 -4.92 -41.24
N LEU B 316 -26.44 -5.62 -42.34
CA LEU B 316 -25.25 -5.35 -43.15
C LEU B 316 -25.34 -3.97 -43.80
N VAL B 317 -26.52 -3.62 -44.32
CA VAL B 317 -26.71 -2.28 -44.87
C VAL B 317 -26.64 -1.23 -43.76
N TYR B 318 -27.16 -1.55 -42.59
CA TYR B 318 -27.18 -0.61 -41.47
C TYR B 318 -25.76 -0.31 -41.00
N TRP B 319 -25.02 -1.34 -40.59
CA TRP B 319 -23.71 -1.11 -39.99
C TRP B 319 -22.66 -0.72 -41.02
N ALA B 320 -22.84 -1.10 -42.29
CA ALA B 320 -21.96 -0.57 -43.34
C ALA B 320 -22.15 0.92 -43.49
N THR B 321 -23.40 1.38 -43.49
CA THR B 321 -23.68 2.79 -43.35
C THR B 321 -23.38 3.23 -41.92
N TYR B 322 -23.45 4.54 -41.68
CA TYR B 322 -23.30 5.11 -40.35
C TYR B 322 -21.91 4.83 -39.76
N LEU B 323 -21.04 4.20 -40.54
CA LEU B 323 -19.68 3.91 -40.10
C LEU B 323 -18.65 4.37 -41.12
N ARG C 10 17.54 29.74 -4.29
CA ARG C 10 16.64 30.88 -4.20
C ARG C 10 15.11 30.58 -4.14
N PRO C 11 14.63 29.45 -4.69
CA PRO C 11 13.19 29.16 -4.56
C PRO C 11 12.81 28.81 -3.14
N VAL C 12 11.64 29.28 -2.72
CA VAL C 12 11.19 29.09 -1.35
C VAL C 12 10.76 27.64 -1.16
N ASP C 13 11.48 26.93 -0.29
CA ASP C 13 11.10 25.57 0.06
C ASP C 13 9.87 25.57 0.95
N VAL C 14 8.84 24.85 0.54
CA VAL C 14 7.57 24.81 1.25
C VAL C 14 7.31 23.38 1.71
N SER C 15 7.21 23.19 3.03
CA SER C 15 6.84 21.91 3.60
C SER C 15 5.32 21.83 3.70
N VAL C 16 4.76 20.71 3.27
CA VAL C 16 3.31 20.54 3.18
C VAL C 16 2.90 19.28 3.92
N SER C 17 1.88 19.40 4.77
CA SER C 17 1.29 18.26 5.46
C SER C 17 -0.21 18.28 5.20
N ILE C 18 -0.76 17.12 4.88
CA ILE C 18 -2.18 16.98 4.55
C ILE C 18 -2.76 15.88 5.43
N PHE C 19 -3.85 16.20 6.13
CA PHE C 19 -4.54 15.25 6.98
C PHE C 19 -5.90 14.96 6.36
N ILE C 20 -6.12 13.72 5.96
CA ILE C 20 -7.36 13.30 5.34
C ILE C 20 -8.31 12.83 6.43
N ASN C 21 -9.41 13.55 6.61
CA ASN C 21 -10.35 13.24 7.68
C ASN C 21 -11.23 12.03 7.32
N LYS C 22 -11.71 11.98 6.08
CA LYS C 22 -12.59 10.90 5.63
C LYS C 22 -12.76 11.03 4.12
N ILE C 23 -12.95 9.88 3.47
CA ILE C 23 -13.28 9.81 2.05
C ILE C 23 -14.69 9.28 1.92
N TYR C 24 -15.52 9.99 1.16
CA TYR C 24 -16.93 9.67 1.06
C TYR C 24 -17.45 10.10 -0.30
N GLY C 25 -18.67 9.67 -0.60
CA GLY C 25 -19.33 10.07 -1.83
C GLY C 25 -18.65 9.57 -3.09
N VAL C 26 -18.18 8.33 -3.08
CA VAL C 26 -17.53 7.77 -4.27
C VAL C 26 -18.60 7.50 -5.33
N ASN C 27 -18.48 8.18 -6.47
CA ASN C 27 -19.43 8.05 -7.57
C ASN C 27 -18.68 7.49 -8.78
N THR C 28 -18.92 6.22 -9.09
CA THR C 28 -18.23 5.60 -10.22
C THR C 28 -18.70 6.16 -11.55
N LEU C 29 -19.94 6.67 -11.62
CA LEU C 29 -20.45 7.18 -12.88
C LEU C 29 -19.66 8.39 -13.34
N GLU C 30 -19.66 9.45 -12.54
CA GLU C 30 -18.89 10.64 -12.88
C GLU C 30 -17.41 10.48 -12.56
N GLN C 31 -17.01 9.35 -11.98
CA GLN C 31 -15.62 9.07 -11.62
C GLN C 31 -15.07 10.08 -10.61
N THR C 32 -15.95 10.61 -9.75
CA THR C 32 -15.57 11.55 -8.71
C THR C 32 -15.66 10.90 -7.34
N TYR C 33 -15.03 11.56 -6.37
CA TYR C 33 -15.04 11.14 -4.99
C TYR C 33 -14.72 12.35 -4.12
N LYS C 34 -15.40 12.47 -2.98
CA LYS C 34 -15.26 13.63 -2.12
C LYS C 34 -14.23 13.34 -1.03
N VAL C 35 -13.39 14.33 -0.76
CA VAL C 35 -12.33 14.22 0.23
C VAL C 35 -12.43 15.39 1.19
N ASP C 36 -12.47 15.11 2.48
CA ASP C 36 -12.50 16.12 3.53
C ASP C 36 -11.25 15.99 4.38
N GLY C 37 -10.66 17.12 4.75
CA GLY C 37 -9.48 17.08 5.59
C GLY C 37 -8.88 18.45 5.78
N TYR C 38 -7.73 18.45 6.44
CA TYR C 38 -6.98 19.65 6.75
C TYR C 38 -5.72 19.69 5.89
N ILE C 39 -5.19 20.90 5.70
CA ILE C 39 -3.96 21.10 4.96
C ILE C 39 -3.04 22.00 5.77
N VAL C 40 -1.74 21.75 5.67
CA VAL C 40 -0.73 22.51 6.38
C VAL C 40 0.39 22.83 5.40
N ALA C 41 0.70 24.11 5.24
CA ALA C 41 1.77 24.57 4.37
C ALA C 41 2.70 25.45 5.17
N GLN C 42 3.96 25.04 5.29
CA GLN C 42 4.94 25.74 6.12
C GLN C 42 6.12 26.15 5.27
N TRP C 43 6.54 27.41 5.41
CA TRP C 43 7.75 27.91 4.79
C TRP C 43 8.39 28.92 5.74
N THR C 44 9.70 29.06 5.65
CA THR C 44 10.45 29.96 6.51
C THR C 44 10.57 31.30 5.78
N GLY C 45 9.91 32.32 6.30
CA GLY C 45 9.87 33.63 5.68
C GLY C 45 10.79 34.63 6.35
N LYS C 46 10.50 35.89 6.11
CA LYS C 46 11.32 36.99 6.63
C LYS C 46 11.01 37.19 8.12
N PRO C 47 12.03 37.44 8.93
CA PRO C 47 11.79 37.58 10.37
C PRO C 47 10.84 38.72 10.68
N ARG C 48 10.12 38.59 11.78
CA ARG C 48 9.14 39.58 12.18
C ARG C 48 9.09 39.63 13.70
N LYS C 49 8.44 40.66 14.21
CA LYS C 49 8.31 40.87 15.65
C LYS C 49 6.85 40.61 16.03
N THR C 50 6.57 39.42 16.56
CA THR C 50 5.23 39.11 16.99
C THR C 50 4.93 39.75 18.33
N PRO C 51 3.66 39.99 18.63
CA PRO C 51 3.28 40.37 20.00
C PRO C 51 3.57 39.25 21.00
N GLY C 52 4.54 39.46 21.87
CA GLY C 52 5.03 38.40 22.73
C GLY C 52 5.82 37.35 21.99
N ASP C 53 6.57 36.51 22.73
CA ASP C 53 7.30 35.43 22.08
C ASP C 53 6.40 34.29 21.62
N LYS C 54 5.12 34.31 21.98
CA LYS C 54 4.20 33.29 21.51
C LYS C 54 4.02 33.43 20.00
N PRO C 55 3.73 32.33 19.30
CA PRO C 55 3.43 32.44 17.88
C PRO C 55 2.11 33.17 17.68
N LEU C 56 2.07 34.02 16.67
CA LEU C 56 0.87 34.79 16.41
C LEU C 56 -0.10 33.97 15.58
N ILE C 57 -1.34 33.90 16.02
CA ILE C 57 -2.38 33.09 15.39
C ILE C 57 -3.40 34.02 14.78
N VAL C 58 -3.65 33.86 13.48
CA VAL C 58 -4.57 34.70 12.74
C VAL C 58 -5.58 33.80 12.04
N GLU C 59 -6.88 34.12 12.22
CA GLU C 59 -7.95 33.27 11.71
C GLU C 59 -8.53 33.85 10.42
N ASN C 60 -9.69 33.31 10.00
CA ASN C 60 -10.18 33.45 8.64
C ASN C 60 -10.11 34.88 8.12
N THR C 61 -10.88 35.79 8.72
CA THR C 61 -10.96 37.14 8.19
C THR C 61 -9.67 37.93 8.41
N GLN C 62 -9.08 37.84 9.60
CA GLN C 62 -7.93 38.65 9.94
C GLN C 62 -6.72 38.40 9.04
N ILE C 63 -6.71 37.32 8.26
CA ILE C 63 -5.62 37.06 7.34
C ILE C 63 -5.58 38.10 6.23
N GLU C 64 -6.74 38.59 5.80
CA GLU C 64 -6.78 39.53 4.68
C GLU C 64 -6.01 40.81 4.98
N ARG C 65 -6.10 41.30 6.22
CA ARG C 65 -5.37 42.51 6.58
C ARG C 65 -3.86 42.28 6.53
N TRP C 66 -3.41 41.05 6.76
CA TRP C 66 -1.97 40.78 6.75
C TRP C 66 -1.43 40.74 5.32
N ILE C 67 -2.12 40.03 4.42
CA ILE C 67 -1.68 40.02 3.03
C ILE C 67 -1.85 41.40 2.41
N ASN C 68 -2.77 42.20 2.94
CA ASN C 68 -2.93 43.57 2.47
C ASN C 68 -1.73 44.44 2.84
N ASN C 69 -1.04 44.12 3.93
CA ASN C 69 0.15 44.83 4.36
C ASN C 69 1.42 44.28 3.74
N GLY C 70 1.30 43.53 2.64
CA GLY C 70 2.45 43.03 1.91
C GLY C 70 2.91 41.64 2.28
N LEU C 71 2.24 40.96 3.21
CA LEU C 71 2.63 39.61 3.54
C LEU C 71 2.43 38.70 2.34
N TRP C 72 3.34 37.75 2.18
CA TRP C 72 3.37 36.86 1.02
C TRP C 72 2.71 35.55 1.38
N VAL C 73 1.51 35.32 0.86
CA VAL C 73 0.80 34.06 1.07
C VAL C 73 0.48 33.50 -0.32
N PRO C 74 1.17 32.45 -0.75
CA PRO C 74 0.94 31.91 -2.09
C PRO C 74 -0.35 31.12 -2.15
N ALA C 75 -1.09 31.31 -3.24
CA ALA C 75 -2.32 30.56 -3.43
C ALA C 75 -1.99 29.14 -3.86
N LEU C 76 -2.58 28.18 -3.16
CA LEU C 76 -2.41 26.77 -3.48
C LEU C 76 -3.66 26.25 -4.16
N GLU C 77 -3.47 25.29 -5.07
CA GLU C 77 -4.49 24.91 -6.03
C GLU C 77 -4.58 23.40 -6.11
N PHE C 78 -5.79 22.87 -6.02
CA PHE C 78 -6.04 21.44 -6.27
C PHE C 78 -6.32 21.25 -7.76
N ILE C 79 -5.56 20.37 -8.39
CA ILE C 79 -5.69 20.17 -9.83
C ILE C 79 -6.90 19.29 -10.15
N ASN C 80 -6.92 18.09 -9.59
CA ASN C 80 -7.94 17.10 -9.92
C ASN C 80 -9.23 17.35 -9.13
N VAL C 81 -9.75 18.57 -9.26
CA VAL C 81 -10.99 18.96 -8.58
C VAL C 81 -12.05 19.23 -9.62
N VAL C 82 -13.30 19.01 -9.24
CA VAL C 82 -14.43 19.19 -10.16
C VAL C 82 -14.92 20.63 -10.18
N GLY C 83 -14.88 21.31 -9.04
CA GLY C 83 -15.26 22.70 -8.94
C GLY C 83 -14.52 23.32 -7.79
N SER C 84 -14.72 24.63 -7.62
CA SER C 84 -14.08 25.32 -6.51
C SER C 84 -14.45 24.62 -5.22
N PRO C 85 -13.48 24.03 -4.53
CA PRO C 85 -13.79 23.20 -3.35
C PRO C 85 -14.39 24.03 -2.23
N ASP C 86 -15.09 23.33 -1.34
CA ASP C 86 -15.76 23.97 -0.21
C ASP C 86 -14.69 24.24 0.84
N THR C 87 -14.19 25.47 0.85
CA THR C 87 -13.12 25.87 1.76
C THR C 87 -13.68 26.18 3.15
N GLY C 88 -13.11 25.56 4.17
CA GLY C 88 -13.56 25.78 5.53
C GLY C 88 -12.92 26.98 6.20
N ASN C 89 -12.35 26.76 7.39
CA ASN C 89 -11.71 27.83 8.16
C ASN C 89 -10.23 27.90 7.83
N LYS C 90 -9.71 29.11 7.71
CA LYS C 90 -8.31 29.36 7.40
C LYS C 90 -7.61 30.00 8.58
N ARG C 91 -6.37 29.59 8.84
CA ARG C 91 -5.60 30.17 9.93
C ARG C 91 -4.19 30.44 9.46
N LEU C 92 -3.52 31.36 10.14
CA LEU C 92 -2.14 31.73 9.85
C LEU C 92 -1.34 31.77 11.13
N MET C 93 -0.24 31.02 11.17
CA MET C 93 0.71 31.09 12.28
C MET C 93 1.90 31.93 11.83
N LEU C 94 2.06 33.10 12.45
CA LEU C 94 3.17 34.00 12.17
C LEU C 94 4.18 33.91 13.30
N PHE C 95 5.35 33.36 13.01
CA PHE C 95 6.44 33.16 13.95
C PHE C 95 7.41 34.34 13.90
N PRO C 96 8.13 34.60 15.00
CA PRO C 96 9.10 35.71 14.98
C PRO C 96 10.32 35.43 14.13
N ASP C 97 10.77 34.18 14.08
CA ASP C 97 11.92 33.81 13.25
C ASP C 97 11.62 33.84 11.76
N GLY C 98 10.38 34.13 11.35
CA GLY C 98 10.03 34.32 9.96
C GLY C 98 9.11 33.26 9.40
N ARG C 99 9.17 32.05 9.92
CA ARG C 99 8.40 30.95 9.33
C ARG C 99 6.90 31.23 9.39
N VAL C 100 6.24 31.06 8.26
CA VAL C 100 4.81 31.26 8.13
C VAL C 100 4.15 29.90 7.95
N ILE C 101 2.95 29.75 8.49
CA ILE C 101 2.23 28.48 8.49
C ILE C 101 0.79 28.75 8.07
N TYR C 102 0.38 28.15 6.96
CA TYR C 102 -0.97 28.28 6.44
C TYR C 102 -1.70 26.96 6.65
N ASN C 103 -2.73 26.99 7.48
CA ASN C 103 -3.50 25.80 7.82
C ASN C 103 -4.97 26.07 7.56
N ALA C 104 -5.63 25.15 6.87
CA ALA C 104 -7.04 25.31 6.54
C ALA C 104 -7.66 23.95 6.24
N ARG C 105 -8.99 23.91 6.32
CA ARG C 105 -9.75 22.71 6.01
C ARG C 105 -10.34 22.83 4.61
N PHE C 106 -10.33 21.73 3.88
CA PHE C 106 -10.83 21.69 2.51
C PHE C 106 -11.77 20.51 2.35
N LEU C 107 -12.89 20.74 1.66
CA LEU C 107 -13.83 19.68 1.29
C LEU C 107 -14.14 19.86 -0.18
N GLY C 108 -13.59 18.99 -1.01
CA GLY C 108 -13.71 19.13 -2.45
C GLY C 108 -14.10 17.84 -3.12
N SER C 109 -14.73 17.98 -4.27
CA SER C 109 -15.11 16.83 -5.10
C SER C 109 -13.99 16.61 -6.10
N PHE C 110 -13.23 15.54 -5.90
CA PHE C 110 -12.04 15.27 -6.70
C PHE C 110 -12.34 14.25 -7.78
N SER C 111 -11.47 14.21 -8.78
CA SER C 111 -11.63 13.33 -9.93
C SER C 111 -10.32 12.62 -10.23
N ASN C 112 -10.43 11.47 -10.88
CA ASN C 112 -9.24 10.72 -11.30
C ASN C 112 -9.66 9.74 -12.39
N ASP C 113 -8.78 9.53 -13.36
CA ASP C 113 -9.03 8.55 -14.40
C ASP C 113 -9.09 7.14 -13.81
N MET C 114 -10.12 6.39 -14.20
CA MET C 114 -10.36 5.06 -13.65
C MET C 114 -10.58 4.06 -14.79
N ASP C 115 -10.04 2.86 -14.62
CA ASP C 115 -10.15 1.78 -15.60
C ASP C 115 -11.08 0.72 -15.04
N PHE C 116 -12.16 0.43 -15.76
CA PHE C 116 -13.21 -0.45 -15.26
C PHE C 116 -13.25 -1.79 -15.98
N ARG C 117 -12.12 -2.22 -16.56
CA ARG C 117 -12.12 -3.50 -17.25
C ARG C 117 -12.34 -4.67 -16.31
N LEU C 118 -12.01 -4.52 -15.03
CA LEU C 118 -12.15 -5.61 -14.07
C LEU C 118 -13.30 -5.39 -13.09
N PHE C 119 -14.37 -4.75 -13.54
CA PHE C 119 -15.56 -4.60 -12.72
C PHE C 119 -16.08 -5.99 -12.33
N PRO C 120 -16.36 -6.26 -11.05
CA PRO C 120 -16.19 -5.42 -9.86
C PRO C 120 -14.92 -5.70 -9.09
N PHE C 121 -13.99 -6.43 -9.70
CA PHE C 121 -12.73 -6.75 -9.04
C PHE C 121 -11.66 -5.69 -9.28
N ASP C 122 -12.08 -4.49 -9.69
CA ASP C 122 -11.11 -3.47 -10.05
C ASP C 122 -10.45 -2.90 -8.81
N ARG C 123 -9.25 -2.35 -8.99
CA ARG C 123 -8.55 -1.61 -7.96
C ARG C 123 -8.32 -0.19 -8.49
N GLN C 124 -8.60 0.81 -7.66
CA GLN C 124 -8.53 2.20 -8.09
C GLN C 124 -7.76 3.02 -7.06
N GLN C 125 -7.40 4.24 -7.47
CA GLN C 125 -6.59 5.13 -6.65
C GLN C 125 -7.32 6.45 -6.45
N PHE C 126 -7.52 6.82 -5.19
CA PHE C 126 -8.12 8.10 -4.82
C PHE C 126 -6.99 9.12 -4.68
N VAL C 127 -6.87 10.02 -5.65
CA VAL C 127 -5.71 10.87 -5.84
C VAL C 127 -6.05 12.31 -5.48
N LEU C 128 -5.10 12.99 -4.85
CA LEU C 128 -5.16 14.44 -4.63
C LEU C 128 -3.96 15.06 -5.35
N GLU C 129 -4.23 16.02 -6.22
CA GLU C 129 -3.19 16.69 -7.00
C GLU C 129 -3.11 18.14 -6.54
N LEU C 130 -2.12 18.42 -5.71
CA LEU C 130 -1.91 19.76 -5.15
C LEU C 130 -0.70 20.40 -5.82
N GLU C 131 -0.83 21.68 -6.14
CA GLU C 131 0.17 22.42 -6.89
C GLU C 131 -0.15 23.91 -6.80
N PRO C 132 0.84 24.77 -6.64
CA PRO C 132 0.57 26.18 -6.38
C PRO C 132 0.16 26.91 -7.66
N PHE C 133 -0.20 28.18 -7.48
CA PHE C 133 -0.57 29.07 -8.58
C PHE C 133 0.33 30.30 -8.57
N SER C 134 0.66 30.79 -9.77
CA SER C 134 1.40 32.03 -10.00
C SER C 134 2.88 31.94 -9.67
N TYR C 135 3.34 30.83 -9.10
CA TYR C 135 4.71 30.70 -8.63
C TYR C 135 5.28 29.39 -9.16
N ASN C 136 6.29 29.50 -10.03
CA ASN C 136 6.87 28.34 -10.70
C ASN C 136 7.85 27.63 -9.75
N ASN C 137 8.57 26.64 -10.29
CA ASN C 137 9.53 25.90 -9.47
C ASN C 137 10.78 26.71 -9.16
N GLN C 138 11.07 27.75 -9.94
CA GLN C 138 12.18 28.63 -9.63
C GLN C 138 11.85 29.58 -8.49
N GLN C 139 10.58 29.76 -8.18
CA GLN C 139 10.13 30.65 -7.09
C GLN C 139 9.60 29.90 -5.89
N LEU C 140 8.88 28.79 -6.08
CA LEU C 140 8.33 28.02 -4.97
C LEU C 140 8.50 26.53 -5.28
N ARG C 141 9.08 25.81 -4.33
CA ARG C 141 9.33 24.38 -4.46
C ARG C 141 8.75 23.66 -3.26
N PHE C 142 8.16 22.49 -3.49
CA PHE C 142 7.67 21.68 -2.39
C PHE C 142 8.82 20.87 -1.82
N SER C 143 9.18 21.14 -0.56
CA SER C 143 10.30 20.44 0.06
C SER C 143 9.95 18.97 0.34
N ASP C 144 8.90 18.75 1.13
CA ASP C 144 8.48 17.40 1.47
C ASP C 144 6.99 17.39 1.68
N ILE C 145 6.42 16.18 1.68
CA ILE C 145 4.99 15.98 1.85
C ILE C 145 4.79 14.83 2.83
N GLN C 146 3.89 15.03 3.79
CA GLN C 146 3.55 14.02 4.78
C GLN C 146 2.04 13.90 4.89
N VAL C 147 1.53 12.70 4.66
CA VAL C 147 0.09 12.42 4.66
C VAL C 147 -0.24 11.61 5.89
N TYR C 148 -0.86 12.24 6.88
CA TYR C 148 -1.24 11.56 8.13
C TYR C 148 -2.68 11.06 8.04
N THR C 149 -2.89 10.19 7.05
CA THR C 149 -4.22 9.69 6.73
C THR C 149 -4.66 8.54 7.64
N GLU C 150 -3.71 7.79 8.20
CA GLU C 150 -4.04 6.48 8.76
C GLU C 150 -5.00 6.58 9.94
N ASN C 151 -4.76 7.54 10.85
CA ASN C 151 -5.58 7.74 12.05
C ASN C 151 -7.07 7.46 11.85
N ILE C 152 -7.61 7.82 10.69
CA ILE C 152 -9.01 7.55 10.38
C ILE C 152 -9.17 6.75 9.08
N ASP C 153 -8.11 6.07 8.64
CA ASP C 153 -8.13 5.39 7.35
C ASP C 153 -7.22 4.17 7.43
N ASN C 154 -6.84 3.66 6.25
CA ASN C 154 -6.00 2.49 5.99
C ASN C 154 -6.65 1.19 6.47
N GLU C 155 -7.83 1.28 7.09
CA GLU C 155 -8.61 0.08 7.41
C GLU C 155 -9.56 -0.28 6.27
N GLU C 156 -10.50 0.60 5.98
CA GLU C 156 -11.56 0.38 4.99
C GLU C 156 -12.46 1.62 4.99
N ILE C 157 -13.20 1.78 3.90
CA ILE C 157 -14.24 2.80 3.83
C ILE C 157 -15.57 2.12 3.54
N ASP C 158 -16.61 2.93 3.34
CA ASP C 158 -17.98 2.44 3.22
C ASP C 158 -18.20 1.47 2.05
N GLU C 159 -18.05 1.93 0.82
CA GLU C 159 -18.29 1.10 -0.35
C GLU C 159 -17.02 0.51 -0.94
N TRP C 160 -15.85 0.78 -0.37
CA TRP C 160 -14.58 0.30 -0.90
C TRP C 160 -13.73 -0.20 0.26
N TRP C 161 -12.58 -0.77 -0.08
CA TRP C 161 -11.60 -1.23 0.89
C TRP C 161 -10.30 -0.48 0.66
N ILE C 162 -9.90 0.32 1.64
CA ILE C 162 -8.59 1.00 1.58
C ILE C 162 -7.53 -0.02 2.00
N ARG C 163 -6.56 -0.25 1.12
CA ARG C 163 -5.53 -1.26 1.35
C ARG C 163 -4.17 -0.59 1.30
N GLY C 164 -3.60 -0.33 2.47
CA GLY C 164 -2.30 0.30 2.59
C GLY C 164 -2.41 1.78 2.95
N LYS C 165 -1.27 2.33 3.34
CA LYS C 165 -1.18 3.74 3.69
C LYS C 165 -1.13 4.57 2.42
N ALA C 166 -0.92 5.87 2.60
CA ALA C 166 -0.89 6.78 1.47
C ALA C 166 0.46 6.69 0.76
N SER C 167 0.48 7.20 -0.47
CA SER C 167 1.69 7.27 -1.29
C SER C 167 1.92 8.72 -1.64
N THR C 168 3.11 9.21 -1.35
CA THR C 168 3.45 10.61 -1.58
C THR C 168 4.32 10.72 -2.82
N HIS C 169 4.08 11.78 -3.60
CA HIS C 169 4.88 12.01 -4.79
C HIS C 169 5.02 13.50 -5.02
N ILE C 170 6.25 13.95 -5.20
CA ILE C 170 6.55 15.32 -5.59
C ILE C 170 7.17 15.27 -6.98
N SER C 171 6.63 16.06 -7.90
CA SER C 171 7.08 16.04 -9.28
C SER C 171 7.13 17.46 -9.80
N ASP C 172 7.68 17.61 -11.00
CA ASP C 172 7.73 18.88 -11.69
C ASP C 172 6.91 18.76 -12.96
N ILE C 173 5.91 19.63 -13.11
CA ILE C 173 5.00 19.59 -14.23
C ILE C 173 5.33 20.77 -15.13
N ARG C 174 5.42 20.50 -16.43
CA ARG C 174 5.79 21.49 -17.43
C ARG C 174 4.56 21.93 -18.21
N TYR C 175 4.15 23.19 -17.99
CA TYR C 175 3.03 23.79 -18.72
C TYR C 175 3.57 24.60 -19.89
N ASP C 176 3.18 24.21 -21.10
CA ASP C 176 3.67 24.89 -22.28
C ASP C 176 3.04 26.26 -22.50
N HIS C 177 1.90 26.54 -21.86
CA HIS C 177 1.20 27.80 -22.11
C HIS C 177 1.81 28.99 -21.39
N LEU C 178 2.88 28.80 -20.61
CA LEU C 178 3.62 29.92 -20.04
C LEU C 178 4.92 30.21 -20.78
N SER C 179 5.26 29.42 -21.81
CA SER C 179 6.49 29.67 -22.55
C SER C 179 6.50 31.04 -23.22
N SER C 180 5.34 31.48 -23.71
CA SER C 180 5.25 32.81 -24.32
C SER C 180 5.48 33.92 -23.31
N VAL C 181 5.36 33.63 -22.02
CA VAL C 181 5.49 34.64 -20.99
C VAL C 181 6.60 34.33 -20.00
N GLN C 182 7.01 33.07 -19.86
CA GLN C 182 8.09 32.68 -18.95
C GLN C 182 8.96 31.69 -19.71
N PRO C 183 9.97 32.17 -20.44
CA PRO C 183 10.82 31.27 -21.21
C PRO C 183 11.68 30.41 -20.29
N ASN C 184 11.53 29.10 -20.40
CA ASN C 184 12.24 28.09 -19.63
C ASN C 184 11.85 28.13 -18.16
N GLN C 185 10.95 29.02 -17.75
CA GLN C 185 10.51 29.17 -16.37
C GLN C 185 9.06 28.70 -16.22
N ASN C 186 8.67 27.64 -16.91
CA ASN C 186 7.28 27.20 -16.99
C ASN C 186 7.11 25.82 -16.35
N GLU C 187 7.80 25.58 -15.24
CA GLU C 187 7.69 24.32 -14.51
C GLU C 187 7.20 24.59 -13.10
N PHE C 188 6.23 23.81 -12.65
CA PHE C 188 5.62 23.97 -11.34
C PHE C 188 5.85 22.73 -10.50
N SER C 189 6.12 22.93 -9.21
CA SER C 189 6.27 21.83 -8.28
C SER C 189 4.89 21.28 -7.93
N ARG C 190 4.73 19.97 -8.02
CA ARG C 190 3.43 19.35 -7.80
C ARG C 190 3.52 18.24 -6.77
N ILE C 191 2.66 18.30 -5.75
CA ILE C 191 2.48 17.23 -4.78
C ILE C 191 1.31 16.36 -5.21
N THR C 192 1.48 15.05 -5.15
CA THR C 192 0.44 14.09 -5.52
C THR C 192 0.30 13.06 -4.41
N VAL C 193 -0.93 12.85 -3.95
CA VAL C 193 -1.22 11.92 -2.86
C VAL C 193 -2.19 10.88 -3.39
N ARG C 194 -1.80 9.61 -3.31
CA ARG C 194 -2.58 8.50 -3.84
C ARG C 194 -2.95 7.53 -2.72
N ILE C 195 -4.18 7.02 -2.76
CA ILE C 195 -4.66 6.01 -1.82
C ILE C 195 -5.26 4.88 -2.65
N ASP C 196 -4.59 3.72 -2.62
CA ASP C 196 -5.11 2.55 -3.33
C ASP C 196 -6.36 2.03 -2.64
N ALA C 197 -7.28 1.50 -3.44
CA ALA C 197 -8.53 0.98 -2.91
C ALA C 197 -9.05 -0.13 -3.81
N VAL C 198 -9.77 -1.06 -3.22
CA VAL C 198 -10.36 -2.18 -3.94
C VAL C 198 -11.87 -2.15 -3.70
N ARG C 199 -12.61 -2.72 -4.63
CA ARG C 199 -14.06 -2.69 -4.54
C ARG C 199 -14.56 -3.89 -3.75
N LYS C 200 -15.74 -3.75 -3.17
CA LYS C 200 -16.37 -4.79 -2.37
C LYS C 200 -17.45 -5.44 -3.22
N ILE C 201 -17.21 -6.69 -3.64
CA ILE C 201 -18.10 -7.36 -4.58
C ILE C 201 -19.38 -7.86 -3.94
N GLY C 202 -19.55 -7.70 -2.63
CA GLY C 202 -20.73 -8.24 -1.97
C GLY C 202 -22.02 -7.74 -2.58
N TYR C 203 -22.12 -6.43 -2.80
CA TYR C 203 -23.33 -5.86 -3.36
C TYR C 203 -23.64 -6.45 -4.73
N PHE C 204 -22.61 -6.67 -5.55
CA PHE C 204 -22.85 -7.15 -6.91
C PHE C 204 -23.13 -8.64 -6.98
N VAL C 205 -22.62 -9.41 -6.02
CA VAL C 205 -22.94 -10.83 -5.97
C VAL C 205 -24.44 -11.03 -5.76
N ILE C 206 -25.04 -10.26 -4.85
CA ILE C 206 -26.45 -10.41 -4.54
C ILE C 206 -27.33 -9.76 -5.59
N GLN C 207 -26.87 -8.68 -6.22
CA GLN C 207 -27.73 -7.93 -7.12
C GLN C 207 -27.73 -8.52 -8.53
N THR C 208 -26.58 -8.97 -9.04
CA THR C 208 -26.51 -9.49 -10.40
C THR C 208 -26.03 -10.94 -10.46
N TYR C 209 -24.93 -11.27 -9.78
CA TYR C 209 -24.31 -12.58 -9.95
C TYR C 209 -25.26 -13.70 -9.52
N LEU C 210 -25.69 -13.68 -8.26
CA LEU C 210 -26.62 -14.69 -7.78
C LEU C 210 -27.90 -14.73 -8.61
N PRO C 211 -28.56 -13.60 -8.93
CA PRO C 211 -29.70 -13.69 -9.85
C PRO C 211 -29.34 -14.24 -11.22
N CYS C 212 -28.15 -13.96 -11.73
CA CYS C 212 -27.74 -14.57 -12.99
C CYS C 212 -27.57 -16.07 -12.85
N ILE C 213 -26.96 -16.52 -11.74
CA ILE C 213 -26.69 -17.95 -11.56
C ILE C 213 -27.99 -18.72 -11.44
N MET C 214 -28.85 -18.32 -10.50
CA MET C 214 -30.12 -19.02 -10.32
C MET C 214 -31.00 -18.94 -11.57
N THR C 215 -30.84 -17.89 -12.38
CA THR C 215 -31.57 -17.85 -13.65
C THR C 215 -31.09 -18.95 -14.59
N VAL C 216 -29.78 -19.16 -14.67
CA VAL C 216 -29.25 -20.28 -15.44
C VAL C 216 -29.76 -21.59 -14.88
N ILE C 217 -29.75 -21.73 -13.55
CA ILE C 217 -30.31 -22.92 -12.92
C ILE C 217 -31.78 -23.06 -13.29
N LEU C 218 -32.53 -21.95 -13.27
CA LEU C 218 -33.93 -22.01 -13.67
C LEU C 218 -34.07 -22.37 -15.15
N SER C 219 -33.14 -21.92 -15.99
CA SER C 219 -33.21 -22.22 -17.41
C SER C 219 -33.03 -23.70 -17.68
N GLN C 220 -32.25 -24.39 -16.86
CA GLN C 220 -31.90 -25.78 -17.12
C GLN C 220 -32.95 -26.77 -16.63
N VAL C 221 -33.94 -26.32 -15.85
CA VAL C 221 -35.03 -27.19 -15.44
C VAL C 221 -35.87 -27.62 -16.64
N SER C 222 -35.85 -26.85 -17.72
CA SER C 222 -36.62 -27.20 -18.92
C SER C 222 -36.24 -28.57 -19.46
N PHE C 223 -34.99 -28.98 -19.30
CA PHE C 223 -34.58 -30.29 -19.80
C PHE C 223 -35.33 -31.41 -19.10
N TRP C 224 -35.58 -31.26 -17.80
CA TRP C 224 -36.14 -32.31 -16.97
C TRP C 224 -37.65 -32.45 -17.10
N LEU C 225 -38.29 -31.92 -18.13
CA LEU C 225 -39.74 -32.04 -18.19
C LEU C 225 -40.15 -33.26 -19.01
N ASN C 226 -39.99 -33.17 -20.34
CA ASN C 226 -40.20 -34.24 -21.31
C ASN C 226 -40.06 -33.63 -22.70
N ARG C 227 -40.35 -34.39 -23.74
CA ARG C 227 -40.86 -33.72 -24.94
C ARG C 227 -42.31 -33.32 -24.64
N GLU C 228 -42.48 -32.53 -23.60
CA GLU C 228 -43.74 -32.34 -22.90
C GLU C 228 -44.50 -31.18 -23.51
N SER C 229 -45.49 -30.65 -22.78
CA SER C 229 -46.22 -29.47 -23.19
C SER C 229 -45.27 -28.40 -23.67
N VAL C 230 -45.35 -28.07 -24.97
CA VAL C 230 -44.48 -27.04 -25.53
C VAL C 230 -44.62 -25.71 -24.80
N PRO C 231 -45.82 -25.27 -24.39
CA PRO C 231 -45.90 -24.04 -23.58
C PRO C 231 -44.94 -24.01 -22.40
N ALA C 232 -44.85 -25.11 -21.65
CA ALA C 232 -44.00 -25.13 -20.46
C ALA C 232 -42.55 -24.85 -20.82
N ARG C 233 -41.95 -25.70 -21.66
CA ARG C 233 -40.54 -25.53 -21.99
C ARG C 233 -40.26 -24.24 -22.76
N THR C 234 -41.28 -23.67 -23.41
CA THR C 234 -41.10 -22.35 -24.00
C THR C 234 -41.20 -21.26 -22.95
N VAL C 235 -42.16 -21.38 -22.03
CA VAL C 235 -42.23 -20.44 -20.91
C VAL C 235 -40.91 -20.42 -20.16
N PHE C 236 -40.33 -21.60 -19.91
CA PHE C 236 -38.98 -21.65 -19.33
C PHE C 236 -37.99 -20.92 -20.22
N GLY C 237 -38.08 -21.11 -21.54
CA GLY C 237 -37.15 -20.51 -22.47
C GLY C 237 -37.23 -18.99 -22.56
N VAL C 238 -38.41 -18.46 -22.90
CA VAL C 238 -38.51 -17.03 -23.17
C VAL C 238 -38.32 -16.22 -21.88
N THR C 239 -38.89 -16.69 -20.77
CA THR C 239 -38.74 -15.96 -19.50
C THR C 239 -37.28 -15.88 -19.07
N THR C 240 -36.55 -16.99 -19.18
CA THR C 240 -35.15 -16.96 -18.78
C THR C 240 -34.33 -16.11 -19.74
N VAL C 241 -34.64 -16.15 -21.03
CA VAL C 241 -33.91 -15.32 -21.99
C VAL C 241 -34.17 -13.85 -21.74
N LEU C 242 -35.43 -13.47 -21.59
CA LEU C 242 -35.76 -12.07 -21.30
C LEU C 242 -35.20 -11.63 -19.96
N THR C 243 -35.32 -12.49 -18.94
CA THR C 243 -34.75 -12.17 -17.63
C THR C 243 -33.25 -11.92 -17.74
N MET C 244 -32.54 -12.81 -18.43
CA MET C 244 -31.10 -12.62 -18.60
C MET C 244 -30.82 -11.38 -19.45
N THR C 245 -31.73 -11.01 -20.34
CA THR C 245 -31.55 -9.80 -21.15
C THR C 245 -31.62 -8.54 -20.30
N THR C 246 -32.61 -8.47 -19.40
CA THR C 246 -32.74 -7.29 -18.54
C THR C 246 -31.57 -7.17 -17.60
N LEU C 247 -31.08 -8.28 -17.06
CA LEU C 247 -29.93 -8.23 -16.15
C LEU C 247 -28.69 -7.72 -16.86
N SER C 248 -28.53 -8.02 -18.15
CA SER C 248 -27.40 -7.47 -18.90
C SER C 248 -27.46 -5.96 -18.97
N ILE C 249 -28.66 -5.39 -19.01
CA ILE C 249 -28.80 -3.94 -19.05
C ILE C 249 -28.64 -3.33 -17.66
N SER C 250 -29.43 -3.83 -16.71
CA SER C 250 -29.44 -3.26 -15.36
C SER C 250 -28.09 -3.39 -14.67
N ALA C 251 -27.23 -4.31 -15.11
CA ALA C 251 -25.94 -4.46 -14.47
C ALA C 251 -24.99 -3.32 -14.80
N ARG C 252 -25.25 -2.60 -15.89
CA ARG C 252 -24.37 -1.53 -16.34
C ARG C 252 -24.87 -0.14 -15.96
N ASN C 253 -26.06 -0.02 -15.37
CA ASN C 253 -26.55 1.28 -14.95
C ASN C 253 -25.68 1.92 -13.86
N SER C 254 -24.80 1.14 -13.23
CA SER C 254 -23.84 1.66 -12.26
C SER C 254 -22.48 1.96 -12.88
N LEU C 255 -22.42 2.14 -14.19
CA LEU C 255 -21.16 2.37 -14.89
C LEU C 255 -21.31 3.49 -15.90
N PRO C 256 -20.24 4.23 -16.15
CA PRO C 256 -20.27 5.23 -17.24
C PRO C 256 -20.33 4.55 -18.61
N LYS C 257 -20.63 5.38 -19.62
CA LYS C 257 -20.82 4.89 -20.99
C LYS C 257 -19.46 4.61 -21.65
N VAL C 258 -18.72 3.67 -21.07
CA VAL C 258 -17.41 3.30 -21.59
C VAL C 258 -17.58 2.34 -22.75
N ALA C 259 -16.50 2.11 -23.50
CA ALA C 259 -16.53 1.24 -24.67
C ALA C 259 -16.11 -0.19 -24.35
N TYR C 260 -15.05 -0.37 -23.57
CA TYR C 260 -14.54 -1.69 -23.28
C TYR C 260 -15.56 -2.51 -22.48
N ALA C 261 -15.41 -3.84 -22.56
CA ALA C 261 -16.29 -4.74 -21.86
C ALA C 261 -15.68 -5.14 -20.52
N THR C 262 -16.52 -5.25 -19.50
CA THR C 262 -16.06 -5.53 -18.15
C THR C 262 -16.12 -7.03 -17.87
N ALA C 263 -15.49 -7.41 -16.76
CA ALA C 263 -15.57 -8.79 -16.31
C ALA C 263 -17.00 -9.18 -15.97
N MET C 264 -17.80 -8.22 -15.51
CA MET C 264 -19.22 -8.46 -15.32
C MET C 264 -19.92 -8.66 -16.66
N ASP C 265 -19.49 -7.96 -17.71
CA ASP C 265 -20.09 -8.15 -19.02
C ASP C 265 -19.83 -9.55 -19.56
N TRP C 266 -18.57 -9.97 -19.54
CA TRP C 266 -18.22 -11.30 -20.03
C TRP C 266 -18.99 -12.38 -19.27
N PHE C 267 -19.16 -12.21 -17.96
CA PHE C 267 -19.90 -13.20 -17.19
C PHE C 267 -21.36 -13.26 -17.61
N ILE C 268 -21.93 -12.11 -17.97
CA ILE C 268 -23.33 -12.09 -18.38
C ILE C 268 -23.48 -12.73 -19.75
N ALA C 269 -22.56 -12.42 -20.67
CA ALA C 269 -22.61 -12.99 -22.00
C ALA C 269 -22.58 -14.51 -21.95
N VAL C 270 -21.74 -15.06 -21.07
CA VAL C 270 -21.72 -16.51 -20.89
C VAL C 270 -23.04 -17.00 -20.30
N CYS C 271 -23.48 -16.37 -19.21
CA CYS C 271 -24.78 -16.70 -18.65
C CYS C 271 -25.91 -16.51 -19.67
N TYR C 272 -25.73 -15.59 -20.61
CA TYR C 272 -26.72 -15.44 -21.67
C TYR C 272 -26.71 -16.67 -22.57
N ALA C 273 -25.53 -17.23 -22.83
CA ALA C 273 -25.44 -18.36 -23.74
C ALA C 273 -26.18 -19.57 -23.19
N PHE C 274 -25.89 -19.93 -21.93
CA PHE C 274 -26.49 -21.15 -21.35
C PHE C 274 -28.01 -21.07 -21.36
N VAL C 275 -28.56 -19.90 -21.08
CA VAL C 275 -30.01 -19.72 -21.12
C VAL C 275 -30.51 -19.82 -22.55
N PHE C 276 -29.86 -19.11 -23.47
CA PHE C 276 -30.29 -19.12 -24.87
C PHE C 276 -30.00 -20.47 -25.53
N SER C 277 -28.87 -21.09 -25.17
CA SER C 277 -28.56 -22.41 -25.71
C SER C 277 -29.59 -23.43 -25.27
N ALA C 278 -30.04 -23.34 -24.01
CA ALA C 278 -31.07 -24.26 -23.53
C ALA C 278 -32.34 -24.13 -24.34
N LEU C 279 -32.69 -22.91 -24.75
CA LEU C 279 -33.88 -22.73 -25.59
C LEU C 279 -33.67 -23.33 -26.97
N ILE C 280 -32.55 -23.01 -27.62
CA ILE C 280 -32.28 -23.59 -28.92
C ILE C 280 -32.19 -25.10 -28.81
N GLU C 281 -31.62 -25.61 -27.73
CA GLU C 281 -31.57 -27.05 -27.51
C GLU C 281 -32.98 -27.63 -27.52
N PHE C 282 -33.90 -27.02 -26.75
CA PHE C 282 -35.29 -27.44 -26.80
C PHE C 282 -35.89 -27.21 -28.18
N ALA C 283 -35.62 -26.05 -28.77
CA ALA C 283 -36.13 -25.78 -30.12
C ALA C 283 -35.61 -26.81 -31.11
N THR C 284 -34.44 -27.41 -30.84
CA THR C 284 -33.94 -28.47 -31.69
C THR C 284 -34.77 -29.75 -31.52
N VAL C 285 -34.95 -30.19 -30.27
CA VAL C 285 -35.71 -31.42 -30.04
C VAL C 285 -37.16 -31.27 -30.42
N ASN C 286 -37.67 -30.04 -30.52
CA ASN C 286 -39.02 -29.85 -31.02
C ASN C 286 -39.07 -30.05 -32.53
N TYR C 287 -37.96 -29.80 -33.23
CA TYR C 287 -37.89 -30.10 -34.65
C TYR C 287 -37.77 -31.60 -34.93
N PHE C 288 -37.42 -32.39 -33.92
CA PHE C 288 -37.28 -33.84 -34.08
C PHE C 288 -38.33 -34.60 -33.29
N THR C 289 -39.56 -34.08 -33.22
CA THR C 289 -40.60 -34.78 -32.47
C THR C 289 -41.09 -36.01 -33.21
N LYS C 290 -41.00 -36.03 -34.53
CA LYS C 290 -41.37 -37.21 -35.32
C LYS C 290 -40.20 -37.93 -35.97
N ARG C 291 -39.13 -37.20 -36.30
CA ARG C 291 -37.95 -37.78 -36.94
C ARG C 291 -37.01 -38.27 -35.85
N GLY C 292 -37.14 -39.53 -35.46
CA GLY C 292 -36.26 -40.10 -34.47
C GLY C 292 -36.78 -39.90 -33.06
N VAL C 293 -38.01 -40.35 -32.80
CA VAL C 293 -38.68 -40.18 -31.52
C VAL C 293 -38.91 -41.54 -30.88
N GLU C 294 -38.42 -41.72 -29.66
CA GLU C 294 -38.85 -42.84 -28.83
C GLU C 294 -39.59 -42.35 -27.59
N SER C 295 -38.92 -41.70 -26.65
CA SER C 295 -39.63 -41.00 -25.57
C SER C 295 -39.01 -39.63 -25.37
N VAL C 296 -37.69 -39.59 -25.45
CA VAL C 296 -36.89 -38.40 -25.19
C VAL C 296 -35.75 -38.39 -26.19
N SER C 297 -35.38 -37.20 -26.63
CA SER C 297 -34.17 -37.04 -27.43
C SER C 297 -33.00 -37.14 -26.47
N LYS C 298 -32.18 -38.19 -26.63
CA LYS C 298 -31.02 -38.44 -25.79
C LYS C 298 -30.21 -37.18 -25.54
N ILE C 299 -30.41 -36.16 -26.39
CA ILE C 299 -29.82 -34.85 -26.14
C ILE C 299 -30.30 -34.29 -24.80
N ASP C 300 -31.63 -34.27 -24.60
CA ASP C 300 -32.14 -33.83 -23.31
C ASP C 300 -31.66 -34.76 -22.20
N ARG C 301 -31.61 -36.06 -22.49
CA ARG C 301 -31.16 -37.02 -21.47
C ARG C 301 -29.71 -36.76 -21.09
N LEU C 302 -28.91 -36.24 -22.01
CA LEU C 302 -27.52 -35.89 -21.73
C LEU C 302 -27.32 -34.41 -21.38
N SER C 303 -28.15 -33.52 -21.93
CA SER C 303 -28.04 -32.10 -21.61
C SER C 303 -28.28 -31.84 -20.13
N ARG C 304 -29.08 -32.67 -19.48
CA ARG C 304 -29.27 -32.54 -18.03
C ARG C 304 -27.96 -32.68 -17.27
N ILE C 305 -26.93 -33.20 -17.90
CA ILE C 305 -25.62 -33.34 -17.29
C ILE C 305 -24.58 -32.45 -17.97
N ALA C 306 -24.66 -32.31 -19.29
CA ALA C 306 -23.68 -31.52 -20.03
C ALA C 306 -23.69 -30.06 -19.61
N PHE C 307 -24.88 -29.44 -19.57
CA PHE C 307 -24.94 -28.01 -19.26
C PHE C 307 -24.48 -27.69 -17.85
N PRO C 308 -24.97 -28.35 -16.78
CA PRO C 308 -24.51 -27.97 -15.44
C PRO C 308 -23.00 -28.14 -15.26
N LEU C 309 -22.44 -29.24 -15.78
CA LEU C 309 -21.00 -29.43 -15.67
C LEU C 309 -20.26 -28.36 -16.46
N LEU C 310 -20.72 -28.06 -17.68
CA LEU C 310 -20.13 -26.97 -18.44
C LEU C 310 -20.26 -25.64 -17.71
N PHE C 311 -21.42 -25.39 -17.10
CA PHE C 311 -21.60 -24.17 -16.33
C PHE C 311 -20.83 -24.24 -15.02
N GLY C 312 -20.82 -25.41 -14.38
CA GLY C 312 -20.11 -25.54 -13.12
C GLY C 312 -18.62 -25.27 -13.25
N ILE C 313 -17.98 -25.89 -14.26
CA ILE C 313 -16.55 -25.67 -14.44
C ILE C 313 -16.27 -24.22 -14.84
N PHE C 314 -17.23 -23.55 -15.50
CA PHE C 314 -17.01 -22.16 -15.88
C PHE C 314 -16.88 -21.27 -14.65
N ASN C 315 -17.80 -21.40 -13.70
CA ASN C 315 -17.71 -20.62 -12.47
C ASN C 315 -16.39 -20.85 -11.76
N LEU C 316 -15.86 -22.07 -11.83
CA LEU C 316 -14.56 -22.32 -11.23
C LEU C 316 -13.46 -21.57 -11.97
N VAL C 317 -13.51 -21.56 -13.30
CA VAL C 317 -12.54 -20.78 -14.08
C VAL C 317 -12.74 -19.29 -13.83
N TYR C 318 -13.99 -18.86 -13.70
CA TYR C 318 -14.28 -17.43 -13.52
C TYR C 318 -13.78 -16.93 -12.18
N TRP C 319 -14.25 -17.53 -11.08
CA TRP C 319 -13.92 -17.00 -9.76
C TRP C 319 -12.49 -17.33 -9.33
N ALA C 320 -11.88 -18.38 -9.89
CA ALA C 320 -10.45 -18.55 -9.65
C ALA C 320 -9.66 -17.41 -10.28
N THR C 321 -10.02 -17.03 -11.49
CA THR C 321 -9.54 -15.78 -12.06
C THR C 321 -10.20 -14.59 -11.36
N TYR C 322 -9.75 -13.40 -11.71
CA TYR C 322 -10.36 -12.17 -11.21
C TYR C 322 -10.25 -12.03 -9.69
N LEU C 323 -9.57 -12.97 -9.04
CA LEU C 323 -9.40 -12.92 -7.58
C LEU C 323 -7.91 -13.06 -7.23
N ARG D 10 -4.96 28.73 33.22
CA ARG D 10 -4.57 29.54 32.06
C ARG D 10 -5.28 29.19 30.71
N PRO D 11 -5.73 27.95 30.49
CA PRO D 11 -6.53 27.70 29.28
C PRO D 11 -7.91 28.32 29.41
N VAL D 12 -8.42 28.84 28.30
CA VAL D 12 -9.70 29.54 28.33
C VAL D 12 -10.81 28.51 28.49
N ASP D 13 -11.50 28.53 29.62
CA ASP D 13 -12.66 27.67 29.82
C ASP D 13 -13.83 28.22 29.02
N VAL D 14 -14.39 27.40 28.13
CA VAL D 14 -15.48 27.80 27.25
C VAL D 14 -16.69 26.95 27.57
N SER D 15 -17.78 27.59 27.97
CA SER D 15 -19.04 26.91 28.20
C SER D 15 -19.83 26.87 26.90
N VAL D 16 -20.38 25.69 26.58
CA VAL D 16 -21.03 25.47 25.31
C VAL D 16 -22.45 24.95 25.55
N SER D 17 -23.42 25.56 24.89
CA SER D 17 -24.80 25.12 24.90
C SER D 17 -25.25 24.98 23.46
N ILE D 18 -25.92 23.86 23.16
CA ILE D 18 -26.38 23.56 21.82
C ILE D 18 -27.87 23.22 21.89
N PHE D 19 -28.66 23.91 21.07
CA PHE D 19 -30.10 23.69 20.98
C PHE D 19 -30.40 23.06 19.62
N ILE D 20 -30.94 21.85 19.63
CA ILE D 20 -31.26 21.12 18.41
C ILE D 20 -32.69 21.45 17.98
N ASN D 21 -32.82 22.12 16.84
CA ASN D 21 -34.14 22.52 16.36
C ASN D 21 -34.88 21.35 15.72
N LYS D 22 -34.20 20.57 14.87
CA LYS D 22 -34.84 19.48 14.17
C LYS D 22 -33.78 18.64 13.47
N ILE D 23 -34.05 17.35 13.35
CA ILE D 23 -33.22 16.44 12.56
C ILE D 23 -34.07 15.94 11.38
N TYR D 24 -33.53 16.08 10.17
CA TYR D 24 -34.30 15.76 8.98
C TYR D 24 -33.35 15.31 7.88
N GLY D 25 -33.96 14.79 6.80
CA GLY D 25 -33.20 14.37 5.64
C GLY D 25 -32.23 13.24 5.91
N VAL D 26 -32.66 12.25 6.70
CA VAL D 26 -31.81 11.11 7.01
C VAL D 26 -31.68 10.23 5.78
N ASN D 27 -30.46 10.08 5.28
CA ASN D 27 -30.18 9.30 4.08
C ASN D 27 -29.33 8.09 4.45
N THR D 28 -29.94 6.90 4.44
CA THR D 28 -29.20 5.69 4.78
C THR D 28 -28.17 5.34 3.72
N LEU D 29 -28.40 5.71 2.46
CA LEU D 29 -27.45 5.39 1.40
C LEU D 29 -26.15 6.15 1.60
N GLU D 30 -26.21 7.48 1.62
CA GLU D 30 -25.03 8.29 1.83
C GLU D 30 -24.60 8.34 3.29
N GLN D 31 -25.39 7.76 4.20
CA GLN D 31 -25.09 7.74 5.63
C GLN D 31 -24.95 9.14 6.21
N THR D 32 -25.67 10.11 5.63
CA THR D 32 -25.68 11.48 6.11
C THR D 32 -27.01 11.80 6.76
N TYR D 33 -27.02 12.89 7.51
CA TYR D 33 -28.24 13.36 8.15
C TYR D 33 -28.09 14.85 8.44
N LYS D 34 -29.16 15.60 8.23
CA LYS D 34 -29.11 17.04 8.39
C LYS D 34 -29.63 17.42 9.78
N VAL D 35 -28.91 18.32 10.44
CA VAL D 35 -29.25 18.77 11.78
C VAL D 35 -29.26 20.30 11.78
N ASP D 36 -30.36 20.87 12.27
CA ASP D 36 -30.51 22.31 12.39
C ASP D 36 -30.69 22.66 13.86
N GLY D 37 -30.10 23.78 14.27
CA GLY D 37 -30.24 24.21 15.64
C GLY D 37 -29.37 25.41 15.93
N TYR D 38 -29.36 25.78 17.22
CA TYR D 38 -28.61 26.93 17.69
C TYR D 38 -27.39 26.48 18.49
N ILE D 39 -26.40 27.36 18.56
CA ILE D 39 -25.19 27.10 19.33
C ILE D 39 -24.90 28.31 20.21
N VAL D 40 -24.35 28.03 21.40
CA VAL D 40 -24.01 29.06 22.38
C VAL D 40 -22.63 28.74 22.92
N ALA D 41 -21.71 29.70 22.84
CA ALA D 41 -20.35 29.55 23.34
C ALA D 41 -20.07 30.67 24.33
N GLN D 42 -19.80 30.32 25.57
CA GLN D 42 -19.60 31.28 26.65
C GLN D 42 -18.23 31.11 27.26
N TRP D 43 -17.51 32.23 27.40
CA TRP D 43 -16.23 32.27 28.09
C TRP D 43 -16.14 33.61 28.80
N THR D 44 -15.37 33.65 29.89
CA THR D 44 -15.25 34.85 30.71
C THR D 44 -14.03 35.64 30.26
N GLY D 45 -14.27 36.81 29.68
CA GLY D 45 -13.22 37.69 29.22
C GLY D 45 -13.01 38.87 30.14
N LYS D 46 -12.40 39.91 29.61
CA LYS D 46 -12.13 41.11 30.38
C LYS D 46 -13.39 41.96 30.51
N PRO D 47 -13.62 42.55 31.69
CA PRO D 47 -14.85 43.33 31.90
C PRO D 47 -14.94 44.47 30.90
N ARG D 48 -16.16 44.93 30.64
CA ARG D 48 -16.37 45.98 29.66
C ARG D 48 -17.48 46.91 30.12
N LYS D 49 -17.52 48.08 29.52
CA LYS D 49 -18.52 49.10 29.84
C LYS D 49 -19.45 49.22 28.64
N THR D 50 -20.59 48.57 28.72
CA THR D 50 -21.60 48.65 27.68
C THR D 50 -22.39 49.94 27.82
N PRO D 51 -23.04 50.39 26.75
CA PRO D 51 -24.01 51.48 26.91
C PRO D 51 -25.15 51.02 27.80
N GLY D 52 -25.24 51.59 29.01
CA GLY D 52 -26.12 51.05 30.01
C GLY D 52 -25.59 49.74 30.56
N ASP D 53 -26.16 49.27 31.67
CA ASP D 53 -25.73 47.99 32.21
C ASP D 53 -26.19 46.81 31.38
N LYS D 54 -27.03 47.03 30.36
CA LYS D 54 -27.46 45.95 29.49
C LYS D 54 -26.28 45.43 28.67
N PRO D 55 -26.29 44.16 28.31
CA PRO D 55 -25.23 43.62 27.46
C PRO D 55 -25.31 44.18 26.05
N LEU D 56 -24.14 44.41 25.45
CA LEU D 56 -24.07 44.93 24.10
C LEU D 56 -24.21 43.78 23.11
N ILE D 57 -25.09 43.96 22.12
CA ILE D 57 -25.42 42.92 21.16
C ILE D 57 -24.92 43.35 19.79
N VAL D 58 -24.15 42.48 19.15
CA VAL D 58 -23.57 42.73 17.83
C VAL D 58 -24.02 41.61 16.91
N GLU D 59 -24.54 41.98 15.75
CA GLU D 59 -25.12 41.01 14.83
C GLU D 59 -24.14 40.70 13.69
N ASN D 60 -24.64 40.01 12.67
CA ASN D 60 -23.83 39.30 11.68
C ASN D 60 -22.62 40.04 11.11
N THR D 61 -22.85 41.16 10.42
CA THR D 61 -21.73 41.82 9.77
C THR D 61 -20.88 42.60 10.77
N GLN D 62 -21.52 43.30 11.70
CA GLN D 62 -20.79 44.16 12.63
C GLN D 62 -19.80 43.41 13.50
N ILE D 63 -19.86 42.07 13.55
CA ILE D 63 -18.86 41.33 14.30
C ILE D 63 -17.49 41.48 13.65
N GLU D 64 -17.44 41.62 12.32
CA GLU D 64 -16.15 41.71 11.64
C GLU D 64 -15.36 42.91 12.14
N ARG D 65 -16.03 44.03 12.37
CA ARG D 65 -15.34 45.20 12.89
C ARG D 65 -14.78 44.93 14.29
N TRP D 66 -15.42 44.07 15.06
CA TRP D 66 -14.95 43.81 16.42
C TRP D 66 -13.72 42.92 16.42
N ILE D 67 -13.74 41.84 15.63
CA ILE D 67 -12.53 41.01 15.54
C ILE D 67 -11.40 41.78 14.86
N ASN D 68 -11.72 42.76 14.04
CA ASN D 68 -10.69 43.62 13.45
C ASN D 68 -10.01 44.49 14.49
N ASN D 69 -10.71 44.82 15.58
CA ASN D 69 -10.13 45.62 16.66
C ASN D 69 -9.43 44.76 17.70
N GLY D 70 -9.12 43.50 17.38
CA GLY D 70 -8.36 42.65 18.27
C GLY D 70 -9.20 41.78 19.18
N LEU D 71 -10.52 41.84 19.09
CA LEU D 71 -11.36 40.98 19.91
C LEU D 71 -11.12 39.52 19.56
N TRP D 72 -11.16 38.66 20.58
CA TRP D 72 -10.83 37.26 20.44
C TRP D 72 -12.13 36.46 20.31
N VAL D 73 -12.42 36.03 19.10
CA VAL D 73 -13.57 35.19 18.81
C VAL D 73 -13.08 33.93 18.11
N PRO D 74 -13.03 32.80 18.82
CA PRO D 74 -12.51 31.58 18.22
C PRO D 74 -13.50 30.96 17.25
N ALA D 75 -12.99 30.50 16.12
CA ALA D 75 -13.81 29.81 15.14
C ALA D 75 -14.05 28.39 15.62
N LEU D 76 -15.30 27.99 15.67
CA LEU D 76 -15.66 26.63 16.06
C LEU D 76 -16.04 25.83 14.82
N GLU D 77 -15.76 24.53 14.87
CA GLU D 77 -15.77 23.68 13.69
C GLU D 77 -16.52 22.40 13.99
N PHE D 78 -17.42 22.02 13.09
CA PHE D 78 -18.08 20.72 13.16
C PHE D 78 -17.23 19.70 12.40
N ILE D 79 -16.87 18.60 13.07
CA ILE D 79 -15.98 17.63 12.44
C ILE D 79 -16.74 16.74 11.47
N ASN D 80 -17.79 16.07 11.95
CA ASN D 80 -18.51 15.08 11.16
C ASN D 80 -19.54 15.75 10.23
N VAL D 81 -19.04 16.63 9.38
CA VAL D 81 -19.89 17.33 8.43
C VAL D 81 -19.48 16.93 7.01
N VAL D 82 -20.43 17.01 6.09
CA VAL D 82 -20.18 16.64 4.70
C VAL D 82 -19.61 17.79 3.88
N GLY D 83 -20.02 19.03 4.18
CA GLY D 83 -19.50 20.22 3.54
C GLY D 83 -19.62 21.33 4.55
N SER D 84 -19.09 22.50 4.18
CA SER D 84 -19.17 23.65 5.07
C SER D 84 -20.64 23.90 5.45
N PRO D 85 -21.00 23.79 6.72
CA PRO D 85 -22.41 23.88 7.09
C PRO D 85 -23.00 25.23 6.72
N ASP D 86 -24.31 25.25 6.57
CA ASP D 86 -25.01 26.46 6.14
C ASP D 86 -25.17 27.35 7.36
N THR D 87 -24.29 28.35 7.47
CA THR D 87 -24.29 29.25 8.61
C THR D 87 -25.36 30.32 8.45
N GLY D 88 -26.21 30.46 9.47
CA GLY D 88 -27.26 31.45 9.44
C GLY D 88 -26.82 32.80 9.95
N ASN D 89 -27.55 33.34 10.92
CA ASN D 89 -27.23 34.63 11.52
C ASN D 89 -26.31 34.45 12.72
N LYS D 90 -25.35 35.36 12.85
CA LYS D 90 -24.37 35.35 13.93
C LYS D 90 -24.62 36.52 14.87
N ARG D 91 -24.47 36.29 16.17
CA ARG D 91 -24.66 37.35 17.14
C ARG D 91 -23.55 37.28 18.18
N LEU D 92 -23.33 38.41 18.85
CA LEU D 92 -22.31 38.51 19.89
C LEU D 92 -22.92 39.18 21.12
N MET D 93 -22.85 38.51 22.26
CA MET D 93 -23.25 39.07 23.54
C MET D 93 -22.01 39.50 24.30
N LEU D 94 -21.85 40.81 24.50
CA LEU D 94 -20.73 41.34 25.26
C LEU D 94 -21.26 41.73 26.64
N PHE D 95 -20.83 40.97 27.69
CA PHE D 95 -21.34 41.24 29.02
C PHE D 95 -20.41 42.21 29.76
N PRO D 96 -20.94 42.97 30.73
CA PRO D 96 -20.08 43.89 31.46
C PRO D 96 -19.08 43.20 32.36
N ASP D 97 -19.44 42.08 32.98
CA ASP D 97 -18.47 41.38 33.83
C ASP D 97 -17.38 40.68 33.02
N GLY D 98 -17.41 40.74 31.69
CA GLY D 98 -16.35 40.23 30.85
C GLY D 98 -16.75 39.06 29.98
N ARG D 99 -17.72 38.27 30.41
CA ARG D 99 -18.08 37.06 29.69
C ARG D 99 -18.62 37.38 28.30
N VAL D 100 -18.08 36.70 27.30
CA VAL D 100 -18.48 36.87 25.91
C VAL D 100 -19.25 35.62 25.49
N ILE D 101 -20.25 35.83 24.63
CA ILE D 101 -21.15 34.77 24.22
C ILE D 101 -21.32 34.84 22.71
N TYR D 102 -20.97 33.74 22.04
CA TYR D 102 -21.09 33.60 20.60
C TYR D 102 -22.27 32.69 20.32
N ASN D 103 -23.30 33.22 19.68
CA ASN D 103 -24.51 32.46 19.38
C ASN D 103 -24.84 32.61 17.90
N ALA D 104 -25.12 31.48 17.24
CA ALA D 104 -25.42 31.48 15.83
C ALA D 104 -26.21 30.21 15.50
N ARG D 105 -26.90 30.24 14.37
CA ARG D 105 -27.67 29.11 13.89
C ARG D 105 -26.88 28.34 12.84
N PHE D 106 -26.95 27.02 12.90
CA PHE D 106 -26.23 26.15 12.00
C PHE D 106 -27.18 25.13 11.41
N LEU D 107 -27.07 24.92 10.10
CA LEU D 107 -27.82 23.89 9.39
C LEU D 107 -26.81 23.14 8.53
N GLY D 108 -26.46 21.93 8.95
CA GLY D 108 -25.41 21.18 8.29
C GLY D 108 -25.82 19.75 8.02
N SER D 109 -25.20 19.17 6.99
CA SER D 109 -25.39 17.78 6.63
C SER D 109 -24.29 16.96 7.32
N PHE D 110 -24.66 16.21 8.34
CA PHE D 110 -23.69 15.50 9.16
C PHE D 110 -23.59 14.04 8.74
N SER D 111 -22.49 13.41 9.13
CA SER D 111 -22.22 12.02 8.77
C SER D 111 -21.77 11.26 10.00
N ASN D 112 -21.97 9.94 9.96
CA ASN D 112 -21.52 9.07 11.03
C ASN D 112 -21.48 7.64 10.49
N ASP D 113 -20.51 6.87 10.95
CA ASP D 113 -20.42 5.47 10.56
C ASP D 113 -21.64 4.71 11.07
N MET D 114 -22.23 3.91 10.19
CA MET D 114 -23.46 3.20 10.50
C MET D 114 -23.29 1.73 10.11
N ASP D 115 -23.81 0.85 10.96
CA ASP D 115 -23.73 -0.59 10.74
C ASP D 115 -25.14 -1.10 10.42
N PHE D 116 -25.28 -1.73 9.25
CA PHE D 116 -26.59 -2.15 8.75
C PHE D 116 -26.78 -3.66 8.81
N ARG D 117 -26.07 -4.35 9.70
CA ARG D 117 -26.19 -5.80 9.78
C ARG D 117 -27.59 -6.22 10.21
N LEU D 118 -28.30 -5.36 10.93
CA LEU D 118 -29.64 -5.66 11.41
C LEU D 118 -30.72 -4.86 10.67
N PHE D 119 -30.50 -4.60 9.38
CA PHE D 119 -31.52 -3.95 8.57
C PHE D 119 -32.79 -4.81 8.58
N PRO D 120 -33.97 -4.24 8.85
CA PRO D 120 -34.28 -2.86 9.20
C PRO D 120 -34.43 -2.60 10.69
N PHE D 121 -33.98 -3.56 11.51
CA PHE D 121 -34.04 -3.43 12.97
C PHE D 121 -32.79 -2.76 13.54
N ASP D 122 -32.04 -2.04 12.72
CA ASP D 122 -30.77 -1.48 13.16
C ASP D 122 -30.99 -0.31 14.13
N ARG D 123 -29.95 -0.05 14.91
CA ARG D 123 -29.90 1.10 15.82
C ARG D 123 -28.77 2.01 15.37
N GLN D 124 -29.04 3.31 15.28
CA GLN D 124 -28.02 4.27 14.86
C GLN D 124 -28.01 5.48 15.77
N GLN D 125 -26.94 6.24 15.68
CA GLN D 125 -26.70 7.40 16.53
C GLN D 125 -26.45 8.62 15.66
N PHE D 126 -27.24 9.67 15.88
CA PHE D 126 -27.03 10.95 15.20
C PHE D 126 -26.06 11.78 16.04
N VAL D 127 -24.82 11.87 15.58
CA VAL D 127 -23.70 12.36 16.38
C VAL D 127 -23.30 13.74 15.89
N LEU D 128 -22.97 14.62 16.85
CA LEU D 128 -22.35 15.90 16.57
C LEU D 128 -20.99 15.93 17.25
N GLU D 129 -19.95 16.17 16.47
CA GLU D 129 -18.57 16.24 16.95
C GLU D 129 -18.09 17.67 16.77
N LEU D 130 -18.07 18.42 17.85
CA LEU D 130 -17.68 19.82 17.84
C LEU D 130 -16.28 19.98 18.42
N GLU D 131 -15.51 20.87 17.80
CA GLU D 131 -14.10 21.05 18.15
C GLU D 131 -13.59 22.35 17.53
N PRO D 132 -12.78 23.12 18.24
CA PRO D 132 -12.35 24.42 17.73
C PRO D 132 -11.25 24.27 16.69
N PHE D 133 -10.90 25.40 16.09
CA PHE D 133 -9.81 25.49 15.14
C PHE D 133 -8.80 26.51 15.64
N SER D 134 -7.52 26.22 15.41
CA SER D 134 -6.41 27.12 15.67
C SER D 134 -6.06 27.24 17.15
N TYR D 135 -6.86 26.67 18.04
CA TYR D 135 -6.65 26.82 19.48
C TYR D 135 -6.73 25.44 20.13
N ASN D 136 -5.60 24.98 20.66
CA ASN D 136 -5.48 23.64 21.21
C ASN D 136 -6.10 23.60 22.62
N ASN D 137 -5.94 22.47 23.30
CA ASN D 137 -6.48 22.33 24.65
C ASN D 137 -5.69 23.15 25.67
N GLN D 138 -4.45 23.50 25.34
CA GLN D 138 -3.68 24.41 26.18
C GLN D 138 -4.12 25.86 25.99
N GLN D 139 -4.81 26.16 24.88
CA GLN D 139 -5.32 27.49 24.59
C GLN D 139 -6.82 27.63 24.77
N LEU D 140 -7.58 26.61 24.40
CA LEU D 140 -9.04 26.63 24.52
C LEU D 140 -9.52 25.28 25.01
N ARG D 141 -10.31 25.28 26.08
CA ARG D 141 -10.85 24.06 26.66
C ARG D 141 -12.36 24.22 26.85
N PHE D 142 -13.09 23.16 26.56
CA PHE D 142 -14.54 23.15 26.76
C PHE D 142 -14.87 22.79 28.21
N SER D 143 -15.48 23.72 28.94
CA SER D 143 -15.81 23.49 30.34
C SER D 143 -16.92 22.45 30.49
N ASP D 144 -18.09 22.73 29.90
CA ASP D 144 -19.22 21.80 29.98
C ASP D 144 -20.06 21.95 28.73
N ILE D 145 -20.92 20.96 28.50
CA ILE D 145 -21.78 20.92 27.33
C ILE D 145 -23.19 20.51 27.76
N GLN D 146 -24.19 21.23 27.29
CA GLN D 146 -25.59 20.92 27.55
C GLN D 146 -26.36 20.99 26.26
N VAL D 147 -27.05 19.92 25.92
CA VAL D 147 -27.78 19.79 24.67
C VAL D 147 -29.26 19.89 25.01
N TYR D 148 -29.86 21.04 24.69
CA TYR D 148 -31.28 21.27 24.94
C TYR D 148 -32.10 20.86 23.72
N THR D 149 -31.94 19.58 23.37
CA THR D 149 -32.49 19.04 22.13
C THR D 149 -33.97 18.65 22.25
N GLU D 150 -34.41 18.26 23.45
CA GLU D 150 -35.68 17.54 23.57
C GLU D 150 -36.87 18.40 23.17
N ASN D 151 -36.91 19.65 23.65
CA ASN D 151 -37.99 20.62 23.38
C ASN D 151 -38.69 20.45 22.04
N ILE D 152 -37.94 20.06 21.01
CA ILE D 152 -38.50 19.83 19.69
C ILE D 152 -38.19 18.41 19.21
N ASP D 153 -36.89 18.09 19.13
CA ASP D 153 -36.38 16.87 18.50
C ASP D 153 -37.20 15.60 18.70
N ASN D 154 -37.49 15.22 19.96
CA ASN D 154 -38.14 13.95 20.27
C ASN D 154 -39.34 13.57 19.40
N GLU D 155 -39.83 14.51 18.59
CA GLU D 155 -40.88 14.22 17.61
C GLU D 155 -40.29 13.82 16.27
N GLU D 156 -40.24 12.51 16.01
CA GLU D 156 -39.67 12.01 14.76
C GLU D 156 -40.82 11.29 14.04
N ILE D 157 -41.14 11.74 12.84
CA ILE D 157 -42.13 11.07 11.99
C ILE D 157 -41.58 10.60 10.66
N ASP D 158 -40.33 10.89 10.32
CA ASP D 158 -39.82 10.60 8.99
C ASP D 158 -38.72 9.52 9.03
N GLU D 159 -39.16 8.27 9.04
CA GLU D 159 -38.38 7.04 8.92
C GLU D 159 -37.64 6.59 10.18
N TRP D 160 -37.66 7.35 11.27
CA TRP D 160 -36.89 6.89 12.43
C TRP D 160 -37.68 7.11 13.72
N TRP D 161 -37.15 6.54 14.79
CA TRP D 161 -37.70 6.66 16.12
C TRP D 161 -36.64 7.21 17.07
N ILE D 162 -36.89 8.40 17.63
CA ILE D 162 -36.00 8.90 18.67
C ILE D 162 -36.38 8.20 19.96
N ARG D 163 -35.44 7.44 20.52
CA ARG D 163 -35.67 6.63 21.72
C ARG D 163 -34.60 6.95 22.75
N GLY D 164 -34.94 7.76 23.75
CA GLY D 164 -34.01 8.11 24.80
C GLY D 164 -33.47 9.53 24.65
N LYS D 165 -32.84 9.99 25.73
CA LYS D 165 -32.27 11.34 25.78
C LYS D 165 -30.94 11.38 25.05
N ALA D 166 -30.31 12.55 25.07
CA ALA D 166 -29.02 12.76 24.43
C ALA D 166 -27.90 12.30 25.36
N SER D 167 -26.73 12.06 24.77
CA SER D 167 -25.53 11.71 25.52
C SER D 167 -24.42 12.68 25.16
N THR D 168 -23.86 13.35 26.16
CA THR D 168 -22.78 14.30 25.96
C THR D 168 -21.48 13.74 26.51
N HIS D 169 -20.38 14.02 25.82
CA HIS D 169 -19.07 13.58 26.27
C HIS D 169 -18.03 14.57 25.76
N ILE D 170 -17.10 14.95 26.64
CA ILE D 170 -16.01 15.85 26.29
C ILE D 170 -14.71 15.06 26.29
N SER D 171 -13.95 15.19 25.21
CA SER D 171 -12.71 14.44 25.05
C SER D 171 -11.63 15.33 24.46
N ASP D 172 -10.39 14.82 24.48
CA ASP D 172 -9.23 15.50 23.91
C ASP D 172 -8.65 14.63 22.81
N ILE D 173 -8.54 15.19 21.61
CA ILE D 173 -8.10 14.47 20.43
C ILE D 173 -6.70 14.93 20.06
N ARG D 174 -5.83 13.97 19.74
CA ARG D 174 -4.44 14.24 19.40
C ARG D 174 -4.26 14.12 17.89
N TYR D 175 -3.99 15.25 17.24
CA TYR D 175 -3.70 15.28 15.81
C TYR D 175 -2.20 15.25 15.60
N ASP D 176 -1.70 14.21 14.94
CA ASP D 176 -0.26 14.09 14.70
C ASP D 176 0.22 15.06 13.63
N HIS D 177 -0.67 15.58 12.79
CA HIS D 177 -0.26 16.42 11.68
C HIS D 177 0.07 17.85 12.09
N LEU D 178 -0.09 18.21 13.36
CA LEU D 178 0.36 19.50 13.87
C LEU D 178 1.65 19.44 14.64
N SER D 179 2.22 18.25 14.86
CA SER D 179 3.48 18.15 15.60
C SER D 179 4.59 18.89 14.89
N SER D 180 4.57 18.88 13.55
CA SER D 180 5.55 19.63 12.78
C SER D 180 5.42 21.13 12.98
N VAL D 181 4.29 21.59 13.52
CA VAL D 181 4.02 23.02 13.66
C VAL D 181 3.86 23.37 15.13
N GLN D 182 3.44 22.39 15.93
CA GLN D 182 3.21 22.58 17.36
C GLN D 182 3.77 21.37 18.08
N PRO D 183 5.04 21.42 18.49
CA PRO D 183 5.64 20.25 19.15
C PRO D 183 5.02 19.98 20.51
N ASN D 184 4.40 18.81 20.64
CA ASN D 184 3.77 18.30 21.86
C ASN D 184 2.56 19.12 22.30
N GLN D 185 2.19 20.18 21.57
CA GLN D 185 1.06 21.03 21.89
C GLN D 185 -0.07 20.89 20.88
N ASN D 186 -0.34 19.67 20.43
CA ASN D 186 -1.23 19.40 19.32
C ASN D 186 -2.48 18.62 19.73
N GLU D 187 -3.08 18.96 20.87
CA GLU D 187 -4.30 18.32 21.34
C GLU D 187 -5.43 19.34 21.41
N PHE D 188 -6.59 18.99 20.89
CA PHE D 188 -7.75 19.86 20.84
C PHE D 188 -8.89 19.28 21.65
N SER D 189 -9.61 20.13 22.37
CA SER D 189 -10.78 19.69 23.12
C SER D 189 -11.95 19.49 22.16
N ARG D 190 -12.63 18.36 22.27
CA ARG D 190 -13.70 18.02 21.35
C ARG D 190 -14.98 17.69 22.13
N ILE D 191 -16.08 18.33 21.74
CA ILE D 191 -17.40 18.01 22.27
C ILE D 191 -18.08 17.02 21.34
N THR D 192 -18.70 16.01 21.92
CA THR D 192 -19.38 14.96 21.17
C THR D 192 -20.78 14.78 21.73
N VAL D 193 -21.77 14.86 20.84
CA VAL D 193 -23.18 14.73 21.21
C VAL D 193 -23.78 13.61 20.38
N ARG D 194 -24.34 12.61 21.06
CA ARG D 194 -24.91 11.43 20.41
C ARG D 194 -26.38 11.31 20.77
N ILE D 195 -27.19 10.96 19.78
CA ILE D 195 -28.62 10.73 19.96
C ILE D 195 -28.95 9.36 19.39
N ASP D 196 -29.31 8.43 20.26
CA ASP D 196 -29.70 7.11 19.80
C ASP D 196 -31.04 7.16 19.08
N ALA D 197 -31.20 6.29 18.08
CA ALA D 197 -32.41 6.24 17.29
C ALA D 197 -32.58 4.83 16.75
N VAL D 198 -33.85 4.44 16.55
CA VAL D 198 -34.19 3.12 16.02
C VAL D 198 -35.06 3.31 14.79
N ARG D 199 -35.04 2.30 13.92
CA ARG D 199 -35.72 2.37 12.64
C ARG D 199 -37.16 1.88 12.77
N LYS D 200 -38.01 2.36 11.86
CA LYS D 200 -39.43 2.01 11.82
C LYS D 200 -39.65 1.02 10.68
N ILE D 201 -39.96 -0.24 11.04
CA ILE D 201 -40.05 -1.31 10.04
C ILE D 201 -41.32 -1.26 9.23
N GLY D 202 -42.22 -0.30 9.48
CA GLY D 202 -43.50 -0.27 8.78
C GLY D 202 -43.34 -0.22 7.28
N TYR D 203 -42.50 0.69 6.78
CA TYR D 203 -42.31 0.84 5.33
C TYR D 203 -41.79 -0.46 4.72
N PHE D 204 -40.93 -1.17 5.44
CA PHE D 204 -40.34 -2.38 4.89
C PHE D 204 -41.28 -3.57 4.98
N VAL D 205 -42.16 -3.59 5.98
CA VAL D 205 -43.19 -4.61 6.05
C VAL D 205 -44.11 -4.51 4.83
N ILE D 206 -44.47 -3.28 4.46
CA ILE D 206 -45.39 -3.09 3.35
C ILE D 206 -44.68 -3.29 2.00
N GLN D 207 -43.41 -2.91 1.90
CA GLN D 207 -42.73 -2.95 0.61
C GLN D 207 -42.11 -4.30 0.29
N THR D 208 -41.47 -4.96 1.25
CA THR D 208 -40.80 -6.22 0.97
C THR D 208 -41.34 -7.38 1.77
N TYR D 209 -41.48 -7.23 3.09
CA TYR D 209 -41.76 -8.38 3.95
C TYR D 209 -43.10 -9.03 3.59
N LEU D 210 -44.20 -8.27 3.68
CA LEU D 210 -45.48 -8.83 3.26
C LEU D 210 -45.46 -9.28 1.80
N PRO D 211 -44.95 -8.49 0.84
CA PRO D 211 -44.87 -9.01 -0.54
C PRO D 211 -44.02 -10.26 -0.65
N CYS D 212 -42.97 -10.40 0.15
CA CYS D 212 -42.22 -11.66 0.15
C CYS D 212 -43.09 -12.79 0.68
N ILE D 213 -43.86 -12.54 1.73
CA ILE D 213 -44.68 -13.59 2.33
C ILE D 213 -45.75 -14.04 1.35
N MET D 214 -46.56 -13.10 0.85
CA MET D 214 -47.63 -13.46 -0.08
C MET D 214 -47.10 -14.14 -1.34
N THR D 215 -45.89 -13.79 -1.77
CA THR D 215 -45.30 -14.49 -2.91
C THR D 215 -44.95 -15.93 -2.55
N VAL D 216 -44.41 -16.14 -1.35
CA VAL D 216 -44.16 -17.50 -0.88
C VAL D 216 -45.48 -18.26 -0.77
N ILE D 217 -46.52 -17.61 -0.26
CA ILE D 217 -47.85 -18.22 -0.24
C ILE D 217 -48.30 -18.57 -1.64
N LEU D 218 -48.07 -17.67 -2.60
CA LEU D 218 -48.41 -17.95 -3.99
C LEU D 218 -47.61 -19.12 -4.53
N SER D 219 -46.36 -19.28 -4.08
CA SER D 219 -45.54 -20.38 -4.58
C SER D 219 -46.11 -21.73 -4.17
N GLN D 220 -46.76 -21.81 -3.01
CA GLN D 220 -47.22 -23.08 -2.45
C GLN D 220 -48.57 -23.51 -2.99
N VAL D 221 -49.31 -22.64 -3.68
CA VAL D 221 -50.57 -23.03 -4.28
C VAL D 221 -50.37 -24.08 -5.37
N SER D 222 -49.17 -24.15 -5.94
CA SER D 222 -48.86 -25.17 -6.95
C SER D 222 -49.09 -26.57 -6.41
N PHE D 223 -48.86 -26.77 -5.11
CA PHE D 223 -49.05 -28.09 -4.52
C PHE D 223 -50.50 -28.56 -4.65
N TRP D 224 -51.44 -27.65 -4.42
CA TRP D 224 -52.85 -28.00 -4.39
C TRP D 224 -53.50 -28.10 -5.75
N LEU D 225 -52.76 -28.21 -6.86
CA LEU D 225 -53.42 -28.29 -8.16
C LEU D 225 -53.62 -29.74 -8.59
N ASN D 226 -52.53 -30.41 -8.98
CA ASN D 226 -52.49 -31.84 -9.34
C ASN D 226 -51.10 -32.15 -9.88
N ARG D 227 -50.90 -33.38 -10.37
CA ARG D 227 -49.92 -33.54 -11.43
C ARG D 227 -50.58 -33.00 -12.69
N GLU D 228 -50.96 -31.72 -12.65
CA GLU D 228 -51.96 -31.14 -13.54
C GLU D 228 -51.30 -30.59 -14.79
N SER D 229 -52.03 -29.72 -15.51
CA SER D 229 -51.50 -29.01 -16.66
C SER D 229 -50.14 -28.45 -16.30
N VAL D 230 -49.10 -28.96 -16.97
CA VAL D 230 -47.74 -28.50 -16.69
C VAL D 230 -47.62 -26.99 -16.82
N PRO D 231 -48.25 -26.33 -17.82
CA PRO D 231 -48.20 -24.85 -17.85
C PRO D 231 -48.57 -24.18 -16.53
N ALA D 232 -49.65 -24.62 -15.87
CA ALA D 232 -50.10 -23.96 -14.65
C ALA D 232 -49.02 -24.01 -13.56
N ARG D 233 -48.64 -25.22 -13.16
CA ARG D 233 -47.66 -25.36 -12.07
C ARG D 233 -46.29 -24.84 -12.45
N THR D 234 -45.97 -24.74 -13.74
CA THR D 234 -44.73 -24.09 -14.14
C THR D 234 -44.87 -22.57 -14.10
N VAL D 235 -46.00 -22.04 -14.58
CA VAL D 235 -46.27 -20.62 -14.44
C VAL D 235 -46.20 -20.22 -12.98
N PHE D 236 -46.76 -21.04 -12.09
CA PHE D 236 -46.60 -20.82 -10.66
C PHE D 236 -45.12 -20.77 -10.28
N GLY D 237 -44.33 -21.69 -10.84
CA GLY D 237 -42.91 -21.76 -10.53
C GLY D 237 -42.12 -20.56 -11.03
N VAL D 238 -42.14 -20.31 -12.33
CA VAL D 238 -41.25 -19.31 -12.92
C VAL D 238 -41.65 -17.90 -12.48
N THR D 239 -42.96 -17.60 -12.44
CA THR D 239 -43.38 -16.27 -12.04
C THR D 239 -43.01 -15.97 -10.59
N THR D 240 -43.18 -16.94 -9.70
CA THR D 240 -42.82 -16.71 -8.30
C THR D 240 -41.32 -16.58 -8.11
N VAL D 241 -40.53 -17.36 -8.86
CA VAL D 241 -39.07 -17.28 -8.74
C VAL D 241 -38.59 -15.91 -9.22
N LEU D 242 -39.05 -15.47 -10.39
CA LEU D 242 -38.63 -14.18 -10.90
C LEU D 242 -39.09 -13.04 -9.99
N THR D 243 -40.35 -13.12 -9.52
CA THR D 243 -40.86 -12.11 -8.60
C THR D 243 -39.99 -12.01 -7.35
N MET D 244 -39.67 -13.15 -6.74
CA MET D 244 -38.79 -13.14 -5.58
C MET D 244 -37.39 -12.65 -5.94
N THR D 245 -36.97 -12.86 -7.19
CA THR D 245 -35.65 -12.40 -7.62
C THR D 245 -35.59 -10.88 -7.67
N THR D 246 -36.61 -10.25 -8.24
CA THR D 246 -36.62 -8.79 -8.33
C THR D 246 -36.71 -8.15 -6.95
N LEU D 247 -37.51 -8.75 -6.05
CA LEU D 247 -37.63 -8.17 -4.71
C LEU D 247 -36.29 -8.19 -3.98
N SER D 248 -35.47 -9.23 -4.18
CA SER D 248 -34.14 -9.25 -3.59
C SER D 248 -33.27 -8.11 -4.12
N ILE D 249 -33.51 -7.70 -5.37
CA ILE D 249 -32.74 -6.61 -5.96
C ILE D 249 -33.24 -5.27 -5.45
N SER D 250 -34.54 -5.03 -5.57
CA SER D 250 -35.11 -3.75 -5.15
C SER D 250 -34.93 -3.52 -3.66
N ALA D 251 -34.70 -4.58 -2.87
CA ALA D 251 -34.57 -4.42 -1.43
C ALA D 251 -33.26 -3.79 -1.02
N ARG D 252 -32.23 -3.83 -1.86
CA ARG D 252 -30.93 -3.29 -1.48
C ARG D 252 -30.66 -1.92 -2.08
N ASN D 253 -31.51 -1.45 -2.99
CA ASN D 253 -31.33 -0.11 -3.55
C ASN D 253 -31.54 0.99 -2.51
N SER D 254 -32.12 0.66 -1.36
CA SER D 254 -32.23 1.60 -0.25
C SER D 254 -31.07 1.50 0.72
N LEU D 255 -29.97 0.90 0.29
CA LEU D 255 -28.78 0.69 1.10
C LEU D 255 -27.54 0.99 0.26
N PRO D 256 -26.46 1.44 0.90
CA PRO D 256 -25.18 1.57 0.19
C PRO D 256 -24.65 0.19 -0.18
N LYS D 257 -23.64 0.19 -1.04
CA LYS D 257 -23.07 -1.05 -1.58
C LYS D 257 -22.14 -1.69 -0.54
N VAL D 258 -22.74 -2.09 0.59
CA VAL D 258 -21.99 -2.69 1.69
C VAL D 258 -21.71 -4.15 1.39
N ALA D 259 -20.84 -4.76 2.16
CA ALA D 259 -20.44 -6.15 1.93
C ALA D 259 -21.27 -7.15 2.75
N TYR D 260 -21.50 -6.85 4.02
CA TYR D 260 -22.20 -7.78 4.89
C TYR D 260 -23.65 -7.96 4.43
N ALA D 261 -24.24 -9.08 4.83
CA ALA D 261 -25.62 -9.37 4.50
C ALA D 261 -26.52 -8.90 5.63
N THR D 262 -27.67 -8.35 5.26
CA THR D 262 -28.58 -7.78 6.24
C THR D 262 -29.63 -8.79 6.67
N ALA D 263 -30.34 -8.45 7.75
CA ALA D 263 -31.44 -9.29 8.20
C ALA D 263 -32.56 -9.35 7.16
N MET D 264 -32.76 -8.28 6.39
CA MET D 264 -33.71 -8.36 5.28
C MET D 264 -33.18 -9.28 4.19
N ASP D 265 -31.86 -9.29 3.97
CA ASP D 265 -31.28 -10.19 2.98
C ASP D 265 -31.46 -11.64 3.40
N TRP D 266 -31.09 -11.97 4.64
CA TRP D 266 -31.26 -13.33 5.13
C TRP D 266 -32.73 -13.75 5.04
N PHE D 267 -33.65 -12.84 5.35
CA PHE D 267 -35.07 -13.17 5.26
C PHE D 267 -35.48 -13.45 3.82
N ILE D 268 -34.93 -12.70 2.86
CA ILE D 268 -35.30 -12.91 1.46
C ILE D 268 -34.69 -14.21 0.95
N ALA D 269 -33.44 -14.49 1.31
CA ALA D 269 -32.82 -15.73 0.87
C ALA D 269 -33.63 -16.94 1.29
N VAL D 270 -34.19 -16.92 2.50
CA VAL D 270 -35.06 -18.01 2.92
C VAL D 270 -36.33 -18.03 2.07
N CYS D 271 -36.99 -16.87 1.95
CA CYS D 271 -38.17 -16.77 1.08
C CYS D 271 -37.82 -17.12 -0.36
N TYR D 272 -36.59 -16.86 -0.79
CA TYR D 272 -36.16 -17.28 -2.12
C TYR D 272 -36.07 -18.79 -2.21
N ALA D 273 -35.60 -19.44 -1.15
CA ALA D 273 -35.43 -20.89 -1.18
C ALA D 273 -36.77 -21.60 -1.33
N PHE D 274 -37.74 -21.23 -0.48
CA PHE D 274 -39.05 -21.89 -0.52
C PHE D 274 -39.71 -21.73 -1.89
N VAL D 275 -39.54 -20.57 -2.52
CA VAL D 275 -40.11 -20.36 -3.84
C VAL D 275 -39.44 -21.27 -4.86
N PHE D 276 -38.10 -21.32 -4.86
CA PHE D 276 -37.39 -22.16 -5.80
C PHE D 276 -37.57 -23.64 -5.45
N SER D 277 -37.63 -23.96 -4.16
CA SER D 277 -37.85 -25.35 -3.75
C SER D 277 -39.19 -25.86 -4.24
N ALA D 278 -40.22 -25.00 -4.21
CA ALA D 278 -41.54 -25.41 -4.70
C ALA D 278 -41.48 -25.83 -6.16
N LEU D 279 -40.68 -25.12 -6.96
CA LEU D 279 -40.55 -25.51 -8.37
C LEU D 279 -39.81 -26.83 -8.51
N ILE D 280 -38.66 -26.96 -7.83
CA ILE D 280 -37.91 -28.21 -7.88
C ILE D 280 -38.74 -29.36 -7.34
N GLU D 281 -39.51 -29.10 -6.28
CA GLU D 281 -40.41 -30.13 -5.76
C GLU D 281 -41.38 -30.59 -6.85
N PHE D 282 -42.03 -29.64 -7.52
CA PHE D 282 -42.91 -29.98 -8.63
C PHE D 282 -42.14 -30.63 -9.77
N ALA D 283 -40.99 -30.05 -10.13
CA ALA D 283 -40.17 -30.62 -11.19
C ALA D 283 -39.72 -32.03 -10.86
N THR D 284 -39.64 -32.37 -9.57
CA THR D 284 -39.28 -33.73 -9.19
C THR D 284 -40.41 -34.71 -9.49
N VAL D 285 -41.62 -34.40 -9.02
CA VAL D 285 -42.74 -35.31 -9.23
C VAL D 285 -43.11 -35.42 -10.70
N ASN D 286 -42.70 -34.47 -11.54
CA ASN D 286 -42.93 -34.60 -12.98
C ASN D 286 -41.99 -35.63 -13.59
N TYR D 287 -40.82 -35.84 -12.99
CA TYR D 287 -39.92 -36.89 -13.44
C TYR D 287 -40.40 -38.27 -13.01
N PHE D 288 -41.29 -38.35 -12.02
CA PHE D 288 -41.84 -39.60 -11.52
C PHE D 288 -43.34 -39.70 -11.78
N THR D 289 -43.81 -39.22 -12.93
CA THR D 289 -45.26 -39.25 -13.18
C THR D 289 -45.79 -40.65 -13.47
N LYS D 290 -44.97 -41.54 -14.01
CA LYS D 290 -45.46 -42.89 -14.33
C LYS D 290 -44.89 -43.99 -13.45
N ARG D 291 -43.71 -43.83 -12.88
CA ARG D 291 -43.10 -44.88 -12.07
C ARG D 291 -43.65 -44.75 -10.66
N GLY D 292 -44.74 -45.48 -10.39
CA GLY D 292 -45.37 -45.50 -9.09
C GLY D 292 -46.46 -44.45 -8.95
N VAL D 293 -47.41 -44.44 -9.88
CA VAL D 293 -48.51 -43.47 -9.90
C VAL D 293 -49.83 -44.22 -9.73
N GLU D 294 -50.61 -43.83 -8.72
CA GLU D 294 -52.00 -44.27 -8.65
C GLU D 294 -52.97 -43.11 -8.79
N SER D 295 -52.95 -42.14 -7.88
CA SER D 295 -53.71 -40.91 -8.13
C SER D 295 -52.91 -39.64 -7.84
N VAL D 296 -52.12 -39.64 -6.76
CA VAL D 296 -51.38 -38.45 -6.34
C VAL D 296 -50.02 -38.88 -5.81
N SER D 297 -49.01 -38.05 -6.06
CA SER D 297 -47.70 -38.24 -5.44
C SER D 297 -47.79 -37.75 -4.00
N LYS D 298 -47.61 -38.66 -3.03
CA LYS D 298 -47.65 -38.28 -1.62
C LYS D 298 -46.72 -37.12 -1.30
N ILE D 299 -45.81 -36.78 -2.22
CA ILE D 299 -44.95 -35.61 -2.04
C ILE D 299 -45.79 -34.35 -1.90
N ASP D 300 -46.70 -34.12 -2.86
CA ASP D 300 -47.58 -32.96 -2.75
C ASP D 300 -48.49 -33.07 -1.53
N ARG D 301 -48.97 -34.28 -1.22
CA ARG D 301 -49.84 -34.44 -0.07
C ARG D 301 -49.12 -34.11 1.24
N LEU D 302 -47.81 -34.29 1.30
CA LEU D 302 -47.07 -33.91 2.49
C LEU D 302 -46.46 -32.52 2.38
N SER D 303 -46.13 -32.07 1.16
CA SER D 303 -45.59 -30.74 0.99
C SER D 303 -46.61 -29.66 1.37
N ARG D 304 -47.90 -29.95 1.17
CA ARG D 304 -48.96 -29.04 1.58
C ARG D 304 -48.99 -28.79 3.09
N ILE D 305 -48.30 -29.59 3.89
CA ILE D 305 -48.22 -29.40 5.32
C ILE D 305 -46.82 -29.01 5.75
N ALA D 306 -45.80 -29.61 5.14
CA ALA D 306 -44.42 -29.29 5.47
C ALA D 306 -44.10 -27.84 5.14
N PHE D 307 -44.46 -27.41 3.93
CA PHE D 307 -44.11 -26.05 3.49
C PHE D 307 -44.77 -24.97 4.32
N PRO D 308 -46.10 -24.96 4.53
CA PRO D 308 -46.68 -23.87 5.34
C PRO D 308 -46.18 -23.87 6.78
N LEU D 309 -46.07 -25.05 7.40
CA LEU D 309 -45.60 -25.12 8.78
C LEU D 309 -44.16 -24.65 8.90
N LEU D 310 -43.28 -25.09 7.99
CA LEU D 310 -41.90 -24.63 8.01
C LEU D 310 -41.81 -23.12 7.82
N PHE D 311 -42.62 -22.55 6.93
CA PHE D 311 -42.60 -21.11 6.74
C PHE D 311 -43.18 -20.40 7.96
N GLY D 312 -44.25 -20.95 8.53
CA GLY D 312 -44.83 -20.35 9.72
C GLY D 312 -43.88 -20.34 10.89
N ILE D 313 -43.26 -21.48 11.19
CA ILE D 313 -42.31 -21.54 12.29
C ILE D 313 -41.08 -20.71 11.99
N PHE D 314 -40.75 -20.53 10.71
CA PHE D 314 -39.59 -19.71 10.36
C PHE D 314 -39.81 -18.27 10.80
N ASN D 315 -40.98 -17.70 10.46
CA ASN D 315 -41.29 -16.35 10.92
C ASN D 315 -41.25 -16.25 12.44
N LEU D 316 -41.62 -17.31 13.15
CA LEU D 316 -41.54 -17.28 14.61
C LEU D 316 -40.10 -17.20 15.08
N VAL D 317 -39.21 -17.98 14.48
CA VAL D 317 -37.80 -17.86 14.80
C VAL D 317 -37.27 -16.49 14.37
N TYR D 318 -37.75 -16.00 13.23
CA TYR D 318 -37.29 -14.71 12.71
C TYR D 318 -37.74 -13.57 13.61
N TRP D 319 -39.05 -13.43 13.79
CA TRP D 319 -39.58 -12.26 14.47
C TRP D 319 -39.40 -12.31 15.98
N ALA D 320 -39.23 -13.48 16.59
CA ALA D 320 -38.81 -13.52 17.98
C ALA D 320 -37.42 -12.93 18.14
N THR D 321 -36.52 -13.29 17.23
CA THR D 321 -35.26 -12.57 17.08
C THR D 321 -35.52 -11.21 16.44
N TYR D 322 -34.45 -10.42 16.35
CA TYR D 322 -34.46 -9.13 15.66
C TYR D 322 -35.42 -8.12 16.29
N LEU D 323 -36.07 -8.47 17.39
CA LEU D 323 -36.96 -7.54 18.07
C LEU D 323 -36.64 -7.48 19.56
N ARG E 10 -41.22 50.05 26.57
CA ARG E 10 -39.91 50.03 25.92
C ARG E 10 -39.60 48.98 24.84
N PRO E 11 -40.24 47.81 24.81
CA PRO E 11 -39.95 46.87 23.73
C PRO E 11 -40.44 47.42 22.40
N VAL E 12 -39.66 47.21 21.36
CA VAL E 12 -39.94 47.80 20.06
C VAL E 12 -41.12 47.07 19.42
N ASP E 13 -42.22 47.79 19.21
CA ASP E 13 -43.35 47.24 18.46
C ASP E 13 -42.97 47.19 16.99
N VAL E 14 -43.07 46.01 16.39
CA VAL E 14 -42.66 45.79 15.01
C VAL E 14 -43.89 45.37 14.21
N SER E 15 -44.24 46.15 13.19
CA SER E 15 -45.31 45.80 12.27
C SER E 15 -44.72 45.00 11.11
N VAL E 16 -45.37 43.89 10.79
CA VAL E 16 -44.86 42.96 9.78
C VAL E 16 -45.94 42.69 8.75
N SER E 17 -45.58 42.81 7.48
CA SER E 17 -46.45 42.48 6.36
C SER E 17 -45.71 41.51 5.46
N ILE E 18 -46.40 40.45 5.04
CA ILE E 18 -45.83 39.43 4.19
C ILE E 18 -46.71 39.26 2.96
N PHE E 19 -46.12 39.40 1.79
CA PHE E 19 -46.81 39.23 0.52
C PHE E 19 -46.25 37.97 -0.14
N ILE E 20 -47.10 36.97 -0.31
CA ILE E 20 -46.70 35.69 -0.89
C ILE E 20 -46.89 35.77 -2.40
N ASN E 21 -45.79 35.71 -3.13
CA ASN E 21 -45.89 35.81 -4.59
C ASN E 21 -46.39 34.50 -5.18
N LYS E 22 -45.89 33.38 -4.68
CA LYS E 22 -46.29 32.06 -5.16
C LYS E 22 -45.74 31.01 -4.21
N ILE E 23 -46.48 29.91 -4.10
CA ILE E 23 -46.03 28.73 -3.37
C ILE E 23 -45.86 27.62 -4.39
N TYR E 24 -44.70 26.98 -4.39
CA TYR E 24 -44.38 26.00 -5.42
C TYR E 24 -43.41 24.96 -4.87
N GLY E 25 -43.18 23.94 -5.68
CA GLY E 25 -42.22 22.91 -5.32
C GLY E 25 -42.58 22.10 -4.09
N VAL E 26 -43.85 21.72 -3.96
CA VAL E 26 -44.26 20.91 -2.82
C VAL E 26 -43.71 19.50 -2.99
N ASN E 27 -42.85 19.08 -2.06
CA ASN E 27 -42.24 17.76 -2.10
C ASN E 27 -42.74 16.97 -0.90
N THR E 28 -43.64 16.03 -1.13
CA THR E 28 -44.20 15.24 -0.03
C THR E 28 -43.16 14.31 0.57
N LEU E 29 -42.18 13.88 -0.24
CA LEU E 29 -41.15 12.97 0.27
C LEU E 29 -40.31 13.66 1.33
N GLU E 30 -39.68 14.78 0.97
CA GLU E 30 -38.87 15.52 1.93
C GLU E 30 -39.71 16.36 2.90
N GLN E 31 -41.03 16.42 2.70
CA GLN E 31 -41.93 17.20 3.55
C GLN E 31 -41.57 18.68 3.56
N THR E 32 -40.98 19.13 2.46
CA THR E 32 -40.60 20.53 2.27
C THR E 32 -41.49 21.18 1.22
N TYR E 33 -41.44 22.51 1.18
CA TYR E 33 -42.19 23.29 0.21
C TYR E 33 -41.53 24.64 0.05
N LYS E 34 -41.45 25.14 -1.18
CA LYS E 34 -40.77 26.38 -1.49
C LYS E 34 -41.77 27.54 -1.51
N VAL E 35 -41.37 28.65 -0.91
CA VAL E 35 -42.23 29.83 -0.81
C VAL E 35 -41.44 31.05 -1.30
N ASP E 36 -42.04 31.80 -2.21
CA ASP E 36 -41.44 33.03 -2.73
C ASP E 36 -42.36 34.19 -2.37
N GLY E 37 -41.77 35.31 -1.97
CA GLY E 37 -42.55 36.48 -1.63
C GLY E 37 -41.68 37.57 -1.05
N TYR E 38 -42.35 38.64 -0.64
CA TYR E 38 -41.74 39.83 -0.08
C TYR E 38 -42.01 39.90 1.42
N ILE E 39 -41.17 40.63 2.13
CA ILE E 39 -41.36 40.87 3.56
C ILE E 39 -41.19 42.35 3.85
N VAL E 40 -41.95 42.84 4.83
CA VAL E 40 -41.93 44.24 5.23
C VAL E 40 -41.91 44.29 6.76
N ALA E 41 -40.92 44.97 7.32
CA ALA E 41 -40.81 45.16 8.77
C ALA E 41 -40.69 46.65 9.06
N GLN E 42 -41.68 47.20 9.78
CA GLN E 42 -41.74 48.62 10.07
C GLN E 42 -41.76 48.83 11.57
N TRP E 43 -40.91 49.73 12.05
CA TRP E 43 -40.87 50.11 13.46
C TRP E 43 -40.53 51.59 13.58
N THR E 44 -40.96 52.19 14.69
CA THR E 44 -40.83 53.63 14.92
C THR E 44 -39.55 53.93 15.69
N GLY E 45 -38.61 54.61 15.05
CA GLY E 45 -37.35 54.98 15.64
C GLY E 45 -37.30 56.46 15.98
N LYS E 46 -36.07 56.97 16.14
CA LYS E 46 -35.89 58.38 16.47
C LYS E 46 -36.07 59.24 15.23
N PRO E 47 -36.77 60.36 15.33
CA PRO E 47 -37.01 61.20 14.14
C PRO E 47 -35.72 61.76 13.57
N ARG E 48 -35.73 61.99 12.26
CA ARG E 48 -34.58 62.55 11.57
C ARG E 48 -35.08 63.38 10.39
N LYS E 49 -34.16 64.16 9.81
CA LYS E 49 -34.48 65.03 8.69
C LYS E 49 -33.83 64.44 7.43
N THR E 50 -34.65 63.83 6.58
CA THR E 50 -34.16 63.24 5.35
C THR E 50 -33.86 64.32 4.32
N PRO E 51 -33.03 64.02 3.31
CA PRO E 51 -32.87 64.95 2.18
C PRO E 51 -34.21 65.16 1.48
N GLY E 52 -34.75 66.37 1.60
CA GLY E 52 -36.12 66.61 1.19
C GLY E 52 -37.08 65.93 2.14
N ASP E 53 -38.35 66.29 2.11
CA ASP E 53 -39.30 65.57 2.96
C ASP E 53 -39.57 64.16 2.46
N LYS E 54 -39.06 63.80 1.29
CA LYS E 54 -39.25 62.45 0.79
C LYS E 54 -38.54 61.46 1.69
N PRO E 55 -39.05 60.23 1.77
CA PRO E 55 -38.35 59.21 2.56
C PRO E 55 -37.03 58.83 1.93
N LEU E 56 -36.03 58.57 2.77
CA LEU E 56 -34.72 58.19 2.27
C LEU E 56 -34.74 56.69 1.98
N ILE E 57 -34.29 56.33 0.78
CA ILE E 57 -34.33 54.95 0.30
C ILE E 57 -32.90 54.44 0.15
N VAL E 58 -32.62 53.30 0.77
CA VAL E 58 -31.29 52.69 0.78
C VAL E 58 -31.40 51.28 0.26
N GLU E 59 -30.53 50.92 -0.70
CA GLU E 59 -30.59 49.64 -1.37
C GLU E 59 -29.55 48.67 -0.82
N ASN E 60 -29.35 47.55 -1.53
CA ASN E 60 -28.69 46.37 -1.00
C ASN E 60 -27.38 46.67 -0.27
N THR E 61 -26.38 47.16 -1.00
CA THR E 61 -25.06 47.35 -0.42
C THR E 61 -25.01 48.53 0.54
N GLN E 62 -25.64 49.64 0.17
CA GLN E 62 -25.55 50.86 0.98
C GLN E 62 -26.10 50.69 2.39
N ILE E 63 -26.79 49.59 2.68
CA ILE E 63 -27.21 49.33 4.05
C ILE E 63 -25.99 49.12 4.94
N GLU E 64 -24.91 48.59 4.38
CA GLU E 64 -23.72 48.31 5.17
C GLU E 64 -23.17 49.58 5.80
N ARG E 65 -23.16 50.68 5.05
CA ARG E 65 -22.65 51.93 5.59
C ARG E 65 -23.50 52.44 6.74
N TRP E 66 -24.80 52.16 6.71
CA TRP E 66 -25.69 52.67 7.76
C TRP E 66 -25.60 51.83 9.03
N ILE E 67 -25.63 50.50 8.89
CA ILE E 67 -25.53 49.64 10.06
C ILE E 67 -24.15 49.72 10.71
N ASN E 68 -23.11 50.04 9.93
CA ASN E 68 -21.79 50.27 10.52
C ASN E 68 -21.76 51.53 11.37
N ASN E 69 -22.62 52.49 11.04
CA ASN E 69 -22.74 53.74 11.79
C ASN E 69 -23.73 53.66 12.94
N GLY E 70 -24.09 52.45 13.37
CA GLY E 70 -24.93 52.31 14.52
C GLY E 70 -26.42 52.22 14.24
N LEU E 71 -26.81 52.23 12.97
CA LEU E 71 -28.23 52.08 12.66
C LEU E 71 -28.71 50.72 13.11
N TRP E 72 -29.92 50.67 13.65
CA TRP E 72 -30.45 49.45 14.24
C TRP E 72 -31.39 48.82 13.22
N VAL E 73 -30.93 47.76 12.56
CA VAL E 73 -31.75 47.00 11.64
C VAL E 73 -31.67 45.54 12.11
N PRO E 74 -32.71 45.03 12.76
CA PRO E 74 -32.63 43.65 13.26
C PRO E 74 -32.84 42.63 12.14
N ALA E 75 -32.01 41.59 12.18
CA ALA E 75 -32.15 40.49 11.23
C ALA E 75 -33.29 39.60 11.70
N LEU E 76 -34.21 39.29 10.81
CA LEU E 76 -35.33 38.42 11.11
C LEU E 76 -35.09 37.04 10.51
N GLU E 77 -35.64 36.03 11.18
CA GLU E 77 -35.23 34.65 10.97
C GLU E 77 -36.45 33.75 10.80
N PHE E 78 -36.44 32.92 9.76
CA PHE E 78 -37.46 31.90 9.56
C PHE E 78 -37.02 30.63 10.27
N ILE E 79 -37.88 30.10 11.14
CA ILE E 79 -37.52 28.93 11.92
C ILE E 79 -37.65 27.66 11.08
N ASN E 80 -38.85 27.41 10.55
CA ASN E 80 -39.16 26.15 9.86
C ASN E 80 -38.68 26.19 8.41
N VAL E 81 -37.38 26.42 8.25
CA VAL E 81 -36.76 26.47 6.92
C VAL E 81 -35.80 25.29 6.82
N VAL E 82 -35.59 24.84 5.58
CA VAL E 82 -34.70 23.70 5.36
C VAL E 82 -33.25 24.13 5.22
N GLY E 83 -33.00 25.31 4.66
CA GLY E 83 -31.67 25.85 4.54
C GLY E 83 -31.73 27.35 4.55
N SER E 84 -30.55 27.97 4.55
CA SER E 84 -30.44 29.42 4.54
C SER E 84 -31.22 29.99 3.36
N PRO E 85 -32.26 30.79 3.59
CA PRO E 85 -33.12 31.23 2.48
C PRO E 85 -32.37 32.09 1.49
N ASP E 86 -32.88 32.07 0.26
CA ASP E 86 -32.28 32.82 -0.84
C ASP E 86 -32.75 34.27 -0.73
N THR E 87 -31.91 35.12 -0.16
CA THR E 87 -32.26 36.52 0.02
C THR E 87 -32.09 37.26 -1.28
N GLY E 88 -33.13 37.96 -1.71
CA GLY E 88 -33.10 38.71 -2.95
C GLY E 88 -32.54 40.10 -2.74
N ASN E 89 -33.27 41.12 -3.14
CA ASN E 89 -32.84 42.49 -2.97
C ASN E 89 -33.32 43.04 -1.63
N LYS E 90 -32.45 43.79 -0.96
CA LYS E 90 -32.74 44.36 0.35
C LYS E 90 -32.86 45.86 0.23
N ARG E 91 -33.84 46.43 0.91
CA ARG E 91 -34.05 47.87 0.87
C ARG E 91 -34.37 48.39 2.26
N LEU E 92 -34.12 49.69 2.44
CA LEU E 92 -34.39 50.38 3.70
C LEU E 92 -35.13 51.67 3.41
N MET E 93 -36.31 51.83 4.01
CA MET E 93 -37.07 53.07 3.97
C MET E 93 -36.87 53.82 5.27
N LEU E 94 -36.24 54.99 5.18
CA LEU E 94 -35.99 55.83 6.35
C LEU E 94 -37.01 56.96 6.33
N PHE E 95 -37.91 56.94 7.28
CA PHE E 95 -38.88 58.01 7.24
C PHE E 95 -38.42 59.18 8.12
N PRO E 96 -38.85 60.40 7.80
CA PRO E 96 -38.45 61.54 8.65
C PRO E 96 -39.10 61.53 10.03
N ASP E 97 -40.33 61.04 10.14
CA ASP E 97 -40.97 60.98 11.46
C ASP E 97 -40.35 59.93 12.37
N GLY E 98 -39.35 59.18 11.90
CA GLY E 98 -38.58 58.27 12.72
C GLY E 98 -38.76 56.81 12.38
N ARG E 99 -39.93 56.44 11.86
CA ARG E 99 -40.21 55.03 11.59
C ARG E 99 -39.28 54.50 10.51
N VAL E 100 -38.69 53.34 10.76
CA VAL E 100 -37.78 52.69 9.83
C VAL E 100 -38.49 51.47 9.25
N ILE E 101 -38.21 51.18 7.98
CA ILE E 101 -38.92 50.14 7.25
C ILE E 101 -37.91 49.30 6.50
N TYR E 102 -37.88 48.01 6.82
CA TYR E 102 -37.01 47.03 6.17
C TYR E 102 -37.84 46.14 5.26
N ASN E 103 -37.59 46.20 3.96
CA ASN E 103 -38.35 45.44 2.98
C ASN E 103 -37.39 44.66 2.09
N ALA E 104 -37.68 43.37 1.90
CA ALA E 104 -36.82 42.50 1.10
C ALA E 104 -37.63 41.33 0.59
N ARG E 105 -37.12 40.70 -0.45
CA ARG E 105 -37.75 39.51 -1.04
C ARG E 105 -37.03 38.26 -0.55
N PHE E 106 -37.81 37.22 -0.28
CA PHE E 106 -37.28 35.97 0.26
C PHE E 106 -37.80 34.79 -0.54
N LEU E 107 -36.90 33.87 -0.84
CA LEU E 107 -37.24 32.60 -1.49
C LEU E 107 -36.58 31.50 -0.67
N GLY E 108 -37.37 30.76 0.08
CA GLY E 108 -36.83 29.77 1.00
C GLY E 108 -37.53 28.44 0.86
N SER E 109 -36.80 27.38 1.19
CA SER E 109 -37.34 26.03 1.21
C SER E 109 -37.81 25.73 2.62
N PHE E 110 -39.12 25.70 2.83
CA PHE E 110 -39.69 25.58 4.16
C PHE E 110 -40.11 24.15 4.45
N SER E 111 -40.26 23.86 5.75
CA SER E 111 -40.61 22.54 6.23
C SER E 111 -41.70 22.66 7.28
N ASN E 112 -42.44 21.57 7.45
CA ASN E 112 -43.47 21.50 8.47
C ASN E 112 -43.79 20.04 8.75
N ASP E 113 -44.08 19.72 10.01
CA ASP E 113 -44.49 18.37 10.35
C ASP E 113 -45.80 18.05 9.66
N MET E 114 -45.86 16.91 8.99
CA MET E 114 -47.01 16.52 8.20
C MET E 114 -47.44 15.10 8.53
N ASP E 115 -48.75 14.89 8.59
CA ASP E 115 -49.33 13.60 8.88
C ASP E 115 -49.99 13.08 7.61
N PHE E 116 -49.57 11.90 7.16
CA PHE E 116 -50.03 11.34 5.89
C PHE E 116 -50.95 10.16 6.08
N ARG E 117 -51.64 10.07 7.22
CA ARG E 117 -52.54 8.97 7.46
C ARG E 117 -53.72 8.96 6.50
N LEU E 118 -54.06 10.12 5.94
CA LEU E 118 -55.19 10.24 5.03
C LEU E 118 -54.75 10.45 3.59
N PHE E 119 -53.61 9.88 3.21
CA PHE E 119 -53.17 9.95 1.82
C PHE E 119 -54.23 9.31 0.91
N PRO E 120 -54.65 9.97 -0.17
CA PRO E 120 -54.28 11.31 -0.61
C PRO E 120 -55.30 12.37 -0.23
N PHE E 121 -56.22 12.02 0.66
CA PHE E 121 -57.25 12.94 1.12
C PHE E 121 -56.80 13.76 2.32
N ASP E 122 -55.50 13.85 2.56
CA ASP E 122 -54.99 14.53 3.75
C ASP E 122 -55.14 16.04 3.63
N ARG E 123 -55.15 16.69 4.77
CA ARG E 123 -55.13 18.15 4.84
C ARG E 123 -53.84 18.56 5.52
N GLN E 124 -53.13 19.51 4.92
CA GLN E 124 -51.82 19.92 5.40
C GLN E 124 -51.78 21.44 5.48
N GLN E 125 -50.77 21.95 6.18
CA GLN E 125 -50.66 23.36 6.48
C GLN E 125 -49.31 23.87 5.98
N PHE E 126 -49.33 24.90 5.14
CA PHE E 126 -48.11 25.56 4.69
C PHE E 126 -47.81 26.68 5.68
N VAL E 127 -46.83 26.44 6.55
CA VAL E 127 -46.60 27.27 7.72
C VAL E 127 -45.34 28.10 7.53
N LEU E 128 -45.39 29.35 7.98
CA LEU E 128 -44.22 30.21 8.09
C LEU E 128 -44.06 30.60 9.55
N GLU E 129 -42.90 30.29 10.12
CA GLU E 129 -42.60 30.62 11.52
C GLU E 129 -41.48 31.65 11.50
N LEU E 130 -41.85 32.91 11.69
CA LEU E 130 -40.91 34.02 11.66
C LEU E 130 -40.65 34.49 13.08
N GLU E 131 -39.39 34.80 13.37
CA GLU E 131 -38.98 35.14 14.71
C GLU E 131 -37.59 35.76 14.67
N PRO E 132 -37.34 36.80 15.45
CA PRO E 132 -36.08 37.55 15.33
C PRO E 132 -34.94 36.80 16.00
N PHE E 133 -33.74 37.37 15.87
CA PHE E 133 -32.54 36.84 16.49
C PHE E 133 -31.93 37.91 17.38
N SER E 134 -31.39 37.48 18.52
CA SER E 134 -30.63 38.31 19.44
C SER E 134 -31.48 39.26 20.26
N TYR E 135 -32.79 39.34 19.98
CA TYR E 135 -33.66 40.33 20.63
C TYR E 135 -34.89 39.61 21.17
N ASN E 136 -35.03 39.56 22.49
CA ASN E 136 -36.13 38.84 23.11
C ASN E 136 -37.40 39.71 23.07
N ASN E 137 -38.47 39.22 23.70
CA ASN E 137 -39.73 39.97 23.71
C ASN E 137 -39.66 41.18 24.63
N GLN E 138 -38.73 41.19 25.59
CA GLN E 138 -38.54 42.38 26.41
C GLN E 138 -37.79 43.46 25.65
N GLN E 139 -37.13 43.11 24.54
CA GLN E 139 -36.41 44.05 23.70
C GLN E 139 -37.12 44.33 22.38
N LEU E 140 -37.70 43.30 21.76
CA LEU E 140 -38.41 43.44 20.51
C LEU E 140 -39.66 42.55 20.53
N ARG E 141 -40.81 43.14 20.21
CA ARG E 141 -42.07 42.41 20.16
C ARG E 141 -42.76 42.67 18.84
N PHE E 142 -43.37 41.64 18.27
CA PHE E 142 -44.12 41.80 17.03
C PHE E 142 -45.52 42.32 17.34
N SER E 143 -45.81 43.52 16.82
CA SER E 143 -47.10 44.15 17.09
C SER E 143 -48.25 43.41 16.39
N ASP E 144 -48.19 43.33 15.06
CA ASP E 144 -49.25 42.68 14.30
C ASP E 144 -48.64 42.08 13.04
N ILE E 145 -49.41 41.18 12.42
CA ILE E 145 -49.00 40.48 11.22
C ILE E 145 -50.14 40.51 10.22
N GLN E 146 -49.82 40.82 8.96
CA GLN E 146 -50.79 40.88 7.87
C GLN E 146 -50.22 40.11 6.69
N VAL E 147 -50.95 39.11 6.22
CA VAL E 147 -50.51 38.23 5.15
C VAL E 147 -51.33 38.59 3.90
N TYR E 148 -50.69 39.25 2.95
CA TYR E 148 -51.36 39.67 1.72
C TYR E 148 -51.20 38.61 0.63
N THR E 149 -51.72 37.42 0.95
CA THR E 149 -51.53 36.25 0.10
C THR E 149 -52.52 36.18 -1.05
N GLU E 150 -53.74 36.70 -0.88
CA GLU E 150 -54.83 36.35 -1.78
C GLU E 150 -54.61 36.90 -3.19
N ASN E 151 -54.25 38.19 -3.30
CA ASN E 151 -54.03 38.87 -4.57
C ASN E 151 -53.46 37.99 -5.69
N ILE E 152 -52.61 37.03 -5.34
CA ILE E 152 -52.05 36.11 -6.33
C ILE E 152 -52.40 34.67 -5.96
N ASP E 153 -51.91 34.22 -4.80
CA ASP E 153 -52.06 32.84 -4.34
C ASP E 153 -53.43 32.23 -4.63
N ASN E 154 -54.50 32.93 -4.25
CA ASN E 154 -55.88 32.44 -4.34
C ASN E 154 -56.24 31.71 -5.64
N GLU E 155 -55.37 31.76 -6.65
CA GLU E 155 -55.55 30.94 -7.85
C GLU E 155 -54.83 29.62 -7.57
N GLU E 156 -55.59 28.65 -7.08
CA GLU E 156 -55.01 27.40 -6.58
C GLU E 156 -54.78 26.43 -7.74
N ILE E 157 -53.70 26.68 -8.48
CA ILE E 157 -53.25 25.72 -9.48
C ILE E 157 -51.79 25.36 -9.19
N ASP E 158 -51.58 24.47 -8.22
CA ASP E 158 -50.21 24.19 -7.79
C ASP E 158 -49.98 22.75 -7.34
N GLU E 159 -50.78 21.78 -7.79
CA GLU E 159 -50.79 20.37 -7.40
C GLU E 159 -51.58 20.20 -6.11
N TRP E 160 -52.08 21.30 -5.53
CA TRP E 160 -52.86 21.29 -4.31
C TRP E 160 -54.01 22.27 -4.48
N TRP E 161 -54.91 22.29 -3.50
CA TRP E 161 -56.01 23.24 -3.46
C TRP E 161 -55.90 24.05 -2.19
N ILE E 162 -55.69 25.36 -2.34
CA ILE E 162 -55.67 26.27 -1.19
C ILE E 162 -57.10 26.51 -0.75
N ARG E 163 -57.38 26.23 0.50
CA ARG E 163 -58.74 26.29 1.05
C ARG E 163 -58.72 27.32 2.17
N GLY E 164 -59.11 28.54 1.86
CA GLY E 164 -59.15 29.61 2.84
C GLY E 164 -57.96 30.54 2.74
N LYS E 165 -58.08 31.68 3.42
CA LYS E 165 -57.01 32.66 3.51
C LYS E 165 -55.99 32.19 4.54
N ALA E 166 -55.01 33.04 4.85
CA ALA E 166 -54.01 32.67 5.82
C ALA E 166 -54.53 32.83 7.24
N SER E 167 -53.89 32.14 8.17
CA SER E 167 -54.21 32.23 9.59
C SER E 167 -52.93 32.58 10.34
N THR E 168 -53.00 33.67 11.12
CA THR E 168 -51.85 34.18 11.85
C THR E 168 -51.97 33.89 13.33
N HIS E 169 -50.83 33.69 13.97
CA HIS E 169 -50.76 33.48 15.41
C HIS E 169 -49.46 34.07 15.90
N ILE E 170 -49.54 34.90 16.94
CA ILE E 170 -48.38 35.49 17.58
C ILE E 170 -48.28 34.92 18.99
N SER E 171 -47.10 34.41 19.34
CA SER E 171 -46.89 33.76 20.62
C SER E 171 -45.54 34.17 21.18
N ASP E 172 -45.29 33.76 22.41
CA ASP E 172 -44.01 33.98 23.08
C ASP E 172 -43.37 32.61 23.32
N ILE E 173 -42.16 32.42 22.81
CA ILE E 173 -41.47 31.14 22.86
C ILE E 173 -40.33 31.23 23.86
N ARG E 174 -40.21 30.20 24.70
CA ARG E 174 -39.18 30.14 25.72
C ARG E 174 -38.10 29.18 25.26
N TYR E 175 -36.90 29.70 25.00
CA TYR E 175 -35.74 28.88 24.69
C TYR E 175 -34.97 28.64 25.98
N ASP E 176 -34.86 27.37 26.38
CA ASP E 176 -34.17 27.06 27.62
C ASP E 176 -32.66 27.19 27.50
N HIS E 177 -32.11 27.19 26.28
CA HIS E 177 -30.67 27.28 26.12
C HIS E 177 -30.13 28.70 26.26
N LEU E 178 -31.01 29.69 26.43
CA LEU E 178 -30.57 31.04 26.79
C LEU E 178 -30.82 31.36 28.26
N SER E 179 -31.43 30.44 29.01
CA SER E 179 -31.66 30.68 30.43
C SER E 179 -30.35 30.87 31.19
N SER E 180 -29.29 30.17 30.76
CA SER E 180 -27.98 30.35 31.39
C SER E 180 -27.42 31.74 31.17
N VAL E 181 -27.96 32.49 30.20
CA VAL E 181 -27.42 33.81 29.87
C VAL E 181 -28.45 34.92 30.05
N GLN E 182 -29.75 34.63 30.02
CA GLN E 182 -30.78 35.66 30.19
C GLN E 182 -31.87 35.10 31.10
N PRO E 183 -31.75 35.27 32.41
CA PRO E 183 -32.77 34.75 33.34
C PRO E 183 -34.05 35.54 33.24
N ASN E 184 -35.14 34.85 32.91
CA ASN E 184 -36.51 35.36 32.79
C ASN E 184 -36.68 36.31 31.60
N GLN E 185 -35.61 36.62 30.87
CA GLN E 185 -35.68 37.49 29.69
C GLN E 185 -35.39 36.70 28.43
N ASN E 186 -35.89 35.46 28.38
CA ASN E 186 -35.57 34.50 27.33
C ASN E 186 -36.81 34.12 26.52
N GLU E 187 -37.68 35.08 26.22
CA GLU E 187 -38.86 34.84 25.43
C GLU E 187 -38.79 35.68 24.16
N PHE E 188 -39.12 35.05 23.02
CA PHE E 188 -39.05 35.71 21.73
C PHE E 188 -40.45 35.78 21.11
N SER E 189 -40.75 36.91 20.50
CA SER E 189 -42.02 37.06 19.80
C SER E 189 -41.95 36.31 18.48
N ARG E 190 -42.96 35.50 18.21
CA ARG E 190 -42.95 34.64 17.03
C ARG E 190 -44.19 34.89 16.19
N ILE E 191 -43.97 35.15 14.91
CA ILE E 191 -45.04 35.25 13.93
C ILE E 191 -45.22 33.90 13.26
N THR E 192 -46.47 33.46 13.17
CA THR E 192 -46.80 32.19 12.54
C THR E 192 -47.89 32.44 11.52
N VAL E 193 -47.66 32.00 10.29
CA VAL E 193 -48.61 32.18 9.20
C VAL E 193 -48.94 30.81 8.66
N ARG E 194 -50.22 30.47 8.67
CA ARG E 194 -50.67 29.15 8.24
C ARG E 194 -51.65 29.30 7.10
N ILE E 195 -51.51 28.44 6.09
CA ILE E 195 -52.42 28.37 4.97
C ILE E 195 -52.85 26.92 4.84
N ASP E 196 -54.11 26.64 5.15
CA ASP E 196 -54.61 25.29 5.03
C ASP E 196 -54.76 24.92 3.55
N ALA E 197 -54.55 23.64 3.26
CA ALA E 197 -54.60 23.18 1.88
C ALA E 197 -55.02 21.72 1.86
N VAL E 198 -55.67 21.34 0.75
CA VAL E 198 -56.12 19.97 0.54
C VAL E 198 -55.49 19.48 -0.76
N ARG E 199 -55.36 18.16 -0.86
CA ARG E 199 -54.67 17.54 -1.98
C ARG E 199 -55.63 17.26 -3.13
N LYS E 200 -55.06 17.17 -4.34
CA LYS E 200 -55.83 16.91 -5.55
C LYS E 200 -55.63 15.44 -5.93
N ILE E 201 -56.70 14.64 -5.79
CA ILE E 201 -56.60 13.19 -6.00
C ILE E 201 -56.55 12.80 -7.46
N GLY E 202 -56.60 13.75 -8.38
CA GLY E 202 -56.64 13.42 -9.80
C GLY E 202 -55.46 12.58 -10.24
N TYR E 203 -54.25 12.96 -9.84
CA TYR E 203 -53.06 12.23 -10.24
C TYR E 203 -53.10 10.79 -9.72
N PHE E 204 -53.62 10.59 -8.51
CA PHE E 204 -53.62 9.27 -7.90
C PHE E 204 -54.74 8.38 -8.42
N VAL E 205 -55.84 8.96 -8.88
CA VAL E 205 -56.89 8.16 -9.50
C VAL E 205 -56.37 7.43 -10.73
N ILE E 206 -55.59 8.12 -11.56
CA ILE E 206 -55.08 7.52 -12.78
C ILE E 206 -53.91 6.58 -12.51
N GLN E 207 -53.09 6.87 -11.51
CA GLN E 207 -51.87 6.10 -11.31
C GLN E 207 -52.10 4.83 -10.49
N THR E 208 -52.94 4.89 -9.46
CA THR E 208 -53.13 3.74 -8.59
C THR E 208 -54.56 3.24 -8.55
N TYR E 209 -55.53 4.14 -8.34
CA TYR E 209 -56.90 3.71 -8.10
C TYR E 209 -57.50 2.98 -9.31
N LEU E 210 -57.54 3.65 -10.46
CA LEU E 210 -58.05 3.01 -11.67
C LEU E 210 -57.28 1.74 -12.03
N PRO E 211 -55.94 1.72 -12.03
CA PRO E 211 -55.24 0.45 -12.27
C PRO E 211 -55.56 -0.62 -11.25
N CYS E 212 -55.81 -0.24 -10.00
CA CYS E 212 -56.26 -1.22 -9.01
C CYS E 212 -57.65 -1.72 -9.33
N ILE E 213 -58.57 -0.83 -9.71
CA ILE E 213 -59.94 -1.22 -9.98
C ILE E 213 -60.01 -2.13 -11.21
N MET E 214 -59.48 -1.66 -12.34
CA MET E 214 -59.50 -2.47 -13.55
C MET E 214 -58.78 -3.79 -13.36
N THR E 215 -57.79 -3.84 -12.47
CA THR E 215 -57.16 -5.11 -12.14
C THR E 215 -58.14 -6.01 -11.39
N VAL E 216 -58.89 -5.46 -10.44
CA VAL E 216 -59.94 -6.23 -9.76
C VAL E 216 -60.99 -6.69 -10.76
N ILE E 217 -61.41 -5.79 -11.66
CA ILE E 217 -62.34 -6.19 -12.71
C ILE E 217 -61.74 -7.31 -13.56
N LEU E 218 -60.45 -7.18 -13.89
CA LEU E 218 -59.77 -8.24 -14.63
C LEU E 218 -59.66 -9.51 -13.80
N SER E 219 -59.52 -9.38 -12.48
CA SER E 219 -59.36 -10.55 -11.62
C SER E 219 -60.59 -11.43 -11.63
N GLN E 220 -61.78 -10.83 -11.78
CA GLN E 220 -63.03 -11.55 -11.69
C GLN E 220 -63.44 -12.21 -13.01
N VAL E 221 -62.76 -11.89 -14.11
CA VAL E 221 -63.05 -12.54 -15.38
C VAL E 221 -62.76 -14.03 -15.31
N SER E 222 -61.91 -14.45 -14.38
CA SER E 222 -61.63 -15.87 -14.21
C SER E 222 -62.90 -16.65 -13.90
N PHE E 223 -63.83 -16.06 -13.15
CA PHE E 223 -65.08 -16.75 -12.81
C PHE E 223 -65.90 -17.05 -14.05
N TRP E 224 -65.98 -16.10 -14.97
CA TRP E 224 -66.87 -16.25 -16.13
C TRP E 224 -66.25 -17.08 -17.24
N LEU E 225 -65.22 -17.86 -16.95
CA LEU E 225 -64.62 -18.68 -18.01
C LEU E 225 -65.26 -20.07 -17.98
N ASN E 226 -64.91 -20.87 -16.97
CA ASN E 226 -65.47 -22.18 -16.67
C ASN E 226 -64.66 -22.82 -15.56
N ARG E 227 -64.96 -24.07 -15.21
CA ARG E 227 -63.89 -24.92 -14.69
C ARG E 227 -63.00 -25.29 -15.88
N GLU E 228 -62.45 -24.28 -16.53
CA GLU E 228 -61.93 -24.36 -17.89
C GLU E 228 -60.46 -24.75 -17.86
N SER E 229 -59.77 -24.54 -18.97
CA SER E 229 -58.32 -24.74 -19.04
C SER E 229 -57.66 -24.10 -17.82
N VAL E 230 -57.05 -24.95 -16.99
CA VAL E 230 -56.39 -24.43 -15.78
C VAL E 230 -55.34 -23.38 -16.10
N PRO E 231 -54.53 -23.51 -17.17
CA PRO E 231 -53.61 -22.41 -17.51
C PRO E 231 -54.26 -21.04 -17.57
N ALA E 232 -55.43 -20.91 -18.21
CA ALA E 232 -56.07 -19.62 -18.36
C ALA E 232 -56.40 -19.00 -17.00
N ARG E 233 -57.21 -19.68 -16.20
CA ARG E 233 -57.63 -19.14 -14.92
C ARG E 233 -56.47 -18.98 -13.95
N THR E 234 -55.37 -19.70 -14.15
CA THR E 234 -54.17 -19.43 -13.35
C THR E 234 -53.44 -18.20 -13.86
N VAL E 235 -53.32 -18.07 -15.19
CA VAL E 235 -52.73 -16.86 -15.78
C VAL E 235 -53.48 -15.62 -15.31
N PHE E 236 -54.81 -15.69 -15.29
CA PHE E 236 -55.59 -14.61 -14.71
C PHE E 236 -55.21 -14.40 -13.25
N GLY E 237 -55.02 -15.48 -12.51
CA GLY E 237 -54.69 -15.39 -11.11
C GLY E 237 -53.34 -14.77 -10.80
N VAL E 238 -52.26 -15.35 -11.32
CA VAL E 238 -50.94 -14.90 -10.93
C VAL E 238 -50.66 -13.50 -11.46
N THR E 239 -51.07 -13.21 -12.70
CA THR E 239 -50.82 -11.89 -13.26
C THR E 239 -51.52 -10.81 -12.45
N THR E 240 -52.76 -11.05 -12.04
CA THR E 240 -53.48 -10.05 -11.25
C THR E 240 -52.86 -9.86 -9.87
N VAL E 241 -52.40 -10.95 -9.25
CA VAL E 241 -51.76 -10.84 -7.94
C VAL E 241 -50.45 -10.09 -8.05
N LEU E 242 -49.60 -10.48 -9.01
CA LEU E 242 -48.32 -9.81 -9.18
C LEU E 242 -48.50 -8.35 -9.61
N THR E 243 -49.44 -8.09 -10.52
CA THR E 243 -49.72 -6.71 -10.91
C THR E 243 -50.14 -5.89 -9.71
N MET E 244 -51.05 -6.44 -8.89
CA MET E 244 -51.46 -5.73 -7.68
C MET E 244 -50.30 -5.61 -6.71
N THR E 245 -49.36 -6.56 -6.74
CA THR E 245 -48.19 -6.47 -5.86
C THR E 245 -47.27 -5.33 -6.28
N THR E 246 -47.00 -5.20 -7.59
CA THR E 246 -46.14 -4.10 -8.04
C THR E 246 -46.80 -2.76 -7.79
N LEU E 247 -48.11 -2.67 -8.02
CA LEU E 247 -48.80 -1.42 -7.71
C LEU E 247 -48.78 -1.13 -6.22
N SER E 248 -48.85 -2.17 -5.38
CA SER E 248 -48.75 -1.97 -3.94
C SER E 248 -47.41 -1.39 -3.53
N ILE E 249 -46.34 -1.74 -4.24
CA ILE E 249 -45.03 -1.20 -3.92
C ILE E 249 -44.88 0.21 -4.47
N SER E 250 -45.12 0.37 -5.77
CA SER E 250 -44.93 1.66 -6.44
C SER E 250 -45.84 2.75 -5.89
N ALA E 251 -46.91 2.38 -5.17
CA ALA E 251 -47.84 3.39 -4.67
C ALA E 251 -47.26 4.22 -3.54
N ARG E 252 -46.21 3.74 -2.88
CA ARG E 252 -45.63 4.46 -1.75
C ARG E 252 -44.35 5.20 -2.11
N ASN E 253 -43.85 5.04 -3.34
CA ASN E 253 -42.63 5.73 -3.73
C ASN E 253 -42.78 7.25 -3.74
N SER E 254 -44.02 7.74 -3.71
CA SER E 254 -44.29 9.17 -3.57
C SER E 254 -44.53 9.58 -2.13
N LEU E 255 -44.09 8.77 -1.17
CA LEU E 255 -44.29 9.00 0.25
C LEU E 255 -42.99 8.73 1.00
N PRO E 256 -42.78 9.40 2.12
CA PRO E 256 -41.65 9.04 2.98
C PRO E 256 -41.87 7.67 3.59
N LYS E 257 -40.77 7.11 4.11
CA LYS E 257 -40.76 5.75 4.63
C LYS E 257 -41.34 5.75 6.06
N VAL E 258 -42.61 6.15 6.13
CA VAL E 258 -43.33 6.25 7.41
C VAL E 258 -43.82 4.87 7.82
N ALA E 259 -44.26 4.74 9.07
CA ALA E 259 -44.71 3.47 9.61
C ALA E 259 -46.21 3.27 9.46
N TYR E 260 -47.01 4.29 9.77
CA TYR E 260 -48.45 4.12 9.74
C TYR E 260 -48.93 3.86 8.31
N ALA E 261 -50.11 3.24 8.22
CA ALA E 261 -50.72 2.92 6.94
C ALA E 261 -51.69 4.02 6.52
N THR E 262 -51.70 4.33 5.24
CA THR E 262 -52.51 5.40 4.67
C THR E 262 -53.83 4.86 4.15
N ALA E 263 -54.73 5.79 3.81
CA ALA E 263 -55.99 5.40 3.19
C ALA E 263 -55.77 4.72 1.85
N MET E 264 -54.73 5.10 1.12
CA MET E 264 -54.37 4.38 -0.10
C MET E 264 -53.86 2.98 0.23
N ASP E 265 -53.17 2.84 1.36
CA ASP E 265 -52.67 1.52 1.76
C ASP E 265 -53.83 0.57 2.07
N TRP E 266 -54.76 1.00 2.93
CA TRP E 266 -55.92 0.17 3.25
C TRP E 266 -56.72 -0.18 2.00
N PHE E 267 -56.85 0.78 1.07
CA PHE E 267 -57.59 0.51 -0.15
C PHE E 267 -56.91 -0.56 -0.99
N ILE E 268 -55.58 -0.56 -1.01
CA ILE E 268 -54.86 -1.54 -1.82
C ILE E 268 -54.93 -2.93 -1.18
N ALA E 269 -54.83 -2.98 0.15
CA ALA E 269 -54.89 -4.27 0.84
C ALA E 269 -56.19 -5.00 0.52
N VAL E 270 -57.31 -4.26 0.48
CA VAL E 270 -58.58 -4.86 0.07
C VAL E 270 -58.51 -5.30 -1.38
N CYS E 271 -58.08 -4.39 -2.27
CA CYS E 271 -57.88 -4.77 -3.67
C CYS E 271 -56.93 -5.94 -3.80
N TYR E 272 -55.95 -6.05 -2.90
CA TYR E 272 -55.10 -7.22 -2.88
C TYR E 272 -55.88 -8.45 -2.41
N ALA E 273 -56.77 -8.27 -1.43
CA ALA E 273 -57.51 -9.40 -0.88
C ALA E 273 -58.42 -10.03 -1.92
N PHE E 274 -59.26 -9.22 -2.56
CA PHE E 274 -60.21 -9.75 -3.53
C PHE E 274 -59.50 -10.45 -4.68
N VAL E 275 -58.37 -9.91 -5.12
CA VAL E 275 -57.61 -10.53 -6.20
C VAL E 275 -57.02 -11.87 -5.73
N PHE E 276 -56.40 -11.89 -4.55
CA PHE E 276 -55.82 -13.12 -4.06
C PHE E 276 -56.90 -14.14 -3.70
N SER E 277 -58.03 -13.67 -3.16
CA SER E 277 -59.13 -14.57 -2.85
C SER E 277 -59.69 -15.20 -4.12
N ALA E 278 -59.77 -14.42 -5.20
CA ALA E 278 -60.28 -14.95 -6.46
C ALA E 278 -59.42 -16.11 -6.97
N LEU E 279 -58.10 -16.01 -6.80
CA LEU E 279 -57.22 -17.09 -7.22
C LEU E 279 -57.43 -18.31 -6.35
N ILE E 280 -57.45 -18.11 -5.02
CA ILE E 280 -57.66 -19.23 -4.10
C ILE E 280 -59.00 -19.90 -4.38
N GLU E 281 -60.01 -19.10 -4.72
CA GLU E 281 -61.32 -19.67 -5.07
C GLU E 281 -61.21 -20.66 -6.22
N PHE E 282 -60.55 -20.25 -7.30
CA PHE E 282 -60.36 -21.18 -8.43
C PHE E 282 -59.54 -22.39 -8.02
N ALA E 283 -58.45 -22.17 -7.29
CA ALA E 283 -57.65 -23.29 -6.82
C ALA E 283 -58.47 -24.21 -5.94
N THR E 284 -59.52 -23.68 -5.30
CA THR E 284 -60.41 -24.51 -4.52
C THR E 284 -61.28 -25.40 -5.42
N VAL E 285 -61.96 -24.79 -6.40
CA VAL E 285 -62.80 -25.56 -7.29
C VAL E 285 -61.98 -26.52 -8.15
N ASN E 286 -60.69 -26.26 -8.30
CA ASN E 286 -59.83 -27.21 -8.99
C ASN E 286 -59.51 -28.42 -8.11
N TYR E 287 -59.52 -28.23 -6.78
CA TYR E 287 -59.36 -29.37 -5.89
C TYR E 287 -60.63 -30.22 -5.84
N PHE E 288 -61.75 -29.68 -6.30
CA PHE E 288 -63.02 -30.40 -6.35
C PHE E 288 -63.42 -30.65 -7.81
N THR E 289 -62.42 -30.93 -8.65
CA THR E 289 -62.67 -31.12 -10.07
C THR E 289 -63.35 -32.45 -10.37
N LYS E 290 -63.15 -33.47 -9.54
CA LYS E 290 -63.76 -34.76 -9.77
C LYS E 290 -64.86 -35.14 -8.78
N ARG E 291 -64.76 -34.71 -7.52
CA ARG E 291 -65.75 -35.08 -6.51
C ARG E 291 -66.87 -34.05 -6.54
N GLY E 292 -67.91 -34.36 -7.30
CA GLY E 292 -69.08 -33.49 -7.41
C GLY E 292 -68.96 -32.49 -8.53
N VAL E 293 -68.69 -32.99 -9.74
CA VAL E 293 -68.54 -32.16 -10.93
C VAL E 293 -69.62 -32.55 -11.93
N GLU E 294 -70.47 -31.59 -12.29
CA GLU E 294 -71.34 -31.79 -13.45
C GLU E 294 -71.05 -30.81 -14.57
N SER E 295 -71.24 -29.52 -14.35
CA SER E 295 -70.73 -28.51 -15.27
C SER E 295 -70.05 -27.34 -14.59
N VAL E 296 -70.60 -26.87 -13.47
CA VAL E 296 -70.07 -25.71 -12.77
C VAL E 296 -70.24 -25.90 -11.26
N SER E 297 -69.25 -25.45 -10.50
CA SER E 297 -69.34 -25.37 -9.06
C SER E 297 -70.14 -24.13 -8.66
N LYS E 298 -71.26 -24.34 -7.96
CA LYS E 298 -72.13 -23.26 -7.48
C LYS E 298 -71.34 -22.09 -6.91
N ILE E 299 -70.07 -22.32 -6.54
CA ILE E 299 -69.21 -21.23 -6.11
C ILE E 299 -69.06 -20.21 -7.22
N ASP E 300 -68.71 -20.67 -8.43
CA ASP E 300 -68.64 -19.75 -9.57
C ASP E 300 -70.01 -19.14 -9.85
N ARG E 301 -71.08 -19.91 -9.65
CA ARG E 301 -72.43 -19.41 -9.90
C ARG E 301 -72.75 -18.22 -9.00
N LEU E 302 -72.21 -18.19 -7.78
CA LEU E 302 -72.41 -17.06 -6.86
C LEU E 302 -71.26 -16.07 -6.84
N SER E 303 -70.01 -16.52 -7.06
CA SER E 303 -68.88 -15.61 -7.00
C SER E 303 -68.97 -14.52 -8.06
N ARG E 304 -69.56 -14.83 -9.22
CA ARG E 304 -69.76 -13.81 -10.24
C ARG E 304 -70.64 -12.66 -9.76
N ILE E 305 -71.40 -12.87 -8.69
CA ILE E 305 -72.25 -11.83 -8.12
C ILE E 305 -71.79 -11.44 -6.72
N ALA E 306 -71.32 -12.41 -5.93
CA ALA E 306 -70.88 -12.12 -4.57
C ALA E 306 -69.72 -11.15 -4.56
N PHE E 307 -68.69 -11.42 -5.38
CA PHE E 307 -67.50 -10.57 -5.37
C PHE E 307 -67.80 -9.14 -5.84
N PRO E 308 -68.47 -8.90 -6.97
CA PRO E 308 -68.74 -7.51 -7.36
C PRO E 308 -69.58 -6.77 -6.34
N LEU E 309 -70.59 -7.42 -5.76
CA LEU E 309 -71.41 -6.75 -4.76
C LEU E 309 -70.59 -6.36 -3.55
N LEU E 310 -69.75 -7.27 -3.06
CA LEU E 310 -68.84 -6.93 -1.97
C LEU E 310 -67.86 -5.84 -2.40
N PHE E 311 -67.34 -5.94 -3.62
CA PHE E 311 -66.44 -4.92 -4.14
C PHE E 311 -67.19 -3.63 -4.44
N GLY E 312 -68.39 -3.74 -5.01
CA GLY E 312 -69.15 -2.54 -5.32
C GLY E 312 -69.49 -1.72 -4.09
N ILE E 313 -70.03 -2.38 -3.05
CA ILE E 313 -70.36 -1.66 -1.83
C ILE E 313 -69.09 -1.15 -1.15
N PHE E 314 -67.97 -1.85 -1.33
CA PHE E 314 -66.74 -1.41 -0.67
C PHE E 314 -66.28 -0.05 -1.20
N ASN E 315 -66.18 0.10 -2.52
CA ASN E 315 -65.81 1.39 -3.10
C ASN E 315 -66.81 2.47 -2.71
N LEU E 316 -68.09 2.12 -2.62
CA LEU E 316 -69.08 3.11 -2.23
C LEU E 316 -68.90 3.54 -0.77
N VAL E 317 -68.63 2.57 0.12
CA VAL E 317 -68.30 2.92 1.50
C VAL E 317 -66.99 3.69 1.55
N TYR E 318 -66.04 3.32 0.69
CA TYR E 318 -64.73 3.97 0.69
C TYR E 318 -64.86 5.43 0.30
N TRP E 319 -65.41 5.71 -0.88
CA TRP E 319 -65.44 7.08 -1.37
C TRP E 319 -66.47 7.94 -0.65
N ALA E 320 -67.50 7.33 -0.05
CA ALA E 320 -68.37 8.09 0.83
C ALA E 320 -67.60 8.59 2.04
N THR E 321 -66.77 7.72 2.62
CA THR E 321 -65.77 8.16 3.57
C THR E 321 -64.66 8.92 2.85
N TYR E 322 -63.75 9.50 3.63
CA TYR E 322 -62.56 10.15 3.09
C TYR E 322 -62.89 11.35 2.20
N LEU E 323 -64.17 11.70 2.09
CA LEU E 323 -64.58 12.84 1.29
C LEU E 323 -65.46 13.79 2.10
N ARG F 10 73.06 -16.05 -20.68
CA ARG F 10 71.79 -15.73 -21.34
C ARG F 10 70.57 -15.45 -20.43
N PRO F 11 70.52 -15.97 -19.19
CA PRO F 11 69.37 -15.62 -18.34
C PRO F 11 69.42 -14.17 -17.91
N VAL F 12 68.25 -13.54 -17.91
CA VAL F 12 68.12 -12.12 -17.60
C VAL F 12 68.28 -11.91 -16.11
N ASP F 13 69.32 -11.15 -15.72
CA ASP F 13 69.50 -10.80 -14.32
C ASP F 13 68.45 -9.78 -13.92
N VAL F 14 67.65 -10.11 -12.91
CA VAL F 14 66.54 -9.27 -12.47
C VAL F 14 66.77 -8.86 -11.02
N SER F 15 66.86 -7.55 -10.79
CA SER F 15 66.94 -7.01 -9.44
C SER F 15 65.53 -6.71 -8.93
N VAL F 16 65.26 -7.09 -7.69
CA VAL F 16 63.92 -6.98 -7.11
C VAL F 16 64.01 -6.24 -5.79
N SER F 17 63.13 -5.25 -5.61
CA SER F 17 62.99 -4.52 -4.36
C SER F 17 61.54 -4.57 -3.93
N ILE F 18 61.30 -4.85 -2.65
CA ILE F 18 59.95 -4.99 -2.12
C ILE F 18 59.82 -4.05 -0.92
N PHE F 19 58.81 -3.19 -0.96
CA PHE F 19 58.51 -2.27 0.13
C PHE F 19 57.18 -2.66 0.77
N ILE F 20 57.21 -3.04 2.03
CA ILE F 20 56.02 -3.45 2.76
C ILE F 20 55.44 -2.25 3.48
N ASN F 21 54.23 -1.84 3.07
CA ASN F 21 53.60 -0.68 3.68
C ASN F 21 53.02 -1.00 5.06
N LYS F 22 52.41 -2.18 5.20
CA LYS F 22 51.79 -2.56 6.47
C LYS F 22 51.43 -4.03 6.42
N ILE F 23 51.51 -4.68 7.58
CA ILE F 23 51.04 -6.05 7.76
C ILE F 23 49.88 -6.00 8.74
N TYR F 24 48.76 -6.62 8.36
CA TYR F 24 47.53 -6.53 9.13
C TYR F 24 46.71 -7.78 8.91
N GLY F 25 45.63 -7.90 9.68
CA GLY F 25 44.72 -9.02 9.52
C GLY F 25 45.32 -10.37 9.84
N VAL F 26 46.09 -10.48 10.92
CA VAL F 26 46.66 -11.75 11.30
C VAL F 26 45.57 -12.66 11.84
N ASN F 27 45.32 -13.77 11.18
CA ASN F 27 44.31 -14.73 11.58
C ASN F 27 45.02 -16.04 11.93
N THR F 28 45.13 -16.32 13.23
CA THR F 28 45.83 -17.53 13.65
C THR F 28 45.05 -18.79 13.29
N LEU F 29 43.72 -18.70 13.21
CA LEU F 29 42.92 -19.87 12.88
C LEU F 29 43.20 -20.34 11.46
N GLU F 30 42.97 -19.47 10.48
CA GLU F 30 43.21 -19.79 9.09
C GLU F 30 44.69 -19.75 8.70
N GLN F 31 45.57 -19.35 9.63
CA GLN F 31 47.01 -19.26 9.39
C GLN F 31 47.34 -18.30 8.25
N THR F 32 46.51 -17.28 8.08
CA THR F 32 46.73 -16.26 7.06
C THR F 32 47.09 -14.93 7.69
N TYR F 33 47.61 -14.04 6.85
CA TYR F 33 47.98 -12.69 7.26
C TYR F 33 48.03 -11.82 6.00
N LYS F 34 47.54 -10.59 6.10
CA LYS F 34 47.46 -9.72 4.94
C LYS F 34 48.66 -8.78 4.90
N VAL F 35 49.24 -8.63 3.72
CA VAL F 35 50.43 -7.80 3.51
C VAL F 35 50.15 -6.85 2.36
N ASP F 36 50.38 -5.56 2.61
CA ASP F 36 50.21 -4.53 1.60
C ASP F 36 51.57 -3.87 1.33
N GLY F 37 51.84 -3.58 0.07
CA GLY F 37 53.10 -2.96 -0.27
C GLY F 37 53.27 -2.84 -1.77
N TYR F 38 54.46 -2.37 -2.14
CA TYR F 38 54.86 -2.13 -3.52
C TYR F 38 55.90 -3.17 -3.92
N ILE F 39 56.04 -3.36 -5.23
CA ILE F 39 57.07 -4.25 -5.77
C ILE F 39 57.82 -3.52 -6.87
N VAL F 40 59.12 -3.81 -6.96
CA VAL F 40 59.99 -3.19 -7.95
C VAL F 40 60.85 -4.29 -8.57
N ALA F 41 60.79 -4.41 -9.90
CA ALA F 41 61.60 -5.37 -10.63
C ALA F 41 62.35 -4.64 -11.73
N GLN F 42 63.67 -4.69 -11.68
CA GLN F 42 64.52 -4.00 -12.64
C GLN F 42 65.42 -5.02 -13.33
N TRP F 43 65.47 -4.95 -14.66
CA TRP F 43 66.36 -5.79 -15.44
C TRP F 43 66.86 -5.01 -16.64
N THR F 44 68.03 -5.41 -17.14
CA THR F 44 68.66 -4.73 -18.26
C THR F 44 68.20 -5.43 -19.53
N GLY F 45 67.38 -4.74 -20.32
CA GLY F 45 66.84 -5.29 -21.54
C GLY F 45 67.51 -4.74 -22.78
N LYS F 46 66.82 -4.89 -23.91
CA LYS F 46 67.39 -4.43 -25.17
C LYS F 46 67.22 -2.92 -25.29
N PRO F 47 68.25 -2.20 -25.76
CA PRO F 47 68.13 -0.74 -25.85
C PRO F 47 67.04 -0.34 -26.83
N ARG F 48 66.45 0.83 -26.59
CA ARG F 48 65.37 1.32 -27.43
C ARG F 48 65.41 2.84 -27.48
N LYS F 49 64.61 3.40 -28.38
CA LYS F 49 64.52 4.84 -28.59
C LYS F 49 63.18 5.30 -28.00
N THR F 50 63.23 5.91 -26.83
CA THR F 50 62.02 6.40 -26.18
C THR F 50 61.55 7.70 -26.84
N PRO F 51 60.26 8.04 -26.70
CA PRO F 51 59.81 9.38 -27.11
C PRO F 51 60.52 10.45 -26.31
N GLY F 52 61.38 11.21 -26.99
CA GLY F 52 62.30 12.11 -26.34
C GLY F 52 63.41 11.37 -25.62
N ASP F 53 64.50 12.06 -25.29
CA ASP F 53 65.57 11.43 -24.55
C ASP F 53 65.22 11.21 -23.08
N LYS F 54 64.11 11.77 -22.62
CA LYS F 54 63.64 11.58 -21.27
C LYS F 54 63.24 10.13 -21.05
N PRO F 55 63.32 9.62 -19.82
CA PRO F 55 62.83 8.26 -19.56
C PRO F 55 61.31 8.22 -19.69
N LEU F 56 60.83 7.16 -20.32
CA LEU F 56 59.40 7.00 -20.58
C LEU F 56 58.69 6.33 -19.41
N ILE F 57 57.59 6.94 -18.96
CA ILE F 57 56.81 6.44 -17.84
C ILE F 57 55.44 6.03 -18.38
N VAL F 58 55.04 4.79 -18.08
CA VAL F 58 53.79 4.22 -18.55
C VAL F 58 53.01 3.75 -17.34
N GLU F 59 51.73 4.10 -17.28
CA GLU F 59 50.89 3.84 -16.12
C GLU F 59 50.07 2.57 -16.34
N ASN F 60 49.09 2.34 -15.46
CA ASN F 60 48.44 1.03 -15.30
C ASN F 60 48.04 0.40 -16.62
N THR F 61 47.11 1.01 -17.33
CA THR F 61 46.66 0.45 -18.59
C THR F 61 47.61 0.94 -19.68
N GLN F 62 47.32 0.54 -20.92
CA GLN F 62 48.15 0.87 -22.09
C GLN F 62 49.44 0.06 -22.09
N ILE F 63 49.74 -0.62 -20.98
CA ILE F 63 50.89 -1.53 -20.97
C ILE F 63 50.61 -2.70 -21.90
N GLU F 64 49.35 -3.13 -21.98
CA GLU F 64 48.99 -4.26 -22.83
C GLU F 64 49.33 -3.97 -24.29
N ARG F 65 49.08 -2.75 -24.75
CA ARG F 65 49.41 -2.39 -26.12
C ARG F 65 50.92 -2.39 -26.35
N TRP F 66 51.72 -2.16 -25.29
CA TRP F 66 53.17 -2.15 -25.44
C TRP F 66 53.72 -3.55 -25.64
N ILE F 67 53.26 -4.51 -24.83
CA ILE F 67 53.69 -5.89 -25.03
C ILE F 67 53.16 -6.44 -26.34
N ASN F 68 52.08 -5.86 -26.87
CA ASN F 68 51.60 -6.25 -28.20
C ASN F 68 52.60 -5.88 -29.27
N ASN F 69 53.42 -4.85 -29.02
CA ASN F 69 54.49 -4.47 -29.92
C ASN F 69 55.78 -5.22 -29.62
N GLY F 70 55.70 -6.33 -28.87
CA GLY F 70 56.82 -7.20 -28.62
C GLY F 70 57.60 -6.95 -27.35
N LEU F 71 57.20 -5.98 -26.53
CA LEU F 71 57.91 -5.74 -25.28
C LEU F 71 57.76 -6.93 -24.34
N TRP F 72 58.83 -7.24 -23.62
CA TRP F 72 58.90 -8.43 -22.77
C TRP F 72 58.66 -8.02 -21.32
N VAL F 73 57.50 -8.38 -20.79
CA VAL F 73 57.17 -8.13 -19.39
C VAL F 73 56.85 -9.46 -18.72
N PRO F 74 57.75 -10.00 -17.91
CA PRO F 74 57.50 -11.30 -17.28
C PRO F 74 56.49 -11.20 -16.16
N ALA F 75 55.59 -12.18 -16.11
CA ALA F 75 54.61 -12.23 -15.03
C ALA F 75 55.27 -12.74 -13.76
N LEU F 76 55.11 -12.00 -12.67
CA LEU F 76 55.63 -12.39 -11.37
C LEU F 76 54.49 -12.89 -10.50
N GLU F 77 54.82 -13.84 -9.63
CA GLU F 77 53.81 -14.65 -8.95
C GLU F 77 54.14 -14.79 -7.47
N PHE F 78 53.15 -14.55 -6.62
CA PHE F 78 53.27 -14.83 -5.20
C PHE F 78 52.80 -16.25 -4.93
N ILE F 79 53.66 -17.06 -4.31
CA ILE F 79 53.33 -18.47 -4.10
C ILE F 79 52.39 -18.64 -2.91
N ASN F 80 52.79 -18.15 -1.74
CA ASN F 80 52.04 -18.38 -0.51
C ASN F 80 50.89 -17.38 -0.38
N VAL F 81 50.04 -17.39 -1.39
CA VAL F 81 48.87 -16.53 -1.44
C VAL F 81 47.63 -17.40 -1.39
N VAL F 82 46.55 -16.86 -0.84
CA VAL F 82 45.32 -17.62 -0.70
C VAL F 82 44.43 -17.53 -1.93
N GLY F 83 44.41 -16.37 -2.60
CA GLY F 83 43.66 -16.18 -3.82
C GLY F 83 44.36 -15.14 -4.66
N SER F 84 43.83 -14.92 -5.86
CA SER F 84 44.43 -13.93 -6.75
C SER F 84 44.50 -12.60 -5.99
N PRO F 85 45.72 -12.12 -5.71
CA PRO F 85 45.86 -10.94 -4.86
C PRO F 85 45.26 -9.71 -5.52
N ASP F 86 44.95 -8.73 -4.68
CA ASP F 86 44.32 -7.50 -5.13
C ASP F 86 45.42 -6.64 -5.74
N THR F 87 45.54 -6.69 -7.06
CA THR F 87 46.58 -5.94 -7.75
C THR F 87 46.16 -4.49 -7.89
N GLY F 88 47.02 -3.58 -7.45
CA GLY F 88 46.72 -2.16 -7.52
C GLY F 88 47.12 -1.53 -8.83
N ASN F 89 47.89 -0.44 -8.77
CA ASN F 89 48.34 0.26 -9.96
C ASN F 89 49.68 -0.28 -10.42
N LYS F 90 49.82 -0.44 -11.73
CA LYS F 90 51.04 -0.94 -12.35
C LYS F 90 51.67 0.18 -13.16
N ARG F 91 53.00 0.25 -13.15
CA ARG F 91 53.68 1.28 -13.93
C ARG F 91 54.87 0.67 -14.64
N LEU F 92 55.30 1.34 -15.71
CA LEU F 92 56.44 0.91 -16.50
C LEU F 92 57.39 2.09 -16.70
N MET F 93 58.64 1.91 -16.31
CA MET F 93 59.70 2.88 -16.58
C MET F 93 60.50 2.39 -17.78
N LEU F 94 60.41 3.11 -18.89
CA LEU F 94 61.15 2.77 -20.10
C LEU F 94 62.31 3.76 -20.24
N PHE F 95 63.52 3.27 -20.07
CA PHE F 95 64.74 4.05 -20.16
C PHE F 95 65.31 3.97 -21.58
N PRO F 96 66.08 4.98 -22.02
CA PRO F 96 66.67 4.91 -23.36
C PRO F 96 67.77 3.86 -23.48
N ASP F 97 68.55 3.66 -22.42
CA ASP F 97 69.63 2.68 -22.45
C ASP F 97 69.15 1.23 -22.44
N GLY F 98 67.84 0.98 -22.33
CA GLY F 98 67.28 -0.35 -22.49
C GLY F 98 66.69 -0.94 -21.22
N ARG F 99 67.19 -0.56 -20.05
CA ARG F 99 66.74 -1.16 -18.81
C ARG F 99 65.27 -0.90 -18.57
N VAL F 100 64.53 -1.96 -18.25
CA VAL F 100 63.09 -1.89 -18.01
C VAL F 100 62.83 -2.05 -16.52
N ILE F 101 61.79 -1.36 -16.04
CA ILE F 101 61.46 -1.32 -14.63
C ILE F 101 59.96 -1.52 -14.49
N TYR F 102 59.56 -2.58 -13.78
CA TYR F 102 58.17 -2.90 -13.52
C TYR F 102 57.85 -2.62 -12.06
N ASN F 103 56.96 -1.67 -11.82
CA ASN F 103 56.58 -1.29 -10.46
C ASN F 103 55.07 -1.31 -10.33
N ALA F 104 54.59 -1.95 -9.27
CA ALA F 104 53.15 -2.08 -9.04
C ALA F 104 52.89 -2.31 -7.57
N ARG F 105 51.66 -2.04 -7.15
CA ARG F 105 51.24 -2.22 -5.77
C ARG F 105 50.45 -3.52 -5.64
N PHE F 106 50.68 -4.22 -4.53
CA PHE F 106 50.03 -5.49 -4.28
C PHE F 106 49.46 -5.50 -2.88
N LEU F 107 48.22 -6.00 -2.76
CA LEU F 107 47.57 -6.22 -1.48
C LEU F 107 47.00 -7.63 -1.52
N GLY F 108 47.63 -8.55 -0.81
CA GLY F 108 47.26 -9.95 -0.90
C GLY F 108 47.12 -10.60 0.46
N SER F 109 46.28 -11.62 0.51
CA SER F 109 46.10 -12.43 1.70
C SER F 109 47.06 -13.61 1.61
N PHE F 110 48.10 -13.60 2.43
CA PHE F 110 49.17 -14.58 2.38
C PHE F 110 48.99 -15.66 3.43
N SER F 111 49.70 -16.77 3.23
CA SER F 111 49.62 -17.91 4.12
C SER F 111 51.03 -18.38 4.46
N ASN F 112 51.16 -19.05 5.59
CA ASN F 112 52.43 -19.62 6.00
C ASN F 112 52.18 -20.69 7.04
N ASP F 113 52.99 -21.76 7.00
CA ASP F 113 52.89 -22.80 8.01
C ASP F 113 53.27 -22.24 9.38
N MET F 114 52.45 -22.53 10.39
CA MET F 114 52.65 -21.99 11.72
C MET F 114 52.55 -23.11 12.75
N ASP F 115 53.44 -23.06 13.74
CA ASP F 115 53.50 -24.05 14.81
C ASP F 115 53.07 -23.38 16.10
N PHE F 116 52.06 -23.95 16.76
CA PHE F 116 51.47 -23.36 17.95
C PHE F 116 51.79 -24.16 19.21
N ARG F 117 52.88 -24.92 19.20
CA ARG F 117 53.23 -25.71 20.38
C ARG F 117 53.55 -24.83 21.57
N LEU F 118 54.01 -23.60 21.34
CA LEU F 118 54.36 -22.67 22.41
C LEU F 118 53.34 -21.54 22.54
N PHE F 119 52.08 -21.83 22.26
CA PHE F 119 51.01 -20.86 22.44
C PHE F 119 50.96 -20.43 23.92
N PRO F 120 50.88 -19.13 24.21
CA PRO F 120 50.87 -17.98 23.32
C PRO F 120 52.22 -17.28 23.19
N PHE F 121 53.27 -17.95 23.65
CA PHE F 121 54.62 -17.39 23.57
C PHE F 121 55.33 -17.74 22.27
N ASP F 122 54.58 -18.12 21.24
CA ASP F 122 55.16 -18.60 20.00
C ASP F 122 55.78 -17.46 19.18
N ARG F 123 56.71 -17.84 18.31
CA ARG F 123 57.28 -16.95 17.30
C ARG F 123 56.92 -17.48 15.92
N GLN F 124 56.49 -16.59 15.04
CA GLN F 124 56.06 -16.96 13.71
C GLN F 124 56.71 -16.03 12.69
N GLN F 125 56.60 -16.42 11.42
CA GLN F 125 57.26 -15.70 10.34
C GLN F 125 56.21 -15.28 9.32
N PHE F 126 56.15 -13.98 9.04
CA PHE F 126 55.28 -13.44 8.00
C PHE F 126 56.10 -13.46 6.71
N VAL F 127 55.80 -14.41 5.84
CA VAL F 127 56.67 -14.76 4.72
C VAL F 127 56.05 -14.29 3.41
N LEU F 128 56.90 -13.80 2.51
CA LEU F 128 56.54 -13.52 1.13
C LEU F 128 57.41 -14.40 0.25
N GLU F 129 56.77 -15.21 -0.59
CA GLU F 129 57.47 -16.13 -1.48
C GLU F 129 57.22 -15.65 -2.90
N LEU F 130 58.21 -14.99 -3.48
CA LEU F 130 58.11 -14.44 -4.83
C LEU F 130 58.91 -15.28 -5.80
N GLU F 131 58.32 -15.52 -6.98
CA GLU F 131 58.91 -16.39 -7.99
C GLU F 131 58.11 -16.22 -9.29
N PRO F 132 58.77 -16.16 -10.44
CA PRO F 132 58.09 -15.85 -11.69
C PRO F 132 57.34 -17.06 -12.25
N PHE F 133 56.63 -16.81 -13.34
CA PHE F 133 55.93 -17.85 -14.09
C PHE F 133 56.43 -17.84 -15.53
N SER F 134 56.49 -19.04 -16.12
CA SER F 134 56.83 -19.33 -17.51
C SER F 134 58.32 -19.18 -17.80
N TYR F 135 59.14 -18.70 -16.86
CA TYR F 135 60.54 -18.43 -17.13
C TYR F 135 61.38 -19.05 -16.02
N ASN F 136 62.20 -20.03 -16.37
CA ASN F 136 62.99 -20.76 -15.40
C ASN F 136 64.23 -19.95 -15.01
N ASN F 137 65.11 -20.53 -14.20
CA ASN F 137 66.33 -19.83 -13.81
C ASN F 137 67.34 -19.74 -14.94
N GLN F 138 67.23 -20.61 -15.94
CA GLN F 138 68.09 -20.52 -17.10
C GLN F 138 67.68 -19.38 -18.03
N GLN F 139 66.45 -18.88 -17.89
CA GLN F 139 65.95 -17.76 -18.70
C GLN F 139 65.84 -16.47 -17.91
N LEU F 140 65.42 -16.55 -16.64
CA LEU F 140 65.29 -15.39 -15.77
C LEU F 140 65.79 -15.77 -14.39
N ARG F 141 66.71 -14.97 -13.87
CA ARG F 141 67.29 -15.21 -12.55
C ARG F 141 67.19 -13.93 -11.73
N PHE F 142 66.90 -14.08 -10.44
CA PHE F 142 66.86 -12.94 -9.53
C PHE F 142 68.26 -12.62 -9.06
N SER F 143 68.74 -11.42 -9.40
CA SER F 143 70.09 -11.02 -9.03
C SER F 143 70.19 -10.77 -7.53
N ASP F 144 69.40 -9.83 -7.01
CA ASP F 144 69.42 -9.50 -5.60
C ASP F 144 68.03 -9.04 -5.18
N ILE F 145 67.81 -9.04 -3.87
CA ILE F 145 66.54 -8.63 -3.27
C ILE F 145 66.84 -7.75 -2.06
N GLN F 146 66.15 -6.62 -1.97
CA GLN F 146 66.29 -5.69 -0.85
C GLN F 146 64.90 -5.34 -0.37
N VAL F 147 64.63 -5.60 0.91
CA VAL F 147 63.29 -5.47 1.49
C VAL F 147 63.31 -4.25 2.42
N TYR F 148 62.67 -3.17 1.99
CA TYR F 148 62.65 -1.92 2.75
C TYR F 148 61.42 -1.82 3.66
N THR F 149 61.30 -2.78 4.58
CA THR F 149 60.10 -2.83 5.41
C THR F 149 60.17 -1.86 6.59
N GLU F 150 61.38 -1.58 7.08
CA GLU F 150 61.50 -0.95 8.39
C GLU F 150 60.90 0.45 8.38
N ASN F 151 61.06 1.20 7.28
CA ASN F 151 60.51 2.53 7.10
C ASN F 151 59.15 2.71 7.76
N ILE F 152 58.31 1.67 7.70
CA ILE F 152 56.99 1.69 8.33
C ILE F 152 56.86 0.53 9.31
N ASP F 153 56.97 -0.70 8.79
CA ASP F 153 56.73 -1.95 9.52
C ASP F 153 57.20 -1.92 10.97
N ASN F 154 58.44 -1.48 11.21
CA ASN F 154 59.01 -1.46 12.56
C ASN F 154 58.08 -0.90 13.64
N GLU F 155 56.94 -0.33 13.23
CA GLU F 155 55.88 0.06 14.15
C GLU F 155 54.93 -1.13 14.30
N GLU F 156 55.01 -1.81 15.44
CA GLU F 156 54.30 -3.07 15.64
C GLU F 156 53.20 -2.85 16.68
N ILE F 157 52.06 -2.38 16.16
CA ILE F 157 50.81 -2.19 16.90
C ILE F 157 49.68 -3.04 16.31
N ASP F 158 50.07 -4.15 15.66
CA ASP F 158 49.22 -4.97 14.81
C ASP F 158 48.84 -6.31 15.45
N GLU F 159 48.84 -6.37 16.78
CA GLU F 159 48.53 -7.52 17.65
C GLU F 159 49.77 -8.40 17.83
N TRP F 160 50.90 -8.03 17.22
CA TRP F 160 52.12 -8.81 17.29
C TRP F 160 53.30 -7.88 17.53
N TRP F 161 54.47 -8.49 17.75
CA TRP F 161 55.72 -7.77 17.97
C TRP F 161 56.69 -8.15 16.86
N ILE F 162 57.06 -7.17 16.04
CA ILE F 162 58.10 -7.39 15.03
C ILE F 162 59.46 -7.33 15.71
N ARG F 163 60.24 -8.41 15.58
CA ARG F 163 61.55 -8.54 16.21
C ARG F 163 62.59 -8.80 15.12
N GLY F 164 63.32 -7.76 14.75
CA GLY F 164 64.37 -7.86 13.76
C GLY F 164 63.94 -7.28 12.41
N LYS F 165 64.94 -7.04 11.57
CA LYS F 165 64.71 -6.51 10.24
C LYS F 165 64.25 -7.65 9.31
N ALA F 166 64.14 -7.35 8.02
CA ALA F 166 63.66 -8.36 7.09
C ALA F 166 64.77 -9.36 6.79
N SER F 167 64.35 -10.52 6.29
CA SER F 167 65.25 -11.59 5.90
C SER F 167 65.03 -11.91 4.43
N THR F 168 66.10 -11.85 3.66
CA THR F 168 66.03 -12.11 2.22
C THR F 168 66.64 -13.48 1.94
N HIS F 169 66.03 -14.21 1.00
CA HIS F 169 66.53 -15.51 0.61
C HIS F 169 66.24 -15.72 -0.87
N ILE F 170 67.26 -16.12 -1.61
CA ILE F 170 67.13 -16.49 -3.01
C ILE F 170 67.48 -17.96 -3.13
N SER F 171 66.61 -18.73 -3.77
CA SER F 171 66.80 -20.17 -3.89
C SER F 171 66.43 -20.63 -5.29
N ASP F 172 66.74 -21.89 -5.58
CA ASP F 172 66.38 -22.51 -6.84
C ASP F 172 65.44 -23.67 -6.53
N ILE F 173 64.23 -23.62 -7.08
CA ILE F 173 63.19 -24.58 -6.78
C ILE F 173 62.98 -25.47 -8.00
N ARG F 174 62.92 -26.78 -7.76
CA ARG F 174 62.77 -27.77 -8.82
C ARG F 174 61.33 -28.27 -8.81
N TYR F 175 60.57 -27.94 -9.85
CA TYR F 175 59.22 -28.43 -10.04
C TYR F 175 59.27 -29.64 -10.97
N ASP F 176 58.84 -30.80 -10.46
CA ASP F 176 58.87 -32.00 -11.28
C ASP F 176 57.79 -32.02 -12.36
N HIS F 177 56.75 -31.21 -12.21
CA HIS F 177 55.65 -31.25 -13.18
C HIS F 177 55.99 -30.51 -14.48
N LEU F 178 57.17 -29.91 -14.57
CA LEU F 178 57.67 -29.37 -15.82
C LEU F 178 58.74 -30.26 -16.45
N SER F 179 59.10 -31.36 -15.79
CA SER F 179 60.12 -32.25 -16.33
C SER F 179 59.71 -32.84 -17.67
N SER F 180 58.41 -33.08 -17.87
CA SER F 180 57.93 -33.60 -19.14
C SER F 180 58.11 -32.62 -20.29
N VAL F 181 58.34 -31.33 -20.00
CA VAL F 181 58.41 -30.33 -21.04
C VAL F 181 59.75 -29.61 -21.10
N GLN F 182 60.54 -29.56 -20.01
CA GLN F 182 61.84 -28.90 -20.01
C GLN F 182 62.83 -29.76 -19.22
N PRO F 183 63.53 -30.67 -19.89
CA PRO F 183 64.51 -31.55 -19.20
C PRO F 183 65.70 -30.74 -18.70
N ASN F 184 65.96 -30.79 -17.39
CA ASN F 184 66.99 -30.01 -16.70
C ASN F 184 66.69 -28.51 -16.71
N GLN F 185 65.62 -28.07 -17.37
CA GLN F 185 65.26 -26.67 -17.40
C GLN F 185 63.98 -26.43 -16.61
N ASN F 186 63.80 -27.15 -15.51
CA ASN F 186 62.57 -27.11 -14.73
C ASN F 186 62.85 -26.56 -13.34
N GLU F 187 63.74 -25.58 -13.27
CA GLU F 187 64.13 -24.95 -12.03
C GLU F 187 63.79 -23.47 -12.10
N PHE F 188 63.15 -22.94 -11.07
CA PHE F 188 62.72 -21.55 -11.06
C PHE F 188 63.38 -20.80 -9.91
N SER F 189 63.78 -19.56 -10.19
CA SER F 189 64.37 -18.71 -9.18
C SER F 189 63.27 -18.18 -8.26
N ARG F 190 63.48 -18.31 -6.95
CA ARG F 190 62.46 -17.94 -5.97
C ARG F 190 63.04 -16.96 -4.96
N ILE F 191 62.34 -15.84 -4.76
CA ILE F 191 62.66 -14.89 -3.71
C ILE F 191 61.77 -15.21 -2.51
N THR F 192 62.38 -15.23 -1.32
CA THR F 192 61.65 -15.48 -0.10
C THR F 192 62.02 -14.39 0.90
N VAL F 193 61.01 -13.74 1.46
CA VAL F 193 61.20 -12.65 2.41
C VAL F 193 60.49 -13.03 3.69
N ARG F 194 61.21 -13.05 4.80
CA ARG F 194 60.69 -13.46 6.09
C ARG F 194 60.80 -12.31 7.07
N ILE F 195 59.75 -12.14 7.87
CA ILE F 195 59.72 -11.15 8.94
C ILE F 195 59.32 -11.89 10.20
N ASP F 196 60.27 -12.03 11.13
CA ASP F 196 59.97 -12.68 12.39
C ASP F 196 59.11 -11.79 13.27
N ALA F 197 58.24 -12.41 14.05
CA ALA F 197 57.34 -11.70 14.93
C ALA F 197 57.00 -12.59 16.11
N VAL F 198 56.71 -11.96 17.24
CA VAL F 198 56.36 -12.67 18.46
C VAL F 198 54.99 -12.19 18.90
N ARG F 199 54.31 -13.03 19.66
CA ARG F 199 52.94 -12.76 20.07
C ARG F 199 52.90 -11.95 21.36
N LYS F 200 51.81 -11.23 21.56
CA LYS F 200 51.60 -10.41 22.74
C LYS F 200 50.64 -11.13 23.68
N ILE F 201 51.16 -11.60 24.82
CA ILE F 201 50.35 -12.40 25.74
C ILE F 201 49.40 -11.59 26.57
N GLY F 202 49.40 -10.26 26.43
CA GLY F 202 48.56 -9.42 27.28
C GLY F 202 47.10 -9.78 27.19
N TYR F 203 46.57 -9.92 25.97
CA TYR F 203 45.17 -10.25 25.78
C TYR F 203 44.84 -11.60 26.41
N PHE F 204 45.76 -12.56 26.33
CA PHE F 204 45.49 -13.90 26.85
C PHE F 204 45.66 -13.97 28.36
N VAL F 205 46.50 -13.11 28.93
CA VAL F 205 46.62 -13.06 30.39
C VAL F 205 45.28 -12.69 31.02
N ILE F 206 44.58 -11.72 30.43
CA ILE F 206 43.31 -11.27 30.99
C ILE F 206 42.19 -12.25 30.67
N GLN F 207 42.25 -12.91 29.52
CA GLN F 207 41.14 -13.76 29.08
C GLN F 207 41.18 -15.16 29.66
N THR F 208 42.36 -15.78 29.74
CA THR F 208 42.43 -17.16 30.20
C THR F 208 43.29 -17.32 31.45
N TYR F 209 44.50 -16.75 31.45
CA TYR F 209 45.45 -17.01 32.54
C TYR F 209 44.91 -16.49 33.87
N LEU F 210 44.62 -15.20 33.94
CA LEU F 210 44.09 -14.62 35.18
C LEU F 210 42.78 -15.27 35.62
N PRO F 211 41.77 -15.47 34.75
CA PRO F 211 40.56 -16.17 35.21
C PRO F 211 40.83 -17.58 35.69
N CYS F 212 41.80 -18.28 35.09
CA CYS F 212 42.18 -19.60 35.60
C CYS F 212 42.82 -19.48 36.97
N ILE F 213 43.67 -18.48 37.17
CA ILE F 213 44.40 -18.33 38.44
C ILE F 213 43.43 -18.03 39.57
N MET F 214 42.63 -16.96 39.43
CA MET F 214 41.69 -16.60 40.48
C MET F 214 40.68 -17.70 40.75
N THR F 215 40.37 -18.53 39.75
CA THR F 215 39.51 -19.67 40.00
C THR F 215 40.18 -20.69 40.93
N VAL F 216 41.48 -20.93 40.73
CA VAL F 216 42.23 -21.78 41.65
C VAL F 216 42.21 -21.18 43.04
N ILE F 217 42.39 -19.86 43.14
CA ILE F 217 42.27 -19.17 44.42
C ILE F 217 40.89 -19.39 45.00
N LEU F 218 39.85 -19.28 44.17
CA LEU F 218 38.49 -19.51 44.61
C LEU F 218 38.27 -20.96 45.03
N SER F 219 38.95 -21.91 44.36
CA SER F 219 38.76 -23.32 44.70
C SER F 219 39.25 -23.63 46.10
N GLN F 220 40.28 -22.93 46.56
CA GLN F 220 40.91 -23.24 47.84
C GLN F 220 40.23 -22.57 49.03
N VAL F 221 39.31 -21.64 48.79
CA VAL F 221 38.56 -21.05 49.89
C VAL F 221 37.67 -22.08 50.56
N SER F 222 37.34 -23.16 49.86
CA SER F 222 36.53 -24.22 50.45
C SER F 222 37.19 -24.80 51.69
N PHE F 223 38.53 -24.85 51.71
CA PHE F 223 39.24 -25.37 52.89
C PHE F 223 38.96 -24.50 54.11
N TRP F 224 38.91 -23.19 53.91
CA TRP F 224 38.83 -22.21 54.99
C TRP F 224 37.43 -22.04 55.53
N LEU F 225 36.51 -22.96 55.27
CA LEU F 225 35.14 -22.78 55.80
C LEU F 225 35.00 -23.54 57.11
N ASN F 226 34.97 -24.86 57.05
CA ASN F 226 34.94 -25.79 58.17
C ASN F 226 34.81 -27.19 57.59
N ARG F 227 34.62 -28.20 58.43
CA ARG F 227 33.86 -29.37 58.00
C ARG F 227 32.37 -28.98 57.99
N GLU F 228 32.09 -27.95 57.20
CA GLU F 228 30.90 -27.13 57.37
C GLU F 228 29.75 -27.68 56.52
N SER F 229 28.72 -26.85 56.32
CA SER F 229 27.61 -27.18 55.44
C SER F 229 28.12 -27.73 54.12
N VAL F 230 27.81 -29.01 53.86
CA VAL F 230 28.25 -29.63 52.62
C VAL F 230 27.77 -28.87 51.41
N PRO F 231 26.54 -28.33 51.35
CA PRO F 231 26.17 -27.47 50.21
C PRO F 231 27.19 -26.37 49.89
N ALA F 232 27.67 -25.67 50.91
CA ALA F 232 28.62 -24.58 50.67
C ALA F 232 29.89 -25.09 50.00
N ARG F 233 30.59 -26.02 50.65
CA ARG F 233 31.86 -26.51 50.12
C ARG F 233 31.69 -27.31 48.83
N THR F 234 30.49 -27.83 48.55
CA THR F 234 30.26 -28.45 47.25
C THR F 234 30.02 -27.41 46.17
N VAL F 235 29.23 -26.38 46.49
CA VAL F 235 29.06 -25.27 45.56
C VAL F 235 30.41 -24.66 45.18
N PHE F 236 31.29 -24.49 46.18
CA PHE F 236 32.65 -24.08 45.87
C PHE F 236 33.33 -25.08 44.95
N GLY F 237 33.14 -26.36 45.19
CA GLY F 237 33.76 -27.39 44.39
C GLY F 237 33.29 -27.46 42.95
N VAL F 238 31.98 -27.67 42.77
CA VAL F 238 31.47 -27.94 41.43
C VAL F 238 31.57 -26.69 40.54
N THR F 239 31.28 -25.51 41.10
CA THR F 239 31.37 -24.29 40.30
C THR F 239 32.79 -24.05 39.82
N THR F 240 33.78 -24.26 40.69
CA THR F 240 35.16 -24.05 40.28
C THR F 240 35.59 -25.09 39.25
N VAL F 241 35.14 -26.34 39.39
CA VAL F 241 35.50 -27.39 38.44
C VAL F 241 34.88 -27.10 37.07
N LEU F 242 33.57 -26.84 37.04
CA LEU F 242 32.91 -26.57 35.77
C LEU F 242 33.42 -25.30 35.10
N THR F 243 33.62 -24.24 35.90
CA THR F 243 34.18 -23.00 35.35
C THR F 243 35.52 -23.26 34.67
N MET F 244 36.38 -24.02 35.32
CA MET F 244 37.67 -24.35 34.73
C MET F 244 37.49 -25.17 33.45
N THR F 245 36.41 -25.93 33.34
CA THR F 245 36.16 -26.70 32.13
C THR F 245 35.84 -25.79 30.95
N THR F 246 35.00 -24.79 31.16
CA THR F 246 34.65 -23.87 30.08
C THR F 246 35.86 -23.05 29.64
N LEU F 247 36.69 -22.62 30.59
CA LEU F 247 37.89 -21.87 30.24
C LEU F 247 38.85 -22.71 29.40
N SER F 248 38.91 -24.03 29.65
CA SER F 248 39.73 -24.90 28.82
C SER F 248 39.23 -24.91 27.38
N ILE F 249 37.93 -24.76 27.18
CA ILE F 249 37.37 -24.74 25.83
C ILE F 249 37.54 -23.37 25.20
N SER F 250 37.09 -22.32 25.89
CA SER F 250 37.12 -20.97 25.35
C SER F 250 38.54 -20.50 25.04
N ALA F 251 39.55 -21.12 25.65
CA ALA F 251 40.92 -20.70 25.41
C ALA F 251 41.42 -21.15 24.04
N ARG F 252 40.77 -22.13 23.43
CA ARG F 252 41.22 -22.70 22.18
C ARG F 252 40.43 -22.20 20.96
N ASN F 253 39.39 -21.38 21.18
CA ASN F 253 38.61 -20.87 20.06
C ASN F 253 39.43 -19.98 19.13
N SER F 254 40.60 -19.51 19.58
CA SER F 254 41.49 -18.74 18.72
C SER F 254 42.55 -19.59 18.04
N LEU F 255 42.34 -20.90 17.94
CA LEU F 255 43.32 -21.80 17.34
C LEU F 255 42.62 -22.76 16.38
N PRO F 256 43.31 -23.19 15.33
CA PRO F 256 42.78 -24.27 14.48
C PRO F 256 42.78 -25.59 15.24
N LYS F 257 42.06 -26.55 14.67
CA LYS F 257 41.84 -27.85 15.30
C LYS F 257 43.07 -28.75 15.14
N VAL F 258 44.18 -28.30 15.74
CA VAL F 258 45.44 -29.03 15.69
C VAL F 258 45.40 -30.15 16.70
N ALA F 259 46.36 -31.08 16.62
CA ALA F 259 46.39 -32.24 17.49
C ALA F 259 47.22 -32.02 18.75
N TYR F 260 48.40 -31.42 18.61
CA TYR F 260 49.31 -31.26 19.74
C TYR F 260 48.70 -30.34 20.80
N ALA F 261 49.19 -30.49 22.03
CA ALA F 261 48.75 -29.66 23.14
C ALA F 261 49.70 -28.48 23.30
N THR F 262 49.14 -27.31 23.61
CA THR F 262 49.92 -26.09 23.69
C THR F 262 50.34 -25.83 25.14
N ALA F 263 51.24 -24.84 25.28
CA ALA F 263 51.64 -24.40 26.61
C ALA F 263 50.47 -23.82 27.39
N MET F 264 49.52 -23.20 26.69
CA MET F 264 48.30 -22.76 27.35
C MET F 264 47.45 -23.95 27.80
N ASP F 265 47.46 -25.03 27.02
CA ASP F 265 46.71 -26.22 27.40
C ASP F 265 47.28 -26.83 28.67
N TRP F 266 48.60 -27.06 28.71
CA TRP F 266 49.23 -27.61 29.90
C TRP F 266 48.97 -26.75 31.12
N PHE F 267 48.98 -25.43 30.96
CA PHE F 267 48.71 -24.55 32.10
C PHE F 267 47.29 -24.75 32.61
N ILE F 268 46.35 -24.99 31.71
CA ILE F 268 44.97 -25.21 32.12
C ILE F 268 44.82 -26.58 32.78
N ALA F 269 45.49 -27.59 32.23
CA ALA F 269 45.40 -28.93 32.79
C ALA F 269 45.85 -28.95 34.24
N VAL F 270 46.93 -28.23 34.56
CA VAL F 270 47.35 -28.11 35.95
C VAL F 270 46.30 -27.33 36.75
N CYS F 271 45.90 -26.16 36.25
CA CYS F 271 44.84 -25.39 36.90
C CYS F 271 43.56 -26.22 37.01
N TYR F 272 43.32 -27.11 36.05
CA TYR F 272 42.20 -28.03 36.17
C TYR F 272 42.45 -29.05 37.28
N ALA F 273 43.70 -29.52 37.41
CA ALA F 273 44.02 -30.57 38.37
C ALA F 273 43.83 -30.09 39.81
N PHE F 274 44.43 -28.96 40.16
CA PHE F 274 44.35 -28.48 41.54
C PHE F 274 42.92 -28.20 41.97
N VAL F 275 42.10 -27.69 41.05
CA VAL F 275 40.70 -27.42 41.36
C VAL F 275 39.94 -28.72 41.59
N PHE F 276 40.12 -29.69 40.69
CA PHE F 276 39.43 -30.97 40.83
C PHE F 276 39.96 -31.75 42.02
N SER F 277 41.28 -31.67 42.27
CA SER F 277 41.84 -32.34 43.43
C SER F 277 41.27 -31.79 44.72
N ALA F 278 41.09 -30.47 44.78
CA ALA F 278 40.52 -29.84 45.98
C ALA F 278 39.13 -30.35 46.28
N LEU F 279 38.32 -30.59 45.24
CA LEU F 279 36.97 -31.10 45.45
C LEU F 279 37.00 -32.52 45.98
N ILE F 280 37.76 -33.39 45.33
CA ILE F 280 37.90 -34.77 45.80
C ILE F 280 38.50 -34.79 47.21
N GLU F 281 39.44 -33.88 47.48
CA GLU F 281 40.00 -33.76 48.82
C GLU F 281 38.91 -33.52 49.85
N PHE F 282 38.04 -32.53 49.60
CA PHE F 282 36.90 -32.31 50.49
C PHE F 282 35.98 -33.51 50.50
N ALA F 283 35.70 -34.08 49.32
CA ALA F 283 34.87 -35.28 49.28
C ALA F 283 35.50 -36.41 50.07
N THR F 284 36.82 -36.39 50.22
CA THR F 284 37.49 -37.37 51.07
C THR F 284 37.23 -37.08 52.54
N VAL F 285 37.47 -35.84 52.97
CA VAL F 285 37.26 -35.48 54.37
C VAL F 285 35.79 -35.54 54.75
N ASN F 286 34.89 -35.55 53.76
CA ASN F 286 33.47 -35.75 54.08
C ASN F 286 33.22 -37.20 54.49
N TYR F 287 34.06 -38.12 54.03
CA TYR F 287 34.00 -39.49 54.53
C TYR F 287 34.55 -39.59 55.94
N PHE F 288 35.28 -38.55 56.39
CA PHE F 288 35.85 -38.48 57.73
C PHE F 288 35.22 -37.38 58.57
N THR F 289 33.92 -37.13 58.43
CA THR F 289 33.29 -36.07 59.22
C THR F 289 33.15 -36.48 60.69
N LYS F 290 33.06 -37.79 60.94
CA LYS F 290 32.97 -38.34 62.29
C LYS F 290 34.26 -39.04 62.71
N ARG F 291 35.04 -39.51 61.75
CA ARG F 291 36.28 -40.25 61.98
C ARG F 291 37.41 -39.24 62.16
N GLY F 292 37.62 -38.84 63.41
CA GLY F 292 38.71 -37.94 63.77
C GLY F 292 38.33 -36.48 63.65
N VAL F 293 37.23 -36.07 64.30
CA VAL F 293 36.74 -34.71 64.23
C VAL F 293 36.76 -34.09 65.62
N GLU F 294 37.47 -32.97 65.79
CA GLU F 294 37.27 -32.14 66.97
C GLU F 294 36.76 -30.76 66.62
N SER F 295 37.52 -29.95 65.91
CA SER F 295 36.94 -28.74 65.33
C SER F 295 37.32 -28.54 63.88
N VAL F 296 38.57 -28.83 63.52
CA VAL F 296 39.07 -28.68 62.17
C VAL F 296 40.04 -29.83 61.92
N SER F 297 40.00 -30.38 60.71
CA SER F 297 40.99 -31.35 60.27
C SER F 297 42.23 -30.59 59.82
N LYS F 298 43.35 -30.80 60.51
CA LYS F 298 44.61 -30.15 60.15
C LYS F 298 44.98 -30.47 58.71
N ILE F 299 44.29 -31.44 58.11
CA ILE F 299 44.44 -31.68 56.68
C ILE F 299 44.12 -30.40 55.93
N ASP F 300 43.00 -29.75 56.26
CA ASP F 300 42.73 -28.45 55.66
C ASP F 300 43.81 -27.44 56.04
N ARG F 301 44.27 -27.47 57.30
CA ARG F 301 45.30 -26.54 57.73
C ARG F 301 46.60 -26.75 56.96
N LEU F 302 46.85 -27.96 56.48
CA LEU F 302 48.02 -28.17 55.64
C LEU F 302 47.67 -28.00 54.17
N SER F 303 46.45 -28.34 53.78
CA SER F 303 46.01 -28.07 52.41
C SER F 303 45.93 -26.58 52.13
N ARG F 304 45.61 -25.78 53.15
CA ARG F 304 45.59 -24.32 53.00
C ARG F 304 46.97 -23.77 52.66
N ILE F 305 48.03 -24.53 52.89
CA ILE F 305 49.39 -24.11 52.57
C ILE F 305 50.00 -24.95 51.45
N ALA F 306 49.71 -26.26 51.43
CA ALA F 306 50.27 -27.13 50.42
C ALA F 306 49.84 -26.70 49.01
N PHE F 307 48.54 -26.47 48.83
CA PHE F 307 48.02 -26.12 47.51
C PHE F 307 48.57 -24.78 47.01
N PRO F 308 48.50 -23.67 47.77
CA PRO F 308 49.04 -22.41 47.23
C PRO F 308 50.53 -22.49 46.95
N LEU F 309 51.28 -23.11 47.87
CA LEU F 309 52.72 -23.22 47.67
C LEU F 309 53.04 -24.07 46.44
N LEU F 310 52.35 -25.21 46.30
CA LEU F 310 52.49 -26.01 45.08
C LEU F 310 52.05 -25.21 43.86
N PHE F 311 50.96 -24.45 43.99
CA PHE F 311 50.51 -23.62 42.88
C PHE F 311 51.46 -22.44 42.68
N GLY F 312 51.94 -21.86 43.77
CA GLY F 312 52.86 -20.74 43.65
C GLY F 312 54.15 -21.13 42.94
N ILE F 313 54.76 -22.24 43.36
CA ILE F 313 55.98 -22.69 42.69
C ILE F 313 55.67 -23.12 41.26
N PHE F 314 54.45 -23.58 40.99
CA PHE F 314 54.11 -24.00 39.64
C PHE F 314 54.14 -22.82 38.68
N ASN F 315 53.46 -21.72 39.03
CA ASN F 315 53.51 -20.52 38.19
C ASN F 315 54.93 -20.02 38.03
N LEU F 316 55.75 -20.15 39.08
CA LEU F 316 57.14 -19.72 38.96
C LEU F 316 57.91 -20.60 38.00
N VAL F 317 57.71 -21.92 38.05
CA VAL F 317 58.32 -22.79 37.05
C VAL F 317 57.72 -22.49 35.68
N TYR F 318 56.41 -22.22 35.63
CA TYR F 318 55.74 -21.96 34.36
C TYR F 318 56.23 -20.66 33.73
N TRP F 319 56.06 -19.53 34.45
CA TRP F 319 56.35 -18.25 33.84
C TRP F 319 57.84 -17.94 33.73
N ALA F 320 58.69 -18.58 34.55
CA ALA F 320 60.12 -18.47 34.32
C ALA F 320 60.49 -19.15 33.00
N THR F 321 59.93 -20.33 32.74
CA THR F 321 60.00 -20.88 31.40
C THR F 321 59.09 -20.07 30.48
N TYR F 322 59.17 -20.37 29.18
CA TYR F 322 58.30 -19.76 28.18
C TYR F 322 58.49 -18.25 28.10
N LEU F 323 59.43 -17.71 28.87
CA LEU F 323 59.71 -16.28 28.86
C LEU F 323 61.20 -16.04 28.65
N ARG G 10 58.22 23.39 -14.00
CA ARG G 10 57.83 22.20 -14.76
C ARG G 10 56.95 21.14 -14.06
N PRO G 11 56.98 21.02 -12.72
CA PRO G 11 56.06 20.06 -12.09
C PRO G 11 54.63 20.54 -12.18
N VAL G 12 53.73 19.60 -12.46
CA VAL G 12 52.33 19.91 -12.68
C VAL G 12 51.65 20.19 -11.33
N ASP G 13 51.21 21.42 -11.14
CA ASP G 13 50.40 21.74 -9.97
C ASP G 13 49.00 21.16 -10.16
N VAL G 14 48.57 20.32 -9.22
CA VAL G 14 47.29 19.63 -9.32
C VAL G 14 46.41 20.10 -8.16
N SER G 15 45.26 20.67 -8.50
CA SER G 15 44.27 21.05 -7.50
C SER G 15 43.37 19.85 -7.25
N VAL G 16 43.12 19.54 -5.98
CA VAL G 16 42.38 18.35 -5.59
C VAL G 16 41.24 18.77 -4.68
N SER G 17 40.04 18.28 -4.98
CA SER G 17 38.87 18.48 -4.14
C SER G 17 38.27 17.12 -3.84
N ILE G 18 37.93 16.89 -2.58
CA ILE G 18 37.40 15.62 -2.13
C ILE G 18 36.09 15.87 -1.41
N PHE G 19 35.04 15.20 -1.86
CA PHE G 19 33.71 15.29 -1.26
C PHE G 19 33.41 13.97 -0.59
N ILE G 20 33.24 13.99 0.73
CA ILE G 20 32.96 12.78 1.50
C ILE G 20 31.45 12.60 1.56
N ASN G 21 30.96 11.54 0.92
CA ASN G 21 29.51 11.33 0.88
C ASN G 21 29.01 10.76 2.20
N LYS G 22 29.74 9.81 2.78
CA LYS G 22 29.32 9.18 4.02
C LYS G 22 30.46 8.32 4.55
N ILE G 23 30.57 8.26 5.86
CA ILE G 23 31.52 7.39 6.55
C ILE G 23 30.72 6.35 7.32
N TYR G 24 31.06 5.08 7.12
CA TYR G 24 30.26 4.01 7.68
C TYR G 24 31.15 2.79 7.90
N GLY G 25 30.60 1.81 8.60
CA GLY G 25 31.28 0.54 8.80
C GLY G 25 32.58 0.64 9.58
N VAL G 26 32.60 1.45 10.64
CA VAL G 26 33.80 1.56 11.46
C VAL G 26 33.97 0.28 12.28
N ASN G 27 35.08 -0.42 12.06
CA ASN G 27 35.36 -1.69 12.73
C ASN G 27 36.56 -1.49 13.63
N THR G 28 36.32 -1.44 14.94
CA THR G 28 37.41 -1.21 15.89
C THR G 28 38.37 -2.39 15.97
N LEU G 29 37.89 -3.61 15.71
CA LEU G 29 38.77 -4.77 15.80
C LEU G 29 39.83 -4.73 14.70
N GLU G 30 39.40 -4.71 13.45
CA GLU G 30 40.32 -4.65 12.32
C GLU G 30 40.92 -3.26 12.09
N GLN G 31 40.49 -2.27 12.87
CA GLN G 31 40.97 -0.89 12.78
C GLN G 31 40.73 -0.30 11.39
N THR G 32 39.66 -0.73 10.73
CA THR G 32 39.28 -0.22 9.42
C THR G 32 38.03 0.64 9.53
N TYR G 33 37.79 1.40 8.47
CA TYR G 33 36.60 2.24 8.36
C TYR G 33 36.36 2.52 6.90
N LYS G 34 35.10 2.47 6.49
CA LYS G 34 34.73 2.61 5.09
C LYS G 34 34.36 4.05 4.80
N VAL G 35 34.86 4.57 3.68
CA VAL G 35 34.64 5.96 3.29
C VAL G 35 34.13 5.98 1.86
N ASP G 36 33.01 6.67 1.64
CA ASP G 36 32.43 6.84 0.31
C ASP G 36 32.44 8.32 -0.03
N GLY G 37 32.76 8.63 -1.28
CA GLY G 37 32.77 10.01 -1.70
C GLY G 37 33.30 10.15 -3.11
N TYR G 38 33.42 11.42 -3.52
CA TYR G 38 33.87 11.78 -4.85
C TYR G 38 35.28 12.34 -4.77
N ILE G 39 35.98 12.32 -5.91
CA ILE G 39 37.32 12.88 -6.02
C ILE G 39 37.38 13.76 -7.26
N VAL G 40 38.14 14.85 -7.16
CA VAL G 40 38.28 15.81 -8.26
C VAL G 40 39.76 16.17 -8.37
N ALA G 41 40.32 16.01 -9.56
CA ALA G 41 41.70 16.36 -9.83
C ALA G 41 41.75 17.32 -11.02
N GLN G 42 42.22 18.54 -10.79
CA GLN G 42 42.26 19.57 -11.80
C GLN G 42 43.69 20.07 -11.96
N TRP G 43 44.16 20.14 -13.20
CA TRP G 43 45.45 20.70 -13.53
C TRP G 43 45.34 21.40 -14.88
N THR G 44 46.19 22.40 -15.10
CA THR G 44 46.16 23.17 -16.32
C THR G 44 47.12 22.52 -17.31
N GLY G 45 46.56 21.92 -18.36
CA GLY G 45 47.31 21.21 -19.36
C GLY G 45 47.46 21.98 -20.65
N LYS G 46 47.79 21.26 -21.72
CA LYS G 46 48.00 21.88 -23.01
C LYS G 46 46.65 22.15 -23.68
N PRO G 47 46.48 23.32 -24.30
CA PRO G 47 45.20 23.66 -24.91
C PRO G 47 44.84 22.71 -26.04
N ARG G 48 43.53 22.58 -26.28
CA ARG G 48 43.01 21.71 -27.33
C ARG G 48 41.74 22.34 -27.87
N LYS G 49 41.28 21.80 -29.00
CA LYS G 49 40.07 22.30 -29.66
C LYS G 49 38.95 21.28 -29.46
N THR G 50 38.05 21.59 -28.54
CA THR G 50 36.88 20.79 -28.26
C THR G 50 35.83 21.05 -29.34
N PRO G 51 34.83 20.16 -29.48
CA PRO G 51 33.70 20.50 -30.35
C PRO G 51 33.04 21.77 -29.84
N GLY G 52 33.19 22.86 -30.58
CA GLY G 52 32.80 24.16 -30.06
C GLY G 52 33.76 24.60 -28.97
N ASP G 53 33.71 25.86 -28.58
CA ASP G 53 34.55 26.29 -27.47
C ASP G 53 34.07 25.73 -26.13
N LYS G 54 32.92 25.07 -26.12
CA LYS G 54 32.37 24.45 -24.92
C LYS G 54 33.23 23.26 -24.47
N PRO G 55 33.26 22.98 -23.17
CA PRO G 55 34.04 21.85 -22.66
C PRO G 55 33.47 20.48 -23.02
N LEU G 56 34.38 19.56 -23.34
CA LEU G 56 34.06 18.17 -23.68
C LEU G 56 34.04 17.29 -22.43
N ILE G 57 33.00 16.44 -22.32
CA ILE G 57 32.81 15.56 -21.19
C ILE G 57 32.99 14.11 -21.66
N VAL G 58 33.85 13.37 -20.96
CA VAL G 58 34.19 11.99 -21.31
C VAL G 58 33.91 11.10 -20.11
N GLU G 59 33.20 9.99 -20.35
CA GLU G 59 32.76 9.10 -19.28
C GLU G 59 33.65 7.87 -19.17
N ASN G 60 33.16 6.89 -18.40
CA ASN G 60 33.98 5.79 -17.88
C ASN G 60 34.84 5.12 -18.94
N THR G 61 34.22 4.49 -19.94
CA THR G 61 35.01 3.71 -20.90
C THR G 61 35.74 4.60 -21.90
N GLN G 62 35.09 5.65 -22.38
CA GLN G 62 35.67 6.47 -23.44
C GLN G 62 37.00 7.10 -23.06
N ILE G 63 37.40 7.04 -21.79
CA ILE G 63 38.72 7.53 -21.41
C ILE G 63 39.82 6.67 -22.05
N GLU G 64 39.56 5.37 -22.23
CA GLU G 64 40.57 4.48 -22.81
C GLU G 64 40.99 4.93 -24.20
N ARG G 65 40.03 5.36 -25.01
CA ARG G 65 40.36 5.84 -26.35
C ARG G 65 41.20 7.11 -26.29
N TRP G 66 41.01 7.92 -25.24
CA TRP G 66 41.77 9.17 -25.12
C TRP G 66 43.19 8.92 -24.64
N ILE G 67 43.36 8.09 -23.60
CA ILE G 67 44.69 7.78 -23.12
C ILE G 67 45.47 6.96 -24.14
N ASN G 68 44.78 6.19 -24.99
CA ASN G 68 45.50 5.50 -26.06
C ASN G 68 46.02 6.47 -27.11
N ASN G 69 45.37 7.62 -27.26
CA ASN G 69 45.83 8.66 -28.17
C ASN G 69 46.79 9.64 -27.50
N GLY G 70 47.36 9.28 -26.35
CA GLY G 70 48.40 10.07 -25.73
C GLY G 70 47.95 11.06 -24.67
N LEU G 71 46.66 11.12 -24.34
CA LEU G 71 46.22 12.03 -23.30
C LEU G 71 46.83 11.62 -21.96
N TRP G 72 47.23 12.61 -21.17
CA TRP G 72 47.95 12.37 -19.92
C TRP G 72 47.00 12.47 -18.73
N VAL G 73 46.68 11.33 -18.15
CA VAL G 73 45.85 11.26 -16.94
C VAL G 73 46.61 10.49 -15.87
N PRO G 74 47.15 11.15 -14.85
CA PRO G 74 47.95 10.44 -13.85
C PRO G 74 47.08 9.62 -12.92
N ALA G 75 47.54 8.41 -12.61
CA ALA G 75 46.83 7.54 -11.67
C ALA G 75 47.10 8.01 -10.24
N LEU G 76 46.03 8.21 -9.49
CA LEU G 76 46.11 8.60 -8.09
C LEU G 76 45.82 7.41 -7.19
N GLU G 77 46.44 7.43 -6.02
CA GLU G 77 46.53 6.25 -5.17
C GLU G 77 46.18 6.59 -3.74
N PHE G 78 45.31 5.77 -3.13
CA PHE G 78 45.03 5.89 -1.71
C PHE G 78 46.02 5.02 -0.95
N ILE G 79 46.74 5.61 0.00
CA ILE G 79 47.77 4.88 0.73
C ILE G 79 47.14 3.99 1.79
N ASN G 80 46.38 4.59 2.71
CA ASN G 80 45.84 3.91 3.88
C ASN G 80 44.55 3.15 3.53
N VAL G 81 44.65 2.25 2.56
CA VAL G 81 43.52 1.46 2.14
C VAL G 81 43.81 -0.01 2.46
N VAL G 82 42.76 -0.78 2.70
CA VAL G 82 42.92 -2.20 3.02
C VAL G 82 43.00 -3.04 1.75
N GLY G 83 42.27 -2.66 0.70
CA GLY G 83 42.30 -3.34 -0.57
C GLY G 83 42.00 -2.33 -1.65
N SER G 84 42.11 -2.76 -2.90
CA SER G 84 41.85 -1.86 -4.01
C SER G 84 40.44 -1.27 -3.87
N PRO G 85 40.30 0.05 -3.71
CA PRO G 85 38.99 0.62 -3.46
C PRO G 85 38.05 0.37 -4.62
N ASP G 86 36.76 0.41 -4.32
CA ASP G 86 35.72 0.13 -5.30
C ASP G 86 35.51 1.39 -6.12
N THR G 87 36.08 1.43 -7.31
CA THR G 87 35.97 2.60 -8.18
C THR G 87 34.63 2.60 -8.91
N GLY G 88 33.90 3.70 -8.79
CA GLY G 88 32.61 3.82 -9.43
C GLY G 88 32.71 4.31 -10.86
N ASN G 89 32.00 5.39 -11.19
CA ASN G 89 32.03 5.94 -12.53
C ASN G 89 33.15 6.97 -12.62
N LYS G 90 33.86 6.96 -13.74
CA LYS G 90 34.96 7.88 -13.99
C LYS G 90 34.58 8.84 -15.11
N ARG G 91 34.94 10.11 -14.94
CA ARG G 91 34.65 11.11 -15.95
C ARG G 91 35.86 12.01 -16.14
N LEU G 92 35.92 12.63 -17.31
CA LEU G 92 36.99 13.55 -17.67
C LEU G 92 36.39 14.80 -18.27
N MET G 93 36.74 15.96 -17.72
CA MET G 93 36.36 17.25 -18.28
C MET G 93 37.55 17.81 -19.05
N LEU G 94 37.39 17.93 -20.37
CA LEU G 94 38.43 18.49 -21.23
C LEU G 94 38.01 19.91 -21.59
N PHE G 95 38.77 20.90 -21.07
CA PHE G 95 38.50 22.31 -21.30
C PHE G 95 39.30 22.81 -22.50
N PRO G 96 38.81 23.85 -23.20
CA PRO G 96 39.57 24.36 -24.34
C PRO G 96 40.84 25.09 -23.93
N ASP G 97 40.83 25.81 -22.81
CA ASP G 97 42.02 26.53 -22.37
C ASP G 97 43.13 25.61 -21.87
N GLY G 98 42.89 24.29 -21.83
CA GLY G 98 43.92 23.31 -21.53
C GLY G 98 43.71 22.58 -20.22
N ARG G 99 43.06 23.21 -19.25
CA ARG G 99 42.91 22.60 -17.94
C ARG G 99 42.08 21.32 -18.03
N VAL G 100 42.58 20.26 -17.41
CA VAL G 100 41.92 18.95 -17.41
C VAL G 100 41.35 18.72 -16.02
N ILE G 101 40.22 18.03 -15.96
CA ILE G 101 39.50 17.81 -14.71
C ILE G 101 39.13 16.34 -14.65
N TYR G 102 39.64 15.64 -13.64
CA TYR G 102 39.37 14.22 -13.42
C TYR G 102 38.46 14.08 -12.22
N ASN G 103 37.27 13.55 -12.45
CA ASN G 103 36.28 13.38 -11.39
C ASN G 103 35.81 11.94 -11.37
N ALA G 104 35.77 11.33 -10.19
CA ALA G 104 35.36 9.94 -10.07
C ALA G 104 34.91 9.68 -8.64
N ARG G 105 34.11 8.63 -8.47
CA ARG G 105 33.63 8.22 -7.16
C ARG G 105 34.42 7.04 -6.64
N PHE G 106 34.70 7.05 -5.34
CA PHE G 106 35.51 6.02 -4.70
C PHE G 106 34.81 5.51 -3.44
N LEU G 107 34.82 4.19 -3.27
CA LEU G 107 34.32 3.54 -2.06
C LEU G 107 35.37 2.54 -1.61
N GLY G 108 36.10 2.87 -0.54
CA GLY G 108 37.21 2.06 -0.11
C GLY G 108 37.19 1.79 1.38
N SER G 109 37.79 0.67 1.76
CA SER G 109 37.95 0.30 3.16
C SER G 109 39.32 0.80 3.63
N PHE G 110 39.31 1.84 4.45
CA PHE G 110 40.53 2.51 4.85
C PHE G 110 41.01 2.03 6.21
N SER G 111 42.28 2.32 6.50
CA SER G 111 42.92 1.91 7.74
C SER G 111 43.66 3.09 8.34
N ASN G 112 43.84 3.04 9.65
CA ASN G 112 44.59 4.06 10.36
C ASN G 112 45.00 3.50 11.71
N ASP G 113 46.19 3.90 12.17
CA ASP G 113 46.64 3.51 13.50
C ASP G 113 45.72 4.10 14.56
N MET G 114 45.28 3.27 15.49
CA MET G 114 44.34 3.69 16.53
C MET G 114 44.85 3.26 17.88
N ASP G 115 44.70 4.15 18.87
CA ASP G 115 45.15 3.91 20.23
C ASP G 115 43.92 3.75 21.12
N PHE G 116 43.82 2.60 21.78
CA PHE G 116 42.65 2.24 22.57
C PHE G 116 42.93 2.26 24.07
N ARG G 117 43.92 3.03 24.50
CA ARG G 117 44.26 3.06 25.93
C ARG G 117 43.13 3.66 26.75
N LEU G 118 42.30 4.52 26.16
CA LEU G 118 41.21 5.18 26.87
C LEU G 118 39.84 4.63 26.47
N PHE G 119 39.78 3.35 26.12
CA PHE G 119 38.51 2.71 25.83
C PHE G 119 37.60 2.80 27.05
N PRO G 120 36.34 3.21 26.90
CA PRO G 120 35.69 3.66 25.67
C PRO G 120 35.64 5.18 25.49
N PHE G 121 36.42 5.92 26.26
CA PHE G 121 36.47 7.37 26.15
C PHE G 121 37.51 7.84 25.13
N ASP G 122 37.94 6.95 24.25
CA ASP G 122 39.03 7.24 23.32
C ASP G 122 38.59 8.21 22.22
N ARG G 123 39.58 8.86 21.62
CA ARG G 123 39.41 9.70 20.45
C ARG G 123 40.22 9.10 19.31
N GLN G 124 39.62 9.03 18.12
CA GLN G 124 40.29 8.47 16.96
C GLN G 124 40.10 9.39 15.77
N GLN G 125 40.90 9.16 14.73
CA GLN G 125 40.92 10.01 13.55
C GLN G 125 40.67 9.18 12.31
N PHE G 126 39.67 9.56 11.52
CA PHE G 126 39.40 8.95 10.22
C PHE G 126 40.23 9.68 9.17
N VAL G 127 41.30 9.05 8.71
CA VAL G 127 42.33 9.71 7.92
C VAL G 127 42.27 9.22 6.49
N LEU G 128 42.48 10.14 5.54
CA LEU G 128 42.67 9.80 4.13
C LEU G 128 44.07 10.25 3.71
N GLU G 129 44.86 9.31 3.21
CA GLU G 129 46.22 9.59 2.76
C GLU G 129 46.28 9.36 1.26
N LEU G 130 46.24 10.45 0.49
CA LEU G 130 46.22 10.41 -0.96
C LEU G 130 47.58 10.85 -1.50
N GLU G 131 48.02 10.17 -2.57
CA GLU G 131 49.34 10.37 -3.16
C GLU G 131 49.39 9.73 -4.54
N PRO G 132 50.02 10.36 -5.51
CA PRO G 132 49.99 9.86 -6.88
C PRO G 132 50.96 8.69 -7.06
N PHE G 133 50.92 8.10 -8.24
CA PHE G 133 51.80 7.00 -8.62
C PHE G 133 52.58 7.40 -9.87
N SER G 134 53.84 6.96 -9.92
CA SER G 134 54.71 7.11 -11.09
C SER G 134 55.19 8.55 -11.30
N TYR G 135 54.70 9.49 -10.50
CA TYR G 135 55.03 10.91 -10.69
C TYR G 135 55.45 11.50 -9.36
N ASN G 136 56.71 11.89 -9.27
CA ASN G 136 57.26 12.40 -8.01
C ASN G 136 56.84 13.86 -7.83
N ASN G 137 57.36 14.50 -6.78
CA ASN G 137 57.03 15.90 -6.54
C ASN G 137 57.73 16.84 -7.52
N GLN G 138 58.81 16.38 -8.15
CA GLN G 138 59.44 17.17 -9.20
C GLN G 138 58.67 17.11 -10.51
N GLN G 139 57.79 16.11 -10.67
CA GLN G 139 56.97 15.96 -11.87
C GLN G 139 55.51 16.30 -11.63
N LEU G 140 54.97 15.97 -10.46
CA LEU G 140 53.58 16.24 -10.13
C LEU G 140 53.50 16.75 -8.70
N ARG G 141 52.83 17.88 -8.51
CA ARG G 141 52.71 18.51 -7.20
C ARG G 141 51.23 18.77 -6.92
N PHE G 142 50.83 18.55 -5.66
CA PHE G 142 49.48 18.88 -5.25
C PHE G 142 49.43 20.35 -4.85
N SER G 143 48.67 21.15 -5.60
CA SER G 143 48.60 22.59 -5.33
C SER G 143 47.85 22.85 -4.02
N ASP G 144 46.59 22.43 -3.96
CA ASP G 144 45.78 22.64 -2.77
C ASP G 144 44.78 21.50 -2.65
N ILE G 145 44.19 21.38 -1.47
CA ILE G 145 43.22 20.34 -1.17
C ILE G 145 42.05 21.00 -0.46
N GLN G 146 40.84 20.69 -0.90
CA GLN G 146 39.62 21.23 -0.30
C GLN G 146 38.65 20.09 -0.09
N VAL G 147 38.23 19.88 1.15
CA VAL G 147 37.37 18.77 1.53
C VAL G 147 35.99 19.33 1.84
N TYR G 148 35.05 19.10 0.92
CA TYR G 148 33.69 19.61 1.09
C TYR G 148 32.83 18.54 1.79
N THR G 149 33.26 18.19 3.00
CA THR G 149 32.71 17.08 3.75
C THR G 149 31.42 17.42 4.48
N GLU G 150 31.24 18.68 4.86
CA GLU G 150 30.21 19.02 5.83
C GLU G 150 28.81 18.76 5.29
N ASN G 151 28.52 19.23 4.07
CA ASN G 151 27.22 19.07 3.42
C ASN G 151 26.47 17.80 3.77
N ILE G 152 27.17 16.69 3.96
CA ILE G 152 26.52 15.45 4.35
C ILE G 152 27.08 14.93 5.67
N ASP G 153 28.38 14.62 5.67
CA ASP G 153 29.09 14.04 6.81
C ASP G 153 28.70 14.64 8.15
N ASN G 154 28.58 15.97 8.23
CA ASN G 154 28.31 16.70 9.47
C ASN G 154 27.23 16.10 10.38
N GLU G 155 26.52 15.07 9.90
CA GLU G 155 25.60 14.33 10.76
C GLU G 155 26.37 13.22 11.46
N GLU G 156 26.20 13.14 12.78
CA GLU G 156 27.07 12.28 13.58
C GLU G 156 26.34 11.17 14.34
N ILE G 157 25.51 10.40 13.65
CA ILE G 157 24.90 9.21 14.24
C ILE G 157 25.39 8.02 13.43
N ASP G 158 26.56 7.50 13.80
CA ASP G 158 27.23 6.44 13.04
C ASP G 158 27.99 5.48 13.96
N GLU G 159 27.60 5.40 15.23
CA GLU G 159 28.22 4.62 16.33
C GLU G 159 29.37 5.41 16.93
N TRP G 160 29.69 6.60 16.42
CA TRP G 160 30.76 7.44 16.89
C TRP G 160 30.26 8.88 16.92
N TRP G 161 31.09 9.78 17.45
CA TRP G 161 30.76 11.20 17.51
C TRP G 161 31.82 12.00 16.76
N ILE G 162 31.40 12.64 15.67
CA ILE G 162 32.27 13.54 14.92
C ILE G 162 32.30 14.90 15.62
N ARG G 163 33.51 15.34 15.99
CA ARG G 163 33.69 16.62 16.69
C ARG G 163 34.69 17.48 15.91
N GLY G 164 34.17 18.44 15.16
CA GLY G 164 35.00 19.37 14.41
C GLY G 164 35.06 19.03 12.94
N LYS G 165 35.56 20.01 12.17
CA LYS G 165 35.70 19.85 10.73
C LYS G 165 36.96 19.05 10.41
N ALA G 166 37.24 18.93 9.11
CA ALA G 166 38.40 18.18 8.65
C ALA G 166 39.67 19.03 8.77
N SER G 167 40.81 18.34 8.74
CA SER G 167 42.13 18.97 8.75
C SER G 167 42.89 18.51 7.51
N THR G 168 43.34 19.46 6.71
CA THR G 168 44.06 19.16 5.48
C THR G 168 45.54 19.47 5.64
N HIS G 169 46.38 18.63 5.06
CA HIS G 169 47.82 18.81 5.12
C HIS G 169 48.47 18.24 3.87
N ILE G 170 49.40 18.99 3.29
CA ILE G 170 50.18 18.56 2.14
C ILE G 170 51.61 18.33 2.58
N SER G 171 52.16 17.17 2.23
CA SER G 171 53.50 16.80 2.65
C SER G 171 54.25 16.15 1.49
N ASP G 172 55.56 16.00 1.66
CA ASP G 172 56.43 15.33 0.69
C ASP G 172 57.07 14.13 1.36
N ILE G 173 56.87 12.95 0.78
CA ILE G 173 57.29 11.68 1.39
C ILE G 173 58.44 11.09 0.59
N ARG G 174 59.45 10.59 1.30
CA ARG G 174 60.65 10.01 0.69
C ARG G 174 60.53 8.48 0.77
N TYR G 175 60.40 7.84 -0.39
CA TYR G 175 60.39 6.38 -0.49
C TYR G 175 61.79 5.90 -0.84
N ASP G 176 62.39 5.12 0.05
CA ASP G 176 63.74 4.63 -0.20
C ASP G 176 63.78 3.55 -1.28
N HIS G 177 62.66 2.89 -1.57
CA HIS G 177 62.67 1.81 -2.54
C HIS G 177 62.65 2.30 -3.98
N LEU G 178 62.58 3.61 -4.19
CA LEU G 178 62.80 4.21 -5.50
C LEU G 178 64.17 4.88 -5.62
N SER G 179 64.95 4.90 -4.54
CA SER G 179 66.28 5.48 -4.60
C SER G 179 67.18 4.74 -5.57
N SER G 180 67.01 3.41 -5.68
CA SER G 180 67.80 2.63 -6.64
C SER G 180 67.48 3.01 -8.08
N VAL G 181 66.36 3.68 -8.31
CA VAL G 181 65.93 4.02 -9.67
C VAL G 181 65.79 5.51 -9.90
N GLN G 182 65.63 6.32 -8.85
CA GLN G 182 65.47 7.76 -9.00
C GLN G 182 66.32 8.49 -7.98
N PRO G 183 67.57 8.80 -8.32
CA PRO G 183 68.45 9.51 -7.37
C PRO G 183 68.00 10.95 -7.18
N ASN G 184 67.68 11.30 -5.93
CA ASN G 184 67.21 12.61 -5.49
C ASN G 184 65.83 12.96 -6.04
N GLN G 185 65.23 12.09 -6.85
CA GLN G 185 63.90 12.31 -7.41
C GLN G 185 62.89 11.31 -6.85
N ASN G 186 63.02 10.98 -5.57
CA ASN G 186 62.22 9.93 -4.94
C ASN G 186 61.31 10.50 -3.86
N GLU G 187 60.75 11.68 -4.11
CA GLU G 187 59.83 12.33 -3.18
C GLU G 187 58.49 12.50 -3.86
N PHE G 188 57.42 12.12 -3.17
CA PHE G 188 56.06 12.18 -3.69
C PHE G 188 55.23 13.14 -2.85
N SER G 189 54.38 13.91 -3.52
CA SER G 189 53.46 14.81 -2.84
C SER G 189 52.31 14.01 -2.26
N ARG G 190 51.99 14.26 -1.00
CA ARG G 190 50.95 13.50 -0.30
C ARG G 190 49.92 14.44 0.28
N ILE G 191 48.65 14.18 -0.03
CA ILE G 191 47.53 14.87 0.59
C ILE G 191 47.03 14.03 1.76
N THR G 192 46.80 14.67 2.89
CA THR G 192 46.34 13.98 4.08
C THR G 192 45.11 14.69 4.63
N VAL G 193 44.04 13.94 4.86
CA VAL G 193 42.78 14.48 5.36
C VAL G 193 42.47 13.73 6.66
N ARG G 194 42.30 14.48 7.74
CA ARG G 194 42.06 13.92 9.06
C ARG G 194 40.71 14.42 9.58
N ILE G 195 39.95 13.52 10.21
CA ILE G 195 38.67 13.86 10.82
C ILE G 195 38.68 13.31 12.24
N ASP G 196 38.66 14.21 13.23
CA ASP G 196 38.60 13.79 14.62
C ASP G 196 37.22 13.21 14.94
N ALA G 197 37.20 12.24 15.84
CA ALA G 197 35.95 11.56 16.20
C ALA G 197 36.05 11.05 17.63
N VAL G 198 34.89 11.00 18.29
CA VAL G 198 34.79 10.53 19.67
C VAL G 198 33.80 9.36 19.70
N ARG G 199 33.96 8.52 20.72
CA ARG G 199 33.13 7.33 20.85
C ARG G 199 31.89 7.63 21.68
N LYS G 200 30.83 6.86 21.44
CA LYS G 200 29.58 6.99 22.18
C LYS G 200 29.51 5.85 23.19
N ILE G 201 29.65 6.20 24.48
CA ILE G 201 29.74 5.18 25.52
C ILE G 201 28.40 4.55 25.86
N GLY G 202 27.32 4.97 25.20
CA GLY G 202 26.00 4.47 25.55
C GLY G 202 25.92 2.96 25.48
N TYR G 203 26.40 2.37 24.37
CA TYR G 203 26.36 0.91 24.24
C TYR G 203 27.14 0.23 25.35
N PHE G 204 28.27 0.83 25.74
CA PHE G 204 29.12 0.21 26.75
C PHE G 204 28.58 0.44 28.16
N VAL G 205 27.87 1.53 28.37
CA VAL G 205 27.22 1.76 29.66
C VAL G 205 26.19 0.66 29.94
N ILE G 206 25.41 0.30 28.91
CA ILE G 206 24.38 -0.71 29.10
C ILE G 206 24.95 -2.12 29.13
N GLN G 207 26.02 -2.37 28.36
CA GLN G 207 26.52 -3.73 28.22
C GLN G 207 27.52 -4.13 29.31
N THR G 208 28.43 -3.24 29.70
CA THR G 208 29.47 -3.60 30.67
C THR G 208 29.42 -2.79 31.94
N TYR G 209 29.34 -1.45 31.84
CA TYR G 209 29.48 -0.62 33.03
C TYR G 209 28.36 -0.89 34.04
N LEU G 210 27.12 -0.69 33.63
CA LEU G 210 26.00 -0.96 34.54
C LEU G 210 25.95 -2.41 35.02
N PRO G 211 26.10 -3.43 34.17
CA PRO G 211 26.14 -4.80 34.69
C PRO G 211 27.27 -5.05 35.67
N CYS G 212 28.43 -4.41 35.50
CA CYS G 212 29.48 -4.53 36.49
C CYS G 212 29.08 -3.87 37.80
N ILE G 213 28.44 -2.70 37.74
CA ILE G 213 28.08 -1.97 38.96
C ILE G 213 27.04 -2.76 39.75
N MET G 214 25.92 -3.13 39.11
CA MET G 214 24.87 -3.85 39.81
C MET G 214 25.38 -5.17 40.37
N THR G 215 26.39 -5.78 39.74
CA THR G 215 27.01 -6.96 40.33
C THR G 215 27.75 -6.59 41.61
N VAL G 216 28.46 -5.45 41.60
CA VAL G 216 29.11 -4.97 42.82
C VAL G 216 28.09 -4.66 43.89
N ILE G 217 26.99 -3.99 43.51
CA ILE G 217 25.90 -3.75 44.44
C ILE G 217 25.33 -5.07 44.95
N LEU G 218 25.15 -6.05 44.06
CA LEU G 218 24.64 -7.34 44.47
C LEU G 218 25.58 -8.05 45.43
N SER G 219 26.89 -7.82 45.29
CA SER G 219 27.86 -8.49 46.15
C SER G 219 27.68 -8.08 47.60
N GLN G 220 27.19 -6.86 47.86
CA GLN G 220 27.11 -6.33 49.20
C GLN G 220 25.86 -6.76 49.95
N VAL G 221 24.88 -7.37 49.28
CA VAL G 221 23.71 -7.88 49.98
C VAL G 221 24.12 -8.99 50.95
N SER G 222 25.22 -9.68 50.67
CA SER G 222 25.72 -10.70 51.59
C SER G 222 26.08 -10.10 52.94
N PHE G 223 26.60 -8.88 52.95
CA PHE G 223 26.99 -8.24 54.21
C PHE G 223 25.78 -8.05 55.13
N TRP G 224 24.67 -7.61 54.56
CA TRP G 224 23.50 -7.28 55.35
C TRP G 224 22.67 -8.49 55.70
N LEU G 225 23.23 -9.70 55.61
CA LEU G 225 22.46 -10.90 55.92
C LEU G 225 22.64 -11.29 57.37
N ASN G 226 23.82 -11.82 57.71
CA ASN G 226 24.25 -12.16 59.07
C ASN G 226 25.56 -12.91 59.00
N ARG G 227 26.06 -13.39 60.13
CA ARG G 227 26.88 -14.59 60.13
C ARG G 227 25.94 -15.79 59.91
N GLU G 228 25.24 -15.74 58.78
CA GLU G 228 24.01 -16.48 58.56
C GLU G 228 24.32 -17.85 57.96
N SER G 229 23.28 -18.49 57.41
CA SER G 229 23.44 -19.74 56.67
C SER G 229 24.61 -19.63 55.70
N VAL G 230 25.64 -20.44 55.95
CA VAL G 230 26.84 -20.40 55.10
C VAL G 230 26.51 -20.61 53.63
N PRO G 231 25.60 -21.51 53.23
CA PRO G 231 25.24 -21.61 51.81
C PRO G 231 24.87 -20.29 51.15
N ALA G 232 24.06 -19.47 51.80
CA ALA G 232 23.59 -18.23 51.18
C ALA G 232 24.74 -17.29 50.84
N ARG G 233 25.49 -16.86 51.86
CA ARG G 233 26.55 -15.88 51.63
C ARG G 233 27.68 -16.43 50.76
N THR G 234 27.81 -17.77 50.66
CA THR G 234 28.75 -18.33 49.71
C THR G 234 28.19 -18.31 48.29
N VAL G 235 26.90 -18.63 48.15
CA VAL G 235 26.24 -18.49 46.85
C VAL G 235 26.36 -17.06 46.34
N PHE G 236 26.16 -16.08 47.22
CA PHE G 236 26.37 -14.69 46.84
C PHE G 236 27.80 -14.46 46.37
N GLY G 237 28.78 -15.04 47.06
CA GLY G 237 30.18 -14.83 46.72
C GLY G 237 30.61 -15.41 45.39
N VAL G 238 30.46 -16.73 45.22
CA VAL G 238 31.01 -17.40 44.06
C VAL G 238 30.28 -16.99 42.78
N THR G 239 28.95 -16.87 42.84
CA THR G 239 28.21 -16.49 41.65
C THR G 239 28.59 -15.10 41.17
N THR G 240 28.75 -14.16 42.11
CA THR G 240 29.13 -12.80 41.72
C THR G 240 30.55 -12.77 41.16
N VAL G 241 31.45 -13.58 41.71
CA VAL G 241 32.81 -13.64 41.20
C VAL G 241 32.82 -14.17 39.77
N LEU G 242 32.11 -15.28 39.53
CA LEU G 242 32.06 -15.85 38.19
C LEU G 242 31.39 -14.88 37.21
N THR G 243 30.29 -14.25 37.62
CA THR G 243 29.66 -13.24 36.77
C THR G 243 30.64 -12.14 36.42
N MET G 244 31.33 -11.60 37.42
CA MET G 244 32.35 -10.58 37.16
C MET G 244 33.51 -11.14 36.35
N THR G 245 33.79 -12.44 36.48
CA THR G 245 34.86 -13.03 35.69
C THR G 245 34.48 -13.09 34.21
N THR G 246 33.25 -13.53 33.91
CA THR G 246 32.83 -13.59 32.51
C THR G 246 32.70 -12.20 31.91
N LEU G 247 32.20 -11.23 32.68
CA LEU G 247 32.09 -9.88 32.16
C LEU G 247 33.47 -9.30 31.84
N SER G 248 34.48 -9.67 32.63
CA SER G 248 35.84 -9.26 32.30
C SER G 248 36.30 -9.86 30.98
N ILE G 249 35.80 -11.04 30.65
CA ILE G 249 36.17 -11.68 29.39
C ILE G 249 35.39 -11.08 28.23
N SER G 250 34.07 -11.07 28.34
CA SER G 250 33.21 -10.59 27.26
C SER G 250 33.44 -9.11 26.95
N ALA G 251 34.03 -8.35 27.87
CA ALA G 251 34.22 -6.92 27.65
C ALA G 251 35.31 -6.63 26.63
N ARG G 252 36.20 -7.59 26.35
CA ARG G 252 37.30 -7.34 25.43
C ARG G 252 37.05 -7.89 24.04
N ASN G 253 35.94 -8.59 23.82
CA ASN G 253 35.63 -9.10 22.50
C ASN G 253 35.40 -8.00 21.48
N SER G 254 35.18 -6.76 21.93
CA SER G 254 35.04 -5.62 21.04
C SER G 254 36.34 -4.86 20.83
N LEU G 255 37.49 -5.47 21.11
CA LEU G 255 38.78 -4.82 20.97
C LEU G 255 39.76 -5.79 20.34
N PRO G 256 40.74 -5.29 19.59
CA PRO G 256 41.82 -6.16 19.11
C PRO G 256 42.66 -6.66 20.28
N LYS G 257 43.46 -7.69 19.99
CA LYS G 257 44.27 -8.36 21.01
C LYS G 257 45.52 -7.55 21.32
N VAL G 258 45.30 -6.33 21.82
CA VAL G 258 46.38 -5.42 22.18
C VAL G 258 46.90 -5.81 23.56
N ALA G 259 48.06 -5.25 23.94
CA ALA G 259 48.68 -5.57 25.21
C ALA G 259 48.27 -4.61 26.32
N TYR G 260 48.23 -3.31 26.03
CA TYR G 260 47.92 -2.33 27.06
C TYR G 260 46.49 -2.49 27.58
N ALA G 261 46.28 -2.04 28.81
CA ALA G 261 44.98 -2.09 29.46
C ALA G 261 44.24 -0.78 29.27
N THR G 262 42.94 -0.87 29.08
CA THR G 262 42.11 0.28 28.79
C THR G 262 41.49 0.86 30.07
N ALA G 263 40.87 2.04 29.92
CA ALA G 263 40.14 2.62 31.03
C ALA G 263 38.99 1.72 31.47
N MET G 264 38.39 0.98 30.54
CA MET G 264 37.41 -0.02 30.93
C MET G 264 38.06 -1.16 31.69
N ASP G 265 39.30 -1.51 31.32
CA ASP G 265 40.01 -2.58 32.03
C ASP G 265 40.28 -2.20 33.47
N TRP G 266 40.82 -0.99 33.69
CA TRP G 266 41.04 -0.53 35.06
C TRP G 266 39.75 -0.55 35.86
N PHE G 267 38.63 -0.17 35.21
CA PHE G 267 37.34 -0.17 35.88
C PHE G 267 36.88 -1.57 36.24
N ILE G 268 37.18 -2.55 35.38
CA ILE G 268 36.72 -3.91 35.63
C ILE G 268 37.48 -4.54 36.79
N ALA G 269 38.79 -4.33 36.84
CA ALA G 269 39.60 -4.90 37.92
C ALA G 269 39.11 -4.41 39.28
N VAL G 270 38.75 -3.13 39.38
CA VAL G 270 38.23 -2.60 40.63
C VAL G 270 36.91 -3.27 40.98
N CYS G 271 35.98 -3.32 40.02
CA CYS G 271 34.72 -4.03 40.24
C CYS G 271 34.98 -5.49 40.58
N TYR G 272 36.05 -6.08 40.05
CA TYR G 272 36.41 -7.44 40.43
C TYR G 272 36.90 -7.50 41.86
N ALA G 273 37.65 -6.48 42.31
CA ALA G 273 38.24 -6.51 43.64
C ALA G 273 37.16 -6.50 44.71
N PHE G 274 36.23 -5.55 44.64
CA PHE G 274 35.20 -5.45 45.67
C PHE G 274 34.37 -6.72 45.75
N VAL G 275 34.10 -7.36 44.61
CA VAL G 275 33.37 -8.62 44.63
C VAL G 275 34.20 -9.71 45.30
N PHE G 276 35.48 -9.82 44.92
CA PHE G 276 36.35 -10.83 45.52
C PHE G 276 36.66 -10.50 46.97
N SER G 277 36.85 -9.21 47.29
CA SER G 277 37.08 -8.83 48.68
C SER G 277 35.87 -9.16 49.54
N ALA G 278 34.66 -8.95 49.02
CA ALA G 278 33.45 -9.27 49.76
C ALA G 278 33.37 -10.75 50.10
N LEU G 279 33.80 -11.61 49.19
CA LEU G 279 33.75 -13.05 49.46
C LEU G 279 34.77 -13.45 50.52
N ILE G 280 36.03 -13.05 50.34
CA ILE G 280 37.06 -13.37 51.33
C ILE G 280 36.73 -12.77 52.68
N GLU G 281 36.19 -11.55 52.68
CA GLU G 281 35.77 -10.92 53.93
C GLU G 281 34.77 -11.78 54.68
N PHE G 282 33.73 -12.26 54.00
CA PHE G 282 32.79 -13.16 54.64
C PHE G 282 33.47 -14.46 55.08
N ALA G 283 34.31 -15.03 54.22
CA ALA G 283 35.02 -16.24 54.60
C ALA G 283 35.87 -16.02 55.84
N THR G 284 36.29 -14.78 56.09
CA THR G 284 37.01 -14.48 57.32
C THR G 284 36.08 -14.53 58.52
N VAL G 285 34.96 -13.81 58.46
CA VAL G 285 34.03 -13.79 59.58
C VAL G 285 33.40 -15.15 59.80
N ASN G 286 33.42 -16.02 58.79
CA ASN G 286 32.97 -17.39 58.99
C ASN G 286 34.02 -18.19 59.77
N TYR G 287 35.28 -17.80 59.67
CA TYR G 287 36.32 -18.37 60.50
C TYR G 287 36.24 -17.87 61.94
N PHE G 288 35.49 -16.80 62.19
CA PHE G 288 35.32 -16.26 63.53
C PHE G 288 33.88 -16.44 64.04
N THR G 289 33.23 -17.55 63.67
CA THR G 289 31.87 -17.76 64.17
C THR G 289 31.87 -18.18 65.63
N LYS G 290 32.94 -18.84 66.08
CA LYS G 290 33.10 -19.23 67.48
C LYS G 290 34.18 -18.42 68.17
N ARG G 291 35.21 -18.02 67.42
CA ARG G 291 36.32 -17.21 67.94
C ARG G 291 35.95 -15.75 67.76
N GLY G 292 35.34 -15.16 68.78
CA GLY G 292 35.02 -13.75 68.71
C GLY G 292 33.67 -13.42 68.11
N VAL G 293 32.60 -13.99 68.68
CA VAL G 293 31.24 -13.75 68.21
C VAL G 293 30.49 -13.02 69.33
N GLU G 294 30.00 -11.81 69.03
CA GLU G 294 29.10 -11.15 69.97
C GLU G 294 27.71 -10.95 69.38
N SER G 295 27.56 -10.12 68.33
CA SER G 295 26.32 -10.10 67.55
C SER G 295 26.65 -10.07 66.06
N VAL G 296 27.67 -9.28 65.73
CA VAL G 296 28.11 -9.02 64.36
C VAL G 296 29.63 -8.93 64.37
N SER G 297 30.24 -9.37 63.29
CA SER G 297 31.69 -9.18 63.11
C SER G 297 31.92 -7.72 62.75
N LYS G 298 32.59 -7.00 63.65
CA LYS G 298 32.91 -5.57 63.50
C LYS G 298 33.35 -5.22 62.09
N ILE G 299 33.91 -6.19 61.36
CA ILE G 299 34.22 -5.99 59.95
C ILE G 299 32.95 -5.75 59.16
N ASP G 300 31.96 -6.63 59.33
CA ASP G 300 30.68 -6.47 58.64
C ASP G 300 30.00 -5.17 59.06
N ARG G 301 30.12 -4.79 60.32
CA ARG G 301 29.50 -3.55 60.78
C ARG G 301 30.09 -2.34 60.05
N LEU G 302 31.36 -2.42 59.66
CA LEU G 302 31.98 -1.36 58.86
C LEU G 302 32.01 -1.65 57.37
N SER G 303 32.09 -2.92 56.97
CA SER G 303 32.10 -3.24 55.54
C SER G 303 30.81 -2.81 54.86
N ARG G 304 29.69 -2.85 55.59
CA ARG G 304 28.45 -2.31 55.05
C ARG G 304 28.54 -0.82 54.78
N ILE G 305 29.54 -0.15 55.35
CA ILE G 305 29.76 1.27 55.13
C ILE G 305 31.06 1.52 54.38
N ALA G 306 32.11 0.74 54.67
CA ALA G 306 33.39 0.94 54.00
C ALA G 306 33.28 0.64 52.51
N PHE G 307 32.69 -0.50 52.14
CA PHE G 307 32.62 -0.87 50.73
C PHE G 307 31.78 0.09 49.90
N PRO G 308 30.54 0.45 50.27
CA PRO G 308 29.76 1.34 49.40
C PRO G 308 30.41 2.69 49.18
N LEU G 309 30.94 3.29 50.24
CA LEU G 309 31.60 4.58 50.10
C LEU G 309 32.85 4.47 49.23
N LEU G 310 33.64 3.41 49.45
CA LEU G 310 34.82 3.18 48.62
C LEU G 310 34.44 3.02 47.15
N PHE G 311 33.37 2.29 46.86
CA PHE G 311 32.91 2.15 45.49
C PHE G 311 32.26 3.44 45.00
N GLY G 312 31.48 4.08 45.87
CA GLY G 312 30.83 5.33 45.48
C GLY G 312 31.83 6.41 45.12
N ILE G 313 32.84 6.61 45.97
CA ILE G 313 33.85 7.60 45.64
C ILE G 313 34.69 7.14 44.46
N PHE G 314 34.82 5.82 44.27
CA PHE G 314 35.58 5.32 43.13
C PHE G 314 34.92 5.72 41.82
N ASN G 315 33.60 5.48 41.71
CA ASN G 315 32.89 5.92 40.51
C ASN G 315 33.03 7.41 40.30
N LEU G 316 33.07 8.18 41.40
CA LEU G 316 33.26 9.62 41.27
C LEU G 316 34.67 9.94 40.78
N VAL G 317 35.69 9.27 41.31
CA VAL G 317 37.04 9.46 40.80
C VAL G 317 37.14 9.00 39.35
N TYR G 318 36.47 7.91 39.02
CA TYR G 318 36.52 7.37 37.66
C TYR G 318 35.83 8.29 36.67
N TRP G 319 34.55 8.57 36.89
CA TRP G 319 33.77 9.31 35.91
C TRP G 319 34.09 10.80 35.86
N ALA G 320 34.61 11.37 36.95
CA ALA G 320 35.12 12.75 36.86
C ALA G 320 36.31 12.81 35.92
N THR G 321 37.23 11.86 36.04
CA THR G 321 38.25 11.66 35.03
C THR G 321 37.62 11.08 33.76
N TYR G 322 38.42 10.95 32.72
CA TYR G 322 38.04 10.31 31.47
C TYR G 322 36.90 11.01 30.75
N LEU G 323 36.47 12.17 31.23
CA LEU G 323 35.39 12.91 30.58
C LEU G 323 35.81 14.36 30.29
N ARG H 10 16.37 23.14 -23.47
CA ARG H 10 17.60 22.50 -23.91
C ARG H 10 18.14 21.33 -23.06
N PRO H 11 17.84 21.25 -21.75
CA PRO H 11 18.30 20.09 -20.98
C PRO H 11 17.53 18.84 -21.38
N VAL H 12 18.26 17.72 -21.44
CA VAL H 12 17.66 16.46 -21.91
C VAL H 12 16.75 15.91 -20.83
N ASP H 13 15.46 15.86 -21.12
CA ASP H 13 14.51 15.23 -20.19
C ASP H 13 14.64 13.71 -20.27
N VAL H 14 14.85 13.09 -19.11
CA VAL H 14 15.06 11.65 -19.01
C VAL H 14 13.92 11.07 -18.20
N SER H 15 13.16 10.16 -18.81
CA SER H 15 12.10 9.44 -18.13
C SER H 15 12.68 8.18 -17.50
N VAL H 16 12.35 7.93 -16.25
CA VAL H 16 12.92 6.83 -15.49
C VAL H 16 11.80 5.99 -14.91
N SER H 17 11.89 4.68 -15.11
CA SER H 17 10.98 3.71 -14.50
C SER H 17 11.81 2.68 -13.77
N ILE H 18 11.43 2.36 -12.55
CA ILE H 18 12.16 1.43 -11.70
C ILE H 18 11.20 0.34 -11.25
N PHE H 19 11.58 -0.91 -11.51
CA PHE H 19 10.81 -2.06 -11.10
C PHE H 19 11.61 -2.78 -10.02
N ILE H 20 11.04 -2.86 -8.82
CA ILE H 20 11.71 -3.50 -7.70
C ILE H 20 11.30 -4.96 -7.69
N ASN H 21 12.26 -5.85 -7.95
CA ASN H 21 11.96 -7.27 -8.00
C ASN H 21 11.78 -7.86 -6.60
N LYS H 22 12.63 -7.46 -5.66
CA LYS H 22 12.58 -8.00 -4.31
C LYS H 22 13.49 -7.17 -3.42
N ILE H 23 13.09 -7.04 -2.16
CA ILE H 23 13.92 -6.46 -1.11
C ILE H 23 14.24 -7.56 -0.12
N TYR H 24 15.52 -7.75 0.17
CA TYR H 24 15.93 -8.88 0.97
C TYR H 24 17.22 -8.54 1.71
N GLY H 25 17.60 -9.42 2.61
CA GLY H 25 18.86 -9.27 3.33
C GLY H 25 18.90 -8.03 4.19
N VAL H 26 17.81 -7.74 4.89
CA VAL H 26 17.79 -6.57 5.77
C VAL H 26 18.70 -6.85 6.96
N ASN H 27 19.75 -6.05 7.10
CA ASN H 27 20.72 -6.21 8.18
C ASN H 27 20.61 -4.96 9.04
N THR H 28 19.97 -5.11 10.20
CA THR H 28 19.76 -3.97 11.09
C THR H 28 21.06 -3.50 11.72
N LEU H 29 22.02 -4.41 11.88
CA LEU H 29 23.29 -4.03 12.49
C LEU H 29 24.06 -3.06 11.60
N GLU H 30 24.34 -3.47 10.37
CA GLU H 30 25.05 -2.63 9.41
C GLU H 30 24.16 -1.56 8.80
N GLN H 31 22.86 -1.57 9.11
CA GLN H 31 21.89 -0.61 8.58
C GLN H 31 21.83 -0.66 7.05
N THR H 32 22.10 -1.83 6.49
CA THR H 32 22.03 -2.05 5.05
C THR H 32 20.84 -2.94 4.70
N TYR H 33 20.51 -2.94 3.41
CA TYR H 33 19.42 -3.76 2.91
C TYR H 33 19.64 -3.95 1.41
N LYS H 34 19.40 -5.16 0.93
CA LYS H 34 19.65 -5.51 -0.46
C LYS H 34 18.37 -5.35 -1.25
N VAL H 35 18.48 -4.73 -2.43
CA VAL H 35 17.36 -4.45 -3.30
C VAL H 35 17.70 -4.97 -4.69
N ASP H 36 16.83 -5.81 -5.24
CA ASP H 36 16.99 -6.34 -6.58
C ASP H 36 15.83 -5.87 -7.46
N GLY H 37 16.14 -5.53 -8.69
CA GLY H 37 15.10 -5.09 -9.61
C GLY H 37 15.70 -4.63 -10.91
N TYR H 38 14.81 -4.11 -11.76
CA TYR H 38 15.15 -3.64 -13.07
C TYR H 38 15.08 -2.12 -13.09
N ILE H 39 15.81 -1.52 -14.03
CA ILE H 39 15.79 -0.07 -14.20
C ILE H 39 15.58 0.22 -15.68
N VAL H 40 14.86 1.30 -15.96
CA VAL H 40 14.57 1.72 -17.31
C VAL H 40 14.79 3.22 -17.38
N ALA H 41 15.64 3.65 -18.31
CA ALA H 41 15.93 5.06 -18.52
C ALA H 41 15.60 5.41 -19.96
N GLN H 42 14.63 6.29 -20.14
CA GLN H 42 14.12 6.64 -21.46
C GLN H 42 14.28 8.13 -21.67
N TRP H 43 14.86 8.50 -22.81
CA TRP H 43 14.94 9.89 -23.23
C TRP H 43 14.80 9.94 -24.74
N THR H 44 14.27 11.06 -25.24
CA THR H 44 14.00 11.22 -26.66
C THR H 44 15.19 11.90 -27.30
N GLY H 45 15.91 11.16 -28.14
CA GLY H 45 17.09 11.66 -28.80
C GLY H 45 16.83 12.02 -30.24
N LYS H 46 17.92 12.13 -31.00
CA LYS H 46 17.79 12.55 -32.39
C LYS H 46 17.39 11.34 -33.25
N PRO H 47 16.47 11.52 -34.19
CA PRO H 47 16.00 10.38 -34.99
C PRO H 47 17.12 9.73 -35.79
N ARG H 48 16.96 8.45 -36.06
CA ARG H 48 17.93 7.67 -36.80
C ARG H 48 17.20 6.61 -37.61
N LYS H 49 17.92 5.98 -38.52
CA LYS H 49 17.38 4.95 -39.40
C LYS H 49 17.89 3.59 -38.93
N THR H 50 17.03 2.86 -38.23
CA THR H 50 17.38 1.54 -37.74
C THR H 50 17.33 0.51 -38.85
N PRO H 51 18.04 -0.61 -38.70
CA PRO H 51 17.84 -1.74 -39.61
C PRO H 51 16.44 -2.30 -39.49
N GLY H 52 15.62 -2.11 -40.53
CA GLY H 52 14.21 -2.43 -40.44
C GLY H 52 13.45 -1.51 -39.53
N ASP H 53 12.11 -1.52 -39.62
CA ASP H 53 11.29 -0.72 -38.73
C ASP H 53 11.24 -1.28 -37.32
N LYS H 54 11.79 -2.48 -37.09
CA LYS H 54 11.80 -3.03 -35.75
C LYS H 54 12.65 -2.13 -34.85
N PRO H 55 12.34 -2.08 -33.55
CA PRO H 55 13.21 -1.35 -32.64
C PRO H 55 14.52 -2.08 -32.53
N LEU H 56 15.62 -1.33 -32.49
CA LEU H 56 16.91 -1.97 -32.42
C LEU H 56 17.24 -2.31 -30.98
N ILE H 57 17.57 -3.58 -30.75
CA ILE H 57 17.84 -4.09 -29.41
C ILE H 57 19.30 -4.50 -29.35
N VAL H 58 20.01 -3.98 -28.36
CA VAL H 58 21.44 -4.24 -28.19
C VAL H 58 21.64 -4.80 -26.79
N GLU H 59 22.30 -5.95 -26.71
CA GLU H 59 22.49 -6.65 -25.45
C GLU H 59 23.92 -6.46 -24.95
N ASN H 60 24.26 -7.21 -23.91
CA ASN H 60 25.51 -7.04 -23.18
C ASN H 60 26.72 -7.06 -24.12
N THR H 61 27.76 -6.33 -23.73
CA THR H 61 29.03 -6.22 -24.46
C THR H 61 28.90 -5.60 -25.85
N GLN H 62 27.69 -5.26 -26.26
CA GLN H 62 27.48 -4.71 -27.60
C GLN H 62 27.21 -3.21 -27.56
N ILE H 63 26.91 -2.66 -26.39
CA ILE H 63 26.76 -1.21 -26.24
C ILE H 63 28.09 -0.52 -26.46
N GLU H 64 29.20 -1.20 -26.15
CA GLU H 64 30.51 -0.58 -26.19
C GLU H 64 30.84 -0.08 -27.59
N ARG H 65 30.52 -0.87 -28.62
CA ARG H 65 30.76 -0.42 -29.99
C ARG H 65 29.89 0.79 -30.33
N TRP H 66 28.72 0.89 -29.70
CA TRP H 66 27.84 2.00 -29.99
C TRP H 66 28.33 3.28 -29.33
N ILE H 67 28.70 3.21 -28.05
CA ILE H 67 29.22 4.42 -27.41
C ILE H 67 30.58 4.79 -27.99
N ASN H 68 31.33 3.83 -28.53
CA ASN H 68 32.58 4.17 -29.21
C ASN H 68 32.31 4.93 -30.49
N ASN H 69 31.14 4.73 -31.10
CA ASN H 69 30.74 5.47 -32.29
C ASN H 69 30.04 6.78 -31.95
N GLY H 70 30.18 7.26 -30.71
CA GLY H 70 29.66 8.56 -30.33
C GLY H 70 28.28 8.56 -29.72
N LEU H 71 27.65 7.40 -29.54
CA LEU H 71 26.32 7.37 -28.95
C LEU H 71 26.37 7.88 -27.51
N TRP H 72 25.34 8.64 -27.14
CA TRP H 72 25.28 9.32 -25.85
C TRP H 72 24.39 8.52 -24.91
N VAL H 73 25.00 7.81 -23.96
CA VAL H 73 24.26 7.08 -22.93
C VAL H 73 24.80 7.52 -21.58
N PRO H 74 24.05 8.31 -20.81
CA PRO H 74 24.58 8.79 -19.53
C PRO H 74 24.56 7.71 -18.47
N ALA H 75 25.65 7.64 -17.71
CA ALA H 75 25.74 6.69 -16.62
C ALA H 75 24.93 7.18 -15.43
N LEU H 76 24.08 6.31 -14.90
CA LEU H 76 23.26 6.64 -13.75
C LEU H 76 23.86 6.02 -12.49
N GLU H 77 23.66 6.70 -11.37
CA GLU H 77 24.40 6.44 -10.14
C GLU H 77 23.46 6.36 -8.95
N PHE H 78 23.60 5.31 -8.15
CA PHE H 78 22.88 5.21 -6.88
C PHE H 78 23.72 5.86 -5.79
N ILE H 79 23.13 6.82 -5.09
CA ILE H 79 23.87 7.56 -4.07
C ILE H 79 24.02 6.72 -2.80
N ASN H 80 22.89 6.30 -2.24
CA ASN H 80 22.88 5.60 -0.95
C ASN H 80 23.16 4.10 -1.12
N VAL H 81 24.31 3.81 -1.72
CA VAL H 81 24.73 2.44 -1.94
C VAL H 81 25.98 2.17 -1.11
N VAL H 82 26.15 0.91 -0.72
CA VAL H 82 27.29 0.54 0.12
C VAL H 82 28.53 0.24 -0.72
N GLY H 83 28.33 -0.35 -1.91
CA GLY H 83 29.42 -0.62 -2.82
C GLY H 83 28.89 -0.62 -4.23
N SER H 84 29.79 -0.75 -5.19
CA SER H 84 29.40 -0.80 -6.59
C SER H 84 28.38 -1.91 -6.79
N PRO H 85 27.15 -1.58 -7.20
CA PRO H 85 26.11 -2.60 -7.29
C PRO H 85 26.43 -3.66 -8.33
N ASP H 86 25.81 -4.83 -8.13
CA ASP H 86 26.00 -5.97 -9.02
C ASP H 86 25.09 -5.79 -10.23
N THR H 87 25.64 -5.27 -11.32
CA THR H 87 24.86 -5.02 -12.53
C THR H 87 24.69 -6.31 -13.32
N GLY H 88 23.44 -6.63 -13.67
CA GLY H 88 23.13 -7.84 -14.42
C GLY H 88 23.26 -7.63 -15.91
N ASN H 89 22.20 -7.93 -16.67
CA ASN H 89 22.23 -7.80 -18.12
C ASN H 89 21.81 -6.39 -18.52
N LYS H 90 22.51 -5.83 -19.49
CA LYS H 90 22.25 -4.49 -19.99
C LYS H 90 21.69 -4.56 -21.39
N ARG H 91 20.70 -3.72 -21.67
CA ARG H 91 20.12 -3.67 -23.00
C ARG H 91 19.93 -2.22 -23.41
N LEU H 92 19.87 -2.02 -24.72
CA LEU H 92 19.66 -0.70 -25.31
C LEU H 92 18.59 -0.79 -26.36
N MET H 93 17.54 0.03 -26.21
CA MET H 93 16.50 0.17 -27.22
C MET H 93 16.75 1.45 -28.00
N LEU H 94 17.06 1.30 -29.28
CA LEU H 94 17.27 2.42 -30.18
C LEU H 94 16.05 2.55 -31.08
N PHE H 95 15.29 3.60 -30.87
CA PHE H 95 14.11 3.77 -31.70
C PHE H 95 14.43 4.65 -32.90
N PRO H 96 13.70 4.51 -34.01
CA PRO H 96 13.99 5.35 -35.18
C PRO H 96 13.64 6.81 -34.97
N ASP H 97 12.58 7.10 -34.20
CA ASP H 97 12.22 8.49 -33.92
C ASP H 97 13.22 9.18 -32.98
N GLY H 98 14.23 8.47 -32.49
CA GLY H 98 15.32 9.05 -31.74
C GLY H 98 15.39 8.61 -30.28
N ARG H 99 14.25 8.26 -29.69
CA ARG H 99 14.24 7.96 -28.26
C ARG H 99 15.08 6.72 -27.95
N VAL H 100 15.97 6.85 -26.97
CA VAL H 100 16.86 5.79 -26.53
C VAL H 100 16.41 5.32 -25.16
N ILE H 101 16.58 4.02 -24.90
CA ILE H 101 16.12 3.42 -23.66
C ILE H 101 17.20 2.51 -23.12
N TYR H 102 17.67 2.79 -21.91
CA TYR H 102 18.69 1.99 -21.24
C TYR H 102 18.00 1.18 -20.15
N ASN H 103 18.02 -0.14 -20.30
CA ASN H 103 17.36 -1.03 -19.36
C ASN H 103 18.36 -2.08 -18.89
N ALA H 104 18.44 -2.28 -17.58
CA ALA H 104 19.37 -3.22 -16.99
C ALA H 104 18.86 -3.64 -15.62
N ARG H 105 19.37 -4.77 -15.14
CA ARG H 105 19.03 -5.28 -13.83
C ARG H 105 20.15 -4.95 -12.84
N PHE H 106 19.75 -4.58 -11.62
CA PHE H 106 20.68 -4.20 -10.58
C PHE H 106 20.34 -4.90 -9.28
N LEU H 107 21.37 -5.39 -8.59
CA LEU H 107 21.23 -5.97 -7.26
C LEU H 107 22.31 -5.34 -6.38
N GLY H 108 21.89 -4.44 -5.50
CA GLY H 108 22.83 -3.67 -4.71
C GLY H 108 22.44 -3.63 -3.24
N SER H 109 23.46 -3.45 -2.40
CA SER H 109 23.27 -3.29 -0.97
C SER H 109 23.17 -1.79 -0.66
N PHE H 110 21.98 -1.34 -0.32
CA PHE H 110 21.71 0.07 -0.11
C PHE H 110 21.74 0.41 1.38
N SER H 111 21.89 1.69 1.67
CA SER H 111 21.98 2.17 3.04
C SER H 111 21.07 3.39 3.23
N ASN H 112 20.67 3.62 4.47
CA ASN H 112 19.89 4.80 4.82
C ASN H 112 19.96 5.01 6.32
N ASP H 113 19.93 6.27 6.73
CA ASP H 113 19.93 6.60 8.15
C ASP H 113 18.68 6.04 8.83
N MET H 114 18.87 5.38 9.97
CA MET H 114 17.79 4.71 10.69
C MET H 114 17.81 5.09 12.17
N ASP H 115 16.63 5.26 12.74
CA ASP H 115 16.45 5.61 14.15
C ASP H 115 15.87 4.42 14.89
N PHE H 116 16.57 3.98 15.94
CA PHE H 116 16.20 2.78 16.68
C PHE H 116 15.69 3.08 18.08
N ARG H 117 15.16 4.30 18.31
CA ARG H 117 14.66 4.65 19.63
C ARG H 117 13.44 3.82 20.02
N LEU H 118 12.68 3.33 19.04
CA LEU H 118 11.46 2.58 19.31
C LEU H 118 11.62 1.09 19.00
N PHE H 119 12.82 0.55 19.21
CA PHE H 119 13.03 -0.88 19.01
C PHE H 119 12.10 -1.66 19.95
N PRO H 120 11.36 -2.65 19.45
CA PRO H 120 11.28 -3.10 18.06
C PRO H 120 10.06 -2.55 17.31
N PHE H 121 9.40 -1.53 17.85
CA PHE H 121 8.24 -0.93 17.21
C PHE H 121 8.61 0.16 16.22
N ASP H 122 9.85 0.19 15.75
CA ASP H 122 10.32 1.28 14.91
C ASP H 122 9.74 1.20 13.50
N ARG H 123 9.71 2.35 12.84
CA ARG H 123 9.34 2.45 11.43
C ARG H 123 10.54 2.95 10.66
N GLN H 124 10.81 2.32 9.52
CA GLN H 124 11.98 2.65 8.72
C GLN H 124 11.58 2.81 7.26
N GLN H 125 12.49 3.38 6.48
CA GLN H 125 12.26 3.67 5.07
C GLN H 125 13.35 3.00 4.25
N PHE H 126 12.95 2.16 3.30
CA PHE H 126 13.87 1.56 2.35
C PHE H 126 13.98 2.50 1.16
N VAL H 127 15.08 3.24 1.09
CA VAL H 127 15.22 4.37 0.19
C VAL H 127 16.22 4.02 -0.92
N LEU H 128 15.90 4.48 -2.14
CA LEU H 128 16.81 4.45 -3.27
C LEU H 128 17.02 5.89 -3.72
N GLU H 129 18.29 6.32 -3.78
CA GLU H 129 18.63 7.67 -4.21
C GLU H 129 19.39 7.55 -5.52
N LEU H 130 18.70 7.82 -6.62
CA LEU H 130 19.25 7.72 -7.96
C LEU H 130 19.50 9.12 -8.52
N GLU H 131 20.62 9.27 -9.21
CA GLU H 131 21.05 10.57 -9.71
C GLU H 131 22.17 10.35 -10.72
N PRO H 132 22.20 11.10 -11.82
CA PRO H 132 23.19 10.84 -12.87
C PRO H 132 24.56 11.35 -12.47
N PHE H 133 25.53 11.03 -13.32
CA PHE H 133 26.90 11.48 -13.15
C PHE H 133 27.32 12.25 -14.40
N SER H 134 28.14 13.28 -14.21
CA SER H 134 28.77 14.11 -15.23
C SER H 134 27.80 15.10 -15.89
N TYR H 135 26.51 15.04 -15.59
CA TYR H 135 25.53 15.88 -16.28
C TYR H 135 24.64 16.54 -15.24
N ASN H 136 24.71 17.87 -15.15
CA ASN H 136 23.97 18.61 -14.14
C ASN H 136 22.50 18.73 -14.56
N ASN H 137 21.71 19.48 -13.78
CA ASN H 137 20.30 19.66 -14.10
C ASN H 137 20.09 20.56 -15.30
N GLN H 138 21.06 21.40 -15.63
CA GLN H 138 20.99 22.20 -16.85
C GLN H 138 21.29 21.36 -18.09
N GLN H 139 21.88 20.19 -17.92
CA GLN H 139 22.21 19.27 -19.01
C GLN H 139 21.30 18.06 -19.06
N LEU H 140 20.94 17.50 -17.90
CA LEU H 140 20.09 16.32 -17.83
C LEU H 140 19.10 16.50 -16.69
N ARG H 141 17.81 16.32 -16.98
CA ARG H 141 16.76 16.47 -15.99
C ARG H 141 15.86 15.24 -16.02
N PHE H 142 15.42 14.81 -14.84
CA PHE H 142 14.50 13.69 -14.70
C PHE H 142 13.06 14.15 -14.90
N SER H 143 12.40 13.63 -15.94
CA SER H 143 11.02 14.01 -16.21
C SER H 143 10.07 13.41 -15.16
N ASP H 144 10.06 12.09 -15.04
CA ASP H 144 9.17 11.42 -14.10
C ASP H 144 9.82 10.13 -13.62
N ILE H 145 9.26 9.58 -12.54
CA ILE H 145 9.75 8.36 -11.92
C ILE H 145 8.55 7.46 -11.61
N GLN H 146 8.66 6.18 -11.94
CA GLN H 146 7.60 5.21 -11.68
C GLN H 146 8.19 3.97 -11.04
N VAL H 147 7.69 3.63 -9.85
CA VAL H 147 8.15 2.49 -9.08
C VAL H 147 7.06 1.42 -9.12
N TYR H 148 7.30 0.37 -9.90
CA TYR H 148 6.34 -0.71 -10.08
C TYR H 148 6.55 -1.84 -9.07
N THR H 149 6.36 -1.48 -7.80
CA THR H 149 6.68 -2.37 -6.69
C THR H 149 5.60 -3.43 -6.47
N GLU H 150 4.35 -3.14 -6.83
CA GLU H 150 3.23 -3.95 -6.36
C GLU H 150 3.29 -5.38 -6.89
N ASN H 151 3.49 -5.54 -8.20
CA ASN H 151 3.52 -6.84 -8.87
C ASN H 151 4.13 -7.97 -8.04
N ILE H 152 5.21 -7.70 -7.31
CA ILE H 152 5.79 -8.71 -6.43
C ILE H 152 5.94 -8.21 -5.00
N ASP H 153 6.76 -7.18 -4.82
CA ASP H 153 7.18 -6.63 -3.53
C ASP H 153 6.07 -6.50 -2.48
N ASN H 154 4.81 -6.42 -2.90
CA ASN H 154 3.71 -6.23 -1.94
C ASN H 154 3.65 -7.38 -0.94
N GLU H 155 4.54 -8.35 -1.08
CA GLU H 155 4.71 -9.43 -0.12
C GLU H 155 5.69 -9.01 0.98
N GLU H 156 5.31 -9.28 2.24
CA GLU H 156 6.04 -8.82 3.41
C GLU H 156 6.46 -9.98 4.33
N ILE H 157 7.20 -10.94 3.80
CA ILE H 157 7.69 -12.05 4.62
C ILE H 157 9.22 -12.00 4.68
N ASP H 158 9.78 -10.81 4.78
CA ASP H 158 11.22 -10.56 4.69
C ASP H 158 11.81 -10.08 6.01
N GLU H 159 11.17 -10.40 7.13
CA GLU H 159 11.47 -9.99 8.52
C GLU H 159 10.88 -8.63 8.82
N TRP H 160 10.21 -7.99 7.86
CA TRP H 160 9.61 -6.68 8.03
C TRP H 160 8.25 -6.67 7.37
N TRP H 161 7.53 -5.55 7.54
CA TRP H 161 6.23 -5.36 6.94
C TRP H 161 6.29 -4.15 6.03
N ILE H 162 6.12 -4.37 4.73
CA ILE H 162 5.99 -3.26 3.79
C ILE H 162 4.57 -2.75 3.89
N ARG H 163 4.41 -1.46 4.19
CA ARG H 163 3.10 -0.89 4.42
C ARG H 163 2.91 0.27 3.45
N GLY H 164 2.22 0.01 2.35
CA GLY H 164 1.94 1.00 1.32
C GLY H 164 2.86 0.84 0.12
N LYS H 165 2.49 1.48 -0.97
CA LYS H 165 3.30 1.44 -2.18
C LYS H 165 4.46 2.41 -2.03
N ALA H 166 5.21 2.60 -3.11
CA ALA H 166 6.39 3.45 -3.04
C ALA H 166 6.01 4.93 -3.10
N SER H 167 6.94 5.77 -2.64
CA SER H 167 6.80 7.22 -2.65
C SER H 167 7.99 7.81 -3.40
N THR H 168 7.69 8.63 -4.40
CA THR H 168 8.69 9.23 -5.27
C THR H 168 8.88 10.71 -4.96
N HIS H 169 10.11 11.18 -5.13
CA HIS H 169 10.44 12.59 -4.98
C HIS H 169 11.54 12.93 -5.95
N ILE H 170 11.35 14.01 -6.70
CA ILE H 170 12.35 14.53 -7.62
C ILE H 170 12.84 15.86 -7.08
N SER H 171 14.15 16.00 -6.96
CA SER H 171 14.75 17.20 -6.40
C SER H 171 15.97 17.58 -7.21
N ASP H 172 16.48 18.77 -6.93
CA ASP H 172 17.73 19.26 -7.52
C ASP H 172 18.71 19.47 -6.39
N ILE H 173 19.86 18.81 -6.47
CA ILE H 173 20.85 18.79 -5.41
C ILE H 173 22.06 19.61 -5.83
N ARG H 174 22.56 20.43 -4.92
CA ARG H 174 23.71 21.30 -5.19
C ARG H 174 24.95 20.68 -4.56
N TYR H 175 25.89 20.25 -5.40
CA TYR H 175 27.19 19.76 -4.94
C TYR H 175 28.21 20.90 -5.05
N ASP H 176 28.77 21.29 -3.91
CA ASP H 176 29.73 22.39 -3.90
C ASP H 176 31.08 21.99 -4.48
N HIS H 177 31.38 20.69 -4.55
CA HIS H 177 32.70 20.23 -5.00
C HIS H 177 32.86 20.27 -6.51
N LEU H 178 31.82 20.67 -7.24
CA LEU H 178 31.96 20.99 -8.67
C LEU H 178 31.97 22.48 -8.92
N SER H 179 31.84 23.30 -7.88
CA SER H 179 31.85 24.76 -8.07
C SER H 179 33.16 25.24 -8.68
N SER H 180 34.28 24.59 -8.34
CA SER H 180 35.56 24.96 -8.92
C SER H 180 35.62 24.70 -10.42
N VAL H 181 34.72 23.87 -10.95
CA VAL H 181 34.76 23.48 -12.35
C VAL H 181 33.52 23.91 -13.13
N GLN H 182 32.39 24.15 -12.47
CA GLN H 182 31.16 24.56 -13.13
C GLN H 182 30.56 25.70 -12.32
N PRO H 183 30.90 26.95 -12.64
CA PRO H 183 30.40 28.08 -11.85
C PRO H 183 28.89 28.25 -12.06
N ASN H 184 28.15 28.16 -10.95
CA ASN H 184 26.69 28.31 -10.87
C ASN H 184 25.94 27.19 -11.58
N GLN H 185 26.63 26.23 -12.18
CA GLN H 185 26.01 25.12 -12.91
C GLN H 185 26.24 23.78 -12.21
N ASN H 186 26.15 23.77 -10.87
CA ASN H 186 26.52 22.60 -10.07
C ASN H 186 25.33 21.99 -9.35
N GLU H 187 24.18 21.90 -10.04
CA GLU H 187 22.97 21.31 -9.48
C GLU H 187 22.60 20.08 -10.29
N PHE H 188 22.29 18.99 -9.60
CA PHE H 188 21.97 17.71 -10.23
C PHE H 188 20.55 17.30 -9.88
N SER H 189 19.83 16.76 -10.86
CA SER H 189 18.50 16.22 -10.62
C SER H 189 18.62 14.85 -9.94
N ARG H 190 17.87 14.65 -8.87
CA ARG H 190 17.98 13.43 -8.07
C ARG H 190 16.60 12.80 -7.90
N ILE H 191 16.52 11.51 -8.20
CA ILE H 191 15.32 10.71 -7.94
C ILE H 191 15.47 10.03 -6.59
N THR H 192 14.42 10.06 -5.79
CA THR H 192 14.41 9.44 -4.48
C THR H 192 13.16 8.58 -4.36
N VAL H 193 13.35 7.32 -3.97
CA VAL H 193 12.26 6.37 -3.85
C VAL H 193 12.24 5.86 -2.41
N ARG H 194 11.11 6.05 -1.73
CA ARG H 194 10.97 5.65 -0.33
C ARG H 194 9.83 4.67 -0.17
N ILE H 195 10.06 3.64 0.65
CA ILE H 195 9.04 2.66 1.01
C ILE H 195 9.02 2.56 2.53
N ASP H 196 7.93 3.02 3.14
CA ASP H 196 7.81 2.92 4.59
C ASP H 196 7.58 1.46 5.01
N ALA H 197 8.13 1.11 6.16
CA ALA H 197 8.04 -0.25 6.66
C ALA H 197 8.12 -0.27 8.18
N VAL H 198 7.50 -1.27 8.78
CA VAL H 198 7.52 -1.48 10.21
C VAL H 198 8.07 -2.86 10.50
N ARG H 199 8.60 -3.04 11.70
CA ARG H 199 9.27 -4.26 12.12
C ARG H 199 8.26 -5.26 12.69
N LYS H 200 8.64 -6.54 12.66
CA LYS H 200 7.80 -7.62 13.17
C LYS H 200 8.32 -8.04 14.54
N ILE H 201 7.54 -7.73 15.58
CA ILE H 201 7.97 -7.94 16.96
C ILE H 201 7.87 -9.39 17.42
N GLY H 202 7.39 -10.29 16.56
CA GLY H 202 7.20 -11.67 16.99
C GLY H 202 8.49 -12.31 17.50
N TYR H 203 9.57 -12.15 16.73
CA TYR H 203 10.86 -12.72 17.14
C TYR H 203 11.32 -12.15 18.47
N PHE H 204 11.06 -10.86 18.72
CA PHE H 204 11.54 -10.21 19.93
C PHE H 204 10.68 -10.56 21.13
N VAL H 205 9.40 -10.85 20.92
CA VAL H 205 8.55 -11.31 22.02
C VAL H 205 9.09 -12.62 22.57
N ILE H 206 9.49 -13.52 21.68
CA ILE H 206 9.97 -14.84 22.10
C ILE H 206 11.38 -14.79 22.65
N GLN H 207 12.23 -13.89 22.12
CA GLN H 207 13.64 -13.90 22.48
C GLN H 207 13.94 -13.10 23.75
N THR H 208 13.31 -11.95 23.95
CA THR H 208 13.60 -11.12 25.11
C THR H 208 12.39 -10.86 25.99
N TYR H 209 11.25 -10.49 25.42
CA TYR H 209 10.12 -10.02 26.21
C TYR H 209 9.59 -11.10 27.14
N LEU H 210 9.16 -12.24 26.60
CA LEU H 210 8.66 -13.32 27.44
C LEU H 210 9.66 -13.80 28.48
N PRO H 211 10.94 -14.06 28.14
CA PRO H 211 11.89 -14.44 29.20
C PRO H 211 12.04 -13.38 30.27
N CYS H 212 11.93 -12.09 29.92
CA CYS H 212 11.93 -11.05 30.94
C CYS H 212 10.70 -11.15 31.83
N ILE H 213 9.54 -11.42 31.23
CA ILE H 213 8.30 -11.49 31.99
C ILE H 213 8.32 -12.68 32.94
N MET H 214 8.55 -13.88 32.39
CA MET H 214 8.57 -15.08 33.23
C MET H 214 9.66 -15.03 34.28
N THR H 215 10.77 -14.33 34.02
CA THR H 215 11.76 -14.14 35.07
C THR H 215 11.21 -13.26 36.18
N VAL H 216 10.49 -12.19 35.83
CA VAL H 216 9.79 -11.41 36.84
C VAL H 216 8.78 -12.27 37.56
N ILE H 217 8.02 -13.08 36.81
CA ILE H 217 7.12 -14.04 37.44
C ILE H 217 7.89 -14.99 38.33
N LEU H 218 9.04 -15.49 37.85
CA LEU H 218 9.88 -16.34 38.68
C LEU H 218 10.47 -15.58 39.86
N SER H 219 10.75 -14.29 39.70
CA SER H 219 11.35 -13.52 40.78
C SER H 219 10.41 -13.38 41.95
N GLN H 220 9.10 -13.36 41.70
CA GLN H 220 8.11 -13.12 42.74
C GLN H 220 7.74 -14.38 43.51
N VAL H 221 8.13 -15.56 43.01
CA VAL H 221 7.85 -16.79 43.74
C VAL H 221 8.59 -16.83 45.07
N SER H 222 9.68 -16.07 45.19
CA SER H 222 10.41 -16.01 46.45
C SER H 222 9.52 -15.52 47.59
N PHE H 223 8.57 -14.62 47.30
CA PHE H 223 7.70 -14.10 48.34
C PHE H 223 6.86 -15.21 48.97
N TRP H 224 6.34 -16.11 48.14
CA TRP H 224 5.38 -17.11 48.58
C TRP H 224 6.03 -18.31 49.24
N LEU H 225 7.28 -18.21 49.66
CA LEU H 225 7.94 -19.36 50.29
C LEU H 225 7.81 -19.26 51.80
N ASN H 226 8.53 -18.31 52.40
CA ASN H 226 8.50 -17.98 53.83
C ASN H 226 9.57 -16.93 54.11
N ARG H 227 9.75 -16.57 55.37
CA ARG H 227 11.07 -16.13 55.83
C ARG H 227 11.96 -17.37 55.95
N GLU H 228 12.09 -18.08 54.83
CA GLU H 228 12.48 -19.48 54.81
C GLU H 228 13.99 -19.60 54.74
N SER H 229 14.48 -20.79 54.39
CA SER H 229 15.89 -21.02 54.14
C SER H 229 16.41 -19.92 53.24
N VAL H 230 17.32 -19.09 53.77
CA VAL H 230 17.92 -17.97 53.05
C VAL H 230 18.56 -18.48 51.75
N PRO H 231 19.23 -19.65 51.75
CA PRO H 231 19.69 -20.18 50.46
C PRO H 231 18.63 -20.22 49.37
N ALA H 232 17.42 -20.69 49.70
CA ALA H 232 16.37 -20.79 48.71
C ALA H 232 16.02 -19.43 48.14
N ARG H 233 15.57 -18.51 48.99
CA ARG H 233 15.15 -17.19 48.53
C ARG H 233 16.29 -16.38 47.93
N THR H 234 17.54 -16.70 48.27
CA THR H 234 18.66 -16.07 47.57
C THR H 234 18.88 -16.72 46.20
N VAL H 235 18.78 -18.04 46.12
CA VAL H 235 18.84 -18.71 44.83
C VAL H 235 17.79 -18.14 43.89
N PHE H 236 16.57 -17.94 44.39
CA PHE H 236 15.56 -17.24 43.61
C PHE H 236 16.04 -15.84 43.23
N GLY H 237 16.68 -15.15 44.16
CA GLY H 237 17.17 -13.80 43.93
C GLY H 237 18.27 -13.71 42.89
N VAL H 238 19.38 -14.42 43.12
CA VAL H 238 20.55 -14.25 42.27
C VAL H 238 20.28 -14.80 40.87
N THR H 239 19.60 -15.94 40.76
CA THR H 239 19.34 -16.50 39.44
C THR H 239 18.48 -15.56 38.60
N THR H 240 17.45 -14.97 39.22
CA THR H 240 16.59 -14.05 38.48
C THR H 240 17.32 -12.76 38.11
N VAL H 241 18.17 -12.25 39.02
CA VAL H 241 18.92 -11.02 38.72
C VAL H 241 19.92 -11.28 37.60
N LEU H 242 20.72 -12.34 37.74
CA LEU H 242 21.72 -12.64 36.71
C LEU H 242 21.06 -12.98 35.38
N THR H 243 19.99 -13.77 35.40
CA THR H 243 19.25 -14.04 34.17
C THR H 243 18.80 -12.73 33.53
N MET H 244 18.23 -11.84 34.34
CA MET H 244 17.83 -10.53 33.85
C MET H 244 19.05 -9.71 33.44
N THR H 245 20.21 -9.95 34.07
CA THR H 245 21.42 -9.23 33.69
C THR H 245 21.91 -9.64 32.32
N THR H 246 21.93 -10.95 32.04
CA THR H 246 22.37 -11.41 30.73
C THR H 246 21.41 -10.99 29.63
N LEU H 247 20.11 -11.04 29.91
CA LEU H 247 19.14 -10.62 28.89
C LEU H 247 19.29 -9.16 28.53
N SER H 248 19.69 -8.32 29.49
CA SER H 248 19.98 -6.93 29.17
C SER H 248 21.15 -6.84 28.20
N ILE H 249 22.08 -7.78 28.26
CA ILE H 249 23.21 -7.78 27.34
C ILE H 249 22.80 -8.37 25.99
N SER H 250 22.27 -9.59 26.02
CA SER H 250 21.95 -10.30 24.79
C SER H 250 20.88 -9.61 23.95
N ALA H 251 20.08 -8.73 24.55
CA ALA H 251 19.01 -8.08 23.80
C ALA H 251 19.55 -7.06 22.80
N ARG H 252 20.76 -6.60 22.98
CA ARG H 252 21.34 -5.57 22.12
C ARG H 252 22.27 -6.14 21.07
N ASN H 253 22.52 -7.44 21.10
CA ASN H 253 23.39 -8.06 20.10
C ASN H 253 22.83 -7.96 18.69
N SER H 254 21.53 -7.68 18.55
CA SER H 254 20.91 -7.44 17.25
C SER H 254 20.83 -5.96 16.90
N LEU H 255 21.65 -5.12 17.53
CA LEU H 255 21.60 -3.69 17.31
C LEU H 255 22.99 -3.11 17.16
N PRO H 256 23.13 -2.03 16.38
CA PRO H 256 24.41 -1.31 16.36
C PRO H 256 24.66 -0.61 17.68
N LYS H 257 25.92 -0.21 17.88
CA LYS H 257 26.37 0.40 19.13
C LYS H 257 25.94 1.86 19.22
N VAL H 258 24.62 2.06 19.23
CA VAL H 258 24.05 3.40 19.30
C VAL H 258 24.05 3.86 20.76
N ALA H 259 23.81 5.15 20.98
CA ALA H 259 23.85 5.72 22.33
C ALA H 259 22.47 5.76 22.99
N TYR H 260 21.45 6.18 22.27
CA TYR H 260 20.12 6.30 22.87
C TYR H 260 19.58 4.94 23.29
N ALA H 261 18.65 4.97 24.24
CA ALA H 261 18.02 3.76 24.76
C ALA H 261 16.73 3.48 24.01
N THR H 262 16.47 2.21 23.77
CA THR H 262 15.33 1.78 22.99
C THR H 262 14.13 1.47 23.87
N ALA H 263 12.97 1.30 23.22
CA ALA H 263 11.78 0.88 23.94
C ALA H 263 11.96 -0.50 24.55
N MET H 264 12.75 -1.36 23.90
CA MET H 264 13.09 -2.65 24.50
C MET H 264 13.97 -2.47 25.73
N ASP H 265 14.83 -1.45 25.73
CA ASP H 265 15.70 -1.21 26.87
C ASP H 265 14.90 -0.88 28.12
N TRP H 266 13.98 0.08 28.02
CA TRP H 266 13.17 0.45 29.18
C TRP H 266 12.40 -0.74 29.73
N PHE H 267 11.85 -1.59 28.86
CA PHE H 267 11.11 -2.73 29.36
C PHE H 267 12.02 -3.67 30.14
N ILE H 268 13.27 -3.82 29.68
CA ILE H 268 14.22 -4.65 30.40
C ILE H 268 14.71 -3.95 31.64
N ALA H 269 14.98 -2.64 31.53
CA ALA H 269 15.45 -1.88 32.69
C ALA H 269 14.43 -1.91 33.82
N VAL H 270 13.15 -1.80 33.50
CA VAL H 270 12.11 -1.94 34.52
C VAL H 270 12.09 -3.37 35.06
N CYS H 271 12.06 -4.36 34.16
CA CYS H 271 12.15 -5.75 34.60
C CYS H 271 13.40 -6.00 35.42
N TYR H 272 14.47 -5.25 35.18
CA TYR H 272 15.65 -5.36 36.02
C TYR H 272 15.36 -4.85 37.42
N ALA H 273 14.60 -3.76 37.54
CA ALA H 273 14.33 -3.17 38.85
C ALA H 273 13.49 -4.10 39.72
N PHE H 274 12.36 -4.56 39.18
CA PHE H 274 11.44 -5.37 39.97
C PHE H 274 12.10 -6.64 40.46
N VAL H 275 12.96 -7.25 39.65
CA VAL H 275 13.70 -8.43 40.08
C VAL H 275 14.69 -8.06 41.18
N PHE H 276 15.43 -6.97 40.98
CA PHE H 276 16.40 -6.53 41.98
C PHE H 276 15.72 -6.04 43.24
N SER H 277 14.57 -5.35 43.09
CA SER H 277 13.83 -4.91 44.26
C SER H 277 13.31 -6.10 45.06
N ALA H 278 12.86 -7.16 44.38
CA ALA H 278 12.37 -8.34 45.07
C ALA H 278 13.45 -8.97 45.94
N LEU H 279 14.69 -8.98 45.46
CA LEU H 279 15.78 -9.52 46.28
C LEU H 279 16.06 -8.62 47.48
N ILE H 280 16.19 -7.31 47.23
CA ILE H 280 16.40 -6.37 48.33
C ILE H 280 15.23 -6.43 49.30
N GLU H 281 14.01 -6.59 48.77
CA GLU H 281 12.84 -6.74 49.64
C GLU H 281 13.00 -7.91 50.61
N PHE H 282 13.38 -9.08 50.10
CA PHE H 282 13.63 -10.22 50.98
C PHE H 282 14.80 -9.94 51.93
N ALA H 283 15.89 -9.41 51.40
CA ALA H 283 17.03 -9.06 52.24
C ALA H 283 16.66 -8.02 53.29
N THR H 284 15.62 -7.23 53.03
CA THR H 284 15.16 -6.28 54.04
C THR H 284 14.49 -7.00 55.20
N VAL H 285 13.54 -7.89 54.92
CA VAL H 285 12.84 -8.58 55.99
C VAL H 285 13.76 -9.50 56.76
N ASN H 286 14.91 -9.87 56.18
CA ASN H 286 15.90 -10.61 56.93
C ASN H 286 16.64 -9.72 57.92
N TYR H 287 16.78 -8.42 57.59
CA TYR H 287 17.33 -7.47 58.53
C TYR H 287 16.32 -7.04 59.58
N PHE H 288 15.03 -7.23 59.32
CA PHE H 288 13.94 -6.96 60.24
C PHE H 288 13.21 -8.25 60.57
N THR H 289 13.97 -9.34 60.69
CA THR H 289 13.40 -10.66 60.92
C THR H 289 12.87 -10.88 62.34
N LYS H 290 13.35 -10.13 63.33
CA LYS H 290 12.92 -10.36 64.72
C LYS H 290 11.97 -9.34 65.30
N ARG H 291 11.98 -8.09 64.86
CA ARG H 291 11.09 -7.09 65.46
C ARG H 291 9.75 -7.14 64.74
N GLY H 292 8.81 -7.90 65.30
CA GLY H 292 7.47 -8.02 64.76
C GLY H 292 7.31 -9.15 63.77
N VAL H 293 7.69 -10.36 64.19
CA VAL H 293 7.60 -11.56 63.36
C VAL H 293 6.63 -12.53 64.02
N GLU H 294 5.58 -12.90 63.30
CA GLU H 294 4.73 -14.01 63.71
C GLU H 294 4.80 -15.16 62.71
N SER H 295 4.37 -14.93 61.48
CA SER H 295 4.56 -15.81 60.34
C SER H 295 5.06 -15.05 59.11
N VAL H 296 4.63 -13.81 58.92
CA VAL H 296 4.96 -13.02 57.74
C VAL H 296 5.23 -11.59 58.16
N SER H 297 6.21 -10.97 57.50
CA SER H 297 6.45 -9.54 57.63
C SER H 297 5.43 -8.80 56.79
N LYS H 298 4.57 -8.00 57.45
CA LYS H 298 3.52 -7.22 56.78
C LYS H 298 3.93 -6.69 55.41
N ILE H 299 5.23 -6.46 55.21
CA ILE H 299 5.73 -6.11 53.89
C ILE H 299 5.53 -7.26 52.89
N ASP H 300 5.94 -8.47 53.27
CA ASP H 300 5.77 -9.61 52.38
C ASP H 300 4.30 -9.89 52.07
N ARG H 301 3.43 -9.73 53.07
CA ARG H 301 2.01 -9.95 52.81
C ARG H 301 1.46 -8.95 51.81
N LEU H 302 2.03 -7.76 51.74
CA LEU H 302 1.61 -6.78 50.75
C LEU H 302 2.45 -6.82 49.48
N SER H 303 3.73 -7.20 49.60
CA SER H 303 4.57 -7.30 48.40
C SER H 303 4.03 -8.35 47.44
N ARG H 304 3.39 -9.41 47.97
CA ARG H 304 2.72 -10.38 47.13
C ARG H 304 1.59 -9.76 46.33
N ILE H 305 1.14 -8.58 46.71
CA ILE H 305 0.07 -7.87 46.03
C ILE H 305 0.58 -6.60 45.36
N ALA H 306 1.49 -5.88 46.02
CA ALA H 306 2.02 -4.64 45.47
C ALA H 306 2.77 -4.88 44.15
N PHE H 307 3.66 -5.89 44.14
CA PHE H 307 4.46 -6.13 42.94
C PHE H 307 3.64 -6.56 41.74
N PRO H 308 2.76 -7.57 41.82
CA PRO H 308 1.99 -7.94 40.61
C PRO H 308 1.12 -6.80 40.10
N LEU H 309 0.47 -6.07 41.00
CA LEU H 309 -0.36 -4.94 40.57
C LEU H 309 0.50 -3.86 39.92
N LEU H 310 1.62 -3.51 40.54
CA LEU H 310 2.53 -2.53 39.94
C LEU H 310 3.11 -3.04 38.62
N PHE H 311 3.49 -4.31 38.57
CA PHE H 311 4.01 -4.86 37.32
C PHE H 311 2.90 -5.06 36.29
N GLY H 312 1.73 -5.51 36.73
CA GLY H 312 0.64 -5.73 35.80
C GLY H 312 0.21 -4.45 35.10
N ILE H 313 0.01 -3.37 35.87
CA ILE H 313 -0.37 -2.12 35.26
C ILE H 313 0.78 -1.56 34.41
N PHE H 314 2.02 -1.90 34.75
CA PHE H 314 3.14 -1.40 33.97
C PHE H 314 3.12 -1.92 32.54
N ASN H 315 2.97 -3.24 32.39
CA ASN H 315 2.87 -3.82 31.05
C ASN H 315 1.71 -3.23 30.27
N LEU H 316 0.61 -2.91 30.97
CA LEU H 316 -0.54 -2.31 30.29
C LEU H 316 -0.22 -0.91 29.78
N VAL H 317 0.51 -0.12 30.57
CA VAL H 317 0.96 1.18 30.08
C VAL H 317 1.93 1.00 28.93
N TYR H 318 2.75 -0.06 28.99
CA TYR H 318 3.75 -0.31 27.96
C TYR H 318 3.09 -0.66 26.63
N TRP H 319 2.30 -1.73 26.61
CA TRP H 319 1.76 -2.20 25.34
C TRP H 319 0.63 -1.31 24.80
N ALA H 320 -0.05 -0.57 25.67
CA ALA H 320 -0.99 0.43 25.16
C ALA H 320 -0.24 1.52 24.40
N THR H 321 0.88 1.98 24.95
CA THR H 321 1.80 2.79 24.18
C THR H 321 2.52 1.94 23.14
N TYR H 322 3.26 2.62 22.26
CA TYR H 322 4.11 1.96 21.27
C TYR H 322 3.32 1.11 20.28
N LEU H 323 1.99 1.10 20.39
CA LEU H 323 1.17 0.30 19.49
C LEU H 323 0.05 1.15 18.87
N ARG I 10 6.16 -16.66 -36.38
CA ARG I 10 7.28 -15.73 -36.20
C ARG I 10 8.00 -15.74 -34.83
N PRO I 11 7.36 -16.14 -33.73
CA PRO I 11 8.12 -16.20 -32.47
C PRO I 11 9.12 -17.33 -32.50
N VAL I 12 10.31 -17.07 -31.98
CA VAL I 12 11.40 -18.02 -32.03
C VAL I 12 11.13 -19.11 -30.99
N ASP I 13 10.90 -20.33 -31.45
CA ASP I 13 10.75 -21.46 -30.55
C ASP I 13 12.11 -21.85 -29.99
N VAL I 14 12.23 -21.87 -28.66
CA VAL I 14 13.50 -22.15 -27.99
C VAL I 14 13.33 -23.42 -27.16
N SER I 15 14.13 -24.43 -27.49
CA SER I 15 14.19 -25.65 -26.69
C SER I 15 15.28 -25.49 -25.64
N VAL I 16 14.95 -25.82 -24.39
CA VAL I 16 15.85 -25.61 -23.26
C VAL I 16 16.02 -26.90 -22.49
N SER I 17 17.26 -27.25 -22.18
CA SER I 17 17.58 -28.39 -21.33
C SER I 17 18.48 -27.93 -20.20
N ILE I 18 18.17 -28.38 -18.99
CA ILE I 18 18.90 -27.98 -17.79
C ILE I 18 19.35 -29.24 -17.06
N PHE I 19 20.65 -29.32 -16.79
CA PHE I 19 21.25 -30.44 -16.08
C PHE I 19 21.73 -29.95 -14.72
N ILE I 20 21.16 -30.49 -13.65
CA ILE I 20 21.50 -30.08 -12.30
C ILE I 20 22.62 -30.96 -11.78
N ASN I 21 23.78 -30.34 -11.52
CA ASN I 21 24.92 -31.10 -11.02
C ASN I 21 24.79 -31.41 -9.54
N LYS I 22 24.39 -30.44 -8.72
CA LYS I 22 24.30 -30.64 -7.28
C LYS I 22 23.61 -29.43 -6.66
N ILE I 23 22.86 -29.70 -5.60
CA ILE I 23 22.26 -28.67 -4.77
C ILE I 23 22.90 -28.73 -3.39
N TYR I 24 23.38 -27.59 -2.92
CA TYR I 24 24.16 -27.55 -1.69
C TYR I 24 24.00 -26.17 -1.07
N GLY I 25 24.51 -26.03 0.16
CA GLY I 25 24.50 -24.74 0.83
C GLY I 25 23.12 -24.21 1.12
N VAL I 26 22.22 -25.08 1.61
CA VAL I 26 20.88 -24.64 1.97
C VAL I 26 20.96 -23.79 3.23
N ASN I 27 20.54 -22.53 3.12
CA ASN I 27 20.59 -21.58 4.23
C ASN I 27 19.15 -21.22 4.58
N THR I 28 18.66 -21.78 5.69
CA THR I 28 17.28 -21.52 6.09
C THR I 28 17.09 -20.10 6.58
N LEU I 29 18.13 -19.47 7.12
CA LEU I 29 17.99 -18.12 7.65
C LEU I 29 17.68 -17.12 6.53
N GLU I 30 18.60 -16.99 5.58
CA GLU I 30 18.38 -16.12 4.43
C GLU I 30 17.49 -16.73 3.36
N GLN I 31 17.05 -17.97 3.56
CA GLN I 31 16.15 -18.66 2.64
C GLN I 31 16.75 -18.85 1.25
N THR I 32 18.07 -19.06 1.19
CA THR I 32 18.78 -19.27 -0.07
C THR I 32 19.23 -20.72 -0.20
N TYR I 33 19.60 -21.08 -1.42
CA TYR I 33 20.11 -22.41 -1.74
C TYR I 33 20.92 -22.30 -3.03
N LYS I 34 22.06 -22.99 -3.06
CA LYS I 34 22.99 -22.91 -4.16
C LYS I 34 22.76 -24.05 -5.14
N VAL I 35 22.78 -23.73 -6.45
CA VAL I 35 22.55 -24.70 -7.51
C VAL I 35 23.67 -24.61 -8.52
N ASP I 36 24.27 -25.76 -8.84
CA ASP I 36 25.32 -25.86 -9.84
C ASP I 36 24.83 -26.77 -10.96
N GLY I 37 25.12 -26.39 -12.20
CA GLY I 37 24.71 -27.21 -13.31
C GLY I 37 24.99 -26.54 -14.64
N TYR I 38 24.54 -27.20 -15.70
CA TYR I 38 24.72 -26.76 -17.07
C TYR I 38 23.39 -26.29 -17.63
N ILE I 39 23.45 -25.46 -18.67
CA ILE I 39 22.26 -25.00 -19.37
C ILE I 39 22.47 -25.21 -20.87
N VAL I 40 21.38 -25.53 -21.56
CA VAL I 40 21.39 -25.75 -23.00
C VAL I 40 20.22 -25.00 -23.60
N ALA I 41 20.51 -24.13 -24.56
CA ALA I 41 19.48 -23.38 -25.27
C ALA I 41 19.65 -23.63 -26.76
N GLN I 42 18.64 -24.24 -27.37
CA GLN I 42 18.70 -24.64 -28.76
C GLN I 42 17.55 -23.98 -29.51
N TRP I 43 17.87 -23.34 -30.64
CA TRP I 43 16.85 -22.79 -31.51
C TRP I 43 17.31 -22.93 -32.95
N THR I 44 16.34 -23.01 -33.86
CA THR I 44 16.63 -23.21 -35.27
C THR I 44 16.68 -21.84 -35.94
N GLY I 45 17.87 -21.43 -36.35
CA GLY I 45 18.10 -20.15 -36.98
C GLY I 45 18.28 -20.29 -38.47
N LYS I 46 18.88 -19.27 -39.07
CA LYS I 46 19.09 -19.30 -40.51
C LYS I 46 20.30 -20.18 -40.84
N PRO I 47 20.22 -20.99 -41.88
CA PRO I 47 21.31 -21.91 -42.19
C PRO I 47 22.60 -21.17 -42.51
N ARG I 48 23.72 -21.88 -42.28
CA ARG I 48 25.06 -21.33 -42.50
C ARG I 48 25.95 -22.46 -43.00
N LYS I 49 27.13 -22.08 -43.49
CA LYS I 49 28.07 -23.03 -44.06
C LYS I 49 29.23 -23.21 -43.09
N THR I 50 29.19 -24.30 -42.35
CA THR I 50 30.28 -24.63 -41.43
C THR I 50 31.44 -25.23 -42.21
N PRO I 51 32.66 -25.18 -41.65
CA PRO I 51 33.75 -25.95 -42.25
C PRO I 51 33.47 -27.44 -42.17
N GLY I 52 33.22 -28.08 -43.32
CA GLY I 52 32.75 -29.45 -43.27
C GLY I 52 31.33 -29.54 -42.75
N ASP I 53 30.72 -30.73 -42.86
CA ASP I 53 29.40 -30.92 -42.29
C ASP I 53 29.43 -30.91 -40.77
N LYS I 54 30.63 -30.88 -40.18
CA LYS I 54 30.76 -30.81 -38.73
C LYS I 54 30.24 -29.48 -38.19
N PRO I 55 29.72 -29.48 -36.97
CA PRO I 55 29.29 -28.22 -36.34
C PRO I 55 30.48 -27.35 -35.96
N LEU I 56 30.32 -26.04 -36.13
CA LEU I 56 31.36 -25.10 -35.73
C LEU I 56 31.16 -24.80 -34.25
N ILE I 57 32.24 -24.90 -33.47
CA ILE I 57 32.19 -24.75 -32.03
C ILE I 57 32.95 -23.49 -31.63
N VAL I 58 32.28 -22.64 -30.85
CA VAL I 58 32.86 -21.38 -30.39
C VAL I 58 32.77 -21.37 -28.87
N GLU I 59 33.92 -21.17 -28.22
CA GLU I 59 34.05 -21.23 -26.77
C GLU I 59 34.24 -19.82 -26.19
N ASN I 60 34.58 -19.78 -24.90
CA ASN I 60 34.61 -18.55 -24.12
C ASN I 60 35.43 -17.46 -24.82
N THR I 61 35.02 -16.21 -24.60
CA THR I 61 35.67 -15.01 -25.13
C THR I 61 35.63 -14.95 -26.66
N GLN I 62 35.08 -15.97 -27.30
CA GLN I 62 35.05 -16.02 -28.76
C GLN I 62 33.66 -15.80 -29.32
N ILE I 63 32.63 -15.90 -28.48
CA ILE I 63 31.28 -15.58 -28.91
C ILE I 63 31.15 -14.09 -29.22
N GLU I 64 31.92 -13.25 -28.51
CA GLU I 64 31.82 -11.81 -28.73
C GLU I 64 32.15 -11.44 -30.16
N ARG I 65 33.18 -12.07 -30.73
CA ARG I 65 33.51 -11.80 -32.13
C ARG I 65 32.37 -12.23 -33.05
N TRP I 66 31.63 -13.26 -32.68
CA TRP I 66 30.52 -13.70 -33.52
C TRP I 66 29.29 -12.83 -33.34
N ILE I 67 28.94 -12.48 -32.10
CA ILE I 67 27.79 -11.59 -31.91
C ILE I 67 28.11 -10.21 -32.48
N ASN I 68 29.39 -9.85 -32.56
CA ASN I 68 29.76 -8.62 -33.25
C ASN I 68 29.52 -8.70 -34.75
N ASN I 69 29.50 -9.91 -35.31
CA ASN I 69 29.23 -10.12 -36.72
C ASN I 69 27.75 -10.24 -37.02
N GLY I 70 26.88 -9.83 -36.09
CA GLY I 70 25.45 -9.86 -36.30
C GLY I 70 24.77 -11.11 -35.82
N LEU I 71 25.51 -12.06 -35.24
CA LEU I 71 24.90 -13.28 -34.73
C LEU I 71 23.94 -12.97 -33.59
N TRP I 72 22.83 -13.71 -33.54
CA TRP I 72 21.77 -13.47 -32.57
C TRP I 72 21.93 -14.48 -31.43
N VAL I 73 22.37 -13.98 -30.27
CA VAL I 73 22.48 -14.81 -29.07
C VAL I 73 21.68 -14.13 -27.97
N PRO I 74 20.51 -14.63 -27.62
CA PRO I 74 19.71 -13.97 -26.58
C PRO I 74 20.26 -14.25 -25.19
N ALA I 75 20.31 -13.20 -24.38
CA ALA I 75 20.73 -13.34 -22.99
C ALA I 75 19.60 -13.92 -22.16
N LEU I 76 19.88 -15.00 -21.44
CA LEU I 76 18.91 -15.61 -20.55
C LEU I 76 19.21 -15.23 -19.11
N GLU I 77 18.17 -15.14 -18.30
CA GLU I 77 18.24 -14.50 -17.00
C GLU I 77 17.56 -15.39 -15.96
N PHE I 78 18.24 -15.60 -14.83
CA PHE I 78 17.65 -16.28 -13.69
C PHE I 78 16.98 -15.23 -12.80
N ILE I 79 15.70 -15.44 -12.51
CA ILE I 79 14.94 -14.45 -11.74
C ILE I 79 15.25 -14.58 -10.26
N ASN I 80 15.01 -15.76 -9.69
CA ASN I 80 15.11 -15.95 -8.24
C ASN I 80 16.56 -16.16 -7.79
N VAL I 81 17.41 -15.18 -8.11
CA VAL I 81 18.82 -15.24 -7.75
C VAL I 81 19.11 -14.13 -6.75
N VAL I 82 20.12 -14.38 -5.91
CA VAL I 82 20.50 -13.41 -4.88
C VAL I 82 21.47 -12.36 -5.40
N GLY I 83 22.35 -12.75 -6.32
CA GLY I 83 23.29 -11.84 -6.95
C GLY I 83 23.59 -12.39 -8.32
N SER I 84 24.36 -11.63 -9.09
CA SER I 84 24.73 -12.08 -10.42
C SER I 84 25.37 -13.47 -10.34
N PRO I 85 24.75 -14.50 -10.92
CA PRO I 85 25.26 -15.86 -10.73
C PRO I 85 26.65 -16.02 -11.31
N ASP I 86 27.36 -17.01 -10.79
CA ASP I 86 28.75 -17.28 -11.19
C ASP I 86 28.71 -18.07 -12.49
N THR I 87 28.89 -17.37 -13.61
CA THR I 87 28.86 -17.99 -14.93
C THR I 87 30.21 -18.64 -15.24
N GLY I 88 30.18 -19.91 -15.62
CA GLY I 88 31.39 -20.64 -15.95
C GLY I 88 31.81 -20.48 -17.40
N ASN I 89 32.00 -21.60 -18.10
CA ASN I 89 32.41 -21.58 -19.50
C ASN I 89 31.19 -21.58 -20.41
N LYS I 90 31.25 -20.79 -21.47
CA LYS I 90 30.18 -20.68 -22.45
C LYS I 90 30.62 -21.24 -23.79
N ARG I 91 29.71 -21.94 -24.46
CA ARG I 91 30.01 -22.50 -25.77
C ARG I 91 28.84 -22.24 -26.72
N LEU I 92 29.14 -22.28 -28.02
CA LEU I 92 28.16 -22.08 -29.06
C LEU I 92 28.31 -23.19 -30.08
N MET I 93 27.23 -23.92 -30.34
CA MET I 93 27.19 -24.93 -31.39
C MET I 93 26.45 -24.32 -32.58
N LEU I 94 27.18 -24.14 -33.68
CA LEU I 94 26.61 -23.59 -34.91
C LEU I 94 26.36 -24.74 -35.88
N PHE I 95 25.09 -25.03 -36.11
CA PHE I 95 24.93 -26.14 -37.03
C PHE I 95 24.74 -25.63 -38.46
N PRO I 96 25.07 -26.43 -39.47
CA PRO I 96 24.87 -25.97 -40.85
C PRO I 96 23.42 -25.88 -41.26
N ASP I 97 22.57 -26.78 -40.74
CA ASP I 97 21.14 -26.75 -41.05
C ASP I 97 20.41 -25.58 -40.41
N GLY I 98 21.11 -24.75 -39.63
CA GLY I 98 20.58 -23.50 -39.11
C GLY I 98 20.43 -23.45 -37.60
N ARG I 99 20.21 -24.60 -36.96
CA ARG I 99 19.96 -24.59 -35.52
C ARG I 99 21.19 -24.10 -34.76
N VAL I 100 20.96 -23.15 -33.84
CA VAL I 100 22.01 -22.59 -33.00
C VAL I 100 21.79 -23.13 -31.60
N ILE I 101 22.87 -23.39 -30.88
CA ILE I 101 22.81 -24.05 -29.59
C ILE I 101 23.74 -23.33 -28.62
N TYR I 102 23.18 -22.81 -27.53
CA TYR I 102 23.93 -22.11 -26.49
C TYR I 102 24.01 -22.99 -25.25
N ASN I 103 25.22 -23.38 -24.87
CA ASN I 103 25.45 -24.24 -23.72
C ASN I 103 26.47 -23.59 -22.80
N ALA I 104 26.16 -23.55 -21.51
CA ALA I 104 27.03 -22.90 -20.52
C ALA I 104 26.75 -23.48 -19.15
N ARG I 105 27.71 -23.30 -18.24
CA ARG I 105 27.59 -23.77 -16.86
C ARG I 105 27.23 -22.61 -15.94
N PHE I 106 26.36 -22.89 -14.97
CA PHE I 106 25.91 -21.88 -14.03
C PHE I 106 26.02 -22.40 -12.61
N LEU I 107 26.54 -21.55 -11.72
CA LEU I 107 26.55 -21.80 -10.28
C LEU I 107 26.05 -20.53 -9.61
N GLY I 108 24.83 -20.57 -9.11
CA GLY I 108 24.19 -19.37 -8.59
C GLY I 108 23.55 -19.62 -7.24
N SER I 109 23.46 -18.55 -6.46
CA SER I 109 22.78 -18.56 -5.17
C SER I 109 21.34 -18.13 -5.36
N PHE I 110 20.42 -19.08 -5.29
CA PHE I 110 19.02 -18.84 -5.59
C PHE I 110 18.21 -18.64 -4.31
N SER I 111 17.03 -18.05 -4.48
CA SER I 111 16.15 -17.75 -3.35
C SER I 111 14.73 -18.19 -3.68
N ASN I 112 13.94 -18.44 -2.63
CA ASN I 112 12.54 -18.79 -2.79
C ASN I 112 11.83 -18.56 -1.46
N ASP I 113 10.58 -18.13 -1.54
CA ASP I 113 9.76 -17.95 -0.35
C ASP I 113 9.55 -19.29 0.34
N MET I 114 9.75 -19.30 1.66
CA MET I 114 9.67 -20.53 2.44
C MET I 114 8.78 -20.32 3.66
N ASP I 115 7.98 -21.33 3.97
CA ASP I 115 7.06 -21.31 5.11
C ASP I 115 7.56 -22.28 6.17
N PHE I 116 7.81 -21.78 7.37
CA PHE I 116 8.40 -22.57 8.44
C PHE I 116 7.41 -22.88 9.56
N ARG I 117 6.11 -22.88 9.27
CA ARG I 117 5.13 -23.11 10.32
C ARG I 117 5.25 -24.52 10.91
N LEU I 118 5.76 -25.47 10.12
CA LEU I 118 5.93 -26.85 10.57
C LEU I 118 7.40 -27.20 10.78
N PHE I 119 8.21 -26.23 11.23
CA PHE I 119 9.60 -26.50 11.54
C PHE I 119 9.69 -27.60 12.60
N PRO I 120 10.51 -28.65 12.39
CA PRO I 120 11.35 -28.94 11.23
C PRO I 120 10.73 -29.94 10.26
N PHE I 121 9.42 -30.17 10.38
CA PHE I 121 8.72 -31.10 9.51
C PHE I 121 8.22 -30.44 8.23
N ASP I 122 8.76 -29.28 7.87
CA ASP I 122 8.27 -28.51 6.74
C ASP I 122 8.66 -29.16 5.42
N ARG I 123 7.90 -28.82 4.38
CA ARG I 123 8.23 -29.18 3.02
C ARG I 123 8.47 -27.90 2.23
N GLN I 124 9.56 -27.87 1.46
CA GLN I 124 9.94 -26.69 0.70
C GLN I 124 10.30 -27.11 -0.72
N GLN I 125 10.39 -26.11 -1.61
CA GLN I 125 10.63 -26.34 -3.02
C GLN I 125 11.86 -25.56 -3.44
N PHE I 126 12.84 -26.26 -4.01
CA PHE I 126 14.02 -25.62 -4.59
C PHE I 126 13.69 -25.28 -6.03
N VAL I 127 13.44 -23.99 -6.28
CA VAL I 127 12.83 -23.53 -7.53
C VAL I 127 13.87 -22.79 -8.35
N LEU I 128 13.82 -22.99 -9.67
CA LEU I 128 14.59 -22.20 -10.63
C LEU I 128 13.62 -21.49 -11.57
N GLU I 129 13.76 -20.17 -11.65
CA GLU I 129 12.91 -19.34 -12.51
C GLU I 129 13.78 -18.74 -13.60
N LEU I 130 13.72 -19.32 -14.80
CA LEU I 130 14.51 -18.89 -15.95
C LEU I 130 13.62 -18.13 -16.92
N GLU I 131 14.16 -17.05 -17.49
CA GLU I 131 13.40 -16.14 -18.34
C GLU I 131 14.34 -15.22 -19.10
N PRO I 132 14.07 -14.93 -20.37
CA PRO I 132 15.01 -14.13 -21.16
C PRO I 132 14.91 -12.65 -20.83
N PHE I 133 15.81 -11.89 -21.43
CA PHE I 133 15.83 -10.43 -21.30
C PHE I 133 15.75 -9.82 -22.69
N SER I 134 15.04 -8.68 -22.78
CA SER I 134 14.96 -7.86 -23.97
C SER I 134 14.09 -8.47 -25.07
N TYR I 135 13.65 -9.72 -24.88
CA TYR I 135 12.91 -10.44 -25.91
C TYR I 135 11.65 -11.00 -25.30
N ASN I 136 10.50 -10.49 -25.75
CA ASN I 136 9.20 -10.83 -25.20
C ASN I 136 8.73 -12.18 -25.74
N ASN I 137 7.49 -12.55 -25.41
CA ASN I 137 6.91 -13.79 -25.92
C ASN I 137 6.55 -13.67 -27.39
N GLN I 138 6.39 -12.45 -27.89
CA GLN I 138 6.16 -12.22 -29.31
C GLN I 138 7.43 -12.39 -30.13
N GLN I 139 8.60 -12.31 -29.50
CA GLN I 139 9.89 -12.51 -30.17
C GLN I 139 10.57 -13.79 -29.78
N LEU I 140 10.50 -14.19 -28.51
CA LEU I 140 11.14 -15.42 -28.06
C LEU I 140 10.22 -16.15 -27.10
N ARG I 141 9.97 -17.43 -27.38
CA ARG I 141 9.13 -18.27 -26.54
C ARG I 141 9.88 -19.56 -26.28
N PHE I 142 9.75 -20.07 -25.06
CA PHE I 142 10.36 -21.34 -24.70
C PHE I 142 9.45 -22.47 -25.19
N SER I 143 9.94 -23.27 -26.12
CA SER I 143 9.14 -24.35 -26.70
C SER I 143 8.90 -25.45 -25.67
N ASP I 144 9.98 -26.04 -25.16
CA ASP I 144 9.88 -27.13 -24.20
C ASP I 144 11.05 -27.06 -23.24
N ILE I 145 10.92 -27.78 -22.13
CA ILE I 145 11.92 -27.77 -21.07
C ILE I 145 12.17 -29.21 -20.62
N GLN I 146 13.44 -29.58 -20.49
CA GLN I 146 13.83 -30.91 -20.04
C GLN I 146 14.90 -30.75 -18.97
N VAL I 147 14.61 -31.23 -17.76
CA VAL I 147 15.49 -31.10 -16.61
C VAL I 147 16.02 -32.48 -16.25
N TYR I 148 17.31 -32.71 -16.55
CA TYR I 148 17.96 -33.99 -16.24
C TYR I 148 18.65 -33.92 -14.89
N THR I 149 17.85 -33.67 -13.84
CA THR I 149 18.41 -33.40 -12.54
C THR I 149 18.78 -34.67 -11.77
N GLU I 150 18.06 -35.77 -12.00
CA GLU I 150 18.18 -36.90 -11.09
C GLU I 150 19.54 -37.58 -11.20
N ASN I 151 20.22 -37.45 -12.35
CA ASN I 151 21.53 -38.02 -12.63
C ASN I 151 22.47 -37.99 -11.44
N ILE I 152 22.42 -36.90 -10.68
CA ILE I 152 23.23 -36.74 -9.48
C ILE I 152 22.32 -36.47 -8.29
N ASP I 153 21.54 -35.41 -8.38
CA ASP I 153 20.70 -34.87 -7.31
C ASP I 153 20.09 -35.94 -6.43
N ASN I 154 19.49 -36.98 -7.03
CA ASN I 154 18.84 -38.06 -6.27
C ASN I 154 19.68 -38.61 -5.13
N GLU I 155 20.94 -38.19 -5.02
CA GLU I 155 21.78 -38.48 -3.86
C GLU I 155 21.55 -37.33 -2.87
N GLU I 156 20.64 -37.55 -1.92
CA GLU I 156 20.20 -36.50 -1.02
C GLU I 156 20.85 -36.74 0.35
N ILE I 157 22.10 -36.32 0.45
CA ILE I 157 22.86 -36.31 1.70
C ILE I 157 23.28 -34.87 1.97
N ASP I 158 22.39 -33.93 1.64
CA ASP I 158 22.70 -32.51 1.63
C ASP I 158 21.95 -31.72 2.70
N GLU I 159 21.58 -32.38 3.81
CA GLU I 159 20.83 -31.87 4.96
C GLU I 159 19.32 -31.95 4.72
N TRP I 160 18.88 -32.44 3.57
CA TRP I 160 17.46 -32.52 3.25
C TRP I 160 17.19 -33.86 2.58
N TRP I 161 15.90 -34.14 2.36
CA TRP I 161 15.45 -35.35 1.69
C TRP I 161 14.66 -34.95 0.44
N ILE I 162 15.16 -35.35 -0.72
CA ILE I 162 14.43 -35.14 -1.97
C ILE I 162 13.33 -36.19 -2.07
N ARG I 163 12.08 -35.74 -2.19
CA ARG I 163 10.93 -36.62 -2.28
C ARG I 163 10.20 -36.30 -3.58
N GLY I 164 10.41 -37.12 -4.59
CA GLY I 164 9.77 -36.96 -5.88
C GLY I 164 10.73 -36.39 -6.91
N LYS I 165 10.33 -36.54 -8.17
CA LYS I 165 11.13 -36.06 -9.30
C LYS I 165 10.89 -34.55 -9.47
N ALA I 166 11.44 -33.98 -10.54
CA ALA I 166 11.32 -32.55 -10.79
C ALA I 166 9.97 -32.21 -11.43
N SER I 167 9.60 -30.93 -11.31
CA SER I 167 8.38 -30.40 -11.92
C SER I 167 8.75 -29.21 -12.79
N THR I 168 8.40 -29.27 -14.08
CA THR I 168 8.68 -28.22 -15.05
C THR I 168 7.41 -27.52 -15.49
N HIS I 169 7.48 -26.21 -15.71
CA HIS I 169 6.35 -25.44 -16.22
C HIS I 169 6.84 -24.23 -16.99
N ILE I 170 6.16 -23.97 -18.11
CA ILE I 170 6.44 -22.81 -18.97
C ILE I 170 5.27 -21.84 -18.83
N SER I 171 5.58 -20.56 -18.60
CA SER I 171 4.56 -19.54 -18.39
C SER I 171 4.94 -18.25 -19.11
N ASP I 172 3.98 -17.33 -19.19
CA ASP I 172 4.18 -16.01 -19.78
C ASP I 172 3.93 -14.96 -18.71
N ILE I 173 4.93 -14.11 -18.46
CA ILE I 173 4.88 -13.12 -17.40
C ILE I 173 4.77 -11.73 -18.00
N ARG I 174 3.90 -10.90 -17.42
CA ARG I 174 3.64 -9.54 -17.89
C ARG I 174 4.33 -8.54 -16.98
N TYR I 175 5.35 -7.86 -17.52
CA TYR I 175 6.04 -6.79 -16.80
C TYR I 175 5.49 -5.44 -17.21
N ASP I 176 4.94 -4.70 -16.25
CA ASP I 176 4.33 -3.40 -16.54
C ASP I 176 5.36 -2.30 -16.80
N HIS I 177 6.61 -2.47 -16.38
CA HIS I 177 7.57 -1.38 -16.52
C HIS I 177 8.09 -1.22 -17.95
N LEU I 178 7.69 -2.09 -18.87
CA LEU I 178 7.97 -1.89 -20.28
C LEU I 178 6.75 -1.40 -21.05
N SER I 179 5.60 -1.23 -20.37
CA SER I 179 4.40 -0.77 -21.06
C SER I 179 4.61 0.59 -21.70
N SER I 180 5.37 1.47 -21.05
CA SER I 180 5.67 2.76 -21.65
C SER I 180 6.53 2.62 -22.90
N VAL I 181 7.16 1.46 -23.09
CA VAL I 181 8.08 1.27 -24.20
C VAL I 181 7.67 0.14 -25.13
N GLN I 182 6.85 -0.81 -24.67
CA GLN I 182 6.41 -1.93 -25.49
C GLN I 182 4.92 -2.14 -25.30
N PRO I 183 4.08 -1.49 -26.10
CA PRO I 183 2.63 -1.66 -25.96
C PRO I 183 2.21 -3.05 -26.41
N ASN I 184 1.60 -3.80 -25.49
CA ASN I 184 1.10 -5.16 -25.69
C ASN I 184 2.24 -6.14 -25.92
N GLN I 185 3.50 -5.68 -25.91
CA GLN I 185 4.67 -6.51 -26.14
C GLN I 185 5.48 -6.66 -24.85
N ASN I 186 4.79 -6.76 -23.72
CA ASN I 186 5.42 -6.75 -22.41
C ASN I 186 5.18 -8.08 -21.68
N GLU I 187 5.21 -9.18 -22.43
CA GLU I 187 5.05 -10.51 -21.86
C GLU I 187 6.28 -11.34 -22.18
N PHE I 188 6.83 -12.01 -21.16
CA PHE I 188 8.04 -12.80 -21.30
C PHE I 188 7.77 -14.26 -21.02
N SER I 189 8.36 -15.14 -21.81
CA SER I 189 8.24 -16.57 -21.59
C SER I 189 9.14 -16.98 -20.42
N ARG I 190 8.58 -17.73 -19.47
CA ARG I 190 9.32 -18.08 -18.26
C ARG I 190 9.33 -19.59 -18.05
N ILE I 191 10.51 -20.14 -17.85
CA ILE I 191 10.70 -21.54 -17.46
C ILE I 191 10.81 -21.62 -15.95
N THR I 192 10.12 -22.58 -15.35
CA THR I 192 10.13 -22.78 -13.92
C THR I 192 10.41 -24.25 -13.63
N VAL I 193 11.40 -24.50 -12.77
CA VAL I 193 11.81 -25.84 -12.41
C VAL I 193 11.69 -25.97 -10.91
N ARG I 194 10.91 -26.94 -10.45
CA ARG I 194 10.66 -27.16 -9.03
C ARG I 194 11.07 -28.56 -8.62
N ILE I 195 11.72 -28.67 -7.46
CA ILE I 195 12.08 -29.96 -6.87
C ILE I 195 11.59 -29.95 -5.43
N ASP I 196 10.61 -30.80 -5.13
CA ASP I 196 10.10 -30.91 -3.77
C ASP I 196 11.14 -31.56 -2.87
N ALA I 197 11.15 -31.13 -1.61
CA ALA I 197 12.12 -31.65 -0.65
C ALA I 197 11.54 -31.57 0.76
N VAL I 198 12.00 -32.48 1.61
CA VAL I 198 11.59 -32.54 3.00
C VAL I 198 12.84 -32.44 3.86
N ARG I 199 12.65 -31.99 5.09
CA ARG I 199 13.76 -31.74 6.01
C ARG I 199 14.07 -32.99 6.82
N LYS I 200 15.32 -33.05 7.31
CA LYS I 200 15.79 -34.15 8.13
C LYS I 200 15.80 -33.69 9.58
N ILE I 201 14.89 -34.26 10.39
CA ILE I 201 14.70 -33.82 11.76
C ILE I 201 15.77 -34.30 12.72
N GLY I 202 16.73 -35.09 12.24
CA GLY I 202 17.74 -35.67 13.14
C GLY I 202 18.51 -34.62 13.92
N TYR I 203 19.03 -33.61 13.21
CA TYR I 203 19.82 -32.58 13.88
C TYR I 203 19.01 -31.85 14.95
N PHE I 204 17.72 -31.63 14.70
CA PHE I 204 16.89 -30.91 15.66
C PHE I 204 16.45 -31.82 16.80
N VAL I 205 16.32 -33.12 16.55
CA VAL I 205 16.02 -34.06 17.63
C VAL I 205 17.14 -34.05 18.67
N ILE I 206 18.39 -34.03 18.22
CA ILE I 206 19.52 -34.08 19.13
C ILE I 206 19.76 -32.71 19.78
N GLN I 207 19.47 -31.62 19.07
CA GLN I 207 19.81 -30.30 19.58
C GLN I 207 18.75 -29.74 20.52
N THR I 208 17.46 -29.93 20.20
CA THR I 208 16.40 -29.33 21.00
C THR I 208 15.45 -30.35 21.60
N TYR I 209 14.93 -31.28 20.81
CA TYR I 209 13.85 -32.14 21.29
C TYR I 209 14.29 -32.97 22.49
N LEU I 210 15.33 -33.80 22.32
CA LEU I 210 15.82 -34.59 23.45
C LEU I 210 16.27 -33.71 24.61
N PRO I 211 17.05 -32.65 24.42
CA PRO I 211 17.34 -31.76 25.56
C PRO I 211 16.11 -31.14 26.18
N CYS I 212 15.07 -30.83 25.39
CA CYS I 212 13.83 -30.36 26.00
C CYS I 212 13.16 -31.45 26.82
N ILE I 213 13.14 -32.67 26.28
CA ILE I 213 12.45 -33.77 26.97
C ILE I 213 13.16 -34.11 28.28
N MET I 214 14.46 -34.41 28.21
CA MET I 214 15.20 -34.77 29.41
C MET I 214 15.17 -33.67 30.46
N THR I 215 15.06 -32.41 30.04
CA THR I 215 14.89 -31.33 31.01
C THR I 215 13.55 -31.44 31.73
N VAL I 216 12.48 -31.74 30.98
CA VAL I 216 11.18 -31.98 31.59
C VAL I 216 11.24 -33.20 32.53
N ILE I 217 11.91 -34.26 32.09
CA ILE I 217 12.10 -35.43 32.94
C ILE I 217 12.84 -35.05 34.22
N LEU I 218 13.90 -34.24 34.09
CA LEU I 218 14.64 -33.79 35.25
C LEU I 218 13.80 -32.88 36.14
N SER I 219 12.92 -32.09 35.55
CA SER I 219 12.11 -31.15 36.33
C SER I 219 11.15 -31.88 37.26
N GLN I 220 10.69 -33.06 36.86
CA GLN I 220 9.69 -33.80 37.63
C GLN I 220 10.30 -34.64 38.74
N VAL I 221 11.63 -34.76 38.78
CA VAL I 221 12.30 -35.49 39.86
C VAL I 221 12.05 -34.81 41.21
N SER I 222 11.72 -33.52 41.19
CA SER I 222 11.40 -32.82 42.43
C SER I 222 10.23 -33.47 43.17
N PHE I 223 9.29 -34.05 42.42
CA PHE I 223 8.12 -34.67 43.04
C PHE I 223 8.52 -35.82 43.95
N TRP I 224 9.49 -36.62 43.52
CA TRP I 224 9.88 -37.84 44.22
C TRP I 224 10.81 -37.60 45.39
N LEU I 225 10.94 -36.38 45.89
CA LEU I 225 11.86 -36.16 47.01
C LEU I 225 11.14 -36.24 48.35
N ASN I 226 10.35 -35.21 48.65
CA ASN I 226 9.48 -35.09 49.82
C ASN I 226 8.91 -33.67 49.81
N ARG I 227 8.18 -33.29 50.85
CA ARG I 227 8.18 -31.88 51.23
C ARG I 227 9.50 -31.57 51.95
N GLU I 228 10.57 -31.81 51.20
CA GLU I 228 11.91 -32.03 51.70
C GLU I 228 12.65 -30.69 51.78
N SER I 229 13.98 -30.75 51.88
CA SER I 229 14.82 -29.57 51.88
C SER I 229 14.40 -28.60 50.80
N VAL I 230 13.94 -27.42 51.25
CA VAL I 230 13.48 -26.41 50.30
C VAL I 230 14.57 -26.05 49.29
N PRO I 231 15.86 -25.94 49.65
CA PRO I 231 16.88 -25.70 48.63
C PRO I 231 16.82 -26.65 47.45
N ALA I 232 16.67 -27.95 47.70
CA ALA I 232 16.69 -28.93 46.60
C ALA I 232 15.56 -28.68 45.61
N ARG I 233 14.31 -28.76 46.07
CA ARG I 233 13.17 -28.64 45.16
C ARG I 233 13.06 -27.24 44.56
N THR I 234 13.66 -26.23 45.19
CA THR I 234 13.72 -24.91 44.55
C THR I 234 14.84 -24.85 43.51
N VAL I 235 16.02 -25.39 43.82
CA VAL I 235 17.09 -25.49 42.84
C VAL I 235 16.62 -26.27 41.62
N PHE I 236 15.90 -27.37 41.84
CA PHE I 236 15.29 -28.10 40.73
C PHE I 236 14.41 -27.19 39.88
N GLY I 237 13.64 -26.33 40.53
CA GLY I 237 12.75 -25.43 39.83
C GLY I 237 13.49 -24.43 38.97
N VAL I 238 14.37 -23.64 39.60
CA VAL I 238 14.99 -22.51 38.89
C VAL I 238 15.92 -23.01 37.80
N THR I 239 16.70 -24.06 38.06
CA THR I 239 17.62 -24.56 37.04
C THR I 239 16.86 -25.09 35.84
N THR I 240 15.78 -25.85 36.08
CA THR I 240 15.01 -26.40 34.97
C THR I 240 14.27 -25.30 34.20
N VAL I 241 13.77 -24.29 34.90
CA VAL I 241 13.10 -23.19 34.22
C VAL I 241 14.09 -22.42 33.35
N LEU I 242 15.24 -22.07 33.92
CA LEU I 242 16.26 -21.35 33.15
C LEU I 242 16.80 -22.21 32.02
N THR I 243 17.05 -23.49 32.27
CA THR I 243 17.49 -24.39 31.20
C THR I 243 16.49 -24.42 30.07
N MET I 244 15.21 -24.58 30.39
CA MET I 244 14.17 -24.55 29.37
C MET I 244 14.07 -23.18 28.71
N THR I 245 14.42 -22.12 29.44
CA THR I 245 14.40 -20.77 28.87
C THR I 245 15.47 -20.62 27.79
N THR I 246 16.68 -21.11 28.06
CA THR I 246 17.74 -21.01 27.06
C THR I 246 17.43 -21.83 25.83
N LEU I 247 16.87 -23.03 26.01
CA LEU I 247 16.52 -23.87 24.87
C LEU I 247 15.48 -23.21 23.97
N SER I 248 14.55 -22.46 24.55
CA SER I 248 13.57 -21.73 23.76
C SER I 248 14.23 -20.67 22.87
N ILE I 249 15.33 -20.09 23.34
CA ILE I 249 16.02 -19.07 22.55
C ILE I 249 16.88 -19.72 21.47
N SER I 250 17.74 -20.67 21.87
CA SER I 250 18.65 -21.28 20.93
C SER I 250 17.94 -22.01 19.81
N ALA I 251 16.67 -22.38 20.02
CA ALA I 251 15.93 -23.09 18.99
C ALA I 251 15.50 -22.19 17.84
N ARG I 252 15.40 -20.88 18.07
CA ARG I 252 14.94 -19.98 17.02
C ARG I 252 16.06 -19.21 16.35
N ASN I 253 17.29 -19.27 16.87
CA ASN I 253 18.40 -18.62 16.19
C ASN I 253 18.71 -19.30 14.85
N SER I 254 18.19 -20.51 14.62
CA SER I 254 18.33 -21.21 13.36
C SER I 254 17.17 -20.93 12.42
N LEU I 255 16.43 -19.85 12.64
CA LEU I 255 15.28 -19.45 11.86
C LEU I 255 15.34 -17.96 11.60
N PRO I 256 14.78 -17.50 10.48
CA PRO I 256 14.65 -16.06 10.26
C PRO I 256 13.66 -15.46 11.25
N LYS I 257 13.70 -14.14 11.36
CA LYS I 257 12.86 -13.42 12.31
C LYS I 257 11.44 -13.27 11.77
N VAL I 258 10.81 -14.42 11.58
CA VAL I 258 9.45 -14.51 11.06
C VAL I 258 8.46 -14.26 12.19
N ALA I 259 7.19 -14.06 11.83
CA ALA I 259 6.15 -13.76 12.81
C ALA I 259 5.44 -15.01 13.30
N TYR I 260 5.11 -15.93 12.40
CA TYR I 260 4.36 -17.12 12.79
C TYR I 260 5.18 -18.00 13.74
N ALA I 261 4.48 -18.80 14.53
CA ALA I 261 5.10 -19.73 15.46
C ALA I 261 5.19 -21.11 14.80
N THR I 262 6.28 -21.80 15.06
CA THR I 262 6.54 -23.08 14.43
C THR I 262 6.06 -24.23 15.31
N ALA I 263 6.04 -25.43 14.72
CA ALA I 263 5.70 -26.62 15.49
C ALA I 263 6.69 -26.87 16.60
N MET I 264 7.96 -26.50 16.40
CA MET I 264 8.94 -26.58 17.48
C MET I 264 8.63 -25.57 18.58
N ASP I 265 8.08 -24.41 18.21
CA ASP I 265 7.74 -23.41 19.22
C ASP I 265 6.65 -23.92 20.15
N TRP I 266 5.54 -24.42 19.57
CA TRP I 266 4.46 -24.96 20.38
C TRP I 266 4.97 -26.09 21.28
N PHE I 267 5.87 -26.91 20.75
CA PHE I 267 6.44 -28.00 21.54
C PHE I 267 7.27 -27.46 22.70
N ILE I 268 7.96 -26.34 22.49
CA ILE I 268 8.79 -25.78 23.55
C ILE I 268 7.93 -25.17 24.64
N ALA I 269 6.87 -24.45 24.25
CA ALA I 269 5.99 -23.83 25.24
C ALA I 269 5.38 -24.87 26.16
N VAL I 270 5.00 -26.04 25.62
CA VAL I 270 4.48 -27.10 26.46
C VAL I 270 5.56 -27.59 27.41
N CYS I 271 6.73 -27.93 26.88
CA CYS I 271 7.85 -28.30 27.74
C CYS I 271 8.20 -27.19 28.73
N TYR I 272 7.99 -25.93 28.32
CA TYR I 272 8.16 -24.83 29.27
C TYR I 272 7.07 -24.86 30.33
N ALA I 273 5.84 -25.18 29.94
CA ALA I 273 4.72 -25.16 30.89
C ALA I 273 4.90 -26.21 31.97
N PHE I 274 5.13 -27.47 31.58
CA PHE I 274 5.24 -28.54 32.56
C PHE I 274 6.39 -28.30 33.52
N VAL I 275 7.50 -27.76 33.02
CA VAL I 275 8.63 -27.44 33.89
C VAL I 275 8.25 -26.32 34.85
N PHE I 276 7.64 -25.26 34.33
CA PHE I 276 7.22 -24.15 35.19
C PHE I 276 6.09 -24.56 36.10
N SER I 277 5.19 -25.42 35.61
CA SER I 277 4.11 -25.93 36.46
C SER I 277 4.68 -26.74 37.62
N ALA I 278 5.74 -27.50 37.37
CA ALA I 278 6.36 -28.31 38.42
C ALA I 278 6.85 -27.44 39.57
N LEU I 279 7.39 -26.25 39.28
CA LEU I 279 7.86 -25.38 40.34
C LEU I 279 6.70 -24.83 41.15
N ILE I 280 5.70 -24.27 40.47
CA ILE I 280 4.54 -23.74 41.18
C ILE I 280 3.84 -24.84 41.97
N GLU I 281 3.78 -26.04 41.42
CA GLU I 281 3.20 -27.17 42.15
C GLU I 281 3.90 -27.37 43.49
N PHE I 282 5.24 -27.45 43.48
CA PHE I 282 5.97 -27.52 44.74
C PHE I 282 5.82 -26.24 45.54
N ALA I 283 5.94 -25.09 44.89
CA ALA I 283 5.75 -23.83 45.59
C ALA I 283 4.37 -23.72 46.19
N THR I 284 3.38 -24.41 45.62
CA THR I 284 2.05 -24.42 46.20
C THR I 284 2.03 -25.23 47.49
N VAL I 285 2.52 -26.48 47.42
CA VAL I 285 2.52 -27.33 48.60
C VAL I 285 3.45 -26.80 49.68
N ASN I 286 4.38 -25.91 49.33
CA ASN I 286 5.24 -25.31 50.35
C ASN I 286 4.47 -24.30 51.20
N TYR I 287 3.45 -23.66 50.63
CA TYR I 287 2.60 -22.79 51.44
C TYR I 287 1.64 -23.58 52.32
N PHE I 288 1.42 -24.86 52.00
CA PHE I 288 0.53 -25.74 52.76
C PHE I 288 1.34 -26.87 53.40
N THR I 289 2.55 -26.55 53.86
CA THR I 289 3.48 -27.56 54.39
C THR I 289 3.10 -28.11 55.75
N LYS I 290 2.32 -27.39 56.55
CA LYS I 290 2.09 -27.82 57.92
C LYS I 290 0.75 -28.52 58.16
N ARG I 291 -0.29 -28.22 57.39
CA ARG I 291 -1.58 -28.86 57.62
C ARG I 291 -1.63 -30.18 56.86
N GLY I 292 -1.32 -31.27 57.56
CA GLY I 292 -1.40 -32.61 57.00
C GLY I 292 -0.15 -33.14 56.32
N VAL I 293 0.96 -33.15 57.05
CA VAL I 293 2.23 -33.67 56.55
C VAL I 293 2.63 -34.87 57.40
N GLU I 294 2.74 -36.03 56.76
CA GLU I 294 3.39 -37.19 57.38
C GLU I 294 4.63 -37.60 56.61
N SER I 295 4.48 -37.95 55.34
CA SER I 295 5.61 -38.14 54.42
C SER I 295 5.38 -37.42 53.10
N VAL I 296 4.16 -37.41 52.58
CA VAL I 296 3.86 -36.80 51.28
C VAL I 296 2.52 -36.09 51.35
N SER I 297 2.45 -34.92 50.73
CA SER I 297 1.21 -34.21 50.47
C SER I 297 0.59 -34.81 49.21
N LYS I 298 -0.62 -35.37 49.32
CA LYS I 298 -1.32 -35.99 48.20
C LYS I 298 -1.20 -35.22 46.89
N ILE I 299 -0.89 -33.92 46.94
CA ILE I 299 -0.62 -33.18 45.70
C ILE I 299 0.58 -33.78 44.98
N ASP I 300 1.71 -33.89 45.67
CA ASP I 300 2.88 -34.55 45.10
C ASP I 300 2.62 -36.03 44.84
N ARG I 301 1.83 -36.67 45.72
CA ARG I 301 1.55 -38.09 45.58
C ARG I 301 0.84 -38.41 44.27
N LEU I 302 0.07 -37.46 43.74
CA LEU I 302 -0.60 -37.64 42.45
C LEU I 302 0.20 -37.06 41.30
N SER I 303 0.98 -36.01 41.55
CA SER I 303 1.80 -35.40 40.51
C SER I 303 2.83 -36.37 39.95
N ARG I 304 3.29 -37.33 40.77
CA ARG I 304 4.24 -38.33 40.28
C ARG I 304 3.68 -39.15 39.13
N ILE I 305 2.36 -39.13 38.92
CA ILE I 305 1.71 -39.79 37.80
C ILE I 305 1.05 -38.79 36.88
N ALA I 306 0.46 -37.73 37.44
CA ALA I 306 -0.25 -36.73 36.64
C ALA I 306 0.68 -36.07 35.64
N PHE I 307 1.85 -35.59 36.10
CA PHE I 307 2.76 -34.91 35.18
C PHE I 307 3.33 -35.86 34.11
N PRO I 308 3.90 -37.03 34.46
CA PRO I 308 4.47 -37.87 33.39
C PRO I 308 3.45 -38.38 32.38
N LEU I 309 2.28 -38.83 32.84
CA LEU I 309 1.27 -39.32 31.90
C LEU I 309 0.78 -38.20 31.00
N LEU I 310 0.54 -37.02 31.56
CA LEU I 310 0.16 -35.87 30.75
C LEU I 310 1.23 -35.54 29.71
N PHE I 311 2.50 -35.61 30.11
CA PHE I 311 3.59 -35.36 29.15
C PHE I 311 3.72 -36.52 28.17
N GLY I 312 3.57 -37.75 28.66
CA GLY I 312 3.71 -38.91 27.78
C GLY I 312 2.68 -38.91 26.67
N ILE I 313 1.41 -38.69 27.02
CA ILE I 313 0.36 -38.66 26.00
C ILE I 313 0.53 -37.45 25.10
N PHE I 314 1.14 -36.37 25.61
CA PHE I 314 1.34 -35.19 24.78
C PHE I 314 2.30 -35.48 23.63
N ASN I 315 3.44 -36.09 23.93
CA ASN I 315 4.38 -36.47 22.88
C ASN I 315 3.74 -37.37 21.85
N LEU I 316 2.81 -38.23 22.28
CA LEU I 316 2.11 -39.08 21.33
C LEU I 316 1.21 -38.25 20.42
N VAL I 317 0.52 -37.25 20.98
CA VAL I 317 -0.26 -36.35 20.15
C VAL I 317 0.63 -35.53 19.22
N TYR I 318 1.80 -35.13 19.71
CA TYR I 318 2.71 -34.31 18.92
C TYR I 318 3.31 -35.10 17.76
N TRP I 319 4.01 -36.19 18.07
CA TRP I 319 4.76 -36.90 17.04
C TRP I 319 3.87 -37.72 16.11
N ALA I 320 2.67 -38.11 16.54
CA ALA I 320 1.72 -38.71 15.59
C ALA I 320 1.32 -37.69 14.54
N THR I 321 1.03 -36.47 14.96
CA THR I 321 0.95 -35.36 14.04
C THR I 321 2.35 -34.99 13.56
N TYR I 322 2.42 -34.06 12.62
CA TYR I 322 3.67 -33.49 12.12
C TYR I 322 4.57 -34.53 11.45
N LEU I 323 4.11 -35.76 11.31
CA LEU I 323 4.90 -36.81 10.67
C LEU I 323 4.13 -37.49 9.55
N ARG J 10 41.72 -39.66 -34.70
CA ARG J 10 41.25 -38.27 -34.79
C ARG J 10 40.97 -37.53 -33.45
N PRO J 11 40.65 -38.21 -32.36
CA PRO J 11 40.49 -37.47 -31.10
C PRO J 11 41.83 -36.98 -30.58
N VAL J 12 41.83 -35.76 -30.07
CA VAL J 12 43.06 -35.12 -29.62
C VAL J 12 43.49 -35.71 -28.28
N ASP J 13 44.63 -36.39 -28.28
CA ASP J 13 45.19 -36.90 -27.03
C ASP J 13 45.76 -35.74 -26.23
N VAL J 14 45.30 -35.59 -24.99
CA VAL J 14 45.71 -34.48 -24.13
C VAL J 14 46.41 -35.06 -22.90
N SER J 15 47.66 -34.68 -22.70
CA SER J 15 48.41 -35.04 -21.51
C SER J 15 48.18 -33.98 -20.44
N VAL J 16 47.88 -34.42 -19.23
CA VAL J 16 47.54 -33.52 -18.13
C VAL J 16 48.44 -33.81 -16.95
N SER J 17 49.03 -32.75 -16.40
CA SER J 17 49.82 -32.83 -15.18
C SER J 17 49.27 -31.82 -14.19
N ILE J 18 49.10 -32.25 -12.95
CA ILE J 18 48.55 -31.40 -11.90
C ILE J 18 49.51 -31.42 -10.73
N PHE J 19 49.94 -30.23 -10.31
CA PHE J 19 50.80 -30.08 -9.14
C PHE J 19 49.99 -29.33 -8.09
N ILE J 20 49.74 -29.99 -6.96
CA ILE J 20 48.98 -29.39 -5.88
C ILE J 20 49.95 -28.70 -4.94
N ASN J 21 49.87 -27.38 -4.89
CA ASN J 21 50.78 -26.60 -4.07
C ASN J 21 50.39 -26.66 -2.59
N LYS J 22 49.10 -26.63 -2.29
CA LYS J 22 48.64 -26.59 -0.91
C LYS J 22 47.16 -26.92 -0.87
N ILE J 23 46.74 -27.62 0.18
CA ILE J 23 45.33 -27.87 0.47
C ILE J 23 45.00 -27.17 1.77
N TYR J 24 43.96 -26.35 1.77
CA TYR J 24 43.66 -25.53 2.93
C TYR J 24 42.16 -25.26 2.98
N GLY J 25 41.73 -24.68 4.10
CA GLY J 25 40.34 -24.30 4.26
C GLY J 25 39.38 -25.46 4.24
N VAL J 26 39.75 -26.57 4.90
CA VAL J 26 38.85 -27.72 4.97
C VAL J 26 37.69 -27.37 5.90
N ASN J 27 36.48 -27.37 5.34
CA ASN J 27 35.27 -27.01 6.06
C ASN J 27 34.36 -28.24 6.15
N THR J 28 34.29 -28.83 7.34
CA THR J 28 33.44 -30.02 7.51
C THR J 28 31.97 -29.68 7.40
N LEU J 29 31.57 -28.46 7.79
CA LEU J 29 30.16 -28.09 7.73
C LEU J 29 29.67 -28.03 6.29
N GLU J 30 30.28 -27.17 5.48
CA GLU J 30 29.92 -27.00 4.08
C GLU J 30 30.44 -28.12 3.20
N GLN J 31 31.25 -29.04 3.76
CA GLN J 31 31.83 -30.16 3.02
C GLN J 31 32.70 -29.69 1.86
N THR J 32 33.31 -28.51 2.01
CA THR J 32 34.20 -27.96 1.00
C THR J 32 35.65 -27.99 1.46
N TYR J 33 36.55 -27.81 0.50
CA TYR J 33 37.97 -27.74 0.76
C TYR J 33 38.61 -27.01 -0.41
N LYS J 34 39.54 -26.10 -0.10
CA LYS J 34 40.17 -25.27 -1.12
C LYS J 34 41.51 -25.87 -1.52
N VAL J 35 41.76 -25.91 -2.83
CA VAL J 35 42.96 -26.52 -3.38
C VAL J 35 43.63 -25.53 -4.32
N ASP J 36 44.93 -25.31 -4.10
CA ASP J 36 45.74 -24.42 -4.92
C ASP J 36 46.84 -25.23 -5.59
N GLY J 37 47.13 -24.91 -6.84
CA GLY J 37 48.17 -25.61 -7.56
C GLY J 37 48.22 -25.19 -9.01
N TYR J 38 49.07 -25.87 -9.76
CA TYR J 38 49.29 -25.59 -11.17
C TYR J 38 48.67 -26.70 -12.01
N ILE J 39 48.35 -26.37 -13.26
CA ILE J 39 47.82 -27.34 -14.21
C ILE J 39 48.60 -27.21 -15.52
N VAL J 40 48.77 -28.35 -16.18
CA VAL J 40 49.48 -28.41 -17.46
C VAL J 40 48.67 -29.30 -18.39
N ALA J 41 48.34 -28.79 -19.58
CA ALA J 41 47.60 -29.52 -20.59
C ALA J 41 48.41 -29.51 -21.87
N GLN J 42 48.82 -30.69 -22.33
CA GLN J 42 49.67 -30.84 -23.49
C GLN J 42 48.99 -31.74 -24.53
N TRP J 43 48.99 -31.28 -25.78
CA TRP J 43 48.52 -32.07 -26.90
C TRP J 43 49.40 -31.75 -28.11
N THR J 44 49.54 -32.71 -29.01
CA THR J 44 50.42 -32.58 -30.17
C THR J 44 49.63 -32.09 -31.38
N GLY J 45 49.92 -30.88 -31.83
CA GLY J 45 49.28 -30.29 -32.98
C GLY J 45 50.19 -30.26 -34.18
N LYS J 46 49.81 -29.45 -35.17
CA LYS J 46 50.56 -29.33 -36.41
C LYS J 46 51.75 -28.38 -36.24
N PRO J 47 52.89 -28.70 -36.84
CA PRO J 47 54.09 -27.88 -36.65
C PRO J 47 53.93 -26.45 -37.11
N ARG J 48 54.73 -25.58 -36.50
CA ARG J 48 54.72 -24.15 -36.79
C ARG J 48 56.14 -23.63 -36.66
N LYS J 49 56.35 -22.39 -37.11
CA LYS J 49 57.66 -21.76 -37.10
C LYS J 49 57.70 -20.69 -36.02
N THR J 50 58.37 -21.00 -34.91
CA THR J 50 58.56 -20.05 -33.83
C THR J 50 59.64 -19.05 -34.21
N PRO J 51 59.66 -17.87 -33.58
CA PRO J 51 60.80 -16.98 -33.74
C PRO J 51 62.07 -17.64 -33.24
N GLY J 52 62.96 -17.98 -34.16
CA GLY J 52 64.08 -18.84 -33.82
C GLY J 52 63.61 -20.27 -33.59
N ASP J 53 64.53 -21.22 -33.55
CA ASP J 53 64.14 -22.60 -33.27
C ASP J 53 63.75 -22.80 -31.81
N LYS J 54 63.95 -21.79 -30.96
CA LYS J 54 63.58 -21.87 -29.56
C LYS J 54 62.06 -21.94 -29.43
N PRO J 55 61.55 -22.59 -28.38
CA PRO J 55 60.09 -22.62 -28.17
C PRO J 55 59.55 -21.25 -27.77
N LEU J 56 58.40 -20.91 -28.33
CA LEU J 56 57.75 -19.63 -28.07
C LEU J 56 56.85 -19.70 -26.85
N ILE J 57 57.01 -18.75 -25.94
CA ILE J 57 56.24 -18.68 -24.69
C ILE J 57 55.36 -17.43 -24.74
N VAL J 58 54.05 -17.62 -24.51
CA VAL J 58 53.08 -16.54 -24.55
C VAL J 58 52.34 -16.52 -23.23
N GLU J 59 52.31 -15.35 -22.59
CA GLU J 59 51.72 -15.18 -21.27
C GLU J 59 50.36 -14.49 -21.34
N ASN J 60 49.86 -14.10 -20.15
CA ASN J 60 48.49 -13.63 -19.98
C ASN J 60 48.14 -12.52 -20.96
N THR J 61 46.85 -12.45 -21.29
CA THR J 61 46.25 -11.46 -22.19
C THR J 61 46.82 -11.51 -23.60
N GLN J 62 47.77 -12.39 -23.86
CA GLN J 62 48.39 -12.50 -25.17
C GLN J 62 48.03 -13.80 -25.86
N ILE J 63 47.46 -14.75 -25.12
CA ILE J 63 46.92 -15.95 -25.74
C ILE J 63 45.71 -15.59 -26.59
N GLU J 64 44.99 -14.54 -26.18
CA GLU J 64 43.78 -14.14 -26.89
C GLU J 64 44.09 -13.77 -28.34
N ARG J 65 45.21 -13.08 -28.57
CA ARG J 65 45.56 -12.75 -29.94
C ARG J 65 45.83 -14.00 -30.77
N TRP J 66 46.34 -15.05 -30.13
CA TRP J 66 46.66 -16.27 -30.87
C TRP J 66 45.40 -17.11 -31.14
N ILE J 67 44.54 -17.28 -30.13
CA ILE J 67 43.32 -18.05 -30.37
C ILE J 67 42.41 -17.31 -31.35
N ASN J 68 42.52 -15.98 -31.43
CA ASN J 68 41.77 -15.26 -32.45
C ASN J 68 42.29 -15.55 -33.85
N ASN J 69 43.57 -15.90 -33.97
CA ASN J 69 44.15 -16.30 -35.25
C ASN J 69 43.99 -17.79 -35.52
N GLY J 70 43.06 -18.45 -34.83
CA GLY J 70 42.76 -19.85 -35.08
C GLY J 70 43.46 -20.84 -34.19
N LEU J 71 44.28 -20.40 -33.23
CA LEU J 71 44.92 -21.34 -32.33
C LEU J 71 43.86 -22.06 -31.49
N TRP J 72 44.06 -23.35 -31.29
CA TRP J 72 43.09 -24.20 -30.61
C TRP J 72 43.54 -24.47 -29.19
N VAL J 73 42.86 -23.84 -28.23
CA VAL J 73 43.12 -24.09 -26.82
C VAL J 73 41.80 -24.49 -26.19
N PRO J 74 41.60 -25.76 -25.86
CA PRO J 74 40.31 -26.19 -25.31
C PRO J 74 40.15 -25.77 -23.86
N ALA J 75 38.94 -25.31 -23.54
CA ALA J 75 38.64 -24.91 -22.17
C ALA J 75 38.42 -26.15 -21.31
N LEU J 76 39.12 -26.22 -20.20
CA LEU J 76 39.01 -27.31 -19.24
C LEU J 76 38.20 -26.85 -18.03
N GLU J 77 37.50 -27.79 -17.42
CA GLU J 77 36.45 -27.48 -16.45
C GLU J 77 36.61 -28.36 -15.22
N PHE J 78 36.57 -27.76 -14.04
CA PHE J 78 36.55 -28.53 -12.79
C PHE J 78 35.11 -28.83 -12.42
N ILE J 79 34.80 -30.11 -12.22
CA ILE J 79 33.42 -30.52 -11.95
C ILE J 79 33.06 -30.28 -10.49
N ASN J 80 33.82 -30.88 -9.57
CA ASN J 80 33.48 -30.84 -8.15
C ASN J 80 33.95 -29.55 -7.49
N VAL J 81 33.49 -28.43 -8.05
CA VAL J 81 33.84 -27.12 -7.54
C VAL J 81 32.57 -26.43 -7.05
N VAL J 82 32.74 -25.54 -6.06
CA VAL J 82 31.61 -24.82 -5.50
C VAL J 82 31.32 -23.54 -6.28
N GLY J 83 32.34 -22.90 -6.84
CA GLY J 83 32.15 -21.73 -7.67
C GLY J 83 33.28 -21.66 -8.67
N SER J 84 33.17 -20.70 -9.57
CA SER J 84 34.20 -20.50 -10.60
C SER J 84 35.55 -20.29 -9.92
N PRO J 85 36.52 -21.19 -10.14
CA PRO J 85 37.80 -21.07 -9.42
C PRO J 85 38.54 -19.81 -9.81
N ASP J 86 39.43 -19.40 -8.92
CA ASP J 86 40.20 -18.17 -9.10
C ASP J 86 41.36 -18.49 -10.03
N THR J 87 41.22 -18.13 -11.30
CA THR J 87 42.23 -18.42 -12.31
C THR J 87 43.37 -17.42 -12.22
N GLY J 88 44.60 -17.92 -12.10
CA GLY J 88 45.78 -17.09 -11.99
C GLY J 88 46.36 -16.70 -13.34
N ASN J 89 47.65 -16.99 -13.54
CA ASN J 89 48.32 -16.67 -14.79
C ASN J 89 48.20 -17.82 -15.77
N LYS J 90 47.97 -17.48 -17.04
CA LYS J 90 47.83 -18.46 -18.11
C LYS J 90 49.03 -18.33 -19.04
N ARG J 91 49.57 -19.46 -19.48
CA ARG J 91 50.71 -19.42 -20.38
C ARG J 91 50.50 -20.46 -21.47
N LEU J 92 51.18 -20.24 -22.58
CA LEU J 92 51.11 -21.15 -23.72
C LEU J 92 52.53 -21.44 -24.18
N MET J 93 52.87 -22.72 -24.27
CA MET J 93 54.14 -23.16 -24.82
C MET J 93 53.88 -23.55 -26.27
N LEU J 94 54.46 -22.78 -27.19
CA LEU J 94 54.32 -23.05 -28.62
C LEU J 94 55.62 -23.68 -29.11
N PHE J 95 55.55 -24.95 -29.44
CA PHE J 95 56.70 -25.70 -29.92
C PHE J 95 56.74 -25.68 -31.45
N PRO J 96 57.92 -25.78 -32.05
CA PRO J 96 57.98 -25.82 -33.51
C PRO J 96 57.46 -27.12 -34.09
N ASP J 97 57.66 -28.25 -33.41
CA ASP J 97 57.18 -29.54 -33.89
C ASP J 97 55.67 -29.70 -33.81
N GLY J 98 54.94 -28.73 -33.26
CA GLY J 98 53.49 -28.71 -33.31
C GLY J 98 52.81 -28.89 -31.96
N ARG J 99 53.43 -29.60 -31.03
CA ARG J 99 52.78 -29.87 -29.75
C ARG J 99 52.55 -28.58 -28.98
N VAL J 100 51.33 -28.42 -28.48
CA VAL J 100 50.94 -27.23 -27.72
C VAL J 100 50.77 -27.63 -26.26
N ILE J 101 51.13 -26.71 -25.37
CA ILE J 101 51.12 -26.96 -23.93
C ILE J 101 50.45 -25.78 -23.24
N TYR J 102 49.36 -26.04 -22.54
CA TYR J 102 48.62 -25.04 -21.80
C TYR J 102 48.88 -25.23 -20.32
N ASN J 103 49.49 -24.22 -19.68
CA ASN J 103 49.84 -24.29 -18.28
C ASN J 103 49.28 -23.06 -17.56
N ALA J 104 48.63 -23.28 -16.42
CA ALA J 104 48.02 -22.19 -15.67
C ALA J 104 47.86 -22.62 -14.22
N ARG J 105 47.72 -21.63 -13.34
CA ARG J 105 47.52 -21.87 -11.92
C ARG J 105 46.05 -21.70 -11.54
N PHE J 106 45.58 -22.58 -10.67
CA PHE J 106 44.19 -22.58 -10.24
C PHE J 106 44.10 -22.65 -8.72
N LEU J 107 43.19 -21.85 -8.16
CA LEU J 107 42.86 -21.89 -6.74
C LEU J 107 41.34 -21.96 -6.65
N GLY J 108 40.82 -23.12 -6.27
CA GLY J 108 39.39 -23.34 -6.28
C GLY J 108 38.89 -23.97 -5.00
N SER J 109 37.62 -23.69 -4.69
CA SER J 109 36.94 -24.29 -3.55
C SER J 109 36.19 -25.52 -4.03
N PHE J 110 36.68 -26.70 -3.67
CA PHE J 110 36.16 -27.95 -4.19
C PHE J 110 35.21 -28.60 -3.18
N SER J 111 34.38 -29.52 -3.70
CA SER J 111 33.38 -30.20 -2.89
C SER J 111 33.43 -31.70 -3.16
N ASN J 112 32.95 -32.47 -2.20
CA ASN J 112 32.86 -33.91 -2.34
C ASN J 112 31.89 -34.45 -1.31
N ASP J 113 31.15 -35.50 -1.69
CA ASP J 113 30.25 -36.16 -0.75
C ASP J 113 31.06 -36.79 0.38
N MET J 114 30.63 -36.55 1.61
CA MET J 114 31.37 -37.00 2.78
C MET J 114 30.44 -37.74 3.75
N ASP J 115 30.97 -38.81 4.34
CA ASP J 115 30.23 -39.64 5.29
C ASP J 115 30.82 -39.44 6.68
N PHE J 116 29.97 -39.03 7.62
CA PHE J 116 30.41 -38.67 8.97
C PHE J 116 29.96 -39.68 10.02
N ARG J 117 29.72 -40.93 9.61
CA ARG J 117 29.27 -41.95 10.57
C ARG J 117 30.33 -42.26 11.61
N LEU J 118 31.60 -42.06 11.27
CA LEU J 118 32.71 -42.37 12.17
C LEU J 118 33.38 -41.11 12.73
N PHE J 119 32.61 -40.06 12.96
CA PHE J 119 33.15 -38.86 13.57
C PHE J 119 33.74 -39.21 14.93
N PRO J 120 34.99 -38.80 15.24
CA PRO J 120 35.94 -38.09 14.37
C PRO J 120 36.98 -38.99 13.71
N PHE J 121 36.76 -40.30 13.75
CA PHE J 121 37.69 -41.27 13.18
C PHE J 121 37.41 -41.54 11.70
N ASP J 122 36.68 -40.64 11.04
CA ASP J 122 36.25 -40.85 9.66
C ASP J 122 37.42 -40.72 8.69
N ARG J 123 37.23 -41.31 7.51
CA ARG J 123 38.13 -41.15 6.38
C ARG J 123 37.40 -40.42 5.26
N GLN J 124 38.06 -39.42 4.68
CA GLN J 124 37.47 -38.63 3.61
C GLN J 124 38.49 -38.51 2.48
N GLN J 125 38.00 -38.08 1.33
CA GLN J 125 38.80 -38.01 0.11
C GLN J 125 38.77 -36.59 -0.43
N PHE J 126 39.96 -36.02 -0.62
CA PHE J 126 40.09 -34.71 -1.26
C PHE J 126 40.18 -34.99 -2.76
N VAL J 127 39.08 -34.75 -3.47
CA VAL J 127 38.91 -35.23 -4.83
C VAL J 127 38.95 -34.05 -5.80
N LEU J 128 39.64 -34.25 -6.93
CA LEU J 128 39.62 -33.29 -8.02
C LEU J 128 39.04 -33.98 -9.25
N GLU J 129 38.00 -33.41 -9.81
CA GLU J 129 37.35 -33.96 -11.00
C GLU J 129 37.54 -32.97 -12.15
N LEU J 130 38.47 -33.28 -13.05
CA LEU J 130 38.77 -32.44 -14.20
C LEU J 130 38.19 -33.09 -15.45
N GLU J 131 37.64 -32.25 -16.32
CA GLU J 131 36.92 -32.70 -17.51
C GLU J 131 36.71 -31.52 -18.45
N PRO J 132 36.88 -31.69 -19.75
CA PRO J 132 36.81 -30.56 -20.67
C PRO J 132 35.37 -30.13 -20.92
N PHE J 133 35.22 -29.04 -21.67
CA PHE J 133 33.94 -28.50 -22.08
C PHE J 133 33.87 -28.41 -23.59
N SER J 134 32.68 -28.67 -24.13
CA SER J 134 32.37 -28.48 -25.55
C SER J 134 33.02 -29.55 -26.42
N TYR J 135 33.85 -30.40 -25.83
CA TYR J 135 34.61 -31.41 -26.58
C TYR J 135 34.43 -32.76 -25.92
N ASN J 136 33.76 -33.67 -26.62
CA ASN J 136 33.44 -34.98 -26.08
C ASN J 136 34.66 -35.90 -26.19
N ASN J 137 34.48 -37.18 -25.84
CA ASN J 137 35.58 -38.13 -25.94
C ASN J 137 35.90 -38.51 -27.38
N GLN J 138 34.96 -38.29 -28.31
CA GLN J 138 35.24 -38.51 -29.71
C GLN J 138 36.10 -37.42 -30.32
N GLN J 139 36.17 -36.24 -29.69
CA GLN J 139 36.98 -35.13 -30.16
C GLN J 139 38.21 -34.88 -29.31
N LEU J 140 38.10 -35.03 -27.99
CA LEU J 140 39.21 -34.83 -27.09
C LEU J 140 39.17 -35.91 -26.02
N ARG J 141 40.29 -36.61 -25.85
CA ARG J 141 40.41 -37.68 -24.86
C ARG J 141 41.65 -37.45 -24.02
N PHE J 142 41.55 -37.75 -22.73
CA PHE J 142 42.71 -37.61 -21.85
C PHE J 142 43.60 -38.84 -22.01
N SER J 143 44.81 -38.62 -22.50
CA SER J 143 45.73 -39.73 -22.74
C SER J 143 46.22 -40.34 -21.43
N ASP J 144 46.88 -39.53 -20.60
CA ASP J 144 47.40 -40.02 -19.33
C ASP J 144 47.38 -38.88 -18.34
N ILE J 145 47.51 -39.24 -17.07
CA ILE J 145 47.49 -38.27 -15.98
C ILE J 145 48.63 -38.61 -15.02
N GLN J 146 49.42 -37.61 -14.66
CA GLN J 146 50.50 -37.75 -13.72
C GLN J 146 50.39 -36.60 -12.73
N VAL J 147 50.26 -36.93 -11.46
CA VAL J 147 50.07 -35.91 -10.43
C VAL J 147 51.38 -35.85 -9.66
N TYR J 148 52.16 -34.82 -9.93
CA TYR J 148 53.43 -34.65 -9.22
C TYR J 148 53.22 -33.77 -8.01
N THR J 149 52.26 -34.19 -7.18
CA THR J 149 51.84 -33.39 -6.05
C THR J 149 52.73 -33.61 -4.83
N GLU J 150 53.25 -34.83 -4.66
CA GLU J 150 53.85 -35.19 -3.38
C GLU J 150 55.12 -34.41 -3.07
N ASN J 151 55.61 -33.60 -4.01
CA ASN J 151 56.74 -32.73 -3.70
C ASN J 151 56.35 -31.83 -2.53
N ILE J 152 55.08 -31.43 -2.49
CA ILE J 152 54.46 -30.72 -1.37
C ILE J 152 53.24 -31.59 -1.05
N ASP J 153 52.38 -31.12 -0.15
CA ASP J 153 51.18 -31.85 0.26
C ASP J 153 51.50 -33.12 1.04
N ASN J 154 52.78 -33.49 1.13
CA ASN J 154 53.13 -34.67 1.90
C ASN J 154 53.33 -34.32 3.36
N GLU J 155 53.25 -33.03 3.68
CA GLU J 155 53.22 -32.49 5.02
C GLU J 155 51.76 -32.41 5.49
N GLU J 156 51.50 -32.91 6.70
CA GLU J 156 50.14 -33.08 7.18
C GLU J 156 49.88 -32.34 8.50
N ILE J 157 50.16 -31.04 8.53
CA ILE J 157 49.84 -30.23 9.70
C ILE J 157 48.83 -29.16 9.34
N ASP J 158 47.84 -29.53 8.53
CA ASP J 158 46.87 -28.60 7.95
C ASP J 158 45.46 -28.82 8.52
N GLU J 159 45.38 -29.35 9.75
CA GLU J 159 44.19 -29.73 10.51
C GLU J 159 43.78 -31.16 10.16
N TRP J 160 44.47 -31.81 9.22
CA TRP J 160 44.18 -33.17 8.81
C TRP J 160 45.49 -33.92 8.63
N TRP J 161 45.38 -35.22 8.38
CA TRP J 161 46.55 -36.05 8.13
C TRP J 161 46.42 -36.67 6.75
N ILE J 162 47.32 -36.30 5.85
CA ILE J 162 47.40 -36.92 4.53
C ILE J 162 48.16 -38.24 4.69
N ARG J 163 47.52 -39.34 4.31
CA ARG J 163 48.09 -40.67 4.50
C ARG J 163 48.18 -41.35 3.14
N GLY J 164 49.37 -41.35 2.56
CA GLY J 164 49.62 -41.96 1.27
C GLY J 164 49.71 -40.93 0.16
N LYS J 165 50.24 -41.37 -0.98
CA LYS J 165 50.37 -40.50 -2.14
C LYS J 165 49.04 -40.43 -2.88
N ALA J 166 49.03 -39.77 -4.03
CA ALA J 166 47.78 -39.56 -4.77
C ALA J 166 47.37 -40.81 -5.53
N SER J 167 46.09 -40.84 -5.89
CA SER J 167 45.50 -41.91 -6.69
C SER J 167 44.85 -41.30 -7.92
N THR J 168 45.24 -41.77 -9.10
CA THR J 168 44.73 -41.25 -10.36
C THR J 168 43.78 -42.27 -10.99
N HIS J 169 42.72 -41.77 -11.62
CA HIS J 169 41.76 -42.62 -12.30
C HIS J 169 41.15 -41.82 -13.44
N ILE J 170 41.08 -42.43 -14.62
CA ILE J 170 40.46 -41.82 -15.80
C ILE J 170 39.20 -42.61 -16.12
N SER J 171 38.10 -41.89 -16.31
CA SER J 171 36.81 -42.51 -16.58
C SER J 171 36.11 -41.71 -17.67
N ASP J 172 35.03 -42.29 -18.20
CA ASP J 172 34.20 -41.64 -19.22
C ASP J 172 32.80 -41.46 -18.67
N ILE J 173 32.32 -40.22 -18.69
CA ILE J 173 31.04 -39.85 -18.08
C ILE J 173 30.06 -39.54 -19.20
N ARG J 174 28.84 -40.06 -19.06
CA ARG J 174 27.79 -39.87 -20.05
C ARG J 174 26.78 -38.85 -19.53
N TYR J 175 26.74 -37.69 -20.17
CA TYR J 175 25.76 -36.66 -19.85
C TYR J 175 24.57 -36.80 -20.79
N ASP J 176 23.39 -37.05 -20.24
CA ASP J 176 22.21 -37.26 -21.06
C ASP J 176 21.70 -35.96 -21.69
N HIS J 177 22.09 -34.81 -21.17
CA HIS J 177 21.55 -33.55 -21.67
C HIS J 177 22.20 -33.11 -22.98
N LEU J 178 23.18 -33.84 -23.49
CA LEU J 178 23.67 -33.61 -24.83
C LEU J 178 23.17 -34.63 -25.84
N SER J 179 22.47 -35.67 -25.39
CA SER J 179 21.95 -36.66 -26.33
C SER J 179 20.94 -36.05 -27.28
N SER J 180 20.08 -35.17 -26.77
CA SER J 180 19.11 -34.45 -27.58
C SER J 180 19.78 -33.46 -28.53
N VAL J 181 21.05 -33.15 -28.31
CA VAL J 181 21.74 -32.11 -29.05
C VAL J 181 22.90 -32.71 -29.83
N GLN J 182 23.43 -33.84 -29.34
CA GLN J 182 24.53 -34.55 -30.00
C GLN J 182 24.23 -36.04 -29.86
N PRO J 183 23.58 -36.63 -30.86
CA PRO J 183 23.18 -38.05 -30.77
C PRO J 183 24.39 -38.97 -30.74
N ASN J 184 24.49 -39.76 -29.68
CA ASN J 184 25.52 -40.77 -29.42
C ASN J 184 26.90 -40.16 -29.19
N GLN J 185 27.04 -38.84 -29.21
CA GLN J 185 28.31 -38.15 -29.00
C GLN J 185 28.31 -37.41 -27.66
N ASN J 186 27.73 -38.02 -26.63
CA ASN J 186 27.51 -37.37 -25.35
C ASN J 186 28.31 -38.02 -24.22
N GLU J 187 29.53 -38.44 -24.50
CA GLU J 187 30.42 -39.01 -23.50
C GLU J 187 31.69 -38.16 -23.42
N PHE J 188 32.09 -37.83 -22.21
CA PHE J 188 33.27 -36.99 -21.98
C PHE J 188 34.31 -37.74 -21.17
N SER J 189 35.58 -37.57 -21.53
CA SER J 189 36.67 -38.15 -20.77
C SER J 189 36.90 -37.32 -19.51
N ARG J 190 36.99 -38.00 -18.36
CA ARG J 190 37.08 -37.32 -17.07
C ARG J 190 38.29 -37.82 -16.29
N ILE J 191 39.10 -36.87 -15.80
CA ILE J 191 40.22 -37.17 -14.91
C ILE J 191 39.78 -37.04 -13.47
N THR J 192 40.18 -38.00 -12.64
CA THR J 192 39.82 -38.01 -11.22
C THR J 192 41.08 -38.20 -10.39
N VAL J 193 41.28 -37.30 -9.43
CA VAL J 193 42.44 -37.33 -8.54
C VAL J 193 41.94 -37.41 -7.10
N ARG J 194 42.38 -38.42 -6.37
CA ARG J 194 41.94 -38.65 -5.00
C ARG J 194 43.14 -38.63 -4.06
N ILE J 195 42.97 -37.99 -2.90
CA ILE J 195 43.98 -37.97 -1.85
C ILE J 195 43.28 -38.36 -0.55
N ASP J 196 43.60 -39.54 -0.04
CA ASP J 196 43.03 -39.99 1.23
C ASP J 196 43.58 -39.21 2.41
N ALA J 197 42.75 -39.02 3.42
CA ALA J 197 43.13 -38.25 4.59
C ALA J 197 42.34 -38.74 5.80
N VAL J 198 42.96 -38.59 6.99
CA VAL J 198 42.35 -38.98 8.25
C VAL J 198 42.33 -37.76 9.16
N ARG J 199 41.43 -37.78 10.13
CA ARG J 199 41.20 -36.64 11.01
C ARG J 199 42.10 -36.70 12.24
N LYS J 200 42.35 -35.52 12.82
CA LYS J 200 43.18 -35.38 14.01
C LYS J 200 42.28 -35.17 15.22
N ILE J 201 42.22 -36.16 16.11
CA ILE J 201 41.30 -36.15 17.24
C ILE J 201 41.73 -35.25 18.38
N GLY J 202 42.90 -34.61 18.29
CA GLY J 202 43.41 -33.83 19.41
C GLY J 202 42.44 -32.75 19.85
N TYR J 203 41.93 -31.96 18.90
CA TYR J 203 41.01 -30.88 19.24
C TYR J 203 39.74 -31.42 19.89
N PHE J 204 39.28 -32.58 19.44
CA PHE J 204 38.05 -33.15 19.96
C PHE J 204 38.24 -33.81 21.32
N VAL J 205 39.46 -34.29 21.60
CA VAL J 205 39.76 -34.83 22.92
C VAL J 205 39.60 -33.75 23.99
N ILE J 206 40.09 -32.54 23.70
CA ILE J 206 40.05 -31.46 24.67
C ILE J 206 38.66 -30.86 24.79
N GLN J 207 37.90 -30.82 23.70
CA GLN J 207 36.63 -30.10 23.70
C GLN J 207 35.45 -30.92 24.22
N THR J 208 35.34 -32.20 23.84
CA THR J 208 34.19 -33.00 24.24
C THR J 208 34.56 -34.24 25.05
N TYR J 209 35.53 -35.03 24.58
CA TYR J 209 35.78 -36.34 25.19
C TYR J 209 36.24 -36.20 26.63
N LEU J 210 37.35 -35.51 26.86
CA LEU J 210 37.82 -35.29 28.23
C LEU J 210 36.79 -34.56 29.08
N PRO J 211 36.17 -33.45 28.63
CA PRO J 211 35.11 -32.84 29.44
C PRO J 211 33.95 -33.76 29.73
N CYS J 212 33.60 -34.65 28.80
CA CYS J 212 32.56 -35.64 29.10
C CYS J 212 33.05 -36.61 30.17
N ILE J 213 34.30 -37.04 30.08
CA ILE J 213 34.85 -38.02 31.02
C ILE J 213 34.91 -37.41 32.42
N MET J 214 35.58 -36.27 32.55
CA MET J 214 35.72 -35.64 33.86
C MET J 214 34.35 -35.29 34.45
N THR J 215 33.36 -35.02 33.61
CA THR J 215 32.01 -34.82 34.12
C THR J 215 31.45 -36.10 34.71
N VAL J 216 31.70 -37.24 34.05
CA VAL J 216 31.30 -38.54 34.60
C VAL J 216 31.99 -38.78 35.94
N ILE J 217 33.28 -38.48 36.02
CA ILE J 217 33.99 -38.60 37.29
C ILE J 217 33.36 -37.69 38.35
N LEU J 218 33.06 -36.45 37.96
CA LEU J 218 32.39 -35.54 38.89
C LEU J 218 30.97 -35.98 39.21
N SER J 219 30.28 -36.61 38.26
CA SER J 219 28.90 -37.01 38.50
C SER J 219 28.80 -38.09 39.58
N GLN J 220 29.81 -38.95 39.67
CA GLN J 220 29.76 -40.09 40.60
C GLN J 220 30.24 -39.75 42.00
N VAL J 221 30.79 -38.55 42.22
CA VAL J 221 31.19 -38.14 43.56
C VAL J 221 29.99 -38.07 44.50
N SER J 222 28.78 -37.92 43.95
CA SER J 222 27.59 -37.92 44.79
C SER J 222 27.47 -39.23 45.58
N PHE J 223 27.93 -40.34 45.01
CA PHE J 223 27.85 -41.62 45.71
C PHE J 223 28.65 -41.61 47.00
N TRP J 224 29.85 -41.03 46.96
CA TRP J 224 30.77 -41.07 48.08
C TRP J 224 30.49 -40.04 49.15
N LEU J 225 29.30 -39.43 49.18
CA LEU J 225 29.04 -38.42 50.21
C LEU J 225 28.34 -39.06 51.41
N ASN J 226 27.06 -39.42 51.24
CA ASN J 226 26.24 -40.13 52.23
C ASN J 226 24.82 -40.21 51.69
N ARG J 227 23.88 -40.70 52.50
CA ARG J 227 22.50 -40.25 52.37
C ARG J 227 22.39 -38.85 53.00
N GLU J 228 23.20 -37.95 52.47
CA GLU J 228 23.60 -36.74 53.17
C GLU J 228 22.63 -35.60 52.85
N SER J 229 23.05 -34.37 53.14
CA SER J 229 22.31 -33.18 52.76
C SER J 229 21.91 -33.28 51.30
N VAL J 230 20.60 -33.36 51.07
CA VAL J 230 20.01 -33.47 49.73
C VAL J 230 20.49 -32.34 48.83
N PRO J 231 20.62 -31.08 49.32
CA PRO J 231 21.20 -30.04 48.47
C PRO J 231 22.52 -30.44 47.81
N ALA J 232 23.44 -31.04 48.56
CA ALA J 232 24.73 -31.39 48.01
C ALA J 232 24.60 -32.37 46.85
N ARG J 233 24.03 -33.56 47.13
CA ARG J 233 23.93 -34.60 46.12
C ARG J 233 23.02 -34.24 44.97
N THR J 234 22.10 -33.28 45.16
CA THR J 234 21.31 -32.79 44.04
C THR J 234 22.10 -31.81 43.19
N VAL J 235 22.85 -30.91 43.83
CA VAL J 235 23.73 -30.01 43.09
C VAL J 235 24.70 -30.81 42.23
N PHE J 236 25.26 -31.88 42.79
CA PHE J 236 26.08 -32.78 41.98
C PHE J 236 25.29 -33.35 40.81
N GLY J 237 24.04 -33.75 41.05
CA GLY J 237 23.22 -34.33 40.02
C GLY J 237 22.84 -33.39 38.89
N VAL J 238 22.19 -32.27 39.23
CA VAL J 238 21.62 -31.40 38.20
C VAL J 238 22.73 -30.71 37.41
N THR J 239 23.79 -30.26 38.08
CA THR J 239 24.87 -29.58 37.37
C THR J 239 25.54 -30.49 36.36
N THR J 240 25.78 -31.75 36.72
CA THR J 240 26.43 -32.68 35.79
C THR J 240 25.52 -32.99 34.62
N VAL J 241 24.21 -33.14 34.86
CA VAL J 241 23.28 -33.41 33.78
C VAL J 241 23.20 -32.23 32.83
N LEU J 242 23.00 -31.02 33.37
CA LEU J 242 22.91 -29.84 32.53
C LEU J 242 24.21 -29.59 31.78
N THR J 243 25.34 -29.75 32.47
CA THR J 243 26.64 -29.64 31.79
C THR J 243 26.72 -30.66 30.65
N MET J 244 26.33 -31.90 30.93
CA MET J 244 26.34 -32.93 29.90
C MET J 244 25.35 -32.60 28.78
N THR J 245 24.27 -31.88 29.10
CA THR J 245 23.30 -31.51 28.07
C THR J 245 23.91 -30.49 27.10
N THR J 246 24.59 -29.47 27.63
CA THR J 246 25.22 -28.48 26.78
C THR J 246 26.34 -29.10 25.96
N LEU J 247 27.13 -30.00 26.57
CA LEU J 247 28.20 -30.66 25.83
C LEU J 247 27.64 -31.49 24.68
N SER J 248 26.46 -32.10 24.86
CA SER J 248 25.83 -32.83 23.77
C SER J 248 25.49 -31.91 22.61
N ILE J 249 25.18 -30.64 22.89
CA ILE J 249 24.88 -29.68 21.83
C ILE J 249 26.15 -29.17 21.16
N SER J 250 27.09 -28.66 21.96
CA SER J 250 28.29 -28.05 21.41
C SER J 250 29.12 -29.02 20.58
N ALA J 251 28.94 -30.33 20.79
CA ALA J 251 29.72 -31.30 20.03
C ALA J 251 29.25 -31.41 18.59
N ARG J 252 28.02 -31.00 18.29
CA ARG J 252 27.48 -31.12 16.94
C ARG J 252 27.47 -29.81 16.18
N ASN J 253 27.80 -28.69 16.83
CA ASN J 253 27.86 -27.41 16.13
C ASN J 253 28.96 -27.37 15.08
N SER J 254 29.90 -28.32 15.12
CA SER J 254 30.95 -28.46 14.12
C SER J 254 30.57 -29.44 13.01
N LEU J 255 29.29 -29.70 12.81
CA LEU J 255 28.82 -30.68 11.83
C LEU J 255 27.64 -30.11 11.06
N PRO J 256 27.46 -30.53 9.81
CA PRO J 256 26.25 -30.14 9.08
C PRO J 256 25.00 -30.76 9.69
N LYS J 257 23.85 -30.23 9.28
CA LYS J 257 22.57 -30.61 9.86
C LYS J 257 22.11 -31.95 9.29
N VAL J 258 22.92 -32.98 9.52
CA VAL J 258 22.64 -34.33 9.04
C VAL J 258 21.66 -35.00 9.99
N ALA J 259 21.10 -36.14 9.56
CA ALA J 259 20.13 -36.87 10.35
C ALA J 259 20.78 -37.99 11.18
N TYR J 260 21.70 -38.73 10.57
CA TYR J 260 22.31 -39.87 11.24
C TYR J 260 23.13 -39.41 12.45
N ALA J 261 23.31 -40.34 13.38
CA ALA J 261 24.07 -40.09 14.59
C ALA J 261 25.52 -40.51 14.41
N THR J 262 26.42 -39.75 15.00
CA THR J 262 27.85 -40.00 14.85
C THR J 262 28.36 -40.88 15.99
N ALA J 263 29.58 -41.37 15.82
CA ALA J 263 30.24 -42.13 16.87
C ALA J 263 30.46 -41.29 18.12
N MET J 264 30.67 -39.99 17.95
CA MET J 264 30.75 -39.10 19.10
C MET J 264 29.40 -38.97 19.80
N ASP J 265 28.30 -39.03 19.03
CA ASP J 265 26.97 -38.95 19.64
C ASP J 265 26.71 -40.13 20.56
N TRP J 266 26.94 -41.35 20.06
CA TRP J 266 26.75 -42.53 20.90
C TRP J 266 27.62 -42.46 22.16
N PHE J 267 28.84 -41.94 22.03
CA PHE J 267 29.69 -41.77 23.21
C PHE J 267 29.06 -40.76 24.17
N ILE J 268 28.41 -39.73 23.63
CA ILE J 268 27.76 -38.75 24.49
C ILE J 268 26.52 -39.34 25.12
N ALA J 269 25.75 -40.11 24.34
CA ALA J 269 24.53 -40.73 24.88
C ALA J 269 24.86 -41.64 26.06
N VAL J 270 25.95 -42.40 25.96
CA VAL J 270 26.37 -43.23 27.09
C VAL J 270 26.78 -42.35 28.26
N CYS J 271 27.67 -41.38 28.01
CA CYS J 271 28.07 -40.44 29.06
C CYS J 271 26.87 -39.69 29.62
N TYR J 272 25.84 -39.47 28.81
CA TYR J 272 24.62 -38.86 29.32
C TYR J 272 23.89 -39.83 30.24
N ALA J 273 23.87 -41.12 29.91
CA ALA J 273 23.11 -42.08 30.70
C ALA J 273 23.71 -42.24 32.10
N PHE J 274 25.01 -42.52 32.19
CA PHE J 274 25.64 -42.76 33.49
C PHE J 274 25.50 -41.54 34.40
N VAL J 275 25.58 -40.34 33.83
CA VAL J 275 25.36 -39.14 34.62
C VAL J 275 23.90 -39.08 35.08
N PHE J 276 22.98 -39.34 34.15
CA PHE J 276 21.56 -39.32 34.49
C PHE J 276 21.19 -40.52 35.37
N SER J 277 21.80 -41.68 35.10
CA SER J 277 21.55 -42.84 35.94
C SER J 277 22.02 -42.61 37.37
N ALA J 278 23.15 -41.94 37.54
CA ALA J 278 23.67 -41.66 38.87
C ALA J 278 22.70 -40.82 39.69
N LEU J 279 22.00 -39.88 39.03
CA LEU J 279 21.04 -39.06 39.75
C LEU J 279 19.84 -39.88 40.20
N ILE J 280 19.30 -40.70 39.30
CA ILE J 280 18.18 -41.57 39.66
C ILE J 280 18.56 -42.48 40.81
N GLU J 281 19.80 -42.96 40.81
CA GLU J 281 20.30 -43.77 41.93
C GLU J 281 20.15 -43.02 43.25
N PHE J 282 20.63 -41.76 43.30
CA PHE J 282 20.45 -40.95 44.49
C PHE J 282 18.98 -40.68 44.78
N ALA J 283 18.21 -40.35 43.75
CA ALA J 283 16.78 -40.10 43.93
C ALA J 283 16.07 -41.34 44.47
N THR J 284 16.62 -42.53 44.25
CA THR J 284 16.04 -43.74 44.82
C THR J 284 16.27 -43.80 46.33
N VAL J 285 17.53 -43.61 46.76
CA VAL J 285 17.85 -43.72 48.19
C VAL J 285 17.16 -42.64 49.01
N ASN J 286 16.71 -41.57 48.36
CA ASN J 286 15.91 -40.59 49.10
C ASN J 286 14.51 -41.11 49.37
N TYR J 287 14.01 -41.99 48.51
CA TYR J 287 12.74 -42.67 48.76
C TYR J 287 12.88 -43.76 49.80
N PHE J 288 14.10 -44.23 50.08
CA PHE J 288 14.39 -45.26 51.06
C PHE J 288 15.23 -44.72 52.22
N THR J 289 14.96 -43.49 52.68
CA THR J 289 15.80 -42.95 53.75
C THR J 289 15.54 -43.63 55.08
N LYS J 290 14.33 -44.18 55.28
CA LYS J 290 13.99 -44.89 56.50
C LYS J 290 13.87 -46.39 56.31
N ARG J 291 13.55 -46.83 55.09
CA ARG J 291 13.34 -48.23 54.75
C ARG J 291 14.68 -48.89 54.43
N GLY J 292 15.30 -49.47 55.45
CA GLY J 292 16.54 -50.20 55.27
C GLY J 292 17.77 -49.34 55.37
N VAL J 293 17.93 -48.61 56.47
CA VAL J 293 19.07 -47.72 56.66
C VAL J 293 19.89 -48.20 57.85
N GLU J 294 21.16 -48.53 57.60
CA GLU J 294 22.15 -48.72 58.64
C GLU J 294 23.24 -47.66 58.52
N SER J 295 23.95 -47.62 57.41
CA SER J 295 24.81 -46.55 56.93
C SER J 295 24.53 -46.23 55.48
N VAL J 296 24.27 -47.26 54.67
CA VAL J 296 23.97 -47.17 53.25
C VAL J 296 22.94 -48.25 52.95
N SER J 297 22.06 -47.97 51.98
CA SER J 297 21.15 -48.99 51.47
C SER J 297 21.85 -49.97 50.55
N LYS J 298 23.18 -49.96 50.57
CA LYS J 298 24.05 -50.82 49.77
C LYS J 298 24.01 -50.37 48.32
N ILE J 299 23.06 -49.49 48.00
CA ILE J 299 22.99 -48.90 46.68
C ILE J 299 24.23 -48.05 46.42
N ASP J 300 24.51 -47.10 47.32
CA ASP J 300 25.73 -46.30 47.18
C ASP J 300 26.96 -47.16 47.28
N ARG J 301 26.94 -48.17 48.16
CA ARG J 301 28.10 -49.05 48.30
C ARG J 301 28.36 -49.83 47.00
N LEU J 302 27.32 -50.10 46.22
CA LEU J 302 27.54 -50.78 44.95
C LEU J 302 27.68 -49.80 43.79
N SER J 303 27.01 -48.65 43.84
CA SER J 303 27.14 -47.68 42.76
C SER J 303 28.56 -47.13 42.68
N ARG J 304 29.26 -47.05 43.82
CA ARG J 304 30.66 -46.65 43.79
C ARG J 304 31.53 -47.63 43.03
N ILE J 305 31.04 -48.86 42.79
CA ILE J 305 31.78 -49.86 42.04
C ILE J 305 31.09 -50.23 40.74
N ALA J 306 29.75 -50.33 40.76
CA ALA J 306 29.03 -50.72 39.55
C ALA J 306 29.21 -49.70 38.43
N PHE J 307 28.99 -48.41 38.74
CA PHE J 307 29.08 -47.39 37.70
C PHE J 307 30.50 -47.22 37.17
N PRO J 308 31.54 -47.04 38.00
CA PRO J 308 32.88 -46.87 37.43
C PRO J 308 33.34 -48.08 36.63
N LEU J 309 33.08 -49.29 37.12
CA LEU J 309 33.46 -50.48 36.37
C LEU J 309 32.67 -50.56 35.06
N LEU J 310 31.37 -50.29 35.11
CA LEU J 310 30.58 -50.22 33.89
C LEU J 310 31.13 -49.16 32.93
N PHE J 311 31.52 -48.00 33.49
CA PHE J 311 32.10 -46.95 32.66
C PHE J 311 33.51 -47.33 32.20
N GLY J 312 34.29 -47.96 33.09
CA GLY J 312 35.65 -48.34 32.72
C GLY J 312 35.66 -49.35 31.58
N ILE J 313 34.86 -50.40 31.69
CA ILE J 313 34.80 -51.40 30.63
C ILE J 313 34.20 -50.80 29.36
N PHE J 314 33.34 -49.78 29.50
CA PHE J 314 32.74 -49.16 28.32
C PHE J 314 33.78 -48.47 27.46
N ASN J 315 34.65 -47.65 28.07
CA ASN J 315 35.70 -46.98 27.32
C ASN J 315 36.60 -47.97 26.60
N LEU J 316 36.85 -49.14 27.19
CA LEU J 316 37.66 -50.13 26.52
C LEU J 316 36.96 -50.67 25.28
N VAL J 317 35.65 -50.93 25.37
CA VAL J 317 34.89 -51.33 24.19
C VAL J 317 34.87 -50.20 23.17
N TYR J 318 34.79 -48.96 23.64
CA TYR J 318 34.74 -47.81 22.74
C TYR J 318 36.06 -47.64 21.99
N TRP J 319 37.16 -47.46 22.73
CA TRP J 319 38.43 -47.15 22.10
C TRP J 319 39.08 -48.34 21.41
N ALA J 320 38.72 -49.57 21.77
CA ALA J 320 39.21 -50.70 20.98
C ALA J 320 38.68 -50.63 19.56
N THR J 321 37.39 -50.33 19.40
CA THR J 321 36.86 -49.93 18.11
C THR J 321 37.31 -48.52 17.76
N TYR J 322 36.97 -48.09 16.55
CA TYR J 322 37.18 -46.72 16.06
C TYR J 322 38.65 -46.32 15.98
N LEU J 323 39.56 -47.25 16.28
CA LEU J 323 40.99 -46.96 16.17
C LEU J 323 41.70 -48.05 15.37
C10 EY4 K . -55.46 -7.00 -38.60
C11 EY4 K . -55.74 -8.51 -40.77
C12 EY4 K . -56.04 -9.89 -41.34
C13 EY4 K . -55.07 -10.90 -40.71
C14 EY4 K . -55.34 -10.88 -39.20
C15 EY4 K . -54.67 -12.16 -38.67
C1 EY4 K . -56.37 -5.89 -39.20
C16 EY4 K . -54.84 -13.18 -39.82
C17 EY4 K . -55.36 -12.38 -41.04
C18 EY4 K . -53.62 -10.49 -41.07
C19 EY4 K . -53.97 -6.61 -38.80
C2 EY4 K . -56.51 -4.63 -38.34
C20 EY4 K . -54.76 -12.90 -42.32
C21 EY4 K . -55.74 -13.36 -43.36
C3 EY4 K . -56.94 -5.01 -36.93
C4 EY4 K . -55.84 -5.85 -36.29
C5 EY4 K . -55.80 -7.18 -37.07
C6 EY4 K . -54.87 -8.20 -36.41
C7 EY4 K . -55.07 -9.57 -37.05
C8 EY4 K . -54.93 -9.54 -38.58
C9 EY4 K . -55.78 -8.40 -39.23
O11 EY4 K . -55.33 -7.63 -41.52
O20 EY4 K . -53.59 -13.27 -42.37
O3 EY4 K . -58.09 -5.84 -37.04
C10 EY4 L . -68.58 -8.66 -15.50
C11 EY4 L . -70.27 -9.96 -17.09
C12 EY4 L . -70.57 -11.31 -17.71
C13 EY4 L . -69.51 -11.64 -18.77
C14 EY4 L . -68.12 -11.56 -18.12
C15 EY4 L . -67.20 -12.12 -19.22
C1 EY4 L . -69.67 -8.49 -14.41
C16 EY4 L . -68.04 -13.27 -19.81
C17 EY4 L . -69.47 -13.12 -19.21
C18 EY4 L . -69.69 -10.71 -20.00
C19 EY4 L . -68.45 -7.35 -16.33
C2 EY4 L . -69.26 -7.61 -13.23
C20 EY4 L . -70.52 -13.55 -20.18
C21 EY4 L . -71.83 -14.03 -19.58
C3 EY4 L . -67.94 -8.08 -12.61
C4 EY4 L . -66.84 -8.08 -13.67
C5 EY4 L . -67.21 -9.03 -14.82
C6 EY4 L . -66.10 -9.13 -15.86
C7 EY4 L . -66.38 -10.27 -16.84
C8 EY4 L . -67.78 -10.21 -17.47
C9 EY4 L . -68.90 -9.91 -16.41
O11 EY4 L . -70.87 -8.97 -17.49
O20 EY4 L . -70.24 -13.84 -21.34
O3 EY4 L . -68.12 -9.41 -12.13
C10 EY4 M . -32.52 -20.01 -36.44
C11 EY4 M . -32.23 -22.52 -37.27
C12 EY4 M . -32.79 -23.94 -37.26
C13 EY4 M . -32.94 -24.41 -35.81
C14 EY4 M . -33.91 -23.43 -35.13
C15 EY4 M . -34.38 -24.16 -33.87
C1 EY4 M . -32.38 -19.46 -37.91
C16 EY4 M . -34.40 -25.65 -34.28
C17 EY4 M . -33.69 -25.76 -35.63
C18 EY4 M . -31.54 -24.46 -35.16
C19 EY4 M . -31.16 -19.88 -35.72
C2 EY4 M . -32.33 -17.94 -38.01
C20 EY4 M . -32.81 -26.98 -35.66
C21 EY4 M . -32.40 -27.50 -37.01
C3 EY4 M . -33.49 -17.30 -37.29
C4 EY4 M . -33.47 -17.67 -35.82
C5 EY4 M . -33.63 -19.20 -35.69
C6 EY4 M . -33.76 -19.65 -34.24
C7 EY4 M . -34.19 -21.11 -34.17
C8 EY4 M . -33.29 -22.04 -35.01
C9 EY4 M . -33.03 -21.49 -36.45
O11 EY4 M . -31.09 -22.33 -37.69
O20 EY4 M . -32.54 -27.58 -34.63
O3 EY4 M . -34.70 -17.83 -37.86
C10 EY4 N . -30.48 -29.74 -11.29
C11 EY4 N . -31.27 -32.12 -10.38
C12 EY4 N . -32.25 -33.27 -10.52
C13 EY4 N . -33.70 -32.78 -10.37
C14 EY4 N . -33.93 -31.61 -11.34
C15 EY4 N . -35.44 -31.41 -11.35
C1 EY4 N . -29.13 -30.24 -11.90
C16 EY4 N . -36.00 -32.84 -11.24
C17 EY4 N . -34.78 -33.75 -10.89
C18 EY4 N . -33.95 -32.41 -8.88
C19 EY4 N . -30.24 -29.16 -9.87
C2 EY4 N . -28.15 -29.14 -12.30
C20 EY4 N . -35.18 -34.86 -9.96
C21 EY4 N . -34.49 -36.18 -10.17
C3 EY4 N . -28.81 -28.09 -13.21
C4 EY4 N . -30.04 -27.50 -12.52
C5 EY4 N . -31.04 -28.63 -12.25
C6 EY4 N . -32.38 -28.08 -11.78
C7 EY4 N . -33.44 -29.18 -11.79
C8 EY4 N . -33.01 -30.42 -11.00
C9 EY4 N . -31.55 -30.90 -11.28
O11 EY4 N . -30.20 -32.31 -9.78
O20 EY4 N . -36.19 -34.78 -9.28
O3 EY4 N . -29.25 -28.74 -14.41
C10 EY4 O . -53.16 -22.96 1.60
C11 EY4 O . -55.15 -24.73 1.59
C12 EY4 O . -56.02 -25.68 0.78
C13 EY4 O . -56.69 -24.91 -0.36
C14 EY4 O . -55.57 -24.28 -1.20
C15 EY4 O . -56.27 -23.84 -2.51
C1 EY4 O . -52.40 -23.73 2.73
C16 EY4 O . -57.33 -24.94 -2.72
C17 EY4 O . -57.37 -25.79 -1.43
C18 EY4 O . -57.68 -23.87 0.24
C19 EY4 O . -53.99 -21.80 2.22
C2 EY4 O . -51.20 -22.98 3.31
C20 EY4 O . -58.77 -26.24 -1.09
C21 EY4 O . -58.90 -27.55 -0.39
C3 EY4 O . -50.23 -22.53 2.22
C4 EY4 O . -50.96 -21.65 1.20
C5 EY4 O . -52.11 -22.43 0.56
C6 EY4 O . -52.78 -21.64 -0.56
C7 EY4 O . -53.77 -22.51 -1.33
C8 EY4 O . -54.77 -23.22 -0.42
C9 EY4 O . -54.10 -23.94 0.80
O11 EY4 O . -55.20 -24.78 2.82
O20 EY4 O . -59.75 -25.64 -1.52
O3 EY4 O . -49.73 -23.68 1.54
C10 EY4 P . 36.29 -42.01 42.69
C11 EY4 P . 37.13 -42.78 45.09
C12 EY4 P . 36.91 -42.75 46.60
C13 EY4 P . 36.90 -41.30 47.08
C14 EY4 P . 35.81 -40.53 46.30
C15 EY4 P . 35.68 -39.21 47.07
C1 EY4 P . 36.21 -43.49 42.17
C16 EY4 P . 35.89 -39.63 48.54
C17 EY4 P . 36.39 -41.09 48.52
C18 EY4 P . 38.33 -40.70 46.91
C19 EY4 P . 37.63 -41.36 42.23
C2 EY4 P . 35.98 -43.62 40.66
C20 EY4 P . 37.38 -41.38 49.60
C21 EY4 P . 37.32 -42.74 50.25
C3 EY4 P . 34.77 -42.82 40.19
C4 EY4 P . 34.89 -41.35 40.60
C5 EY4 P . 35.08 -41.21 42.12
C6 EY4 P . 35.13 -39.74 42.55
C7 EY4 P . 35.06 -39.62 44.07
C8 EY4 P . 36.10 -40.49 44.79
C9 EY4 P . 36.14 -41.95 44.25
O11 EY4 P . 38.01 -43.50 44.62
O20 EY4 P . 38.06 -40.48 50.11
O3 EY4 P . 33.59 -43.37 40.77
C10 EY4 Q . 44.06 -17.28 50.57
C11 EY4 Q . 44.28 -16.09 52.93
C12 EY4 Q . 43.83 -16.01 54.39
C13 EY4 Q . 42.30 -15.90 54.48
C14 EY4 Q . 41.72 -17.11 53.72
C15 EY4 Q . 40.26 -17.21 54.17
C1 EY4 Q . 45.57 -17.65 50.50
C16 EY4 Q . 40.30 -16.73 55.64
C17 EY4 Q . 41.71 -16.13 55.89
C18 EY4 Q . 41.86 -14.54 53.90
C19 EY4 Q . 43.80 -15.98 49.76
C2 EY4 Q . 46.02 -18.22 49.15
C20 EY4 Q . 41.62 -14.90 56.74
C21 EY4 Q . 42.86 -14.44 57.45
C3 EY4 Q . 45.15 -19.40 48.72
C4 EY4 Q . 43.71 -18.93 48.58
C5 EY4 Q . 43.23 -18.48 49.98
C6 EY4 Q . 41.73 -18.21 49.99
C7 EY4 Q . 41.23 -18.05 51.43
C8 EY4 Q . 42.03 -17.01 52.22
C9 EY4 Q . 43.59 -17.15 52.06
O11 EY4 Q . 45.20 -15.36 52.55
O20 EY4 Q . 40.54 -14.33 56.91
O3 EY4 Q . 45.19 -20.37 49.77
C10 EY4 R . 22.53 -1.50 49.96
C11 EY4 R . 20.97 -0.91 52.02
C12 EY4 R . 20.30 -1.37 53.30
C13 EY4 R . 19.57 -2.68 53.02
C14 EY4 R . 20.62 -3.71 52.57
C15 EY4 R . 19.89 -5.06 52.69
C1 EY4 R . 23.25 -0.11 50.05
C16 EY4 R . 18.95 -4.89 53.90
C17 EY4 R . 18.98 -3.39 54.27
C18 EY4 R . 18.47 -2.42 51.95
C19 EY4 R . 21.45 -1.45 48.85
C2 EY4 R . 24.18 0.20 48.89
C20 EY4 R . 17.63 -2.90 54.71
C21 EY4 R . 17.59 -1.84 55.77
C3 EY4 R . 25.19 -0.93 48.65
C4 EY4 R . 24.47 -2.26 48.41
C5 EY4 R . 23.61 -2.60 49.63
C6 EY4 R . 22.99 -3.99 49.49
C7 EY4 R . 22.24 -4.40 50.77
C8 EY4 R . 21.24 -3.33 51.23
C9 EY4 R . 21.90 -1.92 51.33
O11 EY4 R . 20.61 0.15 51.51
O20 EY4 R . 16.59 -3.41 54.29
O3 EY4 R . 25.98 -1.06 49.83
C10 EY4 S . 1.75 -15.86 41.67
C11 EY4 S . 0.34 -17.05 43.59
C12 EY4 S . 0.38 -17.75 44.94
C13 EY4 S . 1.23 -19.02 44.82
C14 EY4 S . 2.64 -18.61 44.33
C15 EY4 S . 3.47 -19.88 44.54
C1 EY4 S . 0.88 -14.56 41.78
C16 EY4 S . 2.90 -20.48 45.85
C17 EY4 S . 1.62 -19.67 46.17
C18 EY4 S . 0.52 -20.02 43.88
C19 EY4 S . 1.25 -16.70 40.46
C2 EY4 S . 1.18 -13.49 40.74
C20 EY4 S . 0.54 -20.51 46.80
C21 EY4 S . -0.24 -19.86 47.91
C3 EY4 S . 2.67 -13.14 40.69
C4 EY4 S . 3.51 -14.39 40.42
C5 EY4 S . 3.25 -15.47 41.49
C6 EY4 S . 4.11 -16.71 41.27
C7 EY4 S . 4.06 -17.63 42.50
C8 EY4 S . 2.63 -17.96 42.94
C9 EY4 S . 1.72 -16.69 43.01
O11 EY4 S . -0.70 -17.07 42.93
O20 EY4 S . 0.43 -21.71 46.55
O3 EY4 S . 3.03 -12.58 41.96
C10 EY4 T . 10.57 -40.90 37.24
C11 EY4 T . 10.28 -43.31 38.29
C12 EY4 T . 10.29 -44.21 39.52
C13 EY4 T . 11.55 -43.93 40.34
C14 EY4 T . 11.51 -42.45 40.73
C15 EY4 T . 12.45 -42.29 41.92
C1 EY4 T . 9.26 -41.04 36.39
C16 EY4 T . 12.38 -43.65 42.65
C17 EY4 T . 11.61 -44.63 41.72
C18 EY4 T . 12.79 -44.30 39.48
C19 EY4 T . 11.80 -41.27 36.38
C2 EY4 T . 9.11 -39.96 35.31
C20 EY4 T . 12.24 -46.00 41.72
C21 EY4 T . 11.39 -47.15 41.30
C3 EY4 T . 9.25 -38.55 35.87
C4 EY4 T . 10.56 -38.38 36.64
C5 EY4 T . 10.66 -39.43 37.76
C6 EY4 T . 11.90 -39.19 38.63
C7 EY4 T . 11.91 -40.11 39.84
C8 EY4 T . 11.71 -41.58 39.48
C9 EY4 T . 10.49 -41.81 38.53
O11 EY4 T . 10.13 -43.82 37.18
O20 EY4 T . 13.42 -46.16 42.04
O3 EY4 T . 8.16 -38.29 36.76
#